data_8FWB
#
_entry.id   8FWB
#
_cell.length_a   1.00
_cell.length_b   1.00
_cell.length_c   1.00
_cell.angle_alpha   90.00
_cell.angle_beta   90.00
_cell.angle_gamma   90.00
#
_symmetry.space_group_name_H-M   'P 1'
#
_entity_poly.entity_id   1
_entity_poly.type   'polypeptide(L)'
_entity_poly.pdbx_seq_one_letter_code
;MLGIPLLTRKAALTPPAPSANPAKIFIRRFFSAGVAKNVVSYSNVMAAQRAMEHPVAFRCLDKLGLTVQSVKWDVGKDPQ
NTQVGDGGMSASQRKALQQILQRPNPTMSGAQLRYSAALSWACFGRMAFKVSVMSDGSVNAIWPLGIPFLKQKFDRYGDV
ESFQYGDEAGKETIPSFTKVEKNDKGRPIKNYAFMIVKPSINGAMNFDVQNTPLQAIGVPVALYDALMARAIDSADGTPN
SKWLVTASRDLDDGQAKEVKEGIEETKPGGDNGGEIIFIAGTDVKVQEMKNDLSDIHSKVPLDDQARTIAGNFGIPIALL
GFAGADGSKFANNYDESRKAFFEDTIEPGYLTPLEDGFSMFLCGAGYRVIFDRDSIPALRKSRADIAATYDKVTFITEEE
KREVTGWPAKKEGQTQNDDA
;
_entity_poly.pdbx_strand_id   U,V,W,X,Y,Z,a,b,c,d,e,f
#
# COMPACT_ATOMS: atom_id res chain seq x y z
N PRO A 16 43.83 -53.97 -4.56
CA PRO A 16 42.70 -53.25 -3.95
C PRO A 16 42.63 -53.34 -2.43
N ALA A 17 41.57 -53.94 -1.92
CA ALA A 17 41.16 -53.75 -0.52
C ALA A 17 42.28 -54.09 0.46
N PRO A 18 42.67 -53.16 1.35
CA PRO A 18 43.85 -53.38 2.19
C PRO A 18 43.54 -53.99 3.55
N SER A 19 42.26 -54.04 3.91
CA SER A 19 41.73 -54.68 5.12
C SER A 19 42.16 -54.00 6.42
N ALA A 20 42.97 -52.94 6.38
CA ALA A 20 43.52 -52.33 7.59
C ALA A 20 43.11 -50.86 7.65
N ASN A 21 41.97 -50.59 8.29
CA ASN A 21 41.45 -49.23 8.44
C ASN A 21 41.87 -48.64 9.77
N PRO A 22 41.78 -47.32 9.93
CA PRO A 22 42.24 -46.69 11.18
C PRO A 22 41.19 -46.64 12.26
N ALA A 23 40.14 -47.45 12.15
CA ALA A 23 39.08 -47.47 13.16
C ALA A 23 39.31 -48.52 14.23
N LYS A 24 40.48 -49.17 14.22
CA LYS A 24 40.86 -50.10 15.28
C LYS A 24 41.13 -49.40 16.59
N ILE A 25 40.99 -48.08 16.63
CA ILE A 25 41.25 -47.28 17.82
C ILE A 25 40.25 -47.59 18.93
N PHE A 26 39.13 -48.22 18.60
CA PHE A 26 38.05 -48.40 19.57
C PHE A 26 37.82 -49.84 19.98
N ILE A 27 38.01 -50.80 19.06
CA ILE A 27 37.84 -52.22 19.39
C ILE A 27 38.89 -52.69 20.40
N ARG A 28 40.02 -51.99 20.48
CA ARG A 28 41.11 -52.40 21.37
C ARG A 28 40.66 -52.52 22.82
N ARG A 29 40.15 -51.42 23.39
CA ARG A 29 39.69 -51.27 24.76
C ARG A 29 38.39 -50.48 24.87
N PHE A 30 38.25 -49.42 24.05
CA PHE A 30 37.03 -48.63 24.09
C PHE A 30 35.81 -49.48 23.77
N PHE A 31 35.99 -50.59 23.07
CA PHE A 31 34.94 -51.57 22.82
C PHE A 31 35.47 -52.96 23.14
N SER A 32 34.63 -53.97 22.87
CA SER A 32 35.00 -55.36 23.01
C SER A 32 34.34 -56.17 21.90
N ALA A 33 35.06 -57.13 21.35
CA ALA A 33 34.58 -57.88 20.21
C ALA A 33 33.67 -59.03 20.64
N GLY A 34 32.90 -59.53 19.67
CA GLY A 34 32.00 -60.64 19.90
C GLY A 34 31.02 -60.45 21.04
N VAL A 35 30.22 -59.38 20.96
CA VAL A 35 29.22 -59.11 21.99
C VAL A 35 27.85 -58.80 21.42
N ALA A 36 27.73 -58.45 20.14
CA ALA A 36 26.45 -58.13 19.51
C ALA A 36 25.76 -56.97 20.22
N LYS A 37 26.46 -55.84 20.26
CA LYS A 37 25.91 -54.63 20.87
C LYS A 37 24.76 -54.09 20.03
N ASN A 38 23.72 -53.61 20.72
CA ASN A 38 22.59 -53.03 20.02
C ASN A 38 22.96 -51.68 19.41
N VAL A 39 22.18 -51.27 18.41
CA VAL A 39 22.55 -50.11 17.61
C VAL A 39 22.03 -48.78 18.16
N VAL A 40 21.00 -48.80 18.99
CA VAL A 40 20.40 -47.58 19.52
C VAL A 40 20.09 -47.77 20.99
N SER A 41 20.36 -46.73 21.78
CA SER A 41 20.04 -46.76 23.20
C SER A 41 18.55 -46.89 23.40
N TYR A 42 18.16 -47.61 24.46
CA TYR A 42 16.74 -47.81 24.74
C TYR A 42 16.02 -46.49 24.94
N SER A 43 16.69 -45.51 25.56
CA SER A 43 16.10 -44.19 25.72
C SER A 43 15.70 -43.60 24.38
N ASN A 44 16.56 -43.75 23.37
CA ASN A 44 16.25 -43.24 22.04
C ASN A 44 15.05 -43.96 21.45
N VAL A 45 14.93 -45.27 21.69
CA VAL A 45 13.79 -46.01 21.18
C VAL A 45 12.50 -45.51 21.81
N MET A 46 12.50 -45.35 23.14
CA MET A 46 11.30 -44.84 23.80
C MET A 46 10.96 -43.43 23.35
N ALA A 47 11.98 -42.59 23.12
CA ALA A 47 11.74 -41.23 22.68
C ALA A 47 11.11 -41.22 21.29
N ALA A 48 11.63 -42.04 20.38
CA ALA A 48 11.02 -42.15 19.06
C ALA A 48 9.63 -42.74 19.14
N GLN A 49 9.37 -43.60 20.13
CA GLN A 49 8.05 -44.18 20.28
C GLN A 49 7.03 -43.14 20.69
N ARG A 50 7.28 -42.46 21.82
CA ARG A 50 6.31 -41.47 22.29
C ARG A 50 6.30 -40.22 21.42
N ALA A 51 7.33 -40.01 20.60
CA ALA A 51 7.29 -38.92 19.64
C ALA A 51 6.39 -39.23 18.46
N MET A 52 5.93 -40.47 18.32
CA MET A 52 4.99 -40.82 17.26
C MET A 52 3.54 -40.55 17.66
N GLU A 53 3.29 -40.24 18.93
CA GLU A 53 1.96 -39.86 19.38
C GLU A 53 1.80 -38.35 19.55
N HIS A 54 2.91 -37.65 19.76
CA HIS A 54 2.86 -36.20 19.91
C HIS A 54 2.29 -35.58 18.64
N PRO A 55 1.47 -34.54 18.75
CA PRO A 55 0.85 -33.97 17.55
C PRO A 55 1.86 -33.45 16.53
N VAL A 56 2.70 -32.51 16.95
CA VAL A 56 3.60 -31.85 16.01
C VAL A 56 4.66 -32.82 15.51
N ALA A 57 5.22 -33.62 16.41
CA ALA A 57 6.28 -34.54 16.01
C ALA A 57 5.77 -35.57 15.00
N PHE A 58 4.58 -36.12 15.24
CA PHE A 58 4.03 -37.08 14.29
C PHE A 58 3.69 -36.42 12.97
N ARG A 59 3.12 -35.22 13.01
CA ARG A 59 2.82 -34.50 11.78
C ARG A 59 4.09 -34.34 10.94
N CYS A 60 5.16 -33.87 11.56
CA CYS A 60 6.41 -33.66 10.81
C CYS A 60 6.99 -34.98 10.32
N LEU A 61 6.95 -36.02 11.15
CA LEU A 61 7.54 -37.30 10.77
C LEU A 61 6.83 -37.89 9.57
N ASP A 62 5.50 -37.96 9.62
CA ASP A 62 4.82 -38.54 8.46
C ASP A 62 4.82 -37.59 7.28
N LYS A 63 5.02 -36.29 7.49
CA LYS A 63 5.25 -35.40 6.35
C LYS A 63 6.51 -35.79 5.60
N LEU A 64 7.62 -35.95 6.33
CA LEU A 64 8.85 -36.40 5.72
C LEU A 64 8.66 -37.75 5.04
N GLY A 65 8.01 -38.69 5.73
CA GLY A 65 7.80 -40.01 5.16
C GLY A 65 6.99 -39.97 3.87
N LEU A 66 5.91 -39.20 3.86
CA LEU A 66 5.06 -39.10 2.68
C LEU A 66 5.83 -38.48 1.53
N THR A 67 6.54 -37.38 1.80
CA THR A 67 7.28 -36.70 0.73
C THR A 67 8.31 -37.65 0.11
N VAL A 68 9.07 -38.37 0.93
CA VAL A 68 10.06 -39.28 0.38
C VAL A 68 9.39 -40.43 -0.36
N GLN A 69 8.30 -40.95 0.20
CA GLN A 69 7.61 -42.10 -0.37
C GLN A 69 7.04 -41.83 -1.75
N SER A 70 6.94 -40.58 -2.17
CA SER A 70 6.31 -40.25 -3.44
C SER A 70 7.24 -40.38 -4.63
N VAL A 71 8.54 -40.44 -4.41
CA VAL A 71 9.49 -40.35 -5.51
C VAL A 71 9.63 -41.70 -6.17
N LYS A 72 9.91 -41.71 -7.47
CA LYS A 72 9.94 -42.92 -8.26
C LYS A 72 11.36 -43.39 -8.49
N TRP A 73 11.58 -44.69 -8.37
CA TRP A 73 12.88 -45.32 -8.56
C TRP A 73 13.10 -45.77 -9.99
N ASP A 74 14.36 -46.07 -10.30
CA ASP A 74 14.78 -46.88 -11.43
C ASP A 74 16.30 -47.03 -11.36
N VAL A 75 16.80 -48.10 -11.94
CA VAL A 75 18.23 -48.27 -12.11
C VAL A 75 18.62 -47.68 -13.45
N GLY A 76 19.81 -47.10 -13.52
CA GLY A 76 20.23 -46.45 -14.75
C GLY A 76 21.72 -46.27 -14.79
N LYS A 77 22.22 -45.95 -15.99
CA LYS A 77 23.63 -45.67 -16.18
C LYS A 77 24.05 -44.48 -15.32
N ASP A 78 25.22 -44.60 -14.69
CA ASP A 78 25.50 -43.42 -13.90
C ASP A 78 26.24 -42.38 -14.73
N PRO A 79 26.07 -41.10 -14.40
CA PRO A 79 26.75 -40.05 -15.19
C PRO A 79 28.27 -40.12 -15.13
N GLN A 80 28.83 -40.26 -13.93
CA GLN A 80 30.29 -40.36 -13.79
C GLN A 80 30.75 -41.80 -14.06
N ASN A 81 30.43 -42.26 -15.27
CA ASN A 81 30.83 -43.59 -15.72
C ASN A 81 32.20 -43.46 -16.39
N THR A 82 33.24 -43.37 -15.56
CA THR A 82 34.59 -43.55 -16.03
C THR A 82 34.94 -45.02 -16.20
N GLN A 83 34.21 -45.89 -15.52
CA GLN A 83 34.46 -47.33 -15.50
C GLN A 83 33.92 -47.94 -16.77
N VAL A 84 34.75 -47.94 -17.82
CA VAL A 84 34.34 -48.52 -19.09
C VAL A 84 34.12 -50.02 -18.94
N GLY A 85 34.78 -50.66 -17.98
CA GLY A 85 34.49 -52.02 -17.60
C GLY A 85 33.24 -52.07 -16.75
N ASP A 86 32.08 -51.87 -17.38
CA ASP A 86 30.83 -51.67 -16.65
C ASP A 86 30.55 -52.83 -15.69
N GLY A 87 30.16 -52.48 -14.47
CA GLY A 87 29.89 -53.43 -13.41
C GLY A 87 28.47 -53.94 -13.34
N GLY A 88 27.63 -53.62 -14.33
CA GLY A 88 26.34 -54.26 -14.43
C GLY A 88 26.53 -55.70 -14.89
N MET A 89 27.09 -56.50 -13.98
CA MET A 89 27.78 -57.75 -14.29
C MET A 89 27.09 -58.61 -15.34
N SER A 90 25.76 -58.69 -15.31
CA SER A 90 25.04 -59.58 -16.20
C SER A 90 24.11 -58.86 -17.17
N ALA A 91 23.58 -57.69 -16.79
CA ALA A 91 22.48 -56.99 -17.45
C ALA A 91 21.17 -57.75 -17.30
N SER A 92 21.19 -58.94 -16.72
CA SER A 92 20.00 -59.62 -16.23
C SER A 92 19.81 -59.42 -14.73
N GLN A 93 20.92 -59.41 -13.99
CA GLN A 93 20.87 -58.95 -12.60
C GLN A 93 20.31 -57.54 -12.52
N ARG A 94 20.61 -56.70 -13.51
CA ARG A 94 20.11 -55.33 -13.49
C ARG A 94 18.60 -55.31 -13.72
N LYS A 95 18.11 -56.16 -14.63
CA LYS A 95 16.66 -56.26 -14.82
C LYS A 95 15.98 -56.77 -13.56
N ALA A 96 16.59 -57.76 -12.90
CA ALA A 96 16.04 -58.28 -11.66
C ALA A 96 16.03 -57.21 -10.58
N LEU A 97 17.08 -56.40 -10.52
CA LEU A 97 17.14 -55.32 -9.53
C LEU A 97 16.09 -54.27 -9.79
N GLN A 98 15.85 -53.95 -11.08
CA GLN A 98 14.74 -53.07 -11.41
C GLN A 98 13.41 -53.65 -10.92
N GLN A 99 13.16 -54.92 -11.26
CA GLN A 99 11.95 -55.60 -10.80
C GLN A 99 11.79 -55.47 -9.30
N ILE A 100 12.85 -55.75 -8.55
CA ILE A 100 12.76 -55.75 -7.10
C ILE A 100 12.59 -54.34 -6.56
N LEU A 101 13.23 -53.36 -7.18
CA LEU A 101 13.07 -51.98 -6.76
C LEU A 101 11.64 -51.51 -6.97
N GLN A 102 10.94 -52.06 -7.95
CA GLN A 102 9.52 -51.74 -8.08
C GLN A 102 8.63 -52.66 -7.27
N ARG A 103 9.02 -53.92 -7.09
CA ARG A 103 8.28 -54.86 -6.25
C ARG A 103 9.25 -55.61 -5.36
N PRO A 104 9.45 -55.15 -4.15
CA PRO A 104 10.22 -55.92 -3.16
C PRO A 104 9.44 -57.12 -2.69
N ASN A 105 9.90 -57.74 -1.60
CA ASN A 105 9.25 -58.89 -0.98
C ASN A 105 7.72 -58.79 -1.03
N PRO A 106 7.03 -59.89 -1.33
CA PRO A 106 5.57 -59.84 -1.38
C PRO A 106 4.94 -59.25 -0.13
N THR A 107 3.71 -58.73 -0.28
CA THR A 107 3.00 -58.03 0.80
C THR A 107 3.73 -56.76 1.23
N MET A 108 4.48 -56.14 0.32
CA MET A 108 5.06 -54.82 0.52
C MET A 108 5.57 -54.29 -0.81
N SER A 109 5.25 -53.05 -1.10
CA SER A 109 5.62 -52.39 -2.34
C SER A 109 6.82 -51.48 -2.12
N GLY A 110 7.40 -51.01 -3.22
CA GLY A 110 8.57 -50.16 -3.11
C GLY A 110 8.27 -48.87 -2.38
N ALA A 111 7.07 -48.33 -2.56
CA ALA A 111 6.71 -47.07 -1.90
C ALA A 111 6.76 -47.23 -0.38
N GLN A 112 6.20 -48.32 0.12
CA GLN A 112 6.23 -48.53 1.57
C GLN A 112 7.64 -48.78 2.07
N LEU A 113 8.48 -49.41 1.25
CA LEU A 113 9.89 -49.53 1.61
C LEU A 113 10.52 -48.18 1.78
N ARG A 114 10.31 -47.28 0.81
CA ARG A 114 10.84 -45.93 0.92
C ARG A 114 10.32 -45.23 2.16
N TYR A 115 9.03 -45.37 2.44
CA TYR A 115 8.43 -44.69 3.59
C TYR A 115 9.06 -45.17 4.88
N SER A 116 9.12 -46.49 5.08
CA SER A 116 9.69 -47.03 6.31
C SER A 116 11.16 -46.65 6.45
N ALA A 117 11.91 -46.71 5.34
CA ALA A 117 13.33 -46.38 5.39
C ALA A 117 13.54 -44.93 5.79
N ALA A 118 12.83 -44.01 5.15
CA ALA A 118 12.99 -42.60 5.48
C ALA A 118 12.55 -42.31 6.90
N LEU A 119 11.48 -42.97 7.36
CA LEU A 119 11.01 -42.74 8.72
C LEU A 119 12.04 -43.18 9.74
N SER A 120 12.55 -44.42 9.59
CA SER A 120 13.56 -44.90 10.53
C SER A 120 14.84 -44.09 10.44
N TRP A 121 15.16 -43.57 9.25
CA TRP A 121 16.32 -42.70 9.13
C TRP A 121 16.12 -41.40 9.90
N ALA A 122 14.91 -40.88 9.88
CA ALA A 122 14.64 -39.63 10.60
C ALA A 122 14.64 -39.85 12.10
N CYS A 123 14.12 -40.99 12.55
CA CYS A 123 14.00 -41.19 13.99
C CYS A 123 15.34 -41.60 14.63
N PHE A 124 16.08 -42.50 14.00
CA PHE A 124 17.29 -43.05 14.62
C PHE A 124 18.58 -42.71 13.88
N GLY A 125 18.50 -42.24 12.65
CA GLY A 125 19.71 -42.00 11.89
C GLY A 125 20.35 -43.27 11.38
N ARG A 126 19.58 -44.33 11.18
CA ARG A 126 20.08 -45.59 10.68
C ARG A 126 19.10 -46.15 9.65
N MET A 127 19.62 -46.98 8.77
CA MET A 127 18.83 -47.68 7.76
C MET A 127 19.40 -49.07 7.60
N ALA A 128 18.56 -50.09 7.72
CA ALA A 128 19.01 -51.47 7.63
C ALA A 128 18.11 -52.24 6.68
N PHE A 129 18.68 -53.27 6.05
CA PHE A 129 17.96 -54.03 5.03
C PHE A 129 18.49 -55.46 5.00
N LYS A 130 17.86 -56.28 4.18
CA LYS A 130 18.26 -57.67 4.00
C LYS A 130 17.92 -58.11 2.59
N VAL A 131 18.86 -58.79 1.93
CA VAL A 131 18.69 -59.19 0.54
C VAL A 131 18.79 -60.71 0.46
N SER A 132 18.25 -61.26 -0.62
CA SER A 132 18.15 -62.71 -0.79
C SER A 132 18.61 -63.13 -2.18
N VAL A 133 19.76 -62.61 -2.62
CA VAL A 133 20.27 -62.91 -3.95
C VAL A 133 20.33 -64.42 -4.15
N MET A 134 19.78 -64.89 -5.28
CA MET A 134 19.56 -66.32 -5.45
C MET A 134 20.84 -67.14 -5.55
N SER A 135 21.55 -67.06 -6.69
CA SER A 135 22.85 -67.71 -6.77
C SER A 135 23.83 -66.95 -7.65
N ASP A 136 23.37 -65.93 -8.35
CA ASP A 136 24.17 -65.28 -9.38
C ASP A 136 23.99 -63.77 -9.35
N GLY A 137 24.01 -63.20 -8.15
CA GLY A 137 23.80 -61.78 -8.01
C GLY A 137 22.41 -61.31 -8.33
N SER A 138 21.50 -62.22 -8.65
CA SER A 138 20.11 -61.87 -8.94
C SER A 138 19.37 -61.75 -7.61
N VAL A 139 19.11 -60.51 -7.19
CA VAL A 139 18.45 -60.29 -5.91
C VAL A 139 17.02 -60.83 -5.99
N ASN A 140 16.61 -61.55 -4.94
CA ASN A 140 15.28 -62.15 -4.96
C ASN A 140 14.23 -61.24 -4.32
N ALA A 141 14.56 -60.65 -3.17
CA ALA A 141 13.65 -59.75 -2.46
C ALA A 141 14.46 -59.00 -1.41
N ILE A 142 13.90 -57.89 -0.94
CA ILE A 142 14.55 -57.03 0.04
C ILE A 142 13.59 -56.78 1.20
N TRP A 143 14.10 -56.90 2.42
CA TRP A 143 13.31 -56.67 3.61
C TRP A 143 13.93 -55.58 4.46
N PRO A 144 13.15 -54.64 4.96
CA PRO A 144 13.67 -53.69 5.94
C PRO A 144 13.81 -54.33 7.31
N LEU A 145 14.73 -53.78 8.09
CA LEU A 145 15.06 -54.31 9.40
C LEU A 145 14.64 -53.30 10.47
N GLY A 146 13.95 -53.78 11.49
CA GLY A 146 13.57 -52.92 12.58
C GLY A 146 14.78 -52.47 13.39
N ILE A 147 15.11 -51.18 13.29
CA ILE A 147 16.28 -50.66 14.01
C ILE A 147 16.19 -50.89 15.52
N PRO A 148 15.04 -50.70 16.19
CA PRO A 148 15.02 -50.86 17.65
C PRO A 148 15.63 -52.16 18.16
N PHE A 149 15.26 -53.30 17.59
CA PHE A 149 15.72 -54.59 18.05
C PHE A 149 16.68 -55.25 17.06
N LEU A 150 17.55 -54.47 16.45
CA LEU A 150 18.61 -55.00 15.60
C LEU A 150 19.96 -54.78 16.29
N LYS A 151 20.67 -55.87 16.55
CA LYS A 151 21.99 -55.81 17.14
C LYS A 151 23.04 -56.23 16.12
N GLN A 152 24.25 -55.73 16.28
CA GLN A 152 25.33 -56.02 15.35
C GLN A 152 26.59 -56.35 16.12
N LYS A 153 27.46 -57.13 15.46
CA LYS A 153 28.69 -57.61 16.07
C LYS A 153 29.87 -57.19 15.20
N PHE A 154 30.95 -56.77 15.85
CA PHE A 154 32.11 -56.21 15.20
C PHE A 154 33.18 -57.26 14.95
N ASP A 155 34.12 -56.91 14.07
CA ASP A 155 35.29 -57.74 13.80
C ASP A 155 36.39 -57.40 14.78
N ARG A 156 37.60 -57.89 14.50
CA ARG A 156 38.77 -57.50 15.27
C ARG A 156 39.44 -56.25 14.73
N TYR A 157 39.33 -55.97 13.43
CA TYR A 157 40.04 -54.81 12.89
C TYR A 157 39.26 -53.51 13.07
N GLY A 158 38.18 -53.34 12.31
CA GLY A 158 37.45 -52.08 12.43
C GLY A 158 35.97 -52.03 12.09
N ASP A 159 35.32 -53.16 11.83
CA ASP A 159 34.01 -53.09 11.19
C ASP A 159 33.13 -54.25 11.62
N VAL A 160 31.90 -54.23 11.12
CA VAL A 160 30.91 -55.23 11.46
C VAL A 160 31.10 -56.47 10.59
N GLU A 161 30.70 -57.62 11.13
CA GLU A 161 30.64 -58.85 10.36
C GLU A 161 29.25 -59.44 10.27
N SER A 162 28.46 -59.37 11.34
CA SER A 162 27.17 -60.03 11.35
C SER A 162 26.17 -59.18 12.13
N PHE A 163 24.89 -59.40 11.84
CA PHE A 163 23.80 -58.70 12.49
C PHE A 163 22.91 -59.72 13.19
N GLN A 164 22.65 -59.50 14.47
CA GLN A 164 21.71 -60.31 15.22
C GLN A 164 20.38 -59.58 15.30
N TYR A 165 19.29 -60.28 15.02
CA TYR A 165 17.97 -59.67 14.90
C TYR A 165 17.02 -60.45 15.82
N GLY A 166 16.76 -59.91 17.00
CA GLY A 166 15.93 -60.59 17.97
C GLY A 166 16.74 -61.08 19.16
N ASP A 167 16.02 -61.36 20.25
CA ASP A 167 16.68 -61.72 21.51
C ASP A 167 17.02 -63.20 21.60
N GLU A 168 16.02 -64.09 21.59
CA GLU A 168 16.39 -65.43 22.07
C GLU A 168 15.96 -66.59 21.18
N ALA A 169 14.70 -66.65 20.75
CA ALA A 169 14.25 -67.83 20.01
C ALA A 169 14.89 -67.88 18.64
N GLY A 170 14.50 -66.95 17.76
CA GLY A 170 15.13 -66.83 16.45
C GLY A 170 16.38 -65.99 16.56
N LYS A 171 17.48 -66.50 16.00
CA LYS A 171 18.81 -65.95 16.24
C LYS A 171 19.65 -65.87 14.98
N GLU A 172 19.10 -65.36 13.88
CA GLU A 172 19.82 -65.41 12.61
C GLU A 172 20.89 -64.32 12.60
N THR A 173 22.15 -64.73 12.54
CA THR A 173 23.28 -63.82 12.41
C THR A 173 23.54 -63.60 10.93
N ILE A 174 22.77 -62.70 10.34
CA ILE A 174 22.94 -62.41 8.92
C ILE A 174 24.31 -61.80 8.69
N PRO A 175 25.10 -62.27 7.74
CA PRO A 175 26.42 -61.67 7.51
C PRO A 175 26.31 -60.29 6.92
N SER A 176 27.33 -59.47 7.19
CA SER A 176 27.42 -58.15 6.59
C SER A 176 27.87 -58.27 5.14
N PHE A 177 27.75 -57.17 4.40
CA PHE A 177 28.17 -57.18 3.00
C PHE A 177 29.67 -57.35 2.88
N THR A 178 30.44 -56.92 3.89
CA THR A 178 31.88 -57.04 3.83
C THR A 178 32.30 -58.50 3.71
N LYS A 179 31.87 -59.34 4.64
CA LYS A 179 32.19 -60.76 4.60
C LYS A 179 30.93 -61.52 4.17
N VAL A 180 30.99 -62.09 2.98
CA VAL A 180 29.92 -62.93 2.45
C VAL A 180 30.49 -63.65 1.24
N GLU A 181 29.94 -64.82 0.93
CA GLU A 181 30.46 -65.58 -0.20
C GLU A 181 30.23 -64.79 -1.48
N LYS A 182 31.30 -64.24 -2.04
CA LYS A 182 31.20 -63.39 -3.22
C LYS A 182 31.24 -64.22 -4.48
N ASN A 183 30.70 -63.65 -5.55
CA ASN A 183 30.87 -64.23 -6.88
C ASN A 183 32.29 -63.98 -7.37
N ASP A 184 32.65 -64.67 -8.45
CA ASP A 184 33.98 -64.48 -9.01
C ASP A 184 34.14 -63.06 -9.56
N LYS A 185 33.05 -62.34 -9.77
CA LYS A 185 33.12 -60.93 -10.12
C LYS A 185 33.16 -60.01 -8.90
N GLY A 186 32.55 -60.41 -7.79
CA GLY A 186 32.51 -59.58 -6.61
C GLY A 186 31.15 -59.52 -5.96
N ARG A 187 30.11 -59.83 -6.73
CA ARG A 187 28.76 -59.82 -6.19
C ARG A 187 28.60 -60.94 -5.16
N PRO A 188 27.77 -60.74 -4.13
CA PRO A 188 27.55 -61.78 -3.14
C PRO A 188 26.75 -62.95 -3.70
N ILE A 189 26.73 -64.04 -2.93
CA ILE A 189 25.98 -65.22 -3.29
C ILE A 189 24.89 -65.57 -2.27
N LYS A 190 25.04 -65.18 -1.01
CA LYS A 190 24.07 -65.47 0.04
C LYS A 190 23.51 -64.17 0.59
N ASN A 191 22.65 -64.29 1.59
CA ASN A 191 21.97 -63.13 2.17
C ASN A 191 22.96 -62.23 2.90
N TYR A 192 22.55 -60.98 3.10
CA TYR A 192 23.37 -60.02 3.84
C TYR A 192 22.51 -58.83 4.26
N ALA A 193 23.14 -57.87 4.94
CA ALA A 193 22.45 -56.70 5.47
C ALA A 193 23.28 -55.46 5.21
N PHE A 194 22.69 -54.27 5.44
CA PHE A 194 23.32 -53.02 5.05
C PHE A 194 23.77 -52.19 6.24
N MET A 195 22.85 -51.77 7.11
CA MET A 195 23.10 -50.81 8.18
C MET A 195 23.77 -49.54 7.63
N ILE A 196 22.99 -48.80 6.84
CA ILE A 196 23.41 -47.47 6.44
C ILE A 196 23.37 -46.54 7.64
N VAL A 197 24.45 -45.78 7.85
CA VAL A 197 24.63 -44.98 9.06
C VAL A 197 24.91 -43.54 8.68
N LYS A 198 24.42 -42.60 9.52
CA LYS A 198 24.62 -41.16 9.39
C LYS A 198 25.82 -40.75 10.22
N PRO A 199 26.77 -40.00 9.65
CA PRO A 199 28.00 -39.68 10.39
C PRO A 199 27.74 -38.68 11.51
N SER A 200 28.75 -38.53 12.35
CA SER A 200 28.71 -37.57 13.45
C SER A 200 30.14 -37.13 13.75
N ILE A 201 30.31 -36.42 14.87
CA ILE A 201 31.61 -35.90 15.26
C ILE A 201 32.49 -37.08 15.69
N ASN A 202 33.78 -36.81 15.88
CA ASN A 202 34.74 -37.78 16.42
C ASN A 202 34.71 -39.11 15.67
N GLY A 203 34.33 -39.07 14.39
CA GLY A 203 34.35 -40.25 13.55
C GLY A 203 33.62 -41.43 14.15
N ALA A 204 34.36 -42.49 14.47
CA ALA A 204 33.83 -43.70 15.07
C ALA A 204 32.69 -44.27 14.22
N MET A 205 33.02 -44.49 12.93
CA MET A 205 32.06 -44.70 11.86
C MET A 205 30.83 -45.51 12.27
N ASN A 206 31.02 -46.58 13.05
CA ASN A 206 29.90 -47.34 13.57
C ASN A 206 29.82 -47.35 15.09
N PHE A 207 30.93 -47.07 15.78
CA PHE A 207 30.96 -47.03 17.23
C PHE A 207 30.46 -45.70 17.78
N ASP A 208 29.94 -44.84 16.92
CA ASP A 208 29.54 -43.48 17.28
C ASP A 208 28.09 -43.43 17.76
N VAL A 209 27.71 -42.27 18.28
CA VAL A 209 26.36 -42.07 18.79
C VAL A 209 25.45 -41.62 17.65
N GLN A 210 24.18 -42.01 17.74
CA GLN A 210 23.23 -41.65 16.70
C GLN A 210 23.20 -40.13 16.51
N ASN A 211 22.77 -39.73 15.32
CA ASN A 211 22.67 -38.31 14.94
C ASN A 211 21.27 -38.11 14.40
N THR A 212 20.34 -37.79 15.27
CA THR A 212 18.93 -37.69 14.93
C THR A 212 18.35 -36.40 15.49
N PRO A 213 17.34 -35.83 14.83
CA PRO A 213 16.69 -34.64 15.36
C PRO A 213 16.11 -34.83 16.76
N LEU A 214 15.71 -36.06 17.11
CA LEU A 214 15.16 -36.32 18.44
C LEU A 214 16.15 -36.01 19.55
N GLN A 215 17.43 -35.80 19.23
CA GLN A 215 18.41 -35.47 20.25
C GLN A 215 18.11 -34.11 20.88
N ALA A 216 17.66 -33.16 20.07
CA ALA A 216 17.66 -31.76 20.45
C ALA A 216 16.25 -31.19 20.59
N ILE A 217 15.25 -32.03 20.78
CA ILE A 217 13.89 -31.53 20.90
C ILE A 217 13.22 -32.08 22.15
N GLY A 218 14.01 -32.64 23.08
CA GLY A 218 13.43 -33.08 24.34
C GLY A 218 12.84 -31.93 25.13
N VAL A 219 13.59 -30.84 25.24
CA VAL A 219 13.11 -29.65 25.96
C VAL A 219 11.81 -29.11 25.34
N PRO A 220 11.74 -28.83 24.05
CA PRO A 220 10.50 -28.26 23.52
C PRO A 220 9.32 -29.21 23.59
N VAL A 221 9.53 -30.51 23.37
CA VAL A 221 8.39 -31.43 23.43
C VAL A 221 7.88 -31.55 24.86
N ALA A 222 8.79 -31.55 25.84
CA ALA A 222 8.33 -31.59 27.23
C ALA A 222 7.59 -30.32 27.60
N LEU A 223 8.10 -29.16 27.15
CA LEU A 223 7.41 -27.91 27.44
C LEU A 223 6.03 -27.87 26.80
N TYR A 224 5.94 -28.35 25.56
CA TYR A 224 4.65 -28.40 24.87
C TYR A 224 3.66 -29.26 25.63
N ASP A 225 4.10 -30.45 26.05
CA ASP A 225 3.20 -31.34 26.78
C ASP A 225 2.77 -30.72 28.10
N ALA A 226 3.68 -30.03 28.79
CA ALA A 226 3.32 -29.39 30.04
C ALA A 226 2.24 -28.32 29.82
N LEU A 227 2.44 -27.47 28.81
CA LEU A 227 1.46 -26.42 28.54
C LEU A 227 0.10 -27.01 28.16
N MET A 228 0.09 -28.06 27.34
CA MET A 228 -1.19 -28.64 26.94
C MET A 228 -1.88 -29.33 28.10
N ALA A 229 -1.12 -29.94 29.01
CA ALA A 229 -1.74 -30.53 30.20
C ALA A 229 -2.35 -29.45 31.08
N ARG A 230 -1.65 -28.33 31.25
CA ARG A 230 -2.25 -27.20 31.97
C ARG A 230 -3.55 -26.77 31.31
N ALA A 231 -3.56 -26.68 29.98
CA ALA A 231 -4.76 -26.23 29.28
C ALA A 231 -5.92 -27.19 29.52
N ILE A 232 -5.68 -28.49 29.37
CA ILE A 232 -6.74 -29.46 29.58
C ILE A 232 -7.28 -29.36 31.01
N ASP A 233 -6.38 -29.35 31.99
CA ASP A 233 -6.82 -29.29 33.37
C ASP A 233 -7.67 -28.05 33.64
N SER A 234 -7.24 -26.90 33.12
CA SER A 234 -7.98 -25.67 33.37
C SER A 234 -9.26 -25.58 32.56
N ALA A 235 -9.40 -26.36 31.49
CA ALA A 235 -10.62 -26.29 30.69
C ALA A 235 -11.82 -26.77 31.47
N ASP A 236 -11.70 -27.92 32.11
CA ASP A 236 -12.74 -28.45 33.00
C ASP A 236 -12.23 -28.41 34.42
N GLY A 237 -12.86 -27.60 35.25
CA GLY A 237 -12.36 -27.33 36.58
C GLY A 237 -12.53 -25.87 36.95
N THR A 238 -12.52 -25.00 35.95
CA THR A 238 -12.83 -23.60 36.19
C THR A 238 -14.33 -23.37 36.07
N PRO A 239 -15.00 -22.92 37.11
CA PRO A 239 -16.45 -22.70 37.02
C PRO A 239 -16.78 -21.74 35.89
N ASN A 240 -17.77 -22.12 35.08
CA ASN A 240 -18.13 -21.34 33.89
C ASN A 240 -19.35 -20.47 34.14
N SER A 241 -19.64 -20.20 35.40
CA SER A 241 -20.78 -19.37 35.75
C SER A 241 -20.41 -17.91 35.87
N LYS A 242 -21.38 -17.05 35.60
CA LYS A 242 -21.29 -15.62 35.82
C LYS A 242 -22.25 -15.23 36.93
N TRP A 243 -22.27 -13.94 37.26
CA TRP A 243 -23.24 -13.39 38.20
C TRP A 243 -23.15 -14.08 39.57
N LEU A 244 -22.02 -13.88 40.23
CA LEU A 244 -21.93 -14.30 41.63
C LEU A 244 -22.72 -13.30 42.45
N VAL A 245 -24.00 -13.58 42.66
CA VAL A 245 -24.92 -12.69 43.35
C VAL A 245 -25.04 -13.14 44.80
N THR A 246 -24.98 -12.19 45.73
CA THR A 246 -25.01 -12.48 47.16
C THR A 246 -25.99 -11.55 47.87
N ALA A 247 -26.86 -12.13 48.68
CA ALA A 247 -27.78 -11.38 49.50
C ALA A 247 -27.16 -11.15 50.89
N SER A 248 -27.95 -10.64 51.83
CA SER A 248 -27.46 -10.31 53.16
C SER A 248 -27.95 -11.34 54.17
N ARG A 249 -27.44 -11.24 55.39
CA ARG A 249 -27.82 -12.15 56.47
C ARG A 249 -29.08 -11.69 57.18
N ASP A 250 -29.87 -10.85 56.53
CA ASP A 250 -31.20 -10.52 57.03
C ASP A 250 -32.10 -10.47 55.80
N LEU A 251 -32.60 -11.64 55.42
CA LEU A 251 -33.51 -11.68 54.28
C LEU A 251 -34.59 -12.74 54.41
N ASP A 252 -34.80 -13.33 55.59
CA ASP A 252 -35.89 -14.29 55.75
C ASP A 252 -35.75 -15.42 54.74
N ASP A 253 -34.80 -16.33 54.96
CA ASP A 253 -34.44 -17.30 53.95
C ASP A 253 -35.70 -18.09 53.60
N GLY A 254 -36.26 -17.80 52.43
CA GLY A 254 -37.64 -18.12 52.12
C GLY A 254 -38.27 -17.04 51.25
N GLN A 255 -37.77 -15.81 51.35
CA GLN A 255 -37.91 -14.85 50.27
C GLN A 255 -36.58 -14.60 49.57
N ALA A 256 -35.47 -15.02 50.17
CA ALA A 256 -34.24 -15.14 49.40
C ALA A 256 -34.41 -16.11 48.25
N LYS A 257 -35.13 -17.21 48.49
CA LYS A 257 -35.43 -18.13 47.40
C LYS A 257 -36.29 -17.47 46.33
N GLU A 258 -37.20 -16.60 46.74
CA GLU A 258 -38.01 -15.86 45.78
C GLU A 258 -37.16 -14.93 44.94
N VAL A 259 -36.20 -14.24 45.57
CA VAL A 259 -35.28 -13.39 44.83
C VAL A 259 -34.45 -14.22 43.85
N LYS A 260 -34.00 -15.39 44.29
CA LYS A 260 -33.22 -16.25 43.42
C LYS A 260 -34.03 -16.71 42.21
N GLU A 261 -35.29 -17.09 42.44
CA GLU A 261 -36.13 -17.50 41.33
C GLU A 261 -36.40 -16.34 40.38
N GLY A 262 -36.56 -15.13 40.93
CA GLY A 262 -36.72 -13.97 40.07
C GLY A 262 -35.50 -13.73 39.20
N ILE A 263 -34.31 -13.81 39.78
CA ILE A 263 -33.08 -13.63 39.01
C ILE A 263 -32.94 -14.73 37.97
N GLU A 264 -33.29 -15.96 38.36
CA GLU A 264 -33.05 -17.11 37.50
C GLU A 264 -34.02 -17.17 36.34
N GLU A 265 -35.28 -16.83 36.57
CA GLU A 265 -36.26 -17.02 35.52
C GLU A 265 -36.24 -15.88 34.53
N THR A 266 -35.05 -15.49 34.09
CA THR A 266 -34.88 -14.60 32.95
C THR A 266 -33.98 -15.22 31.91
N LYS A 267 -33.54 -16.45 32.12
CA LYS A 267 -32.80 -17.18 31.11
C LYS A 267 -33.61 -17.24 29.81
N PRO A 268 -32.96 -17.41 28.68
CA PRO A 268 -33.71 -17.60 27.43
C PRO A 268 -34.69 -18.75 27.55
N GLY A 269 -35.97 -18.47 27.34
CA GLY A 269 -36.99 -19.47 27.53
C GLY A 269 -37.42 -19.57 28.98
N GLY A 270 -37.76 -18.43 29.57
CA GLY A 270 -38.31 -18.39 30.91
C GLY A 270 -39.59 -17.58 30.92
N ASP A 271 -40.21 -17.52 32.11
CA ASP A 271 -41.46 -16.81 32.26
C ASP A 271 -41.30 -15.34 31.87
N ASN A 272 -40.50 -14.61 32.62
CA ASN A 272 -40.16 -13.23 32.28
C ASN A 272 -38.71 -13.21 31.81
N GLY A 273 -38.52 -13.45 30.51
CA GLY A 273 -37.20 -13.52 29.93
C GLY A 273 -36.83 -12.22 29.25
N GLY A 274 -35.79 -11.58 29.76
CA GLY A 274 -35.28 -10.35 29.19
C GLY A 274 -35.75 -9.09 29.87
N GLU A 275 -36.66 -9.18 30.83
CA GLU A 275 -37.16 -7.99 31.50
C GLU A 275 -36.31 -7.68 32.72
N ILE A 276 -36.55 -6.51 33.31
CA ILE A 276 -35.72 -6.00 34.41
C ILE A 276 -35.89 -6.87 35.65
N ILE A 277 -35.02 -6.68 36.63
CA ILE A 277 -35.18 -7.24 37.96
C ILE A 277 -35.49 -6.09 38.90
N PHE A 278 -36.60 -6.18 39.61
CA PHE A 278 -36.97 -5.19 40.60
C PHE A 278 -36.88 -5.82 41.99
N ILE A 279 -36.08 -5.22 42.85
CA ILE A 279 -35.91 -5.67 44.22
C ILE A 279 -36.36 -4.55 45.15
N ALA A 280 -37.41 -4.81 45.92
CA ALA A 280 -37.91 -3.83 46.86
C ALA A 280 -37.22 -4.04 48.20
N GLY A 281 -36.35 -3.10 48.56
CA GLY A 281 -35.63 -3.19 49.81
C GLY A 281 -34.59 -4.28 49.82
N THR A 282 -33.71 -4.27 50.83
CA THR A 282 -32.69 -5.31 51.01
C THR A 282 -31.82 -5.46 49.77
N ASP A 283 -31.05 -4.40 49.51
CA ASP A 283 -30.18 -4.35 48.35
C ASP A 283 -29.30 -5.60 48.19
N VAL A 284 -29.51 -6.34 47.12
CA VAL A 284 -28.65 -7.44 46.76
C VAL A 284 -27.54 -6.92 45.87
N LYS A 285 -26.42 -7.63 45.83
CA LYS A 285 -25.22 -7.14 45.16
C LYS A 285 -24.68 -8.19 44.22
N VAL A 286 -24.68 -7.88 42.93
CA VAL A 286 -24.20 -8.78 41.90
C VAL A 286 -22.84 -8.30 41.41
N GLN A 287 -21.94 -9.24 41.15
CA GLN A 287 -20.69 -8.94 40.47
C GLN A 287 -20.53 -9.96 39.34
N GLU A 288 -20.15 -9.48 38.17
CA GLU A 288 -20.03 -10.33 37.00
C GLU A 288 -18.60 -10.84 36.89
N MET A 289 -18.45 -12.15 36.87
CA MET A 289 -17.12 -12.75 36.77
C MET A 289 -16.60 -12.63 35.35
N LYS A 290 -15.31 -12.36 35.22
CA LYS A 290 -14.71 -12.22 33.89
C LYS A 290 -14.62 -13.56 33.20
N ASN A 291 -13.98 -14.53 33.84
CA ASN A 291 -13.73 -15.86 33.26
C ASN A 291 -13.09 -15.73 31.89
N ASP A 292 -11.88 -15.16 31.88
CA ASP A 292 -11.18 -14.87 30.63
C ASP A 292 -11.01 -16.14 29.81
N LEU A 293 -10.22 -17.09 30.31
CA LEU A 293 -10.13 -18.42 29.76
C LEU A 293 -9.73 -18.42 28.28
N SER A 294 -9.09 -17.34 27.82
CA SER A 294 -8.73 -17.19 26.43
C SER A 294 -7.24 -17.36 26.19
N ASP A 295 -6.49 -17.78 27.20
CA ASP A 295 -5.07 -18.05 27.03
C ASP A 295 -4.66 -19.31 27.77
N ILE A 296 -5.56 -20.29 27.85
CA ILE A 296 -5.29 -21.47 28.66
C ILE A 296 -4.12 -22.27 28.08
N HIS A 297 -3.99 -22.29 26.76
CA HIS A 297 -2.88 -23.03 26.17
C HIS A 297 -1.60 -22.23 26.07
N SER A 298 -1.61 -20.95 26.46
CA SER A 298 -0.43 -20.09 26.36
C SER A 298 0.04 -20.02 24.90
N LYS A 299 -0.76 -19.34 24.09
CA LYS A 299 -0.55 -19.34 22.64
C LYS A 299 0.87 -18.92 22.27
N VAL A 300 1.42 -17.93 22.97
CA VAL A 300 2.71 -17.39 22.58
C VAL A 300 3.82 -18.37 22.94
N PRO A 301 3.96 -18.84 24.20
CA PRO A 301 4.98 -19.84 24.45
C PRO A 301 4.53 -21.26 24.15
N LEU A 302 3.81 -21.42 23.05
CA LEU A 302 3.48 -22.74 22.50
C LEU A 302 3.81 -22.82 21.02
N ASP A 303 3.42 -21.81 20.26
CA ASP A 303 3.81 -21.75 18.86
C ASP A 303 5.32 -21.71 18.72
N ASP A 304 6.03 -21.18 19.72
CA ASP A 304 7.49 -21.18 19.65
C ASP A 304 8.04 -22.59 19.77
N GLN A 305 7.49 -23.39 20.69
CA GLN A 305 7.93 -24.77 20.79
C GLN A 305 7.58 -25.55 19.53
N ALA A 306 6.41 -25.26 18.95
CA ALA A 306 6.06 -25.90 17.69
C ALA A 306 7.03 -25.52 16.59
N ARG A 307 7.38 -24.23 16.49
CA ARG A 307 8.34 -23.80 15.49
C ARG A 307 9.69 -24.46 15.70
N THR A 308 10.09 -24.64 16.96
CA THR A 308 11.38 -25.24 17.22
C THR A 308 11.40 -26.71 16.81
N ILE A 309 10.42 -27.49 17.27
CA ILE A 309 10.40 -28.91 16.90
C ILE A 309 9.96 -29.14 15.48
N ALA A 310 9.59 -28.09 14.75
CA ALA A 310 9.40 -28.23 13.32
C ALA A 310 10.68 -27.90 12.55
N GLY A 311 11.33 -26.80 12.92
CA GLY A 311 12.56 -26.43 12.25
C GLY A 311 13.70 -27.40 12.49
N ASN A 312 13.72 -28.04 13.66
CA ASN A 312 14.75 -29.03 13.91
C ASN A 312 14.62 -30.23 13.00
N PHE A 313 13.40 -30.49 12.50
CA PHE A 313 13.19 -31.50 11.48
C PHE A 313 13.46 -30.97 10.08
N GLY A 314 13.71 -29.68 9.94
CA GLY A 314 13.94 -29.09 8.64
C GLY A 314 12.67 -28.97 7.83
N ILE A 315 11.72 -28.19 8.32
CA ILE A 315 10.46 -27.96 7.61
C ILE A 315 10.14 -26.47 7.68
N PRO A 316 10.10 -25.77 6.56
CA PRO A 316 9.69 -24.35 6.58
C PRO A 316 8.39 -24.17 7.32
N ILE A 317 8.36 -23.17 8.22
CA ILE A 317 7.20 -22.96 9.07
C ILE A 317 5.93 -22.81 8.25
N ALA A 318 6.04 -22.12 7.10
CA ALA A 318 4.88 -21.85 6.28
C ALA A 318 4.10 -23.10 5.90
N LEU A 319 4.79 -24.24 5.77
CA LEU A 319 4.11 -25.47 5.42
C LEU A 319 3.05 -25.87 6.43
N LEU A 320 3.14 -25.38 7.66
CA LEU A 320 2.22 -25.79 8.72
C LEU A 320 1.70 -24.61 9.51
N TYR A 334 4.59 -18.71 -0.92
CA TYR A 334 4.19 -20.01 -0.41
C TYR A 334 4.85 -21.13 -1.20
N ASP A 335 4.53 -21.23 -2.48
CA ASP A 335 5.10 -22.28 -3.32
C ASP A 335 6.62 -22.25 -3.33
N GLU A 336 7.22 -21.06 -3.21
CA GLU A 336 8.66 -20.97 -3.05
C GLU A 336 9.12 -21.78 -1.84
N SER A 337 8.34 -21.71 -0.75
CA SER A 337 8.71 -22.47 0.44
C SER A 337 8.55 -23.96 0.23
N ARG A 338 7.58 -24.38 -0.59
CA ARG A 338 7.49 -25.80 -0.93
C ARG A 338 8.71 -26.25 -1.73
N LYS A 339 9.12 -25.45 -2.72
CA LYS A 339 10.34 -25.76 -3.45
C LYS A 339 11.54 -25.84 -2.51
N ALA A 340 11.59 -24.95 -1.53
CA ALA A 340 12.70 -24.95 -0.58
C ALA A 340 12.70 -26.23 0.25
N PHE A 341 11.54 -26.58 0.80
CA PHE A 341 11.45 -27.83 1.56
C PHE A 341 11.83 -29.03 0.71
N PHE A 342 11.58 -28.96 -0.59
CA PHE A 342 11.92 -30.10 -1.43
C PHE A 342 13.41 -30.19 -1.71
N GLU A 343 14.02 -29.10 -2.19
CA GLU A 343 15.42 -29.17 -2.61
C GLU A 343 16.37 -28.61 -1.56
N ASP A 344 15.98 -28.60 -0.29
CA ASP A 344 16.89 -28.22 0.77
C ASP A 344 17.02 -29.24 1.89
N THR A 345 15.97 -30.01 2.19
CA THR A 345 16.04 -30.95 3.29
C THR A 345 15.62 -32.35 2.85
N ILE A 346 14.68 -32.44 1.92
CA ILE A 346 14.26 -33.75 1.43
C ILE A 346 15.27 -34.30 0.44
N GLU A 347 15.71 -33.45 -0.50
CA GLU A 347 16.65 -33.93 -1.50
C GLU A 347 18.00 -34.24 -0.88
N PRO A 348 18.73 -33.28 -0.27
CA PRO A 348 20.01 -33.66 0.34
C PRO A 348 19.93 -34.07 1.80
N GLY A 349 18.90 -34.80 2.23
CA GLY A 349 18.97 -35.36 3.56
C GLY A 349 18.33 -36.72 3.72
N TYR A 350 17.58 -37.13 2.73
CA TYR A 350 16.92 -38.42 2.69
C TYR A 350 17.11 -39.10 1.35
N LEU A 351 17.18 -38.34 0.27
CA LEU A 351 17.26 -38.89 -1.07
C LEU A 351 18.69 -39.29 -1.41
N THR A 352 19.63 -38.35 -1.28
CA THR A 352 21.02 -38.67 -1.57
C THR A 352 21.60 -39.74 -0.66
N PRO A 353 21.38 -39.73 0.67
CA PRO A 353 21.97 -40.82 1.47
C PRO A 353 21.39 -42.17 1.12
N LEU A 354 20.08 -42.25 0.88
CA LEU A 354 19.47 -43.53 0.55
C LEU A 354 19.95 -44.04 -0.79
N GLU A 355 19.97 -43.17 -1.81
CA GLU A 355 20.38 -43.64 -3.12
C GLU A 355 21.87 -43.97 -3.16
N ASP A 356 22.69 -43.23 -2.42
CA ASP A 356 24.12 -43.57 -2.38
C ASP A 356 24.36 -44.84 -1.59
N GLY A 357 23.59 -45.08 -0.53
CA GLY A 357 23.72 -46.33 0.19
C GLY A 357 23.35 -47.52 -0.66
N PHE A 358 22.22 -47.44 -1.36
CA PHE A 358 21.85 -48.53 -2.25
C PHE A 358 22.85 -48.71 -3.38
N SER A 359 23.24 -47.62 -4.04
CA SER A 359 24.19 -47.72 -5.13
C SER A 359 25.53 -48.27 -4.67
N MET A 360 25.89 -48.02 -3.42
CA MET A 360 27.21 -48.45 -2.96
C MET A 360 27.32 -49.97 -2.97
N PHE A 361 26.37 -50.66 -2.34
CA PHE A 361 26.33 -52.12 -2.47
C PHE A 361 24.90 -52.58 -2.73
N LEU A 362 24.46 -52.43 -3.97
CA LEU A 362 23.43 -53.23 -4.61
C LEU A 362 23.73 -53.52 -6.06
N CYS A 363 24.68 -52.83 -6.68
CA CYS A 363 25.02 -53.03 -8.08
C CYS A 363 26.47 -52.62 -8.30
N GLY A 364 27.04 -53.10 -9.39
CA GLY A 364 28.41 -52.77 -9.71
C GLY A 364 28.56 -51.35 -10.22
N ALA A 365 29.81 -50.96 -10.44
CA ALA A 365 30.09 -49.64 -10.96
C ALA A 365 29.50 -49.48 -12.37
N GLY A 366 29.41 -48.23 -12.81
CA GLY A 366 28.78 -47.91 -14.07
C GLY A 366 27.27 -47.86 -14.03
N TYR A 367 26.64 -48.55 -13.08
CA TYR A 367 25.19 -48.51 -12.92
C TYR A 367 24.87 -48.34 -11.44
N ARG A 368 23.77 -47.64 -11.17
CA ARG A 368 23.42 -47.33 -9.80
C ARG A 368 21.97 -46.86 -9.77
N VAL A 369 21.39 -46.86 -8.57
CA VAL A 369 19.99 -46.51 -8.42
C VAL A 369 19.84 -45.01 -8.49
N ILE A 370 18.86 -44.56 -9.28
CA ILE A 370 18.56 -43.15 -9.47
C ILE A 370 17.06 -42.98 -9.32
N PHE A 371 16.63 -41.79 -8.93
CA PHE A 371 15.22 -41.46 -8.89
C PHE A 371 14.98 -40.20 -9.71
N ASP A 372 13.87 -40.18 -10.44
CA ASP A 372 13.58 -39.12 -11.40
C ASP A 372 13.07 -37.89 -10.65
N ARG A 373 13.82 -36.79 -10.72
CA ARG A 373 13.39 -35.56 -10.07
C ARG A 373 12.11 -35.02 -10.69
N ASP A 374 11.92 -35.21 -12.00
CA ASP A 374 10.71 -34.73 -12.65
C ASP A 374 9.46 -35.48 -12.22
N SER A 375 9.60 -36.50 -11.38
CA SER A 375 8.44 -37.11 -10.75
C SER A 375 7.95 -36.33 -9.55
N ILE A 376 8.72 -35.35 -9.08
CA ILE A 376 8.27 -34.49 -7.99
C ILE A 376 7.36 -33.42 -8.55
N PRO A 377 6.12 -33.28 -8.07
CA PRO A 377 5.19 -32.33 -8.69
C PRO A 377 5.55 -30.88 -8.43
N ALA A 378 6.35 -30.57 -7.42
CA ALA A 378 6.64 -29.18 -7.10
C ALA A 378 7.72 -28.59 -8.00
N LEU A 379 8.57 -29.42 -8.59
CA LEU A 379 9.73 -28.96 -9.35
C LEU A 379 9.45 -28.85 -10.85
N ARG A 380 8.24 -29.18 -11.30
CA ARG A 380 7.99 -29.29 -12.73
C ARG A 380 8.11 -27.95 -13.44
N LYS A 381 7.49 -26.90 -12.88
CA LYS A 381 7.57 -25.59 -13.48
C LYS A 381 9.00 -25.09 -13.58
N SER A 382 9.77 -25.28 -12.50
CA SER A 382 11.16 -24.84 -12.51
C SER A 382 11.96 -25.59 -13.56
N ARG A 383 11.78 -26.92 -13.63
CA ARG A 383 12.50 -27.68 -14.65
C ARG A 383 12.14 -27.19 -16.05
N ALA A 384 10.87 -26.91 -16.30
CA ALA A 384 10.46 -26.47 -17.64
C ALA A 384 11.08 -25.11 -17.98
N ASP A 385 11.05 -24.17 -17.04
CA ASP A 385 11.62 -22.86 -17.32
C ASP A 385 13.13 -22.95 -17.54
N ILE A 386 13.82 -23.75 -16.73
CA ILE A 386 15.25 -23.94 -16.92
C ILE A 386 15.53 -24.54 -18.29
N ALA A 387 14.74 -25.54 -18.67
CA ALA A 387 14.95 -26.19 -19.97
C ALA A 387 14.79 -25.19 -21.11
N ALA A 388 13.76 -24.36 -21.05
CA ALA A 388 13.55 -23.36 -22.10
C ALA A 388 14.72 -22.38 -22.15
N THR A 389 15.11 -21.84 -20.99
CA THR A 389 16.20 -20.88 -20.96
C THR A 389 17.47 -21.45 -21.55
N TYR A 390 17.80 -22.70 -21.18
CA TYR A 390 18.96 -23.36 -21.78
C TYR A 390 18.77 -23.55 -23.28
N ASP A 391 17.55 -23.87 -23.71
CA ASP A 391 17.27 -23.93 -25.14
C ASP A 391 17.69 -22.65 -25.85
N LYS A 392 17.52 -21.51 -25.19
CA LYS A 392 17.85 -20.26 -25.87
C LYS A 392 19.34 -20.08 -26.11
N VAL A 393 20.20 -20.79 -25.36
CA VAL A 393 21.66 -20.62 -25.50
C VAL A 393 22.15 -21.36 -26.76
N THR A 394 23.27 -20.89 -27.30
CA THR A 394 23.88 -21.53 -28.47
C THR A 394 25.30 -22.02 -28.25
N PHE A 395 26.09 -21.38 -27.39
CA PHE A 395 27.50 -21.76 -27.30
C PHE A 395 27.66 -23.01 -26.45
N ILE A 396 26.82 -24.01 -26.69
CA ILE A 396 26.78 -25.23 -25.89
C ILE A 396 26.21 -26.33 -26.78
N THR A 397 26.92 -27.46 -26.84
CA THR A 397 26.44 -28.56 -27.66
C THR A 397 25.18 -29.16 -27.05
N GLU A 398 24.48 -29.96 -27.86
CA GLU A 398 23.17 -30.46 -27.45
C GLU A 398 23.28 -31.44 -26.29
N GLU A 399 24.31 -32.28 -26.28
CA GLU A 399 24.40 -33.33 -25.27
C GLU A 399 24.58 -32.73 -23.88
N GLU A 400 25.32 -31.65 -23.75
CA GLU A 400 25.48 -31.03 -22.44
C GLU A 400 24.24 -30.22 -22.05
N LYS A 401 23.58 -29.58 -23.01
CA LYS A 401 22.29 -28.97 -22.74
C LYS A 401 21.31 -30.00 -22.19
N ARG A 402 21.40 -31.23 -22.68
CA ARG A 402 20.58 -32.31 -22.12
C ARG A 402 21.04 -32.64 -20.71
N GLU A 403 22.30 -33.04 -20.57
CA GLU A 403 22.78 -33.60 -19.31
C GLU A 403 22.73 -32.61 -18.16
N VAL A 404 22.69 -31.30 -18.45
CA VAL A 404 22.56 -30.32 -17.37
C VAL A 404 21.15 -30.28 -16.81
N THR A 405 20.20 -30.96 -17.45
CA THR A 405 18.81 -30.95 -17.01
C THR A 405 18.24 -32.37 -17.04
N GLY A 406 18.99 -33.33 -16.50
CA GLY A 406 18.56 -34.72 -16.66
C GLY A 406 18.86 -35.21 -18.06
N TRP A 407 17.94 -36.02 -18.60
CA TRP A 407 17.95 -36.41 -20.00
C TRP A 407 19.33 -36.94 -20.42
N PRO A 408 19.70 -38.15 -20.03
CA PRO A 408 21.09 -38.59 -20.17
C PRO A 408 21.63 -38.53 -21.58
N ALA A 409 21.00 -39.22 -22.53
CA ALA A 409 21.48 -39.25 -23.91
C ALA A 409 20.42 -39.80 -24.85
N PRO B 16 64.09 -26.63 -6.14
CA PRO B 16 62.80 -26.47 -5.46
C PRO B 16 62.90 -26.41 -3.94
N ALA B 17 62.29 -27.38 -3.26
CA ALA B 17 61.96 -27.24 -1.83
C ALA B 17 63.16 -26.88 -0.98
N PRO B 18 63.12 -25.79 -0.21
CA PRO B 18 64.32 -25.32 0.50
C PRO B 18 64.44 -25.84 1.92
N SER B 19 63.37 -26.45 2.44
CA SER B 19 63.31 -27.12 3.74
C SER B 19 63.44 -26.17 4.93
N ALA B 20 63.63 -24.86 4.73
CA ALA B 20 63.89 -23.92 5.81
C ALA B 20 62.83 -22.83 5.83
N ASN B 21 61.76 -23.07 6.58
CA ASN B 21 60.65 -22.12 6.70
C ASN B 21 60.84 -21.24 7.93
N PRO B 22 60.12 -20.12 8.00
CA PRO B 22 60.31 -19.20 9.14
C PRO B 22 59.45 -19.54 10.34
N ALA B 23 58.92 -20.76 10.41
CA ALA B 23 58.08 -21.15 11.53
C ALA B 23 58.87 -21.83 12.64
N LYS B 24 60.20 -21.85 12.54
CA LYS B 24 61.07 -22.36 13.60
C LYS B 24 61.06 -21.46 14.82
N ILE B 25 60.29 -20.36 14.79
CA ILE B 25 60.21 -19.41 15.88
C ILE B 25 59.58 -20.03 17.13
N PHE B 26 58.88 -21.15 16.97
CA PHE B 26 58.10 -21.71 18.07
C PHE B 26 58.63 -23.03 18.60
N ILE B 27 59.19 -23.88 17.74
CA ILE B 27 59.76 -25.16 18.18
C ILE B 27 60.98 -24.95 19.08
N ARG B 28 61.62 -23.79 18.99
CA ARG B 28 62.83 -23.52 19.76
C ARG B 28 62.61 -23.67 21.26
N ARG B 29 61.68 -22.90 21.81
CA ARG B 29 61.30 -22.83 23.21
C ARG B 29 59.80 -22.74 23.43
N PHE B 30 59.10 -21.98 22.56
CA PHE B 30 57.65 -21.86 22.68
C PHE B 30 56.98 -23.23 22.58
N PHE B 31 57.64 -24.19 21.93
CA PHE B 31 57.18 -25.57 21.88
C PHE B 31 58.33 -26.50 22.23
N SER B 32 58.06 -27.81 22.13
CA SER B 32 59.08 -28.83 22.32
C SER B 32 58.81 -29.98 21.36
N ALA B 33 59.88 -30.52 20.79
CA ALA B 33 59.74 -31.54 19.76
C ALA B 33 59.53 -32.92 20.38
N GLY B 34 59.04 -33.85 19.55
CA GLY B 34 58.81 -35.22 19.96
C GLY B 34 57.94 -35.37 21.19
N VAL B 35 56.73 -34.84 21.13
CA VAL B 35 55.80 -34.97 22.25
C VAL B 35 54.41 -35.41 21.84
N ALA B 36 54.05 -35.32 20.56
CA ALA B 36 52.73 -35.73 20.06
C ALA B 36 51.61 -34.95 20.77
N LYS B 37 51.68 -33.63 20.66
CA LYS B 37 50.66 -32.78 21.24
C LYS B 37 49.33 -32.95 20.52
N ASN B 38 48.24 -32.95 21.28
CA ASN B 38 46.91 -33.07 20.69
C ASN B 38 46.55 -31.79 19.95
N VAL B 39 45.59 -31.92 19.03
CA VAL B 39 45.29 -30.82 18.11
C VAL B 39 44.24 -29.85 18.63
N VAL B 40 43.41 -30.26 19.58
CA VAL B 40 42.33 -29.43 20.09
C VAL B 40 42.26 -29.56 21.60
N SER B 41 42.05 -28.43 22.27
CA SER B 41 41.89 -28.45 23.72
C SER B 41 40.66 -29.25 24.11
N TYR B 42 40.76 -29.94 25.25
CA TYR B 42 39.64 -30.75 25.72
C TYR B 42 38.38 -29.92 25.92
N SER B 43 38.53 -28.68 26.38
CA SER B 43 37.38 -27.79 26.52
C SER B 43 36.65 -27.63 25.20
N ASN B 44 37.41 -27.47 24.11
CA ASN B 44 36.78 -27.33 22.80
C ASN B 44 36.04 -28.60 22.40
N VAL B 45 36.60 -29.76 22.74
CA VAL B 45 35.93 -31.02 22.43
C VAL B 45 34.61 -31.13 23.17
N MET B 46 34.62 -30.81 24.47
CA MET B 46 33.38 -30.87 25.24
C MET B 46 32.37 -29.85 24.74
N ALA B 47 32.84 -28.67 24.33
CA ALA B 47 31.93 -27.65 23.83
C ALA B 47 31.27 -28.11 22.53
N ALA B 48 32.06 -28.69 21.62
CA ALA B 48 31.49 -29.22 20.40
C ALA B 48 30.56 -30.40 20.68
N GLN B 49 30.84 -31.14 21.76
CA GLN B 49 29.98 -32.27 22.10
C GLN B 49 28.62 -31.80 22.56
N ARG B 50 28.58 -30.95 23.60
CA ARG B 50 27.30 -30.50 24.11
C ARG B 50 26.61 -29.52 23.17
N ALA B 51 27.35 -28.93 22.22
CA ALA B 51 26.72 -28.12 21.20
C ALA B 51 25.99 -28.96 20.16
N MET B 52 26.19 -30.28 20.16
CA MET B 52 25.46 -31.15 19.25
C MET B 52 24.10 -31.55 19.80
N GLU B 53 23.81 -31.26 21.07
CA GLU B 53 22.51 -31.51 21.65
C GLU B 53 21.65 -30.25 21.74
N HIS B 54 22.29 -29.09 21.76
CA HIS B 54 21.55 -27.84 21.82
C HIS B 54 20.67 -27.71 20.58
N PRO B 55 19.45 -27.19 20.72
CA PRO B 55 18.54 -27.12 19.57
C PRO B 55 19.10 -26.31 18.40
N VAL B 56 19.40 -25.04 18.66
CA VAL B 56 19.79 -24.15 17.58
C VAL B 56 21.15 -24.55 17.01
N ALA B 57 22.10 -24.88 17.89
CA ALA B 57 23.43 -25.21 17.43
C ALA B 57 23.42 -26.47 16.57
N PHE B 58 22.67 -27.49 16.98
CA PHE B 58 22.59 -28.70 16.17
C PHE B 58 21.88 -28.44 14.86
N ARG B 59 20.79 -27.67 14.89
CA ARG B 59 20.10 -27.32 13.65
C ARG B 59 21.07 -26.68 12.66
N CYS B 60 21.82 -25.68 13.11
CA CYS B 60 22.74 -25.00 12.21
C CYS B 60 23.86 -25.92 11.74
N LEU B 61 24.39 -26.75 12.64
CA LEU B 61 25.50 -27.62 12.28
C LEU B 61 25.08 -28.63 11.22
N ASP B 62 23.96 -29.31 11.43
CA ASP B 62 23.56 -30.28 10.40
C ASP B 62 23.02 -29.59 9.17
N LYS B 63 22.58 -28.34 9.27
CA LYS B 63 22.25 -27.59 8.05
C LYS B 63 23.49 -27.40 7.18
N LEU B 64 24.58 -26.94 7.78
CA LEU B 64 25.84 -26.81 7.05
C LEU B 64 26.27 -28.16 6.49
N GLY B 65 26.22 -29.20 7.33
CA GLY B 65 26.63 -30.52 6.87
C GLY B 65 25.81 -31.02 5.69
N LEU B 66 24.49 -30.88 5.76
CA LEU B 66 23.63 -31.32 4.68
C LEU B 66 23.91 -30.55 3.41
N THR B 67 24.01 -29.22 3.51
CA THR B 67 24.26 -28.41 2.33
C THR B 67 25.56 -28.81 1.65
N VAL B 68 26.64 -28.99 2.42
CA VAL B 68 27.90 -29.37 1.82
C VAL B 68 27.82 -30.78 1.24
N GLN B 69 27.16 -31.68 1.96
CA GLN B 69 27.08 -33.09 1.56
C GLN B 69 26.36 -33.29 0.24
N SER B 70 25.63 -32.29 -0.24
CA SER B 70 24.84 -32.46 -1.45
C SER B 70 25.62 -32.26 -2.73
N VAL B 71 26.79 -31.66 -2.67
CA VAL B 71 27.49 -31.26 -3.88
C VAL B 71 28.23 -32.45 -4.45
N LYS B 72 28.38 -32.48 -5.78
CA LYS B 72 28.93 -33.62 -6.48
C LYS B 72 30.39 -33.37 -6.84
N TRP B 73 31.23 -34.38 -6.67
CA TRP B 73 32.65 -34.33 -6.97
C TRP B 73 32.95 -34.79 -8.38
N ASP B 74 34.17 -34.48 -8.82
CA ASP B 74 34.85 -35.12 -9.94
C ASP B 74 36.25 -34.52 -10.04
N VAL B 75 37.16 -35.28 -10.60
CA VAL B 75 38.49 -34.76 -10.93
C VAL B 75 38.44 -34.22 -12.34
N GLY B 76 39.19 -33.16 -12.60
CA GLY B 76 39.15 -32.53 -13.91
C GLY B 76 40.35 -31.67 -14.14
N LYS B 77 40.54 -31.30 -15.41
CA LYS B 77 41.62 -30.40 -15.79
C LYS B 77 41.47 -29.07 -15.07
N ASP B 78 42.59 -28.54 -14.57
CA ASP B 78 42.32 -27.28 -13.90
C ASP B 78 42.39 -26.12 -14.89
N PRO B 79 41.65 -25.04 -14.62
CA PRO B 79 41.68 -23.90 -15.56
C PRO B 79 43.03 -23.24 -15.67
N GLN B 80 43.68 -22.94 -14.55
CA GLN B 80 45.01 -22.32 -14.58
C GLN B 80 46.09 -23.38 -14.80
N ASN B 81 45.95 -24.08 -15.93
CA ASN B 81 46.91 -25.10 -16.33
C ASN B 81 48.00 -24.42 -17.17
N THR B 82 48.90 -23.75 -16.48
CA THR B 82 50.14 -23.30 -17.10
C THR B 82 51.15 -24.44 -17.21
N GLN B 83 50.99 -25.47 -16.39
CA GLN B 83 51.92 -26.60 -16.30
C GLN B 83 51.64 -27.54 -17.46
N VAL B 84 52.29 -27.26 -18.59
CA VAL B 84 52.13 -28.12 -19.76
C VAL B 84 52.68 -29.52 -19.48
N GLY B 85 53.63 -29.63 -18.57
CA GLY B 85 54.05 -30.93 -18.07
C GLY B 85 53.06 -31.46 -17.08
N ASP B 86 51.91 -31.92 -17.57
CA ASP B 86 50.78 -32.25 -16.71
C ASP B 86 51.17 -33.28 -15.65
N GLY B 87 50.74 -33.02 -14.42
CA GLY B 87 51.04 -33.85 -13.27
C GLY B 87 50.06 -34.96 -13.00
N GLY B 88 49.11 -35.21 -13.90
CA GLY B 88 48.28 -36.40 -13.80
C GLY B 88 49.12 -37.59 -14.18
N MET B 89 50.07 -37.92 -13.30
CA MET B 89 51.25 -38.73 -13.59
C MET B 89 50.99 -39.93 -14.49
N SER B 90 49.88 -40.62 -14.30
CA SER B 90 49.61 -41.85 -15.04
C SER B 90 48.38 -41.78 -15.93
N ALA B 91 47.39 -40.97 -15.58
CA ALA B 91 46.04 -40.96 -16.14
C ALA B 91 45.27 -42.23 -15.78
N SER B 92 45.92 -43.19 -15.13
CA SER B 92 45.24 -44.29 -14.45
C SER B 92 45.10 -44.03 -12.96
N GLN B 93 46.11 -43.40 -12.36
CA GLN B 93 45.94 -42.87 -11.01
C GLN B 93 44.77 -41.89 -10.96
N ARG B 94 44.56 -41.13 -12.03
CA ARG B 94 43.45 -40.19 -12.05
C ARG B 94 42.12 -40.91 -12.10
N LYS B 95 42.03 -41.99 -12.88
CA LYS B 95 40.81 -42.78 -12.89
C LYS B 95 40.56 -43.41 -11.52
N ALA B 96 41.62 -43.90 -10.88
CA ALA B 96 41.47 -44.47 -9.55
C ALA B 96 41.02 -43.42 -8.54
N LEU B 97 41.55 -42.20 -8.67
CA LEU B 97 41.15 -41.13 -7.76
C LEU B 97 39.71 -40.74 -7.97
N GLN B 98 39.25 -40.73 -9.24
CA GLN B 98 37.83 -40.53 -9.50
C GLN B 98 37.00 -41.61 -8.81
N GLN B 99 37.37 -42.87 -9.03
CA GLN B 99 36.68 -43.99 -8.38
C GLN B 99 36.58 -43.78 -6.89
N ILE B 100 37.70 -43.43 -6.25
CA ILE B 100 37.73 -43.31 -4.80
C ILE B 100 36.92 -42.09 -4.35
N LEU B 101 36.97 -41.00 -5.10
CA LEU B 101 36.18 -39.84 -4.76
C LEU B 101 34.69 -40.13 -4.82
N GLN B 102 34.28 -41.07 -5.67
CA GLN B 102 32.89 -41.47 -5.66
C GLN B 102 32.61 -42.61 -4.69
N ARG B 103 33.58 -43.49 -4.47
CA ARG B 103 33.46 -44.56 -3.49
C ARG B 103 34.73 -44.65 -2.67
N PRO B 104 34.77 -44.01 -1.52
CA PRO B 104 35.88 -44.19 -0.59
C PRO B 104 35.81 -45.56 0.06
N ASN B 105 36.60 -45.76 1.12
CA ASN B 105 36.63 -47.00 1.89
C ASN B 105 35.26 -47.64 2.02
N PRO B 106 35.16 -48.96 1.88
CA PRO B 106 33.86 -49.64 2.00
C PRO B 106 33.12 -49.25 3.27
N THR B 107 31.80 -49.42 3.25
CA THR B 107 30.91 -49.02 4.34
C THR B 107 30.96 -47.51 4.60
N MET B 108 31.24 -46.73 3.57
CA MET B 108 31.13 -45.28 3.61
C MET B 108 31.22 -44.73 2.20
N SER B 109 30.30 -43.82 1.86
CA SER B 109 30.22 -43.22 0.54
C SER B 109 30.83 -41.83 0.56
N GLY B 110 31.03 -41.28 -0.64
CA GLY B 110 31.63 -39.97 -0.73
C GLY B 110 30.81 -38.89 -0.06
N ALA B 111 29.49 -39.01 -0.13
CA ALA B 111 28.61 -38.02 0.49
C ALA B 111 28.83 -37.96 1.99
N GLN B 112 28.92 -39.12 2.64
CA GLN B 112 29.15 -39.12 4.08
C GLN B 112 30.53 -38.61 4.42
N LEU B 113 31.52 -38.83 3.55
CA LEU B 113 32.83 -38.24 3.75
C LEU B 113 32.73 -36.73 3.75
N ARG B 114 32.04 -36.16 2.76
CA ARG B 114 31.86 -34.72 2.70
C ARG B 114 31.15 -34.21 3.95
N TYR B 115 30.11 -34.92 4.39
CA TYR B 115 29.35 -34.48 5.56
C TYR B 115 30.22 -34.45 6.80
N SER B 116 30.93 -35.55 7.07
CA SER B 116 31.78 -35.60 8.26
C SER B 116 32.89 -34.56 8.19
N ALA B 117 33.48 -34.37 7.00
CA ALA B 117 34.56 -33.41 6.86
C ALA B 117 34.07 -32.00 7.14
N ALA B 118 32.96 -31.61 6.53
CA ALA B 118 32.44 -30.27 6.74
C ALA B 118 32.02 -30.06 8.19
N LEU B 119 31.43 -31.08 8.80
CA LEU B 119 31.01 -30.95 10.19
C LEU B 119 32.20 -30.74 11.11
N SER B 120 33.23 -31.58 10.98
CA SER B 120 34.41 -31.41 11.83
C SER B 120 35.13 -30.10 11.53
N TRP B 121 35.07 -29.64 10.28
CA TRP B 121 35.65 -28.34 9.96
C TRP B 121 34.90 -27.21 10.66
N ALA B 122 33.59 -27.33 10.75
CA ALA B 122 32.81 -26.29 11.41
C ALA B 122 33.02 -26.30 12.92
N CYS B 123 33.15 -27.49 13.50
CA CYS B 123 33.26 -27.56 14.96
C CYS B 123 34.65 -27.20 15.45
N PHE B 124 35.70 -27.71 14.80
CA PHE B 124 37.06 -27.53 15.31
C PHE B 124 37.96 -26.72 14.39
N GLY B 125 37.57 -26.48 13.15
CA GLY B 125 38.47 -25.79 12.24
C GLY B 125 39.60 -26.65 11.75
N ARG B 126 39.42 -27.96 11.71
CA ARG B 126 40.43 -28.87 11.24
C ARG B 126 39.79 -29.95 10.38
N MET B 127 40.58 -30.53 9.49
CA MET B 127 40.16 -31.62 8.64
C MET B 127 41.32 -32.59 8.50
N ALA B 128 41.09 -33.87 8.80
CA ALA B 128 42.15 -34.86 8.74
C ALA B 128 41.67 -36.08 7.97
N PHE B 129 42.62 -36.78 7.34
CA PHE B 129 42.29 -37.90 6.47
C PHE B 129 43.44 -38.89 6.47
N LYS B 130 43.24 -40.02 5.79
CA LYS B 130 44.26 -41.05 5.66
C LYS B 130 44.06 -41.76 4.33
N VAL B 131 45.16 -41.98 3.61
CA VAL B 131 45.12 -42.58 2.28
C VAL B 131 45.93 -43.86 2.29
N SER B 132 45.65 -44.72 1.32
CA SER B 132 46.26 -46.05 1.27
C SER B 132 46.77 -46.37 -0.14
N VAL B 133 47.49 -45.41 -0.74
CA VAL B 133 47.98 -45.59 -2.11
C VAL B 133 48.75 -46.90 -2.21
N MET B 134 48.42 -47.71 -3.23
CA MET B 134 48.91 -49.08 -3.28
C MET B 134 50.41 -49.19 -3.47
N SER B 135 50.91 -48.92 -4.69
CA SER B 135 52.35 -48.87 -4.88
C SER B 135 52.78 -47.84 -5.93
N ASP B 136 51.81 -47.25 -6.63
CA ASP B 136 52.13 -46.43 -7.80
C ASP B 136 51.25 -45.20 -7.84
N GLY B 137 51.07 -44.55 -6.69
CA GLY B 137 50.21 -43.39 -6.62
C GLY B 137 48.74 -43.69 -6.81
N SER B 138 48.36 -44.95 -6.96
CA SER B 138 46.97 -45.33 -7.10
C SER B 138 46.37 -45.43 -5.70
N VAL B 139 45.57 -44.43 -5.33
CA VAL B 139 44.97 -44.41 -4.00
C VAL B 139 43.99 -45.57 -3.87
N ASN B 140 44.05 -46.27 -2.74
CA ASN B 140 43.19 -47.42 -2.56
C ASN B 140 41.88 -47.05 -1.85
N ALA B 141 41.96 -46.24 -0.80
CA ALA B 141 40.79 -45.82 -0.05
C ALA B 141 41.20 -44.65 0.84
N ILE B 142 40.20 -43.90 1.30
CA ILE B 142 40.42 -42.73 2.14
C ILE B 142 39.55 -42.84 3.38
N TRP B 143 40.14 -42.55 4.54
CA TRP B 143 39.43 -42.59 5.80
C TRP B 143 39.50 -41.23 6.49
N PRO B 144 38.39 -40.74 7.02
CA PRO B 144 38.46 -39.54 7.86
C PRO B 144 38.99 -39.88 9.24
N LEU B 145 39.59 -38.87 9.87
CA LEU B 145 40.23 -39.02 11.16
C LEU B 145 39.45 -38.22 12.20
N GLY B 146 39.16 -38.84 13.33
CA GLY B 146 38.48 -38.14 14.40
C GLY B 146 39.37 -37.08 15.02
N ILE B 147 39.03 -35.81 14.80
CA ILE B 147 39.84 -34.71 15.34
C ILE B 147 39.98 -34.78 16.86
N PRO B 148 38.94 -35.10 17.65
CA PRO B 148 39.11 -35.06 19.10
C PRO B 148 40.31 -35.84 19.62
N PHE B 149 40.49 -37.08 19.18
CA PHE B 149 41.56 -37.93 19.67
C PHE B 149 42.64 -38.17 18.62
N LEU B 150 42.99 -37.15 17.86
CA LEU B 150 44.10 -37.20 16.93
C LEU B 150 45.21 -36.29 17.43
N LYS B 151 46.38 -36.85 17.67
CA LYS B 151 47.55 -36.12 18.10
C LYS B 151 48.59 -36.10 16.99
N GLN B 152 49.41 -35.06 16.97
CA GLN B 152 50.42 -34.90 15.94
C GLN B 152 51.74 -34.51 16.57
N LYS B 153 52.83 -34.85 15.87
CA LYS B 153 54.18 -34.60 16.35
C LYS B 153 54.94 -33.78 15.33
N PHE B 154 55.72 -32.83 15.81
CA PHE B 154 56.41 -31.86 14.98
C PHE B 154 57.84 -32.29 14.68
N ASP B 155 58.42 -31.64 13.68
CA ASP B 155 59.81 -31.85 13.32
C ASP B 155 60.70 -30.89 14.14
N ARG B 156 61.96 -30.78 13.74
CA ARG B 156 62.84 -29.79 14.34
C ARG B 156 62.77 -28.45 13.64
N TYR B 157 62.46 -28.41 12.35
CA TYR B 157 62.47 -27.12 11.65
C TYR B 157 61.17 -26.35 11.84
N GLY B 158 60.08 -26.79 11.20
CA GLY B 158 58.85 -26.04 11.32
C GLY B 158 57.51 -26.75 11.16
N ASP B 159 57.48 -28.06 11.06
CA ASP B 159 56.25 -28.70 10.57
C ASP B 159 56.08 -30.08 11.18
N VAL B 160 54.97 -30.70 10.83
CA VAL B 160 54.61 -32.02 11.36
C VAL B 160 55.32 -33.11 10.56
N GLU B 161 55.57 -34.23 11.22
CA GLU B 161 56.07 -35.42 10.55
C GLU B 161 55.13 -36.61 10.67
N SER B 162 54.49 -36.81 11.82
CA SER B 162 53.68 -37.99 12.02
C SER B 162 52.47 -37.64 12.86
N PHE B 163 51.44 -38.47 12.74
CA PHE B 163 50.19 -38.31 13.47
C PHE B 163 49.96 -39.54 14.34
N GLN B 164 49.71 -39.32 15.62
CA GLN B 164 49.35 -40.40 16.53
C GLN B 164 47.85 -40.38 16.73
N TYR B 165 47.22 -41.54 16.62
CA TYR B 165 45.77 -41.65 16.62
C TYR B 165 45.38 -42.67 17.70
N GLY B 166 44.97 -42.20 18.86
CA GLY B 166 44.66 -43.06 19.97
C GLY B 166 45.69 -42.97 21.09
N ASP B 167 45.28 -43.43 22.27
CA ASP B 167 46.12 -43.28 23.46
C ASP B 167 47.14 -44.40 23.61
N GLU B 168 46.70 -45.65 23.79
CA GLU B 168 47.71 -46.58 24.30
C GLU B 168 47.84 -47.90 23.55
N ALA B 169 46.74 -48.61 23.29
CA ALA B 169 46.86 -49.93 22.68
C ALA B 169 47.34 -49.83 21.25
N GLY B 170 46.49 -49.32 20.36
CA GLY B 170 46.89 -49.07 18.99
C GLY B 170 47.58 -47.73 18.89
N LYS B 171 48.74 -47.71 18.23
CA LYS B 171 49.64 -46.56 18.28
C LYS B 171 50.24 -46.25 16.92
N GLU B 172 49.44 -46.19 15.86
CA GLU B 172 50.00 -46.03 14.52
C GLU B 172 50.40 -44.57 14.31
N THR B 173 51.69 -44.35 14.13
CA THR B 173 52.23 -43.03 13.80
C THR B 173 52.23 -42.88 12.29
N ILE B 174 51.08 -42.54 11.74
CA ILE B 174 50.98 -42.38 10.29
C ILE B 174 51.87 -41.20 9.86
N PRO B 175 52.72 -41.35 8.85
CA PRO B 175 53.55 -40.24 8.42
C PRO B 175 52.74 -39.14 7.76
N SER B 176 53.25 -37.92 7.85
CA SER B 176 52.64 -36.80 7.16
C SER B 176 52.99 -36.85 5.68
N PHE B 177 52.29 -36.04 4.88
CA PHE B 177 52.57 -36.02 3.45
C PHE B 177 53.95 -35.45 3.15
N THR B 178 54.47 -34.60 4.04
CA THR B 178 55.79 -34.03 3.81
C THR B 178 56.86 -35.11 3.73
N LYS B 179 56.96 -35.94 4.77
CA LYS B 179 57.92 -37.03 4.79
C LYS B 179 57.16 -38.34 4.56
N VAL B 180 57.40 -38.95 3.41
CA VAL B 180 56.84 -40.24 3.08
C VAL B 180 57.60 -40.76 1.86
N GLU B 181 57.68 -42.07 1.69
CA GLU B 181 58.42 -42.62 0.56
C GLU B 181 57.75 -42.19 -0.73
N LYS B 182 58.37 -41.27 -1.45
CA LYS B 182 57.78 -40.71 -2.66
C LYS B 182 58.13 -41.56 -3.86
N ASN B 183 57.30 -41.44 -4.90
CA ASN B 183 57.62 -42.02 -6.19
C ASN B 183 58.70 -41.19 -6.87
N ASP B 184 59.28 -41.75 -7.93
CA ASP B 184 60.30 -41.01 -8.66
C ASP B 184 59.73 -39.76 -9.31
N LYS B 185 58.40 -39.68 -9.45
CA LYS B 185 57.74 -38.46 -9.89
C LYS B 185 57.43 -37.50 -8.75
N GLY B 186 57.17 -38.01 -7.55
CA GLY B 186 56.82 -37.15 -6.44
C GLY B 186 55.64 -37.68 -5.64
N ARG B 187 54.84 -38.54 -6.25
CA ARG B 187 53.70 -39.12 -5.55
C ARG B 187 54.18 -40.04 -4.44
N PRO B 188 53.43 -40.14 -3.34
CA PRO B 188 53.82 -41.04 -2.25
C PRO B 188 53.66 -42.50 -2.63
N ILE B 189 54.22 -43.36 -1.79
CA ILE B 189 54.11 -44.80 -1.98
C ILE B 189 53.41 -45.50 -0.82
N LYS B 190 53.45 -44.94 0.39
CA LYS B 190 52.82 -45.54 1.56
C LYS B 190 51.74 -44.60 2.09
N ASN B 191 51.11 -45.01 3.19
CA ASN B 191 50.01 -44.25 3.77
C ASN B 191 50.48 -42.91 4.31
N TYR B 192 49.54 -41.99 4.48
CA TYR B 192 49.83 -40.68 5.05
C TYR B 192 48.54 -40.01 5.49
N ALA B 193 48.66 -38.78 6.01
CA ALA B 193 47.53 -38.04 6.55
C ALA B 193 47.63 -36.59 6.10
N PHE B 194 46.56 -35.81 6.32
CA PHE B 194 46.47 -34.46 5.77
C PHE B 194 46.54 -33.38 6.85
N MET B 195 45.59 -33.36 7.78
CA MET B 195 45.43 -32.28 8.75
C MET B 195 45.35 -30.91 8.05
N ILE B 196 44.26 -30.74 7.30
CA ILE B 196 43.94 -29.42 6.76
C ILE B 196 43.55 -28.49 7.90
N VAL B 197 44.14 -27.29 7.93
CA VAL B 197 43.98 -26.37 9.04
C VAL B 197 43.51 -25.02 8.54
N LYS B 198 42.68 -24.35 9.37
CA LYS B 198 42.16 -23.01 9.12
C LYS B 198 43.05 -21.97 9.77
N PRO B 199 43.48 -20.94 9.04
CA PRO B 199 44.44 -19.99 9.60
C PRO B 199 43.81 -19.11 10.67
N SER B 200 44.68 -18.40 11.38
CA SER B 200 44.26 -17.45 12.41
C SER B 200 45.31 -16.35 12.50
N ILE B 201 45.19 -15.52 13.54
CA ILE B 201 46.10 -14.40 13.74
C ILE B 201 47.46 -14.96 14.13
N ASN B 202 48.47 -14.08 14.15
CA ASN B 202 49.82 -14.40 14.64
C ASN B 202 50.39 -15.67 13.98
N GLY B 203 49.95 -15.96 12.77
CA GLY B 203 50.47 -17.08 12.01
C GLY B 203 50.45 -18.39 12.77
N ALA B 204 51.64 -18.91 13.07
CA ALA B 204 51.81 -20.16 13.80
C ALA B 204 51.04 -21.29 13.14
N MET B 205 51.34 -21.49 11.84
CA MET B 205 50.52 -22.25 10.91
C MET B 205 49.87 -23.49 11.52
N ASN B 206 50.62 -24.24 12.34
CA ASN B 206 50.05 -25.38 13.04
C ASN B 206 50.10 -25.23 14.55
N PHE B 207 50.97 -24.39 15.08
CA PHE B 207 51.09 -24.17 16.51
C PHE B 207 50.05 -23.19 17.03
N ASP B 208 49.11 -22.78 16.18
CA ASP B 208 48.14 -21.76 16.50
C ASP B 208 46.88 -22.35 17.15
N VAL B 209 46.02 -21.45 17.62
CA VAL B 209 44.79 -21.86 18.28
C VAL B 209 43.69 -22.04 17.23
N GLN B 210 42.78 -22.98 17.49
CA GLN B 210 41.69 -23.24 16.56
C GLN B 210 40.92 -21.96 16.27
N ASN B 211 40.26 -21.94 15.11
CA ASN B 211 39.47 -20.80 14.66
C ASN B 211 38.11 -21.35 14.27
N THR B 212 37.20 -21.42 15.23
CA THR B 212 35.91 -22.04 15.06
C THR B 212 34.81 -21.13 15.59
N PRO B 213 33.61 -21.20 15.02
CA PRO B 213 32.50 -20.41 15.55
C PRO B 213 32.19 -20.69 17.01
N LEU B 214 32.46 -21.90 17.49
CA LEU B 214 32.21 -22.23 18.89
C LEU B 214 33.00 -21.37 19.85
N GLN B 215 33.99 -20.61 19.36
CA GLN B 215 34.75 -19.74 20.24
C GLN B 215 33.88 -18.63 20.80
N ALA B 216 32.96 -18.10 19.99
CA ALA B 216 32.32 -16.83 20.28
C ALA B 216 30.82 -16.99 20.54
N ILE B 217 30.38 -18.19 20.91
CA ILE B 217 28.96 -18.39 21.16
C ILE B 217 28.72 -19.04 22.51
N GLY B 218 29.75 -19.05 23.37
CA GLY B 218 29.56 -19.55 24.72
C GLY B 218 28.54 -18.74 25.50
N VAL B 219 28.67 -17.41 25.44
CA VAL B 219 27.73 -16.53 26.13
C VAL B 219 26.30 -16.74 25.64
N PRO B 220 25.99 -16.69 24.35
CA PRO B 220 24.60 -16.85 23.94
C PRO B 220 24.04 -18.24 24.21
N VAL B 221 24.84 -19.29 24.06
CA VAL B 221 24.30 -20.63 24.31
C VAL B 221 24.02 -20.81 25.80
N ALA B 222 24.88 -20.26 26.67
CA ALA B 222 24.60 -20.35 28.10
C ALA B 222 23.37 -19.55 28.47
N LEU B 223 23.21 -18.36 27.89
CA LEU B 223 22.03 -17.56 28.17
C LEU B 223 20.76 -18.26 27.70
N TYR B 224 20.81 -18.86 26.51
CA TYR B 224 19.67 -19.60 25.99
C TYR B 224 19.28 -20.73 26.92
N ASP B 225 20.27 -21.51 27.36
CA ASP B 225 19.97 -22.62 28.25
C ASP B 225 19.40 -22.14 29.57
N ALA B 226 19.91 -21.03 30.10
CA ALA B 226 19.36 -20.50 31.34
C ALA B 226 17.90 -20.10 31.18
N LEU B 227 17.58 -19.39 30.09
CA LEU B 227 16.20 -18.98 29.87
C LEU B 227 15.27 -20.18 29.71
N MET B 228 15.71 -21.19 28.96
CA MET B 228 14.86 -22.36 28.75
C MET B 228 14.67 -23.15 30.04
N ALA B 229 15.70 -23.21 30.89
CA ALA B 229 15.53 -23.88 32.18
C ALA B 229 14.54 -23.13 33.05
N ARG B 230 14.61 -21.79 33.06
CA ARG B 230 13.60 -21.02 33.77
C ARG B 230 12.21 -21.34 33.24
N ALA B 231 12.06 -21.42 31.92
CA ALA B 231 10.75 -21.69 31.34
C ALA B 231 10.22 -23.04 31.78
N ILE B 232 11.05 -24.08 31.69
CA ILE B 232 10.61 -25.41 32.10
C ILE B 232 10.20 -25.41 33.57
N ASP B 233 11.05 -24.86 34.43
CA ASP B 233 10.73 -24.85 35.85
C ASP B 233 9.41 -24.14 36.13
N SER B 234 9.19 -23.00 35.49
CA SER B 234 7.97 -22.26 35.75
C SER B 234 6.74 -22.87 35.08
N ALA B 235 6.92 -23.75 34.10
CA ALA B 235 5.78 -24.36 33.45
C ALA B 235 5.02 -25.26 34.39
N ASP B 236 5.72 -26.14 35.10
CA ASP B 236 5.15 -26.99 36.13
C ASP B 236 5.68 -26.54 37.48
N GLY B 237 4.79 -26.04 38.32
CA GLY B 237 5.19 -25.41 39.56
C GLY B 237 4.36 -24.19 39.85
N THR B 238 3.87 -23.53 38.80
CA THR B 238 2.94 -22.43 38.98
C THR B 238 1.52 -22.96 39.02
N PRO B 239 0.78 -22.77 40.11
CA PRO B 239 -0.59 -23.27 40.17
C PRO B 239 -1.43 -22.73 39.03
N ASN B 240 -2.16 -23.64 38.38
CA ASN B 240 -2.94 -23.27 37.19
C ASN B 240 -4.40 -23.06 37.52
N SER B 241 -4.71 -22.81 38.78
CA SER B 241 -6.08 -22.61 39.22
C SER B 241 -6.46 -21.13 39.19
N LYS B 242 -7.73 -20.88 38.98
CA LYS B 242 -8.34 -19.56 39.09
C LYS B 242 -9.28 -19.55 40.28
N TRP B 243 -9.90 -18.40 40.53
CA TRP B 243 -10.94 -18.27 41.54
C TRP B 243 -10.43 -18.67 42.93
N LEU B 244 -9.50 -17.88 43.44
CA LEU B 244 -9.11 -18.04 44.84
C LEU B 244 -10.23 -17.44 45.68
N VAL B 245 -11.19 -18.27 46.05
CA VAL B 245 -12.37 -17.85 46.79
C VAL B 245 -12.15 -18.14 48.27
N THR B 246 -12.50 -17.17 49.12
CA THR B 246 -12.28 -17.27 50.55
C THR B 246 -13.53 -16.84 51.32
N ALA B 247 -13.95 -17.67 52.26
CA ALA B 247 -15.06 -17.36 53.14
C ALA B 247 -14.53 -16.70 54.42
N SER B 248 -15.40 -16.52 55.41
CA SER B 248 -15.04 -15.85 56.65
C SER B 248 -14.88 -16.87 57.78
N ARG B 249 -14.40 -16.39 58.93
CA ARG B 249 -14.21 -17.24 60.10
C ARG B 249 -15.48 -17.34 60.92
N ASP B 250 -16.62 -17.07 60.32
CA ASP B 250 -17.91 -17.35 60.95
C ASP B 250 -18.80 -17.89 59.83
N LEU B 251 -18.70 -19.19 59.60
CA LEU B 251 -19.55 -19.80 58.58
C LEU B 251 -19.97 -21.23 58.91
N ASP B 252 -19.78 -21.69 60.14
CA ASP B 252 -20.25 -23.03 60.49
C ASP B 252 -19.65 -24.08 59.56
N ASP B 253 -18.37 -24.38 59.72
CA ASP B 253 -17.66 -25.17 58.74
C ASP B 253 -18.39 -26.51 58.60
N GLY B 254 -19.10 -26.66 57.49
CA GLY B 254 -20.17 -27.62 57.37
C GLY B 254 -21.31 -27.10 56.52
N GLN B 255 -21.46 -25.77 56.47
CA GLN B 255 -22.12 -25.12 55.35
C GLN B 255 -21.15 -24.35 54.48
N ALA B 256 -19.93 -24.12 54.97
CA ALA B 256 -18.86 -23.73 54.07
C ALA B 256 -18.62 -24.79 53.01
N LYS B 257 -18.69 -26.06 53.41
CA LYS B 257 -18.58 -27.14 52.43
C LYS B 257 -19.73 -27.09 51.43
N GLU B 258 -20.92 -26.72 51.89
CA GLU B 258 -22.06 -26.58 50.99
C GLU B 258 -21.82 -25.46 49.99
N VAL B 259 -21.29 -24.33 50.45
CA VAL B 259 -20.96 -23.23 49.54
C VAL B 259 -19.89 -23.67 48.54
N LYS B 260 -18.90 -24.44 49.00
CA LYS B 260 -17.86 -24.91 48.10
C LYS B 260 -18.44 -25.84 47.03
N GLU B 261 -19.32 -26.74 47.43
CA GLU B 261 -19.94 -27.63 46.46
C GLU B 261 -20.81 -26.86 45.47
N GLY B 262 -21.49 -25.82 45.95
CA GLY B 262 -22.26 -24.98 45.05
C GLY B 262 -21.39 -24.30 44.02
N ILE B 263 -20.27 -23.73 44.46
CA ILE B 263 -19.34 -23.08 43.53
C ILE B 263 -18.75 -24.09 42.56
N GLU B 264 -18.43 -25.28 43.07
CA GLU B 264 -17.72 -26.26 42.27
C GLU B 264 -18.62 -26.92 41.24
N GLU B 265 -19.88 -27.20 41.60
CA GLU B 265 -20.71 -27.97 40.69
C GLU B 265 -21.32 -27.07 39.62
N THR B 266 -20.50 -26.21 39.02
CA THR B 266 -20.87 -25.50 37.82
C THR B 266 -19.86 -25.72 36.72
N LYS B 267 -18.86 -26.57 36.96
CA LYS B 267 -17.94 -26.96 35.91
C LYS B 267 -18.71 -27.55 34.73
N PRO B 268 -18.14 -27.52 33.54
CA PRO B 268 -18.79 -28.19 32.41
C PRO B 268 -19.08 -29.65 32.73
N GLY B 269 -20.34 -30.04 32.65
CA GLY B 269 -20.73 -31.38 33.03
C GLY B 269 -20.95 -31.50 34.52
N GLY B 270 -21.76 -30.60 35.07
CA GLY B 270 -22.16 -30.66 36.46
C GLY B 270 -23.68 -30.58 36.58
N ASP B 271 -24.14 -30.68 37.82
CA ASP B 271 -25.58 -30.63 38.07
C ASP B 271 -26.19 -29.33 37.57
N ASN B 272 -25.79 -28.21 38.17
CA ASN B 272 -26.19 -26.89 37.69
C ASN B 272 -24.95 -26.25 37.05
N GLY B 273 -24.77 -26.51 35.76
CA GLY B 273 -23.64 -26.01 35.03
C GLY B 273 -24.00 -24.78 34.22
N GLY B 274 -23.36 -23.67 34.56
CA GLY B 274 -23.57 -22.42 33.85
C GLY B 274 -24.55 -21.47 34.49
N GLU B 275 -25.21 -21.86 35.57
CA GLU B 275 -26.18 -21.00 36.20
C GLU B 275 -25.50 -20.17 37.29
N ILE B 276 -26.24 -19.20 37.82
CA ILE B 276 -25.68 -18.24 38.78
C ILE B 276 -25.31 -18.92 40.08
N ILE B 277 -24.58 -18.23 40.94
CA ILE B 277 -24.35 -18.64 42.32
C ILE B 277 -25.11 -17.67 43.20
N PHE B 278 -25.99 -18.21 44.05
CA PHE B 278 -26.71 -17.40 45.01
C PHE B 278 -26.24 -17.75 46.42
N ILE B 279 -25.77 -16.73 47.13
CA ILE B 279 -25.29 -16.89 48.50
C ILE B 279 -26.16 -16.02 49.40
N ALA B 280 -26.90 -16.65 50.30
CA ALA B 280 -27.75 -15.93 51.23
C ALA B 280 -26.95 -15.62 52.49
N GLY B 281 -26.62 -14.35 52.68
CA GLY B 281 -25.85 -13.93 53.83
C GLY B 281 -24.41 -14.39 53.80
N THR B 282 -23.59 -13.84 54.68
CA THR B 282 -22.19 -14.23 54.81
C THR B 282 -21.44 -14.10 53.49
N ASP B 283 -21.29 -12.84 53.07
CA ASP B 283 -20.65 -12.52 51.81
C ASP B 283 -19.29 -13.20 51.63
N VAL B 284 -19.19 -14.06 50.64
CA VAL B 284 -17.93 -14.68 50.26
C VAL B 284 -17.29 -13.79 49.21
N LYS B 285 -15.97 -13.88 49.08
CA LYS B 285 -15.21 -12.95 48.24
C LYS B 285 -14.29 -13.72 47.32
N VAL B 286 -14.54 -13.61 46.02
CA VAL B 286 -13.75 -14.27 45.00
C VAL B 286 -12.84 -13.26 44.32
N GLN B 287 -11.63 -13.69 44.02
CA GLN B 287 -10.73 -12.92 43.17
C GLN B 287 -10.18 -13.86 42.11
N GLU B 288 -10.16 -13.39 40.86
CA GLU B 288 -9.73 -14.22 39.75
C GLU B 288 -8.25 -13.98 39.50
N MET B 289 -7.47 -15.07 39.56
CA MET B 289 -6.04 -14.96 39.33
C MET B 289 -5.75 -14.78 37.86
N LYS B 290 -4.76 -13.94 37.56
CA LYS B 290 -4.40 -13.69 36.16
C LYS B 290 -3.72 -14.90 35.55
N ASN B 291 -2.64 -15.36 36.18
CA ASN B 291 -1.82 -16.46 35.67
C ASN B 291 -1.43 -16.21 34.22
N ASP B 292 -0.66 -15.14 34.03
CA ASP B 292 -0.27 -14.70 32.69
C ASP B 292 0.43 -15.81 31.93
N LEU B 293 1.62 -16.20 32.40
CA LEU B 293 2.31 -17.39 31.94
C LEU B 293 2.55 -17.36 30.42
N SER B 294 2.54 -16.17 29.82
CA SER B 294 2.67 -16.03 28.38
C SER B 294 4.04 -15.49 27.98
N ASP B 295 4.97 -15.39 28.92
CA ASP B 295 6.33 -14.97 28.60
C ASP B 295 7.35 -15.80 29.37
N ILE B 296 7.05 -17.07 29.63
CA ILE B 296 7.92 -17.87 30.47
C ILE B 296 9.28 -18.07 29.81
N HIS B 297 9.31 -18.18 28.49
CA HIS B 297 10.60 -18.37 27.83
C HIS B 297 11.32 -17.07 27.52
N SER B 298 10.71 -15.91 27.81
CA SER B 298 11.31 -14.61 27.51
C SER B 298 11.58 -14.50 26.01
N LYS B 299 10.49 -14.39 25.26
CA LYS B 299 10.58 -14.45 23.80
C LYS B 299 11.57 -13.45 23.23
N VAL B 300 11.62 -12.25 23.79
CA VAL B 300 12.46 -11.20 23.21
C VAL B 300 13.94 -11.49 23.50
N PRO B 301 14.36 -11.69 24.76
CA PRO B 301 15.77 -12.04 24.96
C PRO B 301 16.04 -13.52 24.81
N LEU B 302 15.42 -14.15 23.82
CA LEU B 302 15.73 -15.50 23.40
C LEU B 302 15.95 -15.59 21.91
N ASP B 303 15.06 -14.98 21.12
CA ASP B 303 15.27 -14.91 19.69
C ASP B 303 16.56 -14.18 19.37
N ASP B 304 16.98 -13.25 20.23
CA ASP B 304 18.25 -12.57 19.99
C ASP B 304 19.42 -13.52 20.14
N GLN B 305 19.40 -14.37 21.17
CA GLN B 305 20.47 -15.36 21.31
C GLN B 305 20.45 -16.35 20.16
N ALA B 306 19.26 -16.72 19.70
CA ALA B 306 19.16 -17.59 18.54
C ALA B 306 19.75 -16.93 17.31
N ARG B 307 19.41 -15.65 17.08
CA ARG B 307 19.96 -14.93 15.94
C ARG B 307 21.47 -14.85 16.04
N THR B 308 22.01 -14.66 17.24
CA THR B 308 23.45 -14.54 17.39
C THR B 308 24.15 -15.85 17.08
N ILE B 309 23.70 -16.95 17.71
CA ILE B 309 24.35 -18.24 17.44
C ILE B 309 23.98 -18.81 16.10
N ALA B 310 23.09 -18.16 15.35
CA ALA B 310 22.89 -18.54 13.97
C ALA B 310 23.79 -17.74 13.03
N GLY B 311 23.85 -16.42 13.24
CA GLY B 311 24.69 -15.58 12.40
C GLY B 311 26.16 -15.86 12.57
N ASN B 312 26.58 -16.27 13.77
CA ASN B 312 27.98 -16.61 13.97
C ASN B 312 28.37 -17.84 13.16
N PHE B 313 27.42 -18.69 12.83
CA PHE B 313 27.66 -19.80 11.92
C PHE B 313 27.52 -19.38 10.45
N GLY B 314 27.09 -18.15 10.20
CA GLY B 314 26.91 -17.67 8.85
C GLY B 314 25.70 -18.26 8.18
N ILE B 315 24.52 -17.99 8.73
CA ILE B 315 23.27 -18.46 8.16
C ILE B 315 22.27 -17.31 8.17
N PRO B 316 21.80 -16.86 7.02
CA PRO B 316 20.77 -15.81 7.00
C PRO B 316 19.59 -16.19 7.87
N ILE B 317 19.15 -15.23 8.70
CA ILE B 317 18.09 -15.50 9.67
C ILE B 317 16.86 -16.07 9.00
N ALA B 318 16.54 -15.56 7.80
CA ALA B 318 15.33 -15.97 7.10
C ALA B 318 15.24 -17.47 6.91
N LEU B 319 16.39 -18.14 6.78
CA LEU B 319 16.37 -19.59 6.60
C LEU B 319 15.71 -20.32 7.75
N LEU B 320 15.64 -19.71 8.92
CA LEU B 320 15.12 -20.39 10.11
C LEU B 320 14.14 -19.50 10.87
N TYR B 334 13.03 -14.22 -0.20
CA TYR B 334 13.36 -15.48 0.44
C TYR B 334 14.43 -16.23 -0.34
N ASP B 335 14.09 -16.62 -1.57
CA ASP B 335 15.03 -17.36 -2.40
C ASP B 335 16.35 -16.61 -2.60
N GLU B 336 16.30 -15.28 -2.62
CA GLU B 336 17.52 -14.49 -2.65
C GLU B 336 18.39 -14.83 -1.45
N SER B 337 17.78 -15.02 -0.28
CA SER B 337 18.54 -15.36 0.91
C SER B 337 19.13 -16.77 0.82
N ARG B 338 18.43 -17.69 0.15
CA ARG B 338 19.01 -19.01 -0.08
C ARG B 338 20.23 -18.92 -0.99
N LYS B 339 20.12 -18.14 -2.07
CA LYS B 339 21.28 -17.90 -2.93
C LYS B 339 22.43 -17.30 -2.13
N ALA B 340 22.12 -16.38 -1.22
CA ALA B 340 23.16 -15.74 -0.42
C ALA B 340 23.84 -16.76 0.49
N PHE B 341 23.05 -17.56 1.20
CA PHE B 341 23.62 -18.59 2.05
C PHE B 341 24.47 -19.56 1.24
N PHE B 342 24.14 -19.77 -0.02
CA PHE B 342 24.93 -20.70 -0.82
C PHE B 342 26.24 -20.09 -1.27
N GLU B 343 26.21 -18.93 -1.89
CA GLU B 343 27.42 -18.35 -2.47
C GLU B 343 28.06 -17.30 -1.58
N ASP B 344 27.81 -17.33 -0.28
CA ASP B 344 28.48 -16.43 0.64
C ASP B 344 29.18 -17.13 1.79
N THR B 345 28.67 -18.25 2.27
CA THR B 345 29.27 -18.92 3.41
C THR B 345 29.55 -20.39 3.13
N ILE B 346 28.71 -21.03 2.33
CA ILE B 346 28.94 -22.42 1.98
C ILE B 346 30.02 -22.53 0.92
N GLU B 347 29.92 -21.70 -0.13
CA GLU B 347 30.90 -21.78 -1.20
C GLU B 347 32.27 -21.34 -0.72
N PRO B 348 32.48 -20.09 -0.27
CA PRO B 348 33.81 -19.73 0.20
C PRO B 348 34.06 -19.96 1.69
N GLY B 349 33.55 -21.03 2.28
CA GLY B 349 33.99 -21.33 3.63
C GLY B 349 34.10 -22.80 3.96
N TYR B 350 33.57 -23.62 3.09
CA TYR B 350 33.63 -25.07 3.22
C TYR B 350 34.02 -25.73 1.92
N LEU B 351 33.63 -25.16 0.79
CA LEU B 351 33.88 -25.77 -0.50
C LEU B 351 35.29 -25.47 -0.99
N THR B 352 35.66 -24.18 -1.04
CA THR B 352 37.01 -23.83 -1.48
C THR B 352 38.10 -24.39 -0.56
N PRO B 353 37.99 -24.34 0.77
CA PRO B 353 39.09 -24.91 1.57
C PRO B 353 39.23 -26.40 1.38
N LEU B 354 38.11 -27.11 1.31
CA LEU B 354 38.17 -28.56 1.15
C LEU B 354 38.74 -28.93 -0.21
N GLU B 355 38.27 -28.29 -1.28
CA GLU B 355 38.75 -28.65 -2.60
C GLU B 355 40.21 -28.23 -2.79
N ASP B 356 40.62 -27.11 -2.20
CA ASP B 356 42.02 -26.72 -2.31
C ASP B 356 42.91 -27.62 -1.48
N GLY B 357 42.44 -28.08 -0.32
CA GLY B 357 43.21 -29.02 0.46
C GLY B 357 43.41 -30.33 -0.26
N PHE B 358 42.32 -30.88 -0.82
CA PHE B 358 42.47 -32.11 -1.58
C PHE B 358 43.36 -31.92 -2.80
N SER B 359 43.11 -30.85 -3.58
CA SER B 359 43.91 -30.62 -4.77
C SER B 359 45.37 -30.42 -4.44
N MET B 360 45.66 -29.87 -3.26
CA MET B 360 47.05 -29.57 -2.94
C MET B 360 47.89 -30.83 -2.86
N PHE B 361 47.44 -31.82 -2.07
CA PHE B 361 48.11 -33.12 -2.10
C PHE B 361 47.06 -34.24 -2.15
N LEU B 362 46.52 -34.46 -3.34
CA LEU B 362 45.97 -35.72 -3.79
C LEU B 362 46.27 -36.01 -5.24
N CYS B 363 46.71 -35.03 -6.02
CA CYS B 363 46.99 -35.20 -7.44
C CYS B 363 48.04 -34.18 -7.85
N GLY B 364 48.69 -34.45 -8.97
CA GLY B 364 49.71 -33.56 -9.48
C GLY B 364 49.11 -32.31 -10.09
N ALA B 365 49.99 -31.39 -10.49
CA ALA B 365 49.56 -30.16 -11.13
C ALA B 365 48.86 -30.48 -12.45
N GLY B 366 48.14 -29.47 -12.97
CA GLY B 366 47.35 -29.65 -14.16
C GLY B 366 46.01 -30.32 -13.94
N TYR B 367 45.87 -31.11 -12.88
CA TYR B 367 44.60 -31.74 -12.55
C TYR B 367 44.34 -31.58 -11.06
N ARG B 368 43.07 -31.46 -10.71
CA ARG B 368 42.71 -31.20 -9.33
C ARG B 368 41.22 -31.48 -9.15
N VAL B 369 40.81 -31.61 -7.90
CA VAL B 369 39.43 -31.97 -7.60
C VAL B 369 38.55 -30.73 -7.76
N ILE B 370 37.44 -30.90 -8.45
CA ILE B 370 36.47 -29.84 -8.70
C ILE B 370 35.09 -30.40 -8.38
N PHE B 371 34.17 -29.51 -8.02
CA PHE B 371 32.78 -29.89 -7.84
C PHE B 371 31.90 -29.00 -8.71
N ASP B 372 30.87 -29.61 -9.30
CA ASP B 372 30.03 -28.93 -10.28
C ASP B 372 29.04 -28.02 -9.56
N ARG B 373 29.15 -26.71 -9.79
CA ARG B 373 28.23 -25.77 -9.18
C ARG B 373 26.81 -25.98 -9.68
N ASP B 374 26.65 -26.39 -10.94
CA ASP B 374 25.31 -26.62 -11.47
C ASP B 374 24.62 -27.82 -10.85
N SER B 375 25.29 -28.55 -9.96
CA SER B 375 24.63 -29.56 -9.16
C SER B 375 23.90 -28.97 -7.96
N ILE B 376 24.14 -27.70 -7.65
CA ILE B 376 23.41 -27.04 -6.58
C ILE B 376 22.05 -26.59 -7.10
N PRO B 377 20.94 -27.02 -6.48
CA PRO B 377 19.62 -26.69 -7.05
C PRO B 377 19.25 -25.24 -6.93
N ALA B 378 19.88 -24.47 -6.04
CA ALA B 378 19.47 -23.08 -5.86
C ALA B 378 20.06 -22.15 -6.92
N LEU B 379 21.16 -22.55 -7.55
CA LEU B 379 21.88 -21.68 -8.48
C LEU B 379 21.49 -21.89 -9.93
N ARG B 380 20.56 -22.81 -10.21
CA ARG B 380 20.28 -23.20 -11.60
C ARG B 380 19.68 -22.05 -12.40
N LYS B 381 18.68 -21.38 -11.84
CA LYS B 381 18.05 -20.26 -12.54
C LYS B 381 19.07 -19.16 -12.83
N SER B 382 19.89 -18.82 -11.85
CA SER B 382 20.89 -17.78 -12.05
C SER B 382 21.88 -18.18 -13.14
N ARG B 383 22.36 -19.41 -13.11
CA ARG B 383 23.28 -19.86 -14.15
C ARG B 383 22.63 -19.77 -15.52
N ALA B 384 21.37 -20.16 -15.64
CA ALA B 384 20.71 -20.13 -16.94
C ALA B 384 20.55 -18.70 -17.45
N ASP B 385 20.15 -17.78 -16.57
CA ASP B 385 19.98 -16.39 -17.01
C ASP B 385 21.32 -15.78 -17.41
N ILE B 386 22.37 -16.05 -16.63
CA ILE B 386 23.70 -15.55 -16.97
C ILE B 386 24.14 -16.11 -18.32
N ALA B 387 23.91 -17.40 -18.54
CA ALA B 387 24.31 -18.02 -19.81
C ALA B 387 23.60 -17.36 -20.99
N ALA B 388 22.30 -17.12 -20.86
CA ALA B 388 21.56 -16.47 -21.94
C ALA B 388 22.10 -15.06 -22.20
N THR B 389 22.26 -14.28 -21.14
CA THR B 389 22.74 -12.92 -21.30
C THR B 389 24.09 -12.88 -22.00
N TYR B 390 25.01 -13.76 -21.58
CA TYR B 390 26.29 -13.85 -22.28
C TYR B 390 26.12 -14.28 -23.73
N ASP B 391 25.17 -15.19 -23.99
CA ASP B 391 24.85 -15.55 -25.37
C ASP B 391 24.54 -14.32 -26.20
N LYS B 392 23.89 -13.34 -25.61
CA LYS B 392 23.52 -12.16 -26.40
C LYS B 392 24.73 -11.32 -26.83
N VAL B 393 25.87 -11.45 -26.15
CA VAL B 393 27.03 -10.62 -26.47
C VAL B 393 27.73 -11.17 -27.72
N THR B 394 28.45 -10.29 -28.43
CA THR B 394 29.19 -10.69 -29.61
C THR B 394 30.69 -10.43 -29.53
N PHE B 395 31.13 -9.38 -28.82
CA PHE B 395 32.55 -9.04 -28.88
C PHE B 395 33.36 -9.95 -27.97
N ILE B 396 33.09 -11.25 -28.04
CA ILE B 396 33.71 -12.23 -27.16
C ILE B 396 33.69 -13.57 -27.90
N THR B 397 34.85 -14.22 -27.97
CA THR B 397 34.90 -15.51 -28.65
C THR B 397 34.15 -16.56 -27.85
N GLU B 398 33.87 -17.68 -28.51
CA GLU B 398 33.00 -18.69 -27.92
C GLU B 398 33.66 -19.36 -26.71
N GLU B 399 34.97 -19.60 -26.78
CA GLU B 399 35.63 -20.35 -25.71
C GLU B 399 35.59 -19.59 -24.40
N GLU B 400 35.72 -18.26 -24.43
CA GLU B 400 35.65 -17.50 -23.20
C GLU B 400 34.21 -17.35 -22.71
N LYS B 401 33.25 -17.21 -23.63
CA LYS B 401 31.84 -17.27 -23.25
C LYS B 401 31.54 -18.56 -22.52
N ARG B 402 32.18 -19.66 -22.93
CA ARG B 402 32.03 -20.91 -22.20
C ARG B 402 32.70 -20.82 -20.84
N GLU B 403 34.01 -20.56 -20.82
CA GLU B 403 34.79 -20.67 -19.59
C GLU B 403 34.34 -19.69 -18.52
N VAL B 404 33.65 -18.60 -18.89
CA VAL B 404 33.14 -17.69 -17.87
C VAL B 404 31.93 -18.26 -17.15
N THR B 405 31.39 -19.38 -17.62
CA THR B 405 30.21 -19.99 -17.02
C THR B 405 30.40 -21.49 -16.89
N GLY B 406 31.55 -21.91 -16.38
CA GLY B 406 31.85 -23.34 -16.39
C GLY B 406 32.23 -23.79 -17.78
N TRP B 407 31.80 -25.00 -18.15
CA TRP B 407 31.90 -25.49 -19.51
C TRP B 407 33.32 -25.35 -20.06
N PRO B 408 34.26 -26.18 -19.63
CA PRO B 408 35.68 -25.93 -19.91
C PRO B 408 36.02 -25.76 -21.38
N ALA B 409 35.73 -26.78 -22.19
CA ALA B 409 36.07 -26.74 -23.61
C ALA B 409 35.35 -27.84 -24.38
N PRO C 16 68.31 6.67 -11.99
CA PRO C 16 67.16 6.26 -11.17
C PRO C 16 67.32 6.55 -9.68
N ALA C 17 67.32 5.50 -8.87
CA ALA C 17 67.06 5.62 -7.43
C ALA C 17 68.00 6.60 -6.75
N PRO C 18 67.48 7.63 -6.06
CA PRO C 18 68.35 8.69 -5.53
C PRO C 18 68.81 8.46 -4.10
N SER C 19 68.22 7.48 -3.42
CA SER C 19 68.58 7.03 -2.07
C SER C 19 68.33 8.05 -0.98
N ALA C 20 67.84 9.26 -1.29
CA ALA C 20 67.69 10.33 -0.31
C ALA C 20 66.23 10.78 -0.24
N ASN C 21 65.47 10.15 0.65
CA ASN C 21 64.05 10.45 0.84
C ASN C 21 63.87 11.45 1.97
N PRO C 22 62.71 12.10 2.05
CA PRO C 22 62.51 13.11 3.10
C PRO C 22 62.01 12.55 4.41
N ALA C 23 62.16 11.25 4.63
CA ALA C 23 61.70 10.64 5.87
C ALA C 23 62.79 10.55 6.91
N LYS C 24 63.95 11.16 6.65
CA LYS C 24 65.03 11.25 7.64
C LYS C 24 64.67 12.18 8.79
N ILE C 25 63.46 12.76 8.77
CA ILE C 25 63.02 13.67 9.80
C ILE C 25 62.86 12.98 11.15
N PHE C 26 62.79 11.66 11.15
CA PHE C 26 62.45 10.93 12.38
C PHE C 26 63.60 10.09 12.93
N ILE C 27 64.44 9.51 12.07
CA ILE C 27 65.59 8.72 12.52
C ILE C 27 66.61 9.60 13.25
N ARG C 28 66.60 10.90 13.00
CA ARG C 28 67.58 11.80 13.60
C ARG C 28 67.57 11.75 15.12
N ARG C 29 66.42 12.04 15.73
CA ARG C 29 66.15 12.08 17.16
C ARG C 29 64.82 11.48 17.55
N PHE C 30 63.78 11.70 16.72
CA PHE C 30 62.48 11.12 17.01
C PHE C 30 62.55 9.60 17.08
N PHE C 31 63.54 8.99 16.43
CA PHE C 31 63.81 7.57 16.52
C PHE C 31 65.29 7.36 16.79
N SER C 32 65.69 6.08 16.81
CA SER C 32 67.09 5.70 16.95
C SER C 32 67.34 4.46 16.10
N ALA C 33 68.49 4.41 15.45
CA ALA C 33 68.79 3.34 14.52
C ALA C 33 69.33 2.12 15.25
N GLY C 34 69.29 0.98 14.55
CA GLY C 34 69.79 -0.28 15.07
C GLY C 34 69.20 -0.68 16.41
N VAL C 35 67.88 -0.81 16.46
CA VAL C 35 67.21 -1.22 17.69
C VAL C 35 66.19 -2.33 17.48
N ALA C 36 65.73 -2.58 16.25
CA ALA C 36 64.74 -3.61 15.94
C ALA C 36 63.45 -3.39 16.73
N LYS C 37 62.85 -2.22 16.51
CA LYS C 37 61.59 -1.89 17.16
C LYS C 37 60.47 -2.76 16.61
N ASN C 38 59.58 -3.18 17.50
CA ASN C 38 58.44 -3.99 17.08
C ASN C 38 57.44 -3.14 16.31
N VAL C 39 56.60 -3.82 15.52
CA VAL C 39 55.74 -3.12 14.57
C VAL C 39 54.39 -2.71 15.15
N VAL C 40 53.94 -3.35 16.22
CA VAL C 40 52.63 -3.08 16.79
C VAL C 40 52.74 -3.05 18.30
N SER C 41 52.06 -2.09 18.92
CA SER C 41 52.03 -2.01 20.38
C SER C 41 51.38 -3.25 20.97
N TYR C 42 51.87 -3.67 22.13
CA TYR C 42 51.34 -4.86 22.79
C TYR C 42 49.85 -4.71 23.07
N SER C 43 49.41 -3.50 23.43
CA SER C 43 47.99 -3.27 23.65
C SER C 43 47.18 -3.62 22.41
N ASN C 44 47.68 -3.25 21.23
CA ASN C 44 46.98 -3.58 20.00
C ASN C 44 46.92 -5.09 19.78
N VAL C 45 48.00 -5.79 20.13
CA VAL C 45 48.01 -7.25 19.99
C VAL C 45 46.96 -7.88 20.89
N MET C 46 46.91 -7.45 22.15
CA MET C 46 45.92 -8.00 23.07
C MET C 46 44.50 -7.66 22.62
N ALA C 47 44.30 -6.45 22.09
CA ALA C 47 42.98 -6.06 21.63
C ALA C 47 42.54 -6.93 20.45
N ALA C 48 43.44 -7.15 19.50
CA ALA C 48 43.11 -8.03 18.39
C ALA C 48 42.90 -9.46 18.86
N GLN C 49 43.57 -9.86 19.94
CA GLN C 49 43.40 -11.21 20.46
C GLN C 49 42.02 -11.40 21.05
N ARG C 50 41.65 -10.56 22.03
CA ARG C 50 40.35 -10.71 22.66
C ARG C 50 39.21 -10.30 21.74
N ALA C 51 39.50 -9.55 20.68
CA ALA C 51 38.48 -9.26 19.68
C ALA C 51 38.18 -10.45 18.80
N MET C 52 38.99 -11.51 18.86
CA MET C 52 38.71 -12.73 18.11
C MET C 52 37.78 -13.67 18.84
N GLU C 53 37.47 -13.39 20.11
CA GLU C 53 36.50 -14.17 20.86
C GLU C 53 35.15 -13.47 20.97
N HIS C 54 35.14 -12.14 20.84
CA HIS C 54 33.89 -11.41 20.90
C HIS C 54 32.97 -11.86 19.77
N PRO C 55 31.66 -11.98 20.02
CA PRO C 55 30.75 -12.48 18.98
C PRO C 55 30.76 -11.65 17.71
N VAL C 56 30.43 -10.36 17.83
CA VAL C 56 30.26 -9.53 16.66
C VAL C 56 31.59 -9.29 15.96
N ALA C 57 32.64 -9.03 16.75
CA ALA C 57 33.93 -8.73 16.14
C ALA C 57 34.47 -9.93 15.38
N PHE C 58 34.34 -11.13 15.95
CA PHE C 58 34.81 -12.33 15.24
C PHE C 58 33.96 -12.59 14.01
N ARG C 59 32.65 -12.43 14.12
CA ARG C 59 31.79 -12.62 12.95
C ARG C 59 32.23 -11.71 11.81
N CYS C 60 32.44 -10.42 12.10
CA CYS C 60 32.84 -9.49 11.05
C CYS C 60 34.24 -9.82 10.51
N LEU C 61 35.17 -10.18 11.39
CA LEU C 61 36.54 -10.46 10.96
C LEU C 61 36.58 -11.65 10.02
N ASP C 62 35.95 -12.77 10.42
CA ASP C 62 36.00 -13.91 9.51
C ASP C 62 35.10 -13.72 8.31
N LYS C 63 34.11 -12.82 8.37
CA LYS C 63 33.38 -12.47 7.16
C LYS C 63 34.31 -11.83 6.14
N LEU C 64 35.07 -10.82 6.57
CA LEU C 64 36.06 -10.20 5.69
C LEU C 64 37.05 -11.23 5.17
N GLY C 65 37.57 -12.07 6.07
CA GLY C 65 38.53 -13.07 5.66
C GLY C 65 37.98 -14.04 4.63
N LEU C 66 36.76 -14.53 4.84
CA LEU C 66 36.15 -15.46 3.91
C LEU C 66 35.93 -14.81 2.56
N THR C 67 35.39 -13.58 2.57
CA THR C 67 35.11 -12.90 1.31
C THR C 67 36.39 -12.71 0.51
N VAL C 68 37.46 -12.25 1.15
CA VAL C 68 38.72 -12.05 0.43
C VAL C 68 39.29 -13.39 -0.03
N GLN C 69 39.21 -14.41 0.82
CA GLN C 69 39.79 -15.72 0.53
C GLN C 69 39.16 -16.39 -0.68
N SER C 70 38.00 -15.93 -1.14
CA SER C 70 37.31 -16.60 -2.23
C SER C 70 37.80 -16.20 -3.61
N VAL C 71 38.54 -15.11 -3.73
CA VAL C 71 38.86 -14.56 -5.04
C VAL C 71 40.05 -15.32 -5.62
N LYS C 72 40.09 -15.42 -6.95
CA LYS C 72 41.08 -16.24 -7.63
C LYS C 72 42.20 -15.36 -8.18
N TRP C 73 43.44 -15.83 -8.04
CA TRP C 73 44.62 -15.15 -8.51
C TRP C 73 45.01 -15.57 -9.92
N ASP C 74 45.89 -14.77 -10.52
CA ASP C 74 46.71 -15.12 -11.66
C ASP C 74 47.63 -13.95 -11.97
N VAL C 75 48.75 -14.24 -12.59
CA VAL C 75 49.63 -13.21 -13.10
C VAL C 75 49.22 -12.92 -14.54
N GLY C 76 49.34 -11.66 -14.95
CA GLY C 76 48.90 -11.30 -16.28
C GLY C 76 49.52 -9.98 -16.72
N LYS C 77 49.41 -9.73 -18.02
CA LYS C 77 49.88 -8.48 -18.59
C LYS C 77 49.15 -7.30 -17.95
N ASP C 78 49.91 -6.25 -17.63
CA ASP C 78 49.11 -5.21 -17.01
C ASP C 78 48.53 -4.27 -18.08
N PRO C 79 47.39 -3.65 -17.80
CA PRO C 79 46.79 -2.76 -18.81
C PRO C 79 47.64 -1.54 -19.13
N GLN C 80 48.14 -0.85 -18.11
CA GLN C 80 48.99 0.32 -18.34
C GLN C 80 50.43 -0.11 -18.62
N ASN C 81 50.57 -0.92 -19.68
CA ASN C 81 51.87 -1.39 -20.12
C ASN C 81 52.42 -0.39 -21.13
N THR C 82 52.94 0.72 -20.60
CA THR C 82 53.75 1.62 -21.39
C THR C 82 55.17 1.09 -21.54
N GLN C 83 55.60 0.22 -20.64
CA GLN C 83 56.96 -0.31 -20.59
C GLN C 83 57.10 -1.40 -21.64
N VAL C 84 57.45 -0.98 -22.86
CA VAL C 84 57.63 -1.95 -23.94
C VAL C 84 58.81 -2.87 -23.63
N GLY C 85 59.76 -2.40 -22.84
CA GLY C 85 60.80 -3.27 -22.31
C GLY C 85 60.27 -4.09 -21.17
N ASP C 86 59.44 -5.09 -21.49
CA ASP C 86 58.69 -5.83 -20.48
C ASP C 86 59.61 -6.41 -19.41
N GLY C 87 59.20 -6.25 -18.15
CA GLY C 87 59.94 -6.69 -17.00
C GLY C 87 59.66 -8.09 -16.53
N GLY C 88 58.88 -8.87 -17.30
CA GLY C 88 58.74 -10.28 -17.02
C GLY C 88 60.03 -10.98 -17.41
N MET C 89 61.08 -10.71 -16.63
CA MET C 89 62.48 -10.88 -17.01
C MET C 89 62.77 -12.15 -17.79
N SER C 90 62.16 -13.26 -17.42
CA SER C 90 62.47 -14.54 -18.03
C SER C 90 61.30 -15.17 -18.78
N ALA C 91 60.07 -14.91 -18.36
CA ALA C 91 58.85 -15.60 -18.75
C ALA C 91 58.82 -17.03 -18.23
N SER C 92 59.89 -17.49 -17.60
CA SER C 92 59.90 -18.69 -16.76
C SER C 92 59.75 -18.35 -15.29
N GLN C 93 60.37 -17.25 -14.86
CA GLN C 93 60.06 -16.71 -13.54
C GLN C 93 58.57 -16.41 -13.42
N ARG C 94 57.93 -15.98 -14.50
CA ARG C 94 56.51 -15.69 -14.44
C ARG C 94 55.69 -16.95 -14.29
N LYS C 95 56.09 -18.03 -14.98
CA LYS C 95 55.41 -19.30 -14.78
C LYS C 95 55.60 -19.81 -13.36
N ALA C 96 56.81 -19.66 -12.81
CA ALA C 96 57.05 -20.07 -11.44
C ALA C 96 56.22 -19.25 -10.47
N LEU C 97 56.08 -17.94 -10.73
CA LEU C 97 55.29 -17.10 -9.86
C LEU C 97 53.81 -17.48 -9.92
N GLN C 98 53.32 -17.84 -11.12
CA GLN C 98 51.97 -18.37 -11.22
C GLN C 98 51.82 -19.63 -10.36
N GLN C 99 52.74 -20.58 -10.55
CA GLN C 99 52.73 -21.80 -9.74
C GLN C 99 52.65 -21.49 -8.26
N ILE C 100 53.50 -20.58 -7.80
CA ILE C 100 53.56 -20.29 -6.37
C ILE C 100 52.31 -19.56 -5.90
N LEU C 101 51.77 -18.68 -6.73
CA LEU C 101 50.54 -17.99 -6.38
C LEU C 101 49.38 -18.97 -6.24
N GLN C 102 49.42 -20.07 -6.97
CA GLN C 102 48.40 -21.10 -6.76
C GLN C 102 48.79 -22.10 -5.69
N ARG C 103 50.08 -22.39 -5.53
CA ARG C 103 50.55 -23.27 -4.47
C ARG C 103 51.78 -22.64 -3.80
N PRO C 104 51.57 -21.92 -2.72
CA PRO C 104 52.71 -21.44 -1.91
C PRO C 104 53.36 -22.59 -1.17
N ASN C 105 54.22 -22.27 -0.20
CA ASN C 105 54.90 -23.23 0.64
C ASN C 105 54.02 -24.43 0.97
N PRO C 106 54.57 -25.65 0.94
CA PRO C 106 53.78 -26.84 1.26
C PRO C 106 53.05 -26.72 2.58
N THR C 107 51.96 -27.49 2.73
CA THR C 107 51.08 -27.44 3.89
C THR C 107 50.41 -26.08 4.04
N MET C 108 50.19 -25.38 2.93
CA MET C 108 49.39 -24.16 2.88
C MET C 108 49.10 -23.82 1.44
N SER C 109 47.85 -23.50 1.16
CA SER C 109 47.38 -23.17 -0.18
C SER C 109 47.24 -21.67 -0.33
N GLY C 110 47.06 -21.22 -1.58
CA GLY C 110 46.94 -19.80 -1.83
C GLY C 110 45.74 -19.18 -1.14
N ALA C 111 44.65 -19.93 -1.04
CA ALA C 111 43.44 -19.41 -0.39
C ALA C 111 43.72 -19.07 1.07
N GLN C 112 44.41 -19.97 1.77
CA GLN C 112 44.71 -19.69 3.18
C GLN C 112 45.69 -18.54 3.31
N LEU C 113 46.60 -18.37 2.35
CA LEU C 113 47.47 -17.21 2.35
C LEU C 113 46.64 -15.93 2.26
N ARG C 114 45.69 -15.89 1.32
CA ARG C 114 44.82 -14.73 1.19
C ARG C 114 44.05 -14.48 2.47
N TYR C 115 43.52 -15.54 3.09
CA TYR C 115 42.73 -15.38 4.30
C TYR C 115 43.57 -14.79 5.42
N SER C 116 44.74 -15.38 5.68
CA SER C 116 45.59 -14.88 6.76
C SER C 116 46.04 -13.44 6.49
N ALA C 117 46.38 -13.15 5.23
CA ALA C 117 46.85 -11.81 4.90
C ALA C 117 45.75 -10.78 5.13
N ALA C 118 44.55 -11.04 4.63
CA ALA C 118 43.45 -10.10 4.81
C ALA C 118 43.09 -9.95 6.28
N LEU C 119 43.13 -11.05 7.04
CA LEU C 119 42.80 -10.97 8.46
C LEU C 119 43.80 -10.10 9.21
N SER C 120 45.10 -10.35 9.01
CA SER C 120 46.10 -9.55 9.70
C SER C 120 46.06 -8.11 9.22
N TRP C 121 45.70 -7.87 7.96
CA TRP C 121 45.55 -6.51 7.49
C TRP C 121 44.40 -5.80 8.19
N ALA C 122 43.32 -6.53 8.45
CA ALA C 122 42.18 -5.91 9.13
C ALA C 122 42.48 -5.64 10.60
N CYS C 123 43.22 -6.55 11.24
CA CYS C 123 43.45 -6.38 12.67
C CYS C 123 44.53 -5.35 12.98
N PHE C 124 45.64 -5.36 12.24
CA PHE C 124 46.77 -4.50 12.56
C PHE C 124 47.09 -3.47 11.49
N GLY C 125 46.55 -3.59 10.29
CA GLY C 125 46.93 -2.68 9.24
C GLY C 125 48.29 -2.94 8.67
N ARG C 126 48.78 -4.17 8.75
CA ARG C 126 50.07 -4.54 8.22
C ARG C 126 49.96 -5.89 7.52
N MET C 127 50.87 -6.12 6.58
CA MET C 127 50.98 -7.38 5.86
C MET C 127 52.45 -7.68 5.65
N ALA C 128 52.90 -8.86 6.06
CA ALA C 128 54.30 -9.24 5.94
C ALA C 128 54.41 -10.61 5.32
N PHE C 129 55.53 -10.84 4.62
CA PHE C 129 55.73 -12.08 3.88
C PHE C 129 57.22 -12.38 3.81
N LYS C 130 57.53 -13.54 3.23
CA LYS C 130 58.91 -13.98 3.06
C LYS C 130 58.99 -14.84 1.81
N VAL C 131 60.01 -14.60 0.98
CA VAL C 131 60.16 -15.30 -0.29
C VAL C 131 61.49 -16.03 -0.30
N SER C 132 61.61 -17.02 -1.16
CA SER C 132 62.77 -17.89 -1.20
C SER C 132 63.26 -18.09 -2.64
N VAL C 133 63.38 -16.99 -3.38
CA VAL C 133 63.80 -17.06 -4.78
C VAL C 133 65.11 -17.86 -4.88
N MET C 134 65.14 -18.83 -5.80
CA MET C 134 66.23 -19.80 -5.81
C MET C 134 67.57 -19.20 -6.18
N SER C 135 67.79 -18.87 -7.46
CA SER C 135 69.00 -18.16 -7.83
C SER C 135 68.79 -17.19 -8.99
N ASP C 136 67.62 -17.22 -9.61
CA ASP C 136 67.41 -16.49 -10.85
C ASP C 136 66.04 -15.83 -10.88
N GLY C 137 65.66 -15.22 -9.77
CA GLY C 137 64.34 -14.62 -9.67
C GLY C 137 63.20 -15.60 -9.65
N SER C 138 63.48 -16.89 -9.67
CA SER C 138 62.44 -17.92 -9.61
C SER C 138 62.06 -18.12 -8.15
N VAL C 139 60.91 -17.58 -7.76
CA VAL C 139 60.47 -17.70 -6.37
C VAL C 139 60.19 -19.16 -6.05
N ASN C 140 60.66 -19.61 -4.89
CA ASN C 140 60.48 -21.01 -4.52
C ASN C 140 59.22 -21.22 -3.70
N ALA C 141 58.97 -20.35 -2.71
CA ALA C 141 57.81 -20.45 -1.86
C ALA C 141 57.66 -19.14 -1.10
N ILE C 142 56.46 -18.91 -0.58
CA ILE C 142 56.14 -17.68 0.14
C ILE C 142 55.52 -18.04 1.49
N TRP C 143 55.99 -17.38 2.54
CA TRP C 143 55.47 -17.60 3.88
C TRP C 143 54.93 -16.31 4.46
N PRO C 144 53.76 -16.34 5.08
CA PRO C 144 53.29 -15.18 5.83
C PRO C 144 54.02 -15.04 7.16
N LEU C 145 54.10 -13.81 7.64
CA LEU C 145 54.82 -13.48 8.85
C LEU C 145 53.82 -13.03 9.92
N GLY C 146 53.96 -13.59 11.12
CA GLY C 146 53.11 -13.17 12.21
C GLY C 146 53.41 -11.75 12.65
N ILE C 147 52.48 -10.84 12.38
CA ILE C 147 52.69 -9.44 12.74
C ILE C 147 52.95 -9.24 14.24
N PRO C 148 52.25 -9.92 15.16
CA PRO C 148 52.49 -9.64 16.58
C PRO C 148 53.95 -9.69 17.01
N PHE C 149 54.69 -10.73 16.63
CA PHE C 149 56.07 -10.90 17.05
C PHE C 149 57.06 -10.72 15.89
N LEU C 150 56.79 -9.75 15.02
CA LEU C 150 57.73 -9.37 13.98
C LEU C 150 58.28 -7.99 14.27
N LYS C 151 59.60 -7.90 14.41
CA LYS C 151 60.29 -6.64 14.65
C LYS C 151 61.10 -6.27 13.42
N GLN C 152 61.31 -4.98 13.23
CA GLN C 152 62.04 -4.49 12.08
C GLN C 152 63.04 -3.42 12.52
N LYS C 153 64.10 -3.29 11.72
CA LYS C 153 65.20 -2.38 12.02
C LYS C 153 65.38 -1.41 10.85
N PHE C 154 65.63 -0.16 11.18
CA PHE C 154 65.69 0.92 10.21
C PHE C 154 67.12 1.19 9.76
N ASP C 155 67.25 1.92 8.65
CA ASP C 155 68.53 2.36 8.15
C ASP C 155 68.90 3.70 8.79
N ARG C 156 69.91 4.36 8.24
CA ARG C 156 70.25 5.72 8.66
C ARG C 156 69.48 6.77 7.88
N TYR C 157 69.09 6.50 6.64
CA TYR C 157 68.43 7.55 5.86
C TYR C 157 66.93 7.62 6.15
N GLY C 158 66.16 6.64 5.67
CA GLY C 158 64.73 6.72 5.89
C GLY C 158 63.89 5.45 5.94
N ASP C 159 64.50 4.28 5.93
CA ASP C 159 63.71 3.08 5.65
C ASP C 159 64.28 1.87 6.36
N VAL C 160 63.58 0.75 6.19
CA VAL C 160 63.96 -0.50 6.85
C VAL C 160 65.03 -1.20 6.04
N GLU C 161 65.85 -1.98 6.74
CA GLU C 161 66.82 -2.87 6.10
C GLU C 161 66.59 -4.33 6.41
N SER C 162 66.21 -4.68 7.64
CA SER C 162 66.10 -6.07 8.02
C SER C 162 64.92 -6.24 8.97
N PHE C 163 64.42 -7.48 9.03
CA PHE C 163 63.32 -7.85 9.90
C PHE C 163 63.77 -8.93 10.86
N GLN C 164 63.55 -8.70 12.15
CA GLN C 164 63.82 -9.70 13.16
C GLN C 164 62.51 -10.37 13.54
N TYR C 165 62.54 -11.71 13.59
CA TYR C 165 61.32 -12.50 13.78
C TYR C 165 61.55 -13.45 14.95
N GLY C 166 61.05 -13.08 16.12
CA GLY C 166 61.28 -13.86 17.32
C GLY C 166 62.21 -13.16 18.29
N ASP C 167 62.17 -13.61 19.55
CA ASP C 167 62.91 -12.94 20.61
C ASP C 167 64.36 -13.41 20.71
N GLU C 168 64.59 -14.69 21.02
CA GLU C 168 65.97 -14.97 21.48
C GLU C 168 66.66 -16.14 20.81
N ALA C 169 66.03 -17.31 20.72
CA ALA C 169 66.74 -18.47 20.20
C ALA C 169 67.01 -18.33 18.72
N GLY C 170 65.95 -18.39 17.91
CA GLY C 170 66.07 -18.15 16.48
C GLY C 170 66.01 -16.65 16.21
N LYS C 171 66.97 -16.17 15.41
CA LYS C 171 67.19 -14.74 15.28
C LYS C 171 67.48 -14.33 13.84
N GLU C 172 66.67 -14.79 12.88
CA GLU C 172 66.98 -14.54 11.48
C GLU C 172 66.60 -13.11 11.12
N THR C 173 67.61 -12.31 10.77
CA THR C 173 67.40 -10.95 10.29
C THR C 173 67.23 -10.99 8.78
N ILE C 174 66.02 -11.31 8.36
CA ILE C 174 65.76 -11.38 6.92
C ILE C 174 65.91 -9.99 6.31
N PRO C 175 66.66 -9.83 5.22
CA PRO C 175 66.82 -8.51 4.62
C PRO C 175 65.53 -8.02 3.98
N SER C 176 65.39 -6.70 3.93
CA SER C 176 64.26 -6.10 3.24
C SER C 176 64.48 -6.15 1.74
N PHE C 177 63.42 -5.87 0.98
CA PHE C 177 63.54 -5.88 -0.48
C PHE C 177 64.45 -4.78 -0.97
N THR C 178 64.56 -3.68 -0.22
CA THR C 178 65.41 -2.57 -0.64
C THR C 178 66.86 -3.02 -0.77
N LYS C 179 67.42 -3.56 0.30
CA LYS C 179 68.79 -4.06 0.28
C LYS C 179 68.75 -5.59 0.23
N VAL C 180 69.17 -6.14 -0.89
CA VAL C 180 69.29 -7.58 -1.07
C VAL C 180 70.12 -7.80 -2.33
N GLU C 181 70.81 -8.93 -2.42
CA GLU C 181 71.64 -9.19 -3.59
C GLU C 181 70.75 -9.29 -4.82
N LYS C 182 70.79 -8.27 -5.67
CA LYS C 182 69.92 -8.20 -6.83
C LYS C 182 70.55 -8.92 -8.01
N ASN C 183 69.70 -9.34 -8.94
CA ASN C 183 70.17 -9.83 -10.23
C ASN C 183 70.66 -8.67 -11.08
N ASP C 184 71.35 -9.00 -12.17
CA ASP C 184 71.83 -7.96 -13.06
C ASP C 184 70.67 -7.23 -13.72
N LYS C 185 69.47 -7.81 -13.70
CA LYS C 185 68.26 -7.10 -14.15
C LYS C 185 67.61 -6.30 -13.04
N GLY C 186 67.72 -6.71 -11.79
CA GLY C 186 67.07 -6.01 -10.70
C GLY C 186 66.37 -6.93 -9.73
N ARG C 187 66.04 -8.14 -10.18
CA ARG C 187 65.38 -9.11 -9.32
C ARG C 187 66.33 -9.55 -8.21
N PRO C 188 65.81 -9.86 -7.02
CA PRO C 188 66.67 -10.33 -5.93
C PRO C 188 67.20 -11.73 -6.19
N ILE C 189 68.17 -12.11 -5.37
CA ILE C 189 68.77 -13.44 -5.44
C ILE C 189 68.58 -14.25 -4.16
N LYS C 190 68.43 -13.61 -3.01
CA LYS C 190 68.25 -14.29 -1.73
C LYS C 190 66.90 -13.92 -1.14
N ASN C 191 66.64 -14.45 0.05
CA ASN C 191 65.34 -14.25 0.71
C ASN C 191 65.14 -12.78 1.10
N TYR C 192 63.88 -12.41 1.31
CA TYR C 192 63.55 -11.06 1.75
C TYR C 192 62.12 -11.05 2.30
N ALA C 193 61.67 -9.87 2.72
CA ALA C 193 60.36 -9.68 3.34
C ALA C 193 59.72 -8.42 2.78
N PHE C 194 58.42 -8.24 3.08
CA PHE C 194 57.64 -7.16 2.46
C PHE C 194 57.26 -6.07 3.44
N MET C 195 56.50 -6.40 4.48
CA MET C 195 55.90 -5.41 5.38
C MET C 195 55.12 -4.35 4.60
N ILE C 196 54.02 -4.80 3.99
CA ILE C 196 53.06 -3.87 3.40
C ILE C 196 52.35 -3.11 4.51
N VAL C 197 52.28 -1.79 4.39
CA VAL C 197 51.78 -0.92 5.45
C VAL C 197 50.66 -0.04 4.91
N LYS C 198 49.68 0.26 5.79
CA LYS C 198 48.56 1.15 5.52
C LYS C 198 48.88 2.55 5.98
N PRO C 199 48.69 3.56 5.14
CA PRO C 199 49.11 4.92 5.51
C PRO C 199 48.21 5.51 6.59
N SER C 200 48.68 6.63 7.14
CA SER C 200 47.92 7.37 8.14
C SER C 200 48.31 8.84 8.04
N ILE C 201 47.87 9.62 9.02
CA ILE C 201 48.14 11.06 9.04
C ILE C 201 49.62 11.28 9.30
N ASN C 202 50.08 12.51 9.14
CA ASN C 202 51.44 12.94 9.48
C ASN C 202 52.51 12.03 8.85
N GLY C 203 52.18 11.42 7.72
CA GLY C 203 53.12 10.61 6.98
C GLY C 203 53.80 9.55 7.82
N ALA C 204 55.11 9.69 8.01
CA ALA C 204 55.92 8.77 8.81
C ALA C 204 55.76 7.34 8.31
N MET C 205 56.01 7.17 7.01
CA MET C 205 55.61 6.00 6.23
C MET C 205 55.69 4.69 7.00
N ASN C 206 56.76 4.48 7.77
CA ASN C 206 56.87 3.30 8.61
C ASN C 206 56.95 3.63 10.10
N PHE C 207 57.34 4.84 10.46
CA PHE C 207 57.44 5.25 11.85
C PHE C 207 56.09 5.67 12.42
N ASP C 208 55.01 5.49 11.66
CA ASP C 208 53.70 5.95 12.03
C ASP C 208 52.94 4.92 12.86
N VAL C 209 51.78 5.33 13.37
CA VAL C 209 50.95 4.47 14.19
C VAL C 209 50.01 3.68 13.30
N GLN C 210 49.69 2.45 13.73
CA GLN C 210 48.81 1.59 12.96
C GLN C 210 47.49 2.30 12.68
N ASN C 211 46.82 1.87 11.61
CA ASN C 211 45.54 2.43 11.18
C ASN C 211 44.60 1.25 10.99
N THR C 212 43.91 0.88 12.06
CA THR C 212 43.07 -0.30 12.08
C THR C 212 41.72 0.03 12.68
N PRO C 213 40.67 -0.67 12.26
CA PRO C 213 39.35 -0.45 12.87
C PRO C 213 39.33 -0.66 14.37
N LEU C 214 40.19 -1.55 14.90
CA LEU C 214 40.24 -1.79 16.34
C LEU C 214 40.57 -0.54 17.14
N GLN C 215 41.02 0.53 16.48
CA GLN C 215 41.32 1.76 17.20
C GLN C 215 40.07 2.39 17.78
N ALA C 216 38.96 2.31 17.06
CA ALA C 216 37.79 3.13 17.33
C ALA C 216 36.60 2.32 17.79
N ILE C 217 36.82 1.10 18.29
CA ILE C 217 35.69 0.27 18.72
C ILE C 217 35.91 -0.23 20.13
N GLY C 218 36.86 0.34 20.86
CA GLY C 218 37.04 -0.03 22.25
C GLY C 218 35.82 0.28 23.09
N VAL C 219 35.28 1.50 22.93
CA VAL C 219 34.08 1.88 23.67
C VAL C 219 32.91 0.97 23.37
N PRO C 220 32.52 0.72 22.12
CA PRO C 220 31.35 -0.13 21.89
C PRO C 220 31.56 -1.57 22.32
N VAL C 221 32.75 -2.14 22.14
CA VAL C 221 32.96 -3.52 22.55
C VAL C 221 32.91 -3.64 24.07
N ALA C 222 33.45 -2.66 24.79
CA ALA C 222 33.37 -2.69 26.24
C ALA C 222 31.92 -2.54 26.70
N LEU C 223 31.17 -1.65 26.07
CA LEU C 223 29.76 -1.48 26.44
C LEU C 223 28.97 -2.75 26.17
N TYR C 224 29.22 -3.39 25.03
CA TYR C 224 28.54 -4.64 24.70
C TYR C 224 28.83 -5.70 25.75
N ASP C 225 30.10 -5.85 26.11
CA ASP C 225 30.45 -6.87 27.11
C ASP C 225 29.81 -6.56 28.45
N ALA C 226 29.75 -5.29 28.84
CA ALA C 226 29.10 -4.94 30.10
C ALA C 226 27.63 -5.31 30.09
N LEU C 227 26.92 -4.97 29.00
CA LEU C 227 25.50 -5.30 28.92
C LEU C 227 25.27 -6.81 28.95
N MET C 228 26.10 -7.57 28.22
CA MET C 228 25.90 -9.01 28.20
C MET C 228 26.23 -9.64 29.55
N ALA C 229 27.20 -9.10 30.28
CA ALA C 229 27.48 -9.61 31.61
C ALA C 229 26.31 -9.33 32.55
N ARG C 230 25.72 -8.14 32.46
CA ARG C 230 24.51 -7.86 33.23
C ARG C 230 23.43 -8.87 32.90
N ALA C 231 23.24 -9.16 31.61
CA ALA C 231 22.19 -10.08 31.21
C ALA C 231 22.41 -11.47 31.80
N ILE C 232 23.64 -11.98 31.68
CA ILE C 232 23.93 -13.30 32.23
C ILE C 232 23.67 -13.33 33.73
N ASP C 233 24.21 -12.34 34.45
CA ASP C 233 24.03 -12.32 35.90
C ASP C 233 22.57 -12.30 36.28
N SER C 234 21.77 -11.49 35.60
CA SER C 234 20.36 -11.39 35.95
C SER C 234 19.54 -12.59 35.48
N ALA C 235 20.06 -13.39 34.55
CA ALA C 235 19.31 -14.55 34.08
C ALA C 235 19.15 -15.58 35.17
N ASP C 236 20.25 -15.91 35.84
CA ASP C 236 20.23 -16.81 36.99
C ASP C 236 20.58 -16.01 38.23
N GLY C 237 19.62 -15.90 39.14
CA GLY C 237 19.76 -15.01 40.27
C GLY C 237 18.45 -14.31 40.58
N THR C 238 17.63 -14.11 39.55
CA THR C 238 16.30 -13.56 39.76
C THR C 238 15.32 -14.70 40.01
N PRO C 239 14.67 -14.76 41.17
CA PRO C 239 13.73 -15.84 41.43
C PRO C 239 12.65 -15.91 40.37
N ASN C 240 12.40 -17.12 39.87
CA ASN C 240 11.47 -17.30 38.76
C ASN C 240 10.11 -17.79 39.25
N SER C 241 9.82 -17.57 40.52
CA SER C 241 8.55 -17.99 41.10
C SER C 241 7.50 -16.89 41.02
N LYS C 242 6.25 -17.31 40.94
CA LYS C 242 5.09 -16.43 41.04
C LYS C 242 4.36 -16.73 42.33
N TRP C 243 3.28 -15.99 42.57
CA TRP C 243 2.38 -16.26 43.69
C TRP C 243 3.11 -16.20 45.03
N LEU C 244 3.58 -15.01 45.37
CA LEU C 244 4.09 -14.80 46.72
C LEU C 244 2.89 -14.72 47.65
N VAL C 245 2.49 -15.86 48.19
CA VAL C 245 1.31 -15.96 49.04
C VAL C 245 1.75 -15.94 50.49
N THR C 246 1.03 -15.16 51.31
CA THR C 246 1.38 -14.97 52.71
C THR C 246 0.14 -15.11 53.59
N ALA C 247 0.25 -15.92 54.63
CA ALA C 247 -0.81 -16.07 55.61
C ALA C 247 -0.58 -15.10 56.77
N SER C 248 -1.35 -15.23 57.85
CA SER C 248 -1.27 -14.34 58.99
C SER C 248 -0.56 -15.02 60.15
N ARG C 249 -0.30 -14.24 61.20
CA ARG C 249 0.38 -14.75 62.39
C ARG C 249 -0.62 -15.35 63.37
N ASP C 250 -1.79 -15.73 62.89
CA ASP C 250 -2.73 -16.52 63.69
C ASP C 250 -3.33 -17.54 62.73
N LEU C 251 -2.62 -18.65 62.57
CA LEU C 251 -3.14 -19.70 61.70
C LEU C 251 -2.78 -21.10 62.18
N ASP C 252 -2.31 -21.28 63.40
CA ASP C 252 -2.04 -22.63 63.90
C ASP C 252 -1.07 -23.36 62.98
N ASP C 253 0.20 -22.99 63.00
CA ASP C 253 1.14 -23.47 62.00
C ASP C 253 1.14 -24.99 62.04
N GLY C 254 0.51 -25.59 61.04
CA GLY C 254 0.04 -26.96 61.11
C GLY C 254 -1.27 -27.14 60.37
N GLN C 255 -2.05 -26.06 60.25
CA GLN C 255 -3.03 -25.95 59.18
C GLN C 255 -2.61 -24.91 58.15
N ALA C 256 -1.63 -24.07 58.47
CA ALA C 256 -0.95 -23.32 57.42
C ALA C 256 -0.30 -24.26 56.42
N LYS C 257 0.28 -25.36 56.90
CA LYS C 257 0.83 -26.36 55.99
C LYS C 257 -0.26 -26.98 55.14
N GLU C 258 -1.44 -27.17 55.71
CA GLU C 258 -2.57 -27.69 54.95
C GLU C 258 -2.98 -26.73 53.85
N VAL C 259 -3.03 -25.43 54.16
CA VAL C 259 -3.34 -24.43 53.16
C VAL C 259 -2.28 -24.42 52.06
N LYS C 260 -1.00 -24.55 52.45
CA LYS C 260 0.07 -24.58 51.47
C LYS C 260 -0.07 -25.79 50.54
N GLU C 261 -0.37 -26.95 51.11
CA GLU C 261 -0.54 -28.14 50.28
C GLU C 261 -1.75 -27.99 49.35
N GLY C 262 -2.81 -27.35 49.84
CA GLY C 262 -3.95 -27.10 48.98
C GLY C 262 -3.60 -26.21 47.81
N ILE C 263 -2.87 -25.13 48.08
CA ILE C 263 -2.45 -24.22 47.00
C ILE C 263 -1.51 -24.95 46.04
N GLU C 264 -0.62 -25.77 46.58
CA GLU C 264 0.43 -26.38 45.77
C GLU C 264 -0.12 -27.50 44.91
N GLU C 265 -1.05 -28.30 45.43
CA GLU C 265 -1.48 -29.47 44.68
C GLU C 265 -2.52 -29.09 43.63
N THR C 266 -2.26 -28.04 42.88
CA THR C 266 -3.02 -27.73 41.69
C THR C 266 -2.11 -27.57 40.49
N LYS C 267 -0.81 -27.80 40.66
CA LYS C 267 0.11 -27.84 39.55
C LYS C 267 -0.36 -28.85 38.51
N PRO C 268 0.02 -28.69 37.26
CA PRO C 268 -0.29 -29.73 36.26
C PRO C 268 0.19 -31.09 36.71
N GLY C 269 -0.73 -32.04 36.80
CA GLY C 269 -0.39 -33.35 37.32
C GLY C 269 -0.40 -33.38 38.84
N GLY C 270 -1.52 -32.92 39.41
CA GLY C 270 -1.73 -33.00 40.84
C GLY C 270 -3.07 -33.64 41.14
N ASP C 271 -3.35 -33.80 42.43
CA ASP C 271 -4.60 -34.43 42.85
C ASP C 271 -5.80 -33.64 42.34
N ASN C 272 -5.95 -32.41 42.81
CA ASN C 272 -6.98 -31.50 42.30
C ASN C 272 -6.27 -30.43 41.47
N GLY C 273 -6.07 -30.72 40.19
CA GLY C 273 -5.38 -29.83 39.29
C GLY C 273 -6.35 -29.03 38.46
N GLY C 274 -6.32 -27.71 38.63
CA GLY C 274 -7.14 -26.80 37.88
C GLY C 274 -8.42 -26.36 38.56
N GLU C 275 -8.73 -26.91 39.73
CA GLU C 275 -9.95 -26.53 40.42
C GLU C 275 -9.68 -25.36 41.36
N ILE C 276 -10.75 -24.81 41.92
CA ILE C 276 -10.67 -23.59 42.72
C ILE C 276 -9.92 -23.86 44.02
N ILE C 277 -9.57 -22.80 44.73
CA ILE C 277 -9.06 -22.89 46.10
C ILE C 277 -10.13 -22.31 47.00
N PHE C 278 -10.57 -23.09 47.98
CA PHE C 278 -11.53 -22.62 48.97
C PHE C 278 -10.84 -22.53 50.32
N ILE C 279 -10.87 -21.34 50.91
CA ILE C 279 -10.28 -21.08 52.22
C ILE C 279 -11.40 -20.64 53.15
N ALA C 280 -11.67 -21.44 54.18
CA ALA C 280 -12.69 -21.11 55.15
C ALA C 280 -12.05 -20.30 56.28
N GLY C 281 -12.37 -19.02 56.34
CA GLY C 281 -11.82 -18.17 57.37
C GLY C 281 -10.34 -17.87 57.19
N THR C 282 -9.83 -16.89 57.93
CA THR C 282 -8.41 -16.56 57.92
C THR C 282 -7.92 -16.24 56.50
N ASP C 283 -8.43 -15.12 55.99
CA ASP C 283 -8.13 -14.68 54.64
C ASP C 283 -6.62 -14.65 54.35
N VAL C 284 -6.19 -15.47 53.41
CA VAL C 284 -4.83 -15.44 52.92
C VAL C 284 -4.77 -14.49 51.75
N LYS C 285 -3.58 -13.95 51.47
CA LYS C 285 -3.44 -12.88 50.49
C LYS C 285 -2.33 -13.21 49.51
N VAL C 286 -2.69 -13.40 48.25
CA VAL C 286 -1.76 -13.72 47.19
C VAL C 286 -1.51 -12.49 46.34
N GLN C 287 -0.26 -12.30 45.92
CA GLN C 287 0.07 -11.31 44.92
C GLN C 287 0.94 -11.98 43.86
N GLU C 288 0.64 -11.72 42.60
CA GLU C 288 1.33 -12.36 41.50
C GLU C 288 2.49 -11.49 41.06
N MET C 289 3.70 -12.04 41.09
CA MET C 289 4.88 -11.31 40.69
C MET C 289 4.93 -11.17 39.18
N LYS C 290 5.37 -10.01 38.71
CA LYS C 290 5.45 -9.78 37.27
C LYS C 290 6.59 -10.58 36.67
N ASN C 291 7.80 -10.39 37.19
CA ASN C 291 9.01 -11.02 36.66
C ASN C 291 9.13 -10.78 35.16
N ASP C 292 9.26 -9.50 34.80
CA ASP C 292 9.28 -9.10 33.40
C ASP C 292 10.39 -9.83 32.65
N LEU C 293 11.64 -9.54 32.99
CA LEU C 293 12.79 -10.31 32.53
C LEU C 293 12.87 -10.34 30.99
N SER C 294 12.25 -9.38 30.32
CA SER C 294 12.19 -9.37 28.87
C SER C 294 13.09 -8.29 28.27
N ASP C 295 13.92 -7.65 29.09
CA ASP C 295 14.86 -6.67 28.58
C ASP C 295 16.21 -6.80 29.27
N ILE C 296 16.60 -8.03 29.65
CA ILE C 296 17.80 -8.21 30.43
C ILE C 296 19.04 -7.82 29.63
N HIS C 297 19.02 -8.05 28.32
CA HIS C 297 20.18 -7.68 27.53
C HIS C 297 20.15 -6.24 27.04
N SER C 298 19.08 -5.49 27.33
CA SER C 298 18.96 -4.11 26.88
C SER C 298 19.03 -4.05 25.34
N LYS C 299 17.97 -4.56 24.72
CA LYS C 299 17.97 -4.75 23.28
C LYS C 299 18.31 -3.47 22.53
N VAL C 300 17.81 -2.34 22.99
CA VAL C 300 17.99 -1.09 22.25
C VAL C 300 19.43 -0.61 22.38
N PRO C 301 19.99 -0.42 23.59
CA PRO C 301 21.40 -0.03 23.63
C PRO C 301 22.34 -1.22 23.55
N LEU C 302 22.03 -2.17 22.69
CA LEU C 302 22.93 -3.26 22.33
C LEU C 302 23.06 -3.40 20.83
N ASP C 303 21.94 -3.39 20.12
CA ASP C 303 21.98 -3.40 18.67
C ASP C 303 22.72 -2.18 18.15
N ASP C 304 22.70 -1.07 18.89
CA ASP C 304 23.46 0.10 18.45
C ASP C 304 24.95 -0.15 18.53
N GLN C 305 25.43 -0.78 19.61
CA GLN C 305 26.84 -1.11 19.68
C GLN C 305 27.22 -2.12 18.61
N ALA C 306 26.32 -3.07 18.33
CA ALA C 306 26.59 -4.01 17.25
C ALA C 306 26.68 -3.29 15.91
N ARG C 307 25.76 -2.38 15.64
CA ARG C 307 25.80 -1.61 14.40
C ARG C 307 27.08 -0.80 14.30
N THR C 308 27.54 -0.25 15.42
CA THR C 308 28.75 0.56 15.39
C THR C 308 29.97 -0.29 15.09
N ILE C 309 30.17 -1.38 15.83
CA ILE C 309 31.34 -2.22 15.58
C ILE C 309 31.20 -3.06 14.33
N ALA C 310 30.05 -3.01 13.65
CA ALA C 310 29.96 -3.59 12.33
C ALA C 310 30.29 -2.57 11.25
N GLY C 311 29.72 -1.37 11.35
CA GLY C 311 29.98 -0.35 10.37
C GLY C 311 31.42 0.14 10.38
N ASN C 312 32.06 0.13 11.54
CA ASN C 312 33.46 0.52 11.59
C ASN C 312 34.34 -0.46 10.82
N PHE C 313 33.90 -1.70 10.67
CA PHE C 313 34.57 -2.65 9.81
C PHE C 313 34.15 -2.52 8.35
N GLY C 314 33.15 -1.68 8.07
CA GLY C 314 32.67 -1.52 6.72
C GLY C 314 31.85 -2.69 6.25
N ILE C 315 30.73 -2.94 6.91
CA ILE C 315 29.83 -4.02 6.53
C ILE C 315 28.40 -3.51 6.59
N PRO C 316 27.69 -3.47 5.47
CA PRO C 316 26.29 -3.04 5.50
C PRO C 316 25.50 -3.83 6.53
N ILE C 317 24.71 -3.11 7.34
CA ILE C 317 24.00 -3.73 8.45
C ILE C 317 23.16 -4.90 7.97
N ALA C 318 22.53 -4.74 6.79
CA ALA C 318 21.62 -5.77 6.27
C ALA C 318 22.27 -7.13 6.19
N LEU C 319 23.59 -7.20 5.97
CA LEU C 319 24.26 -8.49 5.89
C LEU C 319 24.13 -9.30 7.16
N LEU C 320 23.85 -8.66 8.28
CA LEU C 320 23.82 -9.36 9.57
C LEU C 320 22.60 -8.96 10.39
N TYR C 334 18.25 -6.19 -0.81
CA TYR C 334 19.19 -7.06 -0.12
C TYR C 334 20.43 -7.30 -0.98
N ASP C 335 20.24 -7.93 -2.13
CA ASP C 335 21.36 -8.22 -3.01
C ASP C 335 22.12 -6.97 -3.42
N GLU C 336 21.43 -5.84 -3.53
CA GLU C 336 22.12 -4.58 -3.75
C GLU C 336 23.13 -4.31 -2.65
N SER C 337 22.76 -4.64 -1.41
CA SER C 337 23.69 -4.43 -0.29
C SER C 337 24.86 -5.39 -0.35
N ARG C 338 24.66 -6.61 -0.88
CA ARG C 338 25.80 -7.49 -1.08
C ARG C 338 26.75 -6.94 -2.13
N LYS C 339 26.19 -6.44 -3.25
CA LYS C 339 27.03 -5.78 -4.25
C LYS C 339 27.79 -4.61 -3.64
N ALA C 340 27.13 -3.85 -2.77
CA ALA C 340 27.79 -2.71 -2.13
C ALA C 340 28.94 -3.17 -1.25
N PHE C 341 28.69 -4.15 -0.40
CA PHE C 341 29.76 -4.69 0.44
C PHE C 341 30.92 -5.22 -0.39
N PHE C 342 30.63 -5.70 -1.59
CA PHE C 342 31.72 -6.24 -2.41
C PHE C 342 32.54 -5.13 -3.06
N GLU C 343 31.89 -4.20 -3.75
CA GLU C 343 32.62 -3.20 -4.50
C GLU C 343 32.73 -1.87 -3.77
N ASP C 344 32.61 -1.86 -2.45
CA ASP C 344 32.84 -0.65 -1.68
C ASP C 344 33.88 -0.79 -0.57
N THR C 345 34.00 -1.96 0.04
CA THR C 345 34.94 -2.11 1.14
C THR C 345 35.88 -3.30 0.92
N ILE C 346 35.40 -4.35 0.27
CA ILE C 346 36.25 -5.49 -0.01
C ILE C 346 37.16 -5.20 -1.18
N GLU C 347 36.60 -4.65 -2.26
CA GLU C 347 37.41 -4.37 -3.43
C GLU C 347 38.43 -3.27 -3.16
N PRO C 348 38.03 -2.03 -2.82
CA PRO C 348 39.06 -1.03 -2.53
C PRO C 348 39.48 -0.95 -1.08
N GLY C 349 39.61 -2.05 -0.35
CA GLY C 349 40.22 -1.94 0.95
C GLY C 349 41.07 -3.12 1.36
N TYR C 350 40.95 -4.20 0.62
CA TYR C 350 41.71 -5.42 0.84
C TYR C 350 42.28 -5.96 -0.45
N LEU C 351 41.58 -5.79 -1.56
CA LEU C 351 41.99 -6.33 -2.84
C LEU C 351 43.05 -5.46 -3.51
N THR C 352 42.74 -4.17 -3.69
CA THR C 352 43.72 -3.28 -4.30
C THR C 352 45.00 -3.13 -3.49
N PRO C 353 44.98 -2.98 -2.16
CA PRO C 353 46.27 -2.85 -1.47
C PRO C 353 47.10 -4.11 -1.57
N LEU C 354 46.47 -5.28 -1.45
CA LEU C 354 47.21 -6.54 -1.53
C LEU C 354 47.80 -6.75 -2.91
N GLU C 355 46.99 -6.53 -3.96
CA GLU C 355 47.49 -6.77 -5.30
C GLU C 355 48.54 -5.74 -5.70
N ASP C 356 48.40 -4.49 -5.24
CA ASP C 356 49.42 -3.49 -5.54
C ASP C 356 50.70 -3.76 -4.76
N GLY C 357 50.59 -4.25 -3.53
CA GLY C 357 51.78 -4.61 -2.78
C GLY C 357 52.53 -5.75 -3.42
N PHE C 358 51.82 -6.80 -3.82
CA PHE C 358 52.48 -7.90 -4.51
C PHE C 358 53.07 -7.45 -5.84
N SER C 359 52.29 -6.73 -6.65
CA SER C 359 52.78 -6.29 -7.94
C SER C 359 53.97 -5.36 -7.80
N MET C 360 54.06 -4.62 -6.70
CA MET C 360 55.14 -3.65 -6.57
C MET C 360 56.49 -4.35 -6.51
N PHE C 361 56.63 -5.33 -5.61
CA PHE C 361 57.84 -6.14 -5.63
C PHE C 361 57.49 -7.63 -5.47
N LEU C 362 57.02 -8.21 -6.58
CA LEU C 362 57.13 -9.63 -6.87
C LEU C 362 57.43 -9.91 -8.33
N CYS C 363 57.27 -8.93 -9.22
CA CYS C 363 57.51 -9.11 -10.64
C CYS C 363 57.89 -7.77 -11.25
N GLY C 364 58.51 -7.83 -12.42
CA GLY C 364 58.91 -6.62 -13.10
C GLY C 364 57.74 -5.90 -13.72
N ALA C 365 58.04 -4.72 -14.28
CA ALA C 365 57.01 -3.94 -14.94
C ALA C 365 56.46 -4.70 -16.15
N GLY C 366 55.32 -4.23 -16.64
CA GLY C 366 54.62 -4.90 -17.72
C GLY C 366 53.80 -6.09 -17.30
N TYR C 367 54.13 -6.72 -16.17
CA TYR C 367 53.37 -7.84 -15.65
C TYR C 367 53.17 -7.65 -14.15
N ARG C 368 52.03 -8.11 -13.66
CA ARG C 368 51.69 -7.89 -12.27
C ARG C 368 50.55 -8.82 -11.90
N VAL C 369 50.34 -9.00 -10.59
CA VAL C 369 49.33 -9.92 -10.11
C VAL C 369 47.96 -9.28 -10.25
N ILE C 370 47.02 -10.05 -10.78
CA ILE C 370 45.64 -9.61 -10.99
C ILE C 370 44.73 -10.72 -10.47
N PHE C 371 43.53 -10.35 -10.06
CA PHE C 371 42.52 -11.32 -9.69
C PHE C 371 41.25 -11.07 -10.50
N ASP C 372 40.61 -12.15 -10.93
CA ASP C 372 39.48 -12.08 -11.84
C ASP C 372 38.22 -11.67 -11.07
N ARG C 373 37.67 -10.50 -11.40
CA ARG C 373 36.45 -10.05 -10.75
C ARG C 373 35.28 -10.97 -11.06
N ASP C 374 35.24 -11.56 -12.26
CA ASP C 374 34.15 -12.45 -12.61
C ASP C 374 34.18 -13.76 -11.83
N SER C 375 35.18 -13.96 -10.98
CA SER C 375 35.16 -15.08 -10.04
C SER C 375 34.33 -14.76 -8.81
N ILE C 376 33.94 -13.51 -8.61
CA ILE C 376 33.06 -13.16 -7.50
C ILE C 376 31.62 -13.49 -7.89
N PRO C 377 30.91 -14.30 -7.12
CA PRO C 377 29.57 -14.72 -7.54
C PRO C 377 28.54 -13.61 -7.48
N ALA C 378 28.77 -12.54 -6.73
CA ALA C 378 27.75 -11.50 -6.59
C ALA C 378 27.74 -10.54 -7.77
N LEU C 379 28.85 -10.43 -8.50
CA LEU C 379 28.99 -9.45 -9.56
C LEU C 379 28.63 -9.98 -10.95
N ARG C 380 28.25 -11.26 -11.04
CA ARG C 380 28.11 -11.89 -12.36
C ARG C 380 26.97 -11.26 -13.16
N LYS C 381 25.81 -11.09 -12.53
CA LYS C 381 24.67 -10.50 -13.22
C LYS C 381 24.98 -9.10 -13.71
N SER C 382 25.63 -8.29 -12.86
CA SER C 382 25.97 -6.93 -13.25
C SER C 382 26.94 -6.93 -14.42
N ARG C 383 27.97 -7.78 -14.36
CA ARG C 383 28.91 -7.85 -15.47
C ARG C 383 28.21 -8.24 -16.76
N ALA C 384 27.28 -9.20 -16.70
CA ALA C 384 26.59 -9.63 -17.91
C ALA C 384 25.73 -8.52 -18.49
N ASP C 385 24.99 -7.82 -17.64
CA ASP C 385 24.14 -6.74 -18.14
C ASP C 385 24.98 -5.62 -18.74
N ILE C 386 26.08 -5.26 -18.08
CA ILE C 386 26.97 -4.23 -18.61
C ILE C 386 27.52 -4.66 -19.96
N ALA C 387 27.93 -5.93 -20.07
CA ALA C 387 28.49 -6.42 -21.33
C ALA C 387 27.48 -6.32 -22.45
N ALA C 388 26.24 -6.72 -22.19
CA ALA C 388 25.20 -6.63 -23.21
C ALA C 388 24.96 -5.18 -23.63
N THR C 389 24.79 -4.29 -22.65
CA THR C 389 24.53 -2.89 -22.96
C THR C 389 25.64 -2.31 -23.81
N TYR C 390 26.90 -2.58 -23.46
CA TYR C 390 28.01 -2.14 -24.29
C TYR C 390 27.96 -2.76 -25.68
N ASP C 391 27.57 -4.03 -25.76
CA ASP C 391 27.37 -4.65 -27.06
C ASP C 391 26.43 -3.84 -27.93
N LYS C 392 25.43 -3.21 -27.34
CA LYS C 392 24.48 -2.47 -28.16
C LYS C 392 25.08 -1.21 -28.78
N VAL C 393 26.19 -0.69 -28.24
CA VAL C 393 26.78 0.54 -28.75
C VAL C 393 27.57 0.25 -30.04
N THR C 394 27.71 1.28 -30.88
CA THR C 394 28.48 1.14 -32.12
C THR C 394 29.65 2.10 -32.24
N PHE C 395 29.58 3.30 -31.65
CA PHE C 395 30.64 4.27 -31.90
C PHE C 395 31.86 3.97 -31.04
N ILE C 396 32.26 2.71 -30.99
CA ILE C 396 33.33 2.24 -30.13
C ILE C 396 33.92 0.98 -30.76
N THR C 397 35.23 0.95 -30.93
CA THR C 397 35.86 -0.21 -31.52
C THR C 397 35.76 -1.40 -30.58
N GLU C 398 36.02 -2.58 -31.12
CA GLU C 398 35.81 -3.81 -30.36
C GLU C 398 36.79 -3.94 -29.20
N GLU C 399 38.03 -3.53 -29.40
CA GLU C 399 39.05 -3.74 -28.38
C GLU C 399 38.75 -2.94 -27.12
N GLU C 400 38.21 -1.73 -27.26
CA GLU C 400 37.87 -0.96 -26.08
C GLU C 400 36.57 -1.45 -25.44
N LYS C 401 35.61 -1.90 -26.24
CA LYS C 401 34.44 -2.57 -25.69
C LYS C 401 34.86 -3.76 -24.84
N ARG C 402 35.92 -4.46 -25.26
CA ARG C 402 36.45 -5.53 -24.43
C ARG C 402 37.08 -4.97 -23.16
N GLU C 403 38.10 -4.12 -23.33
CA GLU C 403 38.92 -3.70 -22.20
C GLU C 403 38.14 -2.94 -21.14
N VAL C 404 36.98 -2.36 -21.50
CA VAL C 404 36.16 -1.70 -20.49
C VAL C 404 35.44 -2.68 -19.59
N THR C 405 35.47 -3.97 -19.92
CA THR C 405 34.78 -4.99 -19.14
C THR C 405 35.69 -6.20 -18.93
N GLY C 406 36.94 -5.95 -18.53
CA GLY C 406 37.89 -7.05 -18.49
C GLY C 406 38.35 -7.43 -19.88
N TRP C 407 38.53 -8.73 -20.11
CA TRP C 407 38.76 -9.28 -21.44
C TRP C 407 39.88 -8.54 -22.16
N PRO C 408 41.14 -8.77 -21.79
CA PRO C 408 42.23 -7.89 -22.26
C PRO C 408 42.34 -7.77 -23.77
N ALA C 409 42.54 -8.88 -24.47
CA ALA C 409 42.71 -8.86 -25.92
C ALA C 409 42.55 -10.24 -26.52
N PRO D 16 55.36 36.99 -20.54
CA PRO D 16 54.62 36.19 -19.56
C PRO D 16 54.72 36.68 -18.12
N ALA D 17 55.29 35.86 -17.25
CA ALA D 17 55.11 36.01 -15.80
C ALA D 17 55.50 37.40 -15.31
N PRO D 18 54.60 38.12 -14.63
CA PRO D 18 54.87 39.52 -14.28
C PRO D 18 55.49 39.72 -12.91
N SER D 19 55.50 38.66 -12.09
CA SER D 19 56.14 38.59 -10.77
C SER D 19 55.49 39.50 -9.73
N ALA D 20 54.47 40.27 -10.06
CA ALA D 20 53.88 41.25 -9.14
C ALA D 20 52.40 40.95 -8.93
N ASN D 21 52.11 40.15 -7.91
CA ASN D 21 50.74 39.76 -7.58
C ASN D 21 50.18 40.68 -6.50
N PRO D 22 48.86 40.70 -6.32
CA PRO D 22 48.27 41.61 -5.33
C PRO D 22 48.20 41.04 -3.93
N ALA D 23 48.97 40.00 -3.65
CA ALA D 23 48.97 39.38 -2.32
C ALA D 23 50.04 39.96 -1.41
N LYS D 24 50.73 41.01 -1.85
CA LYS D 24 51.69 41.72 -1.01
C LYS D 24 51.01 42.49 0.10
N ILE D 25 49.69 42.42 0.20
CA ILE D 25 48.92 43.13 1.20
C ILE D 25 49.21 42.60 2.61
N PHE D 26 49.80 41.41 2.71
CA PHE D 26 49.95 40.76 4.01
C PHE D 26 51.39 40.65 4.48
N ILE D 27 52.34 40.45 3.56
CA ILE D 27 53.76 40.36 3.92
C ILE D 27 54.28 41.69 4.47
N ARG D 28 53.62 42.80 4.13
CA ARG D 28 54.08 44.12 4.55
C ARG D 28 54.20 44.24 6.06
N ARG D 29 53.10 44.01 6.78
CA ARG D 29 52.95 44.10 8.23
C ARG D 29 52.13 42.97 8.81
N PHE D 30 51.05 42.57 8.11
CA PHE D 30 50.22 41.48 8.59
C PHE D 30 51.02 40.20 8.75
N PHE D 31 52.13 40.07 8.02
CA PHE D 31 53.07 38.97 8.18
C PHE D 31 54.49 39.53 8.28
N SER D 32 55.45 38.60 8.34
CA SER D 32 56.86 38.95 8.34
C SER D 32 57.63 37.89 7.55
N ALA D 33 58.60 38.33 6.77
CA ALA D 33 59.32 37.43 5.88
C ALA D 33 60.44 36.70 6.63
N GLY D 34 60.90 35.61 6.01
CA GLY D 34 61.99 34.82 6.55
C GLY D 34 61.77 34.34 7.98
N VAL D 35 60.68 33.61 8.20
CA VAL D 35 60.39 33.07 9.52
C VAL D 35 60.03 31.60 9.51
N ALA D 36 59.66 31.03 8.36
CA ALA D 36 59.28 29.62 8.25
C ALA D 36 58.10 29.28 9.17
N LYS D 37 57.00 29.99 8.95
CA LYS D 37 55.79 29.75 9.72
C LYS D 37 55.19 28.39 9.37
N ASN D 38 54.69 27.70 10.39
CA ASN D 38 54.05 26.41 10.16
C ASN D 38 52.72 26.58 9.46
N VAL D 39 52.26 25.50 8.83
CA VAL D 39 51.11 25.59 7.94
C VAL D 39 49.77 25.37 8.64
N VAL D 40 49.77 24.71 9.80
CA VAL D 40 48.53 24.39 10.51
C VAL D 40 48.73 24.65 11.99
N SER D 41 47.71 25.23 12.63
CA SER D 41 47.76 25.46 14.06
C SER D 41 47.84 24.14 14.81
N TYR D 42 48.55 24.15 15.93
CA TYR D 42 48.71 22.93 16.72
C TYR D 42 47.37 22.38 17.18
N SER D 43 46.42 23.27 17.50
CA SER D 43 45.09 22.83 17.88
C SER D 43 44.47 21.98 16.77
N ASN D 44 44.63 22.40 15.52
CA ASN D 44 44.09 21.64 14.40
C ASN D 44 44.76 20.28 14.30
N VAL D 45 46.07 20.21 14.56
CA VAL D 45 46.77 18.93 14.51
C VAL D 45 46.23 17.99 15.57
N MET D 46 46.08 18.49 16.81
CA MET D 46 45.54 17.64 17.87
C MET D 46 44.11 17.21 17.58
N ALA D 47 43.31 18.10 16.99
CA ALA D 47 41.94 17.76 16.67
C ALA D 47 41.88 16.66 15.61
N ALA D 48 42.71 16.78 14.57
CA ALA D 48 42.78 15.73 13.57
C ALA D 48 43.32 14.43 14.16
N GLN D 49 44.18 14.53 15.18
CA GLN D 49 44.72 13.34 15.80
C GLN D 49 43.66 12.58 16.57
N ARG D 50 43.00 13.26 17.52
CA ARG D 50 41.99 12.57 18.31
C ARG D 50 40.73 12.28 17.52
N ALA D 51 40.53 12.95 16.37
CA ALA D 51 39.43 12.60 15.50
C ALA D 51 39.70 11.31 14.73
N MET D 52 40.92 10.79 14.77
CA MET D 52 41.21 9.51 14.14
C MET D 52 40.90 8.32 15.05
N GLU D 53 40.59 8.57 16.32
CA GLU D 53 40.19 7.51 17.23
C GLU D 53 38.68 7.49 17.45
N HIS D 54 38.02 8.63 17.23
CA HIS D 54 36.57 8.68 17.39
C HIS D 54 35.91 7.71 16.42
N PRO D 55 34.84 7.03 16.83
CA PRO D 55 34.23 6.03 15.95
C PRO D 55 33.74 6.61 14.63
N VAL D 56 32.83 7.58 14.70
CA VAL D 56 32.19 8.09 13.50
C VAL D 56 33.18 8.85 12.64
N ALA D 57 34.02 9.67 13.27
CA ALA D 57 34.97 10.48 12.50
C ALA D 57 35.96 9.59 11.76
N PHE D 58 36.47 8.55 12.42
CA PHE D 58 37.41 7.66 11.74
C PHE D 58 36.71 6.88 10.64
N ARG D 59 35.49 6.40 10.89
CA ARG D 59 34.75 5.70 9.86
C ARG D 59 34.62 6.57 8.61
N CYS D 60 34.19 7.82 8.79
CA CYS D 60 34.01 8.70 7.63
C CYS D 60 35.35 9.00 6.95
N LEU D 61 36.39 9.24 7.74
CA LEU D 61 37.69 9.60 7.17
C LEU D 61 38.24 8.48 6.32
N ASP D 62 38.26 7.25 6.86
CA ASP D 62 38.80 6.18 6.03
C ASP D 62 37.84 5.77 4.93
N LYS D 63 36.55 6.09 5.06
CA LYS D 63 35.65 5.91 3.92
C LYS D 63 36.07 6.79 2.75
N LEU D 64 36.27 8.08 3.02
CA LEU D 64 36.77 8.98 1.99
C LEU D 64 38.09 8.50 1.43
N GLY D 65 39.02 8.12 2.31
CA GLY D 65 40.32 7.66 1.86
C GLY D 65 40.23 6.43 0.96
N LEU D 66 39.43 5.46 1.36
CA LEU D 66 39.28 4.24 0.57
C LEU D 66 38.67 4.55 -0.78
N THR D 67 37.61 5.35 -0.80
CA THR D 67 36.94 5.67 -2.06
C THR D 67 37.91 6.35 -3.01
N VAL D 68 38.66 7.33 -2.54
CA VAL D 68 39.61 8.03 -3.42
C VAL D 68 40.71 7.08 -3.86
N GLN D 69 41.20 6.25 -2.93
CA GLN D 69 42.32 5.36 -3.20
C GLN D 69 42.02 4.33 -4.28
N SER D 70 40.76 4.13 -4.63
CA SER D 70 40.39 3.08 -5.58
C SER D 70 40.53 3.51 -7.03
N VAL D 71 40.63 4.79 -7.31
CA VAL D 71 40.56 5.26 -8.68
C VAL D 71 41.91 5.10 -9.34
N LYS D 72 41.91 4.88 -10.66
CA LYS D 72 43.11 4.56 -11.40
C LYS D 72 43.62 5.79 -12.14
N TRP D 73 44.93 5.98 -12.12
CA TRP D 73 45.60 7.10 -12.77
C TRP D 73 46.04 6.75 -14.18
N ASP D 74 46.37 7.80 -14.94
CA ASP D 74 47.18 7.74 -16.15
C ASP D 74 47.39 9.17 -16.64
N VAL D 75 48.47 9.38 -17.37
CA VAL D 75 48.68 10.64 -18.06
C VAL D 75 48.08 10.52 -19.44
N GLY D 76 47.55 11.62 -19.95
CA GLY D 76 46.89 11.59 -21.25
C GLY D 76 46.76 12.96 -21.84
N LYS D 77 46.44 12.99 -23.14
CA LYS D 77 46.20 14.24 -23.84
C LYS D 77 45.04 14.99 -23.19
N ASP D 78 45.22 16.30 -23.04
CA ASP D 78 44.05 16.90 -22.41
C ASP D 78 43.03 17.32 -23.45
N PRO D 79 41.75 17.34 -23.08
CA PRO D 79 40.71 17.71 -24.07
C PRO D 79 40.84 19.14 -24.57
N GLN D 80 41.01 20.10 -23.67
CA GLN D 80 41.16 21.51 -24.08
C GLN D 80 42.61 21.78 -24.50
N ASN D 81 43.04 21.01 -25.51
CA ASN D 81 44.38 21.17 -26.07
C ASN D 81 44.29 22.19 -27.21
N THR D 82 44.24 23.47 -26.82
CA THR D 82 44.46 24.55 -27.76
C THR D 82 45.94 24.76 -28.05
N GLN D 83 46.80 24.30 -27.15
CA GLN D 83 48.25 24.49 -27.22
C GLN D 83 48.82 23.49 -28.21
N VAL D 84 48.83 23.87 -29.48
CA VAL D 84 49.38 22.99 -30.51
C VAL D 84 50.87 22.79 -30.29
N GLY D 85 51.55 23.74 -29.64
CA GLY D 85 52.91 23.55 -29.19
C GLY D 85 52.92 22.71 -27.94
N ASP D 86 52.68 21.41 -28.09
CA ASP D 86 52.45 20.52 -26.95
C ASP D 86 53.60 20.58 -25.96
N GLY D 87 53.26 20.68 -24.68
CA GLY D 87 54.21 20.78 -23.59
C GLY D 87 54.67 19.47 -23.00
N GLY D 88 54.32 18.35 -23.61
CA GLY D 88 54.91 17.08 -23.23
C GLY D 88 56.34 17.04 -23.72
N MET D 89 57.18 17.86 -23.09
CA MET D 89 58.45 18.34 -23.63
C MET D 89 59.27 17.28 -24.35
N SER D 90 59.30 16.06 -23.83
CA SER D 90 60.15 15.02 -24.39
C SER D 90 59.39 13.83 -24.94
N ALA D 91 58.21 13.52 -24.40
CA ALA D 91 57.46 12.29 -24.60
C ALA D 91 58.18 11.09 -23.97
N SER D 92 59.38 11.28 -23.45
CA SER D 92 60.02 10.33 -22.55
C SER D 92 59.84 10.72 -21.09
N GLN D 93 59.87 12.02 -20.81
CA GLN D 93 59.43 12.51 -19.50
C GLN D 93 58.01 12.07 -19.22
N ARG D 94 57.17 12.02 -20.24
CA ARG D 94 55.78 11.61 -20.04
C ARG D 94 55.70 10.12 -19.70
N LYS D 95 56.52 9.30 -20.36
CA LYS D 95 56.57 7.88 -20.00
C LYS D 95 57.08 7.70 -18.58
N ALA D 96 58.09 8.47 -18.19
CA ALA D 96 58.61 8.40 -16.84
C ALA D 96 57.56 8.84 -15.83
N LEU D 97 56.78 9.86 -16.16
CA LEU D 97 55.73 10.32 -15.26
C LEU D 97 54.63 9.29 -15.12
N GLN D 98 54.29 8.60 -16.22
CA GLN D 98 53.37 7.48 -16.12
C GLN D 98 53.91 6.41 -15.17
N GLN D 99 55.17 6.00 -15.40
CA GLN D 99 55.81 5.03 -14.52
C GLN D 99 55.70 5.43 -13.06
N ILE D 100 56.02 6.69 -12.77
CA ILE D 100 56.05 7.14 -11.38
C ILE D 100 54.64 7.23 -10.82
N LEU D 101 53.67 7.64 -11.63
CA LEU D 101 52.29 7.69 -11.18
C LEU D 101 51.77 6.31 -10.84
N GLN D 102 52.28 5.27 -11.49
CA GLN D 102 51.91 3.92 -11.09
C GLN D 102 52.81 3.36 -10.01
N ARG D 103 54.08 3.75 -9.99
CA ARG D 103 55.02 3.33 -8.94
C ARG D 103 55.81 4.53 -8.46
N PRO D 104 55.37 5.19 -7.41
CA PRO D 104 56.18 6.24 -6.78
C PRO D 104 57.36 5.64 -6.05
N ASN D 105 58.02 6.45 -5.22
CA ASN D 105 59.15 6.03 -4.40
C ASN D 105 59.00 4.60 -3.88
N PRO D 106 60.06 3.81 -3.90
CA PRO D 106 59.97 2.43 -3.41
C PRO D 106 59.37 2.34 -2.02
N THR D 107 58.82 1.16 -1.69
CA THR D 107 58.10 0.93 -0.43
C THR D 107 56.86 1.81 -0.30
N MET D 108 56.26 2.19 -1.42
CA MET D 108 54.97 2.86 -1.45
C MET D 108 54.44 2.86 -2.87
N SER D 109 53.17 2.49 -3.02
CA SER D 109 52.52 2.41 -4.31
C SER D 109 51.64 3.63 -4.55
N GLY D 110 51.18 3.78 -5.79
CA GLY D 110 50.37 4.94 -6.12
C GLY D 110 49.08 4.98 -5.33
N ALA D 111 48.50 3.82 -5.05
CA ALA D 111 47.24 3.77 -4.30
C ALA D 111 47.42 4.37 -2.91
N GLN D 112 48.50 4.00 -2.24
CA GLN D 112 48.73 4.56 -0.90
C GLN D 112 49.04 6.04 -0.96
N LEU D 113 49.68 6.50 -2.03
CA LEU D 113 49.86 7.93 -2.22
C LEU D 113 48.53 8.63 -2.30
N ARG D 114 47.61 8.11 -3.11
CA ARG D 114 46.28 8.70 -3.22
C ARG D 114 45.58 8.69 -1.87
N TYR D 115 45.68 7.59 -1.13
CA TYR D 115 45.00 7.50 0.16
C TYR D 115 45.52 8.54 1.13
N SER D 116 46.85 8.62 1.29
CA SER D 116 47.42 9.58 2.22
C SER D 116 47.09 11.01 1.80
N ALA D 117 47.16 11.29 0.49
CA ALA D 117 46.89 12.64 0.01
C ALA D 117 45.45 13.04 0.31
N ALA D 118 44.49 12.17 -0.02
CA ALA D 118 43.09 12.50 0.23
C ALA D 118 42.82 12.63 1.71
N LEU D 119 43.44 11.78 2.53
CA LEU D 119 43.21 11.85 3.97
C LEU D 119 43.71 13.18 4.54
N SER D 120 44.96 13.55 4.20
CA SER D 120 45.48 14.81 4.70
C SER D 120 44.72 16.00 4.14
N TRP D 121 44.20 15.88 2.93
CA TRP D 121 43.36 16.94 2.38
C TRP D 121 42.07 17.09 3.17
N ALA D 122 41.50 15.98 3.60
CA ALA D 122 40.26 16.04 4.37
C ALA D 122 40.50 16.59 5.77
N CYS D 123 41.63 16.24 6.38
CA CYS D 123 41.86 16.66 7.76
C CYS D 123 42.31 18.11 7.86
N PHE D 124 43.23 18.53 6.99
CA PHE D 124 43.82 19.87 7.12
C PHE D 124 43.52 20.79 5.95
N GLY D 125 43.03 20.28 4.84
CA GLY D 125 42.82 21.14 3.69
C GLY D 125 44.11 21.50 2.98
N ARG D 126 45.13 20.66 3.08
CA ARG D 126 46.40 20.90 2.43
C ARG D 126 46.91 19.58 1.83
N MET D 127 47.74 19.72 0.82
CA MET D 127 48.40 18.58 0.17
C MET D 127 49.81 19.00 -0.19
N ALA D 128 50.80 18.23 0.24
CA ALA D 128 52.19 18.55 -0.02
C ALA D 128 52.92 17.34 -0.56
N PHE D 129 53.96 17.60 -1.37
CA PHE D 129 54.68 16.53 -2.04
C PHE D 129 56.12 16.95 -2.27
N LYS D 130 56.91 16.03 -2.80
CA LYS D 130 58.31 16.29 -3.11
C LYS D 130 58.71 15.43 -4.30
N VAL D 131 59.42 16.03 -5.26
CA VAL D 131 59.79 15.35 -6.49
C VAL D 131 61.32 15.35 -6.60
N SER D 132 61.84 14.43 -7.41
CA SER D 132 63.27 14.22 -7.53
C SER D 132 63.69 14.12 -9.00
N VAL D 133 63.20 15.04 -9.82
CA VAL D 133 63.50 15.01 -11.25
C VAL D 133 65.01 14.94 -11.46
N MET D 134 65.45 13.99 -12.31
CA MET D 134 66.87 13.67 -12.39
C MET D 134 67.72 14.79 -12.95
N SER D 135 67.65 15.03 -14.27
CA SER D 135 68.34 16.19 -14.83
C SER D 135 67.60 16.79 -16.01
N ASP D 136 66.55 16.14 -16.49
CA ASP D 136 65.92 16.53 -17.75
C ASP D 136 64.41 16.44 -17.64
N GLY D 137 63.85 16.92 -16.54
CA GLY D 137 62.43 16.83 -16.33
C GLY D 137 61.91 15.43 -16.11
N SER D 138 62.78 14.44 -16.07
CA SER D 138 62.38 13.05 -15.82
C SER D 138 62.25 12.87 -14.31
N VAL D 139 61.02 12.82 -13.82
CA VAL D 139 60.80 12.70 -12.39
C VAL D 139 61.28 11.32 -11.94
N ASN D 140 62.00 11.29 -10.81
CA ASN D 140 62.55 10.04 -10.34
C ASN D 140 61.62 9.34 -9.35
N ALA D 141 61.05 10.09 -8.40
CA ALA D 141 60.14 9.54 -7.41
C ALA D 141 59.43 10.70 -6.73
N ILE D 142 58.31 10.40 -6.09
CA ILE D 142 57.49 11.40 -5.42
C ILE D 142 57.22 10.95 -3.99
N TRP D 143 57.38 11.87 -3.04
CA TRP D 143 57.14 11.58 -1.64
C TRP D 143 56.08 12.52 -1.09
N PRO D 144 55.12 12.01 -0.33
CA PRO D 144 54.21 12.89 0.39
C PRO D 144 54.87 13.51 1.61
N LEU D 145 54.37 14.67 2.00
CA LEU D 145 54.92 15.44 3.09
C LEU D 145 53.92 15.48 4.24
N GLY D 146 54.39 15.21 5.44
CA GLY D 146 53.53 15.29 6.60
C GLY D 146 53.14 16.73 6.90
N ILE D 147 51.85 17.05 6.68
CA ILE D 147 51.39 18.42 6.92
C ILE D 147 51.64 18.88 8.36
N PRO D 148 51.42 18.07 9.40
CA PRO D 148 51.60 18.59 10.77
C PRO D 148 52.92 19.29 11.02
N PHE D 149 54.03 18.69 10.62
CA PHE D 149 55.36 19.25 10.88
C PHE D 149 56.04 19.75 9.60
N LEU D 150 55.28 20.36 8.71
CA LEU D 150 55.83 21.01 7.53
C LEU D 150 55.67 22.52 7.67
N LYS D 151 56.78 23.24 7.64
CA LYS D 151 56.78 24.69 7.71
C LYS D 151 57.21 25.26 6.37
N GLN D 152 56.76 26.47 6.07
CA GLN D 152 57.06 27.11 4.81
C GLN D 152 57.45 28.56 5.05
N LYS D 153 58.25 29.09 4.12
CA LYS D 153 58.79 30.44 4.22
C LYS D 153 58.40 31.23 2.98
N PHE D 154 58.02 32.49 3.19
CA PHE D 154 57.49 33.34 2.15
C PHE D 154 58.57 34.21 1.52
N ASP D 155 58.24 34.77 0.36
CA ASP D 155 59.11 35.71 -0.33
C ASP D 155 58.82 37.12 0.17
N ARG D 156 59.35 38.12 -0.54
CA ARG D 156 59.01 39.50 -0.26
C ARG D 156 57.77 39.97 -1.00
N TYR D 157 57.47 39.40 -2.17
CA TYR D 157 56.32 39.90 -2.94
C TYR D 157 55.01 39.29 -2.48
N GLY D 158 54.78 38.01 -2.78
CA GLY D 158 53.51 37.42 -2.40
C GLY D 158 53.40 35.93 -2.16
N ASP D 159 54.50 35.19 -2.17
CA ASP D 159 54.38 33.74 -2.27
C ASP D 159 55.51 33.04 -1.55
N VAL D 160 55.44 31.71 -1.56
CA VAL D 160 56.42 30.88 -0.87
C VAL D 160 57.65 30.69 -1.75
N GLU D 161 58.79 30.48 -1.11
CA GLU D 161 60.00 30.09 -1.80
C GLU D 161 60.55 28.74 -1.37
N SER D 162 60.47 28.41 -0.08
CA SER D 162 61.08 27.19 0.41
C SER D 162 60.21 26.58 1.50
N PHE D 163 60.38 25.28 1.70
CA PHE D 163 59.65 24.53 2.72
C PHE D 163 60.65 23.92 3.69
N GLN D 164 60.44 24.17 4.97
CA GLN D 164 61.24 23.54 6.02
C GLN D 164 60.46 22.37 6.59
N TYR D 165 61.12 21.23 6.73
CA TYR D 165 60.46 19.98 7.11
C TYR D 165 61.22 19.41 8.32
N GLY D 166 60.69 19.63 9.51
CA GLY D 166 61.35 19.19 10.72
C GLY D 166 61.89 20.37 11.52
N ASP D 167 62.17 20.09 12.80
CA ASP D 167 62.56 21.15 13.73
C ASP D 167 64.06 21.45 13.68
N GLU D 168 64.91 20.49 14.05
CA GLU D 168 66.27 20.96 14.35
C GLU D 168 67.40 20.19 13.68
N ALA D 169 67.41 18.86 13.75
CA ALA D 169 68.56 18.12 13.23
C ALA D 169 68.62 18.20 11.72
N GLY D 170 67.66 17.55 11.04
CA GLY D 170 67.55 17.65 9.60
C GLY D 170 66.76 18.89 9.24
N LYS D 171 67.29 19.68 8.31
CA LYS D 171 66.78 21.02 8.04
C LYS D 171 66.72 21.33 6.56
N GLU D 172 66.18 20.44 5.74
CA GLU D 172 66.22 20.64 4.30
C GLU D 172 65.17 21.66 3.89
N THR D 173 65.63 22.80 3.37
CA THR D 173 64.75 23.83 2.83
C THR D 173 64.52 23.54 1.36
N ILE D 174 63.58 22.63 1.10
CA ILE D 174 63.28 22.27 -0.29
C ILE D 174 62.71 23.48 -1.00
N PRO D 175 63.20 23.84 -2.18
CA PRO D 175 62.64 25.01 -2.89
C PRO D 175 61.25 24.74 -3.39
N SER D 176 60.47 25.82 -3.52
CA SER D 176 59.14 25.73 -4.10
C SER D 176 59.26 25.61 -5.62
N PHE D 177 58.14 25.26 -6.26
CA PHE D 177 58.15 25.13 -7.72
C PHE D 177 58.36 26.47 -8.39
N THR D 178 57.97 27.57 -7.73
CA THR D 178 58.15 28.89 -8.32
C THR D 178 59.62 29.18 -8.60
N LYS D 179 60.45 29.09 -7.57
CA LYS D 179 61.89 29.32 -7.72
C LYS D 179 62.59 27.96 -7.66
N VAL D 180 63.15 27.55 -8.79
CA VAL D 180 63.94 26.34 -8.88
C VAL D 180 64.67 26.39 -10.22
N GLU D 181 65.81 25.72 -10.31
CA GLU D 181 66.57 25.76 -11.55
C GLU D 181 65.77 25.10 -12.65
N LYS D 182 65.24 25.91 -13.57
CA LYS D 182 64.36 25.41 -14.62
C LYS D 182 65.18 24.95 -15.82
N ASN D 183 64.57 24.07 -16.61
CA ASN D 183 65.14 23.71 -17.90
C ASN D 183 64.93 24.86 -18.88
N ASP D 184 65.61 24.77 -20.02
CA ASP D 184 65.46 25.80 -21.04
C ASP D 184 64.04 25.81 -21.60
N LYS D 185 63.29 24.73 -21.40
CA LYS D 185 61.87 24.72 -21.74
C LYS D 185 60.97 25.25 -20.62
N GLY D 186 61.38 25.08 -19.36
CA GLY D 186 60.55 25.51 -18.26
C GLY D 186 60.45 24.49 -17.15
N ARG D 187 60.72 23.23 -17.48
CA ARG D 187 60.68 22.18 -16.48
C ARG D 187 61.80 22.37 -15.46
N PRO D 188 61.58 21.98 -14.20
CA PRO D 188 62.63 22.11 -13.19
C PRO D 188 63.77 21.12 -13.42
N ILE D 189 64.86 21.34 -12.70
CA ILE D 189 66.02 20.47 -12.76
C ILE D 189 66.34 19.83 -11.40
N LYS D 190 65.98 20.45 -10.29
CA LYS D 190 66.25 19.92 -8.96
C LYS D 190 64.94 19.66 -8.24
N ASN D 191 65.04 19.22 -6.99
CA ASN D 191 63.87 18.85 -6.19
C ASN D 191 63.01 20.07 -5.88
N TYR D 192 61.75 19.82 -5.55
CA TYR D 192 60.84 20.89 -5.16
C TYR D 192 59.62 20.29 -4.45
N ALA D 193 58.69 21.15 -4.06
CA ALA D 193 57.51 20.75 -3.30
C ALA D 193 56.29 21.48 -3.85
N PHE D 194 55.09 21.06 -3.42
CA PHE D 194 53.86 21.55 -4.01
C PHE D 194 53.05 22.43 -3.07
N MET D 195 52.62 21.91 -1.93
CA MET D 195 51.69 22.58 -1.03
C MET D 195 50.43 23.04 -1.77
N ILE D 196 49.65 22.06 -2.22
CA ILE D 196 48.33 22.35 -2.75
C ILE D 196 47.42 22.80 -1.62
N VAL D 197 46.69 23.90 -1.82
CA VAL D 197 45.92 24.54 -0.77
C VAL D 197 44.49 24.72 -1.22
N LYS D 198 43.55 24.60 -0.26
CA LYS D 198 42.12 24.80 -0.45
C LYS D 198 41.75 26.24 -0.12
N PRO D 199 41.03 26.94 -1.00
CA PRO D 199 40.76 28.36 -0.78
C PRO D 199 39.77 28.57 0.36
N SER D 200 39.67 29.83 0.77
CA SER D 200 38.72 30.23 1.81
C SER D 200 38.34 31.69 1.56
N ILE D 201 37.65 32.28 2.53
CA ILE D 201 37.18 33.66 2.41
C ILE D 201 38.39 34.59 2.48
N ASN D 202 38.18 35.87 2.18
CA ASN D 202 39.18 36.92 2.33
C ASN D 202 40.50 36.57 1.64
N GLY D 203 40.43 35.74 0.60
CA GLY D 203 41.59 35.41 -0.19
C GLY D 203 42.76 34.90 0.63
N ALA D 204 43.85 35.68 0.65
CA ALA D 204 45.05 35.35 1.40
C ALA D 204 45.57 33.97 1.04
N MET D 205 45.79 33.79 -0.28
CA MET D 205 45.94 32.49 -0.92
C MET D 205 46.72 31.47 -0.08
N ASN D 206 47.79 31.89 0.57
CA ASN D 206 48.53 31.02 1.47
C ASN D 206 48.55 31.51 2.91
N PHE D 207 48.32 32.80 3.14
CA PHE D 207 48.31 33.37 4.47
C PHE D 207 46.97 33.16 5.17
N ASP D 208 46.08 32.39 4.56
CA ASP D 208 44.72 32.21 5.05
C ASP D 208 44.62 31.04 6.04
N VAL D 209 43.46 30.92 6.66
CA VAL D 209 43.22 29.86 7.63
C VAL D 209 42.72 28.61 6.91
N GLN D 210 43.06 27.45 7.46
CA GLN D 210 42.66 26.20 6.86
C GLN D 210 41.14 26.16 6.69
N ASN D 211 40.70 25.33 5.74
CA ASN D 211 39.28 25.16 5.43
C ASN D 211 39.02 23.66 5.44
N THR D 212 38.68 23.13 6.60
CA THR D 212 38.53 21.70 6.81
C THR D 212 37.23 21.41 7.54
N PRO D 213 36.62 20.25 7.30
CA PRO D 213 35.41 19.89 8.05
C PRO D 213 35.61 19.86 9.55
N LEU D 214 36.82 19.58 10.03
CA LEU D 214 37.08 19.55 11.46
C LEU D 214 36.82 20.90 12.13
N GLN D 215 36.65 21.97 11.36
CA GLN D 215 36.37 23.27 11.94
C GLN D 215 35.01 23.28 12.64
N ALA D 216 34.04 22.60 12.06
CA ALA D 216 32.64 22.79 12.41
C ALA D 216 32.02 21.55 13.06
N ILE D 217 32.84 20.66 13.61
CA ILE D 217 32.29 19.46 14.23
C ILE D 217 32.84 19.29 15.63
N GLY D 218 33.44 20.34 16.20
CA GLY D 218 33.88 20.26 17.59
C GLY D 218 32.72 20.04 18.54
N VAL D 219 31.65 20.82 18.37
CA VAL D 219 30.47 20.68 19.22
C VAL D 219 29.87 19.27 19.12
N PRO D 220 29.56 18.73 17.95
CA PRO D 220 28.95 17.41 17.92
C PRO D 220 29.86 16.30 18.42
N VAL D 221 31.16 16.37 18.14
CA VAL D 221 32.04 15.30 18.61
C VAL D 221 32.17 15.35 20.13
N ALA D 222 32.21 16.56 20.71
CA ALA D 222 32.26 16.65 22.16
C ALA D 222 30.97 16.15 22.78
N LEU D 223 29.82 16.49 22.18
CA LEU D 223 28.55 16.01 22.71
C LEU D 223 28.45 14.49 22.62
N TYR D 224 28.91 13.92 21.50
CA TYR D 224 28.90 12.47 21.35
C TYR D 224 29.74 11.81 22.42
N ASP D 225 30.96 12.32 22.64
CA ASP D 225 31.82 11.73 23.65
C ASP D 225 31.21 11.84 25.04
N ALA D 226 30.56 12.97 25.34
CA ALA D 226 29.92 13.12 26.64
C ALA D 226 28.81 12.08 26.84
N LEU D 227 27.96 11.92 25.82
CA LEU D 227 26.88 10.94 25.93
C LEU D 227 27.41 9.52 26.09
N MET D 228 28.45 9.17 25.32
CA MET D 228 28.97 7.81 25.43
C MET D 228 29.66 7.58 26.77
N ALA D 229 30.31 8.60 27.33
CA ALA D 229 30.89 8.44 28.66
C ALA D 229 29.80 8.24 29.70
N ARG D 230 28.71 8.99 29.60
CA ARG D 230 27.58 8.75 30.49
C ARG D 230 27.10 7.31 30.36
N ALA D 231 26.98 6.82 29.14
CA ALA D 231 26.48 5.46 28.93
C ALA D 231 27.40 4.43 29.58
N ILE D 232 28.71 4.55 29.35
CA ILE D 232 29.65 3.61 29.95
C ILE D 232 29.54 3.64 31.47
N ASP D 233 29.58 4.84 32.04
CA ASP D 233 29.53 4.94 33.50
C ASP D 233 28.26 4.30 34.06
N SER D 234 27.13 4.55 33.41
CA SER D 234 25.87 4.01 33.93
C SER D 234 25.72 2.52 33.64
N ALA D 235 26.48 1.96 32.71
CA ALA D 235 26.36 0.54 32.41
C ALA D 235 26.81 -0.31 33.58
N ASP D 236 27.97 0.00 34.13
CA ASP D 236 28.48 -0.66 35.34
C ASP D 236 28.48 0.35 36.47
N GLY D 237 27.66 0.10 37.48
CA GLY D 237 27.42 1.07 38.53
C GLY D 237 25.97 1.10 38.94
N THR D 238 25.09 0.77 38.00
CA THR D 238 23.68 0.63 38.34
C THR D 238 23.40 -0.80 38.78
N PRO D 239 22.94 -1.03 40.01
CA PRO D 239 22.67 -2.39 40.45
C PRO D 239 21.68 -3.08 39.53
N ASN D 240 22.02 -4.32 39.15
CA ASN D 240 21.22 -5.05 38.18
C ASN D 240 20.30 -6.07 38.86
N SER D 241 20.03 -5.87 40.14
CA SER D 241 19.18 -6.76 40.89
C SER D 241 17.73 -6.31 40.86
N LYS D 242 16.84 -7.29 40.97
CA LYS D 242 15.41 -7.07 41.14
C LYS D 242 15.00 -7.54 42.54
N TRP D 243 13.72 -7.38 42.85
CA TRP D 243 13.15 -7.91 44.08
C TRP D 243 13.86 -7.34 45.32
N LEU D 244 13.71 -6.05 45.52
CA LEU D 244 14.16 -5.46 46.78
C LEU D 244 13.13 -5.86 47.84
N VAL D 245 13.38 -6.97 48.50
CA VAL D 245 12.46 -7.53 49.49
C VAL D 245 12.94 -7.13 50.88
N THR D 246 12.00 -6.69 51.72
CA THR D 246 12.31 -6.20 53.05
C THR D 246 11.36 -6.81 54.08
N ALA D 247 11.92 -7.34 55.16
CA ALA D 247 11.15 -7.87 56.27
C ALA D 247 10.96 -6.77 57.32
N SER D 248 10.44 -7.13 58.48
CA SER D 248 10.15 -6.18 59.54
C SER D 248 11.18 -6.29 60.66
N ARG D 249 11.11 -5.36 61.61
CA ARG D 249 12.03 -5.35 62.75
C ARG D 249 11.53 -6.23 63.88
N ASP D 250 10.65 -7.17 63.57
CA ASP D 250 10.28 -8.22 64.52
C ASP D 250 10.19 -9.50 63.72
N LEU D 251 11.33 -10.16 63.55
CA LEU D 251 11.33 -11.42 62.82
C LEU D 251 12.36 -12.42 63.34
N ASP D 252 12.95 -12.20 64.51
CA ASP D 252 13.87 -13.18 65.06
C ASP D 252 15.00 -13.47 64.08
N ASP D 253 15.94 -12.54 63.93
CA ASP D 253 16.91 -12.62 62.86
C ASP D 253 17.65 -13.95 62.99
N GLY D 254 17.32 -14.89 62.12
CA GLY D 254 17.59 -16.30 62.34
C GLY D 254 16.48 -17.17 61.77
N GLN D 255 15.27 -16.62 61.68
CA GLN D 255 14.29 -17.11 60.73
C GLN D 255 14.07 -16.12 59.59
N ALA D 256 14.54 -14.88 59.73
CA ALA D 256 14.68 -14.04 58.56
C ALA D 256 15.63 -14.66 57.55
N LYS D 257 16.72 -15.28 58.04
CA LYS D 257 17.61 -16.00 57.14
C LYS D 257 16.90 -17.16 56.47
N GLU D 258 16.00 -17.82 57.19
CA GLU D 258 15.22 -18.90 56.60
C GLU D 258 14.31 -18.39 55.50
N VAL D 259 13.67 -17.24 55.73
CA VAL D 259 12.83 -16.64 54.70
C VAL D 259 13.68 -16.26 53.49
N LYS D 260 14.87 -15.71 53.72
CA LYS D 260 15.74 -15.35 52.62
C LYS D 260 16.16 -16.57 51.81
N GLU D 261 16.50 -17.66 52.49
CA GLU D 261 16.87 -18.87 51.76
C GLU D 261 15.68 -19.43 50.98
N GLY D 262 14.48 -19.33 51.55
CA GLY D 262 13.30 -19.75 50.82
C GLY D 262 13.08 -18.93 49.55
N ILE D 263 13.21 -17.62 49.66
CA ILE D 263 13.06 -16.76 48.48
C ILE D 263 14.16 -17.05 47.46
N GLU D 264 15.37 -17.28 47.95
CA GLU D 264 16.52 -17.41 47.06
C GLU D 264 16.53 -18.74 46.35
N GLU D 265 16.15 -19.82 47.03
CA GLU D 265 16.30 -21.13 46.42
C GLU D 265 15.14 -21.43 45.49
N THR D 266 14.78 -20.47 44.64
CA THR D 266 13.88 -20.70 43.52
C THR D 266 14.52 -20.28 42.22
N LYS D 267 15.77 -19.84 42.25
CA LYS D 267 16.51 -19.55 41.03
C LYS D 267 16.52 -20.79 40.13
N PRO D 268 16.69 -20.61 38.83
CA PRO D 268 16.84 -21.77 37.95
C PRO D 268 17.96 -22.68 38.43
N GLY D 269 17.63 -23.94 38.70
CA GLY D 269 18.60 -24.86 39.26
C GLY D 269 18.71 -24.71 40.77
N GLY D 270 17.56 -24.78 41.44
CA GLY D 270 17.52 -24.78 42.89
C GLY D 270 16.67 -25.94 43.38
N ASP D 271 16.61 -26.07 44.71
CA ASP D 271 15.86 -27.15 45.32
C ASP D 271 14.39 -27.10 44.90
N ASN D 272 13.69 -26.05 45.30
CA ASN D 272 12.32 -25.80 44.86
C ASN D 272 12.35 -24.63 43.88
N GLY D 273 12.57 -24.94 42.60
CA GLY D 273 12.69 -23.93 41.57
C GLY D 273 11.39 -23.80 40.81
N GLY D 274 10.79 -22.62 40.89
CA GLY D 274 9.57 -22.32 40.19
C GLY D 274 8.30 -22.45 40.99
N GLU D 275 8.38 -22.94 42.22
CA GLU D 275 7.18 -23.12 43.02
C GLU D 275 6.91 -21.87 43.84
N ILE D 276 5.75 -21.82 44.48
CA ILE D 276 5.29 -20.63 45.19
C ILE D 276 6.17 -20.36 46.40
N ILE D 277 6.02 -19.18 46.99
CA ILE D 277 6.60 -18.86 48.29
C ILE D 277 5.45 -18.75 49.28
N PHE D 278 5.51 -19.53 50.35
CA PHE D 278 4.52 -19.46 51.41
C PHE D 278 5.17 -18.89 52.67
N ILE D 279 4.62 -17.81 53.17
CA ILE D 279 5.10 -17.15 54.38
C ILE D 279 3.97 -17.19 55.41
N ALA D 280 4.20 -17.89 56.51
CA ALA D 280 3.23 -17.97 57.58
C ALA D 280 3.47 -16.83 58.56
N GLY D 281 2.57 -15.86 58.58
CA GLY D 281 2.71 -14.73 59.46
C GLY D 281 3.83 -13.80 59.09
N THR D 282 3.86 -12.62 59.70
CA THR D 282 4.94 -11.64 59.49
C THR D 282 5.10 -11.29 58.01
N ASP D 283 4.08 -10.63 57.49
CA ASP D 283 4.03 -10.26 56.08
C ASP D 283 5.30 -9.55 55.62
N VAL D 284 6.02 -10.17 54.69
CA VAL D 284 7.15 -9.54 54.04
C VAL D 284 6.65 -8.82 52.80
N LYS D 285 7.40 -7.82 52.35
CA LYS D 285 6.94 -6.94 51.29
C LYS D 285 7.99 -6.82 50.21
N VAL D 286 7.67 -7.29 49.02
CA VAL D 286 8.57 -7.26 47.88
C VAL D 286 8.12 -6.16 46.92
N GLN D 287 9.09 -5.46 46.34
CA GLN D 287 8.83 -4.54 45.25
C GLN D 287 9.83 -4.85 44.14
N GLU D 288 9.35 -4.92 42.91
CA GLU D 288 10.19 -5.27 41.78
C GLU D 288 10.74 -4.00 41.15
N MET D 289 12.06 -3.92 41.07
CA MET D 289 12.70 -2.74 40.48
C MET D 289 12.57 -2.78 38.97
N LYS D 290 12.34 -1.61 38.37
CA LYS D 290 12.21 -1.55 36.92
C LYS D 290 13.54 -1.77 36.24
N ASN D 291 14.54 -0.97 36.60
CA ASN D 291 15.87 -1.01 35.97
C ASN D 291 15.74 -0.92 34.45
N ASP D 292 15.22 0.23 34.00
CA ASP D 292 14.93 0.42 32.58
C ASP D 292 16.20 0.22 31.75
N LEU D 293 17.17 1.11 31.92
CA LEU D 293 18.50 0.94 31.37
C LEU D 293 18.49 0.76 29.85
N SER D 294 17.43 1.23 29.19
CA SER D 294 17.27 1.05 27.76
C SER D 294 17.48 2.34 26.99
N ASP D 295 17.94 3.39 27.65
CA ASP D 295 18.26 4.64 26.97
C ASP D 295 19.55 5.24 27.50
N ILE D 296 20.50 4.40 27.91
CA ILE D 296 21.70 4.91 28.56
C ILE D 296 22.52 5.75 27.58
N HIS D 297 22.53 5.39 26.31
CA HIS D 297 23.30 6.17 25.35
C HIS D 297 22.54 7.35 24.79
N SER D 298 21.27 7.53 25.15
CA SER D 298 20.45 8.62 24.62
C SER D 298 20.37 8.52 23.09
N LYS D 299 19.65 7.50 22.63
CA LYS D 299 19.64 7.16 21.22
C LYS D 299 19.27 8.35 20.34
N VAL D 300 18.31 9.16 20.79
CA VAL D 300 17.81 10.24 19.95
C VAL D 300 18.83 11.36 19.87
N PRO D 301 19.32 11.94 20.99
CA PRO D 301 20.36 12.95 20.84
C PRO D 301 21.75 12.36 20.73
N LEU D 302 21.88 11.28 19.97
CA LEU D 302 23.17 10.73 19.58
C LEU D 302 23.25 10.48 18.09
N ASP D 303 22.21 9.87 17.52
CA ASP D 303 22.14 9.72 16.08
C ASP D 303 22.15 11.07 15.40
N ASP D 304 21.66 12.12 16.06
CA ASP D 304 21.71 13.44 15.45
C ASP D 304 23.14 13.95 15.36
N GLN D 305 23.93 13.75 16.41
CA GLN D 305 25.33 14.14 16.34
C GLN D 305 26.08 13.32 15.30
N ALA D 306 25.74 12.03 15.19
CA ALA D 306 26.35 11.22 14.16
C ALA D 306 25.99 11.72 12.77
N ARG D 307 24.71 12.06 12.55
CA ARG D 307 24.30 12.60 11.27
C ARG D 307 25.01 13.90 10.97
N THR D 308 25.22 14.73 11.98
CA THR D 308 25.87 16.01 11.75
C THR D 308 27.33 15.82 11.36
N ILE D 309 28.08 15.05 12.14
CA ILE D 309 29.49 14.84 11.81
C ILE D 309 29.69 13.90 10.65
N ALA D 310 28.61 13.32 10.11
CA ALA D 310 28.73 12.61 8.85
C ALA D 310 28.43 13.53 7.67
N GLY D 311 27.36 14.31 7.77
CA GLY D 311 27.02 15.21 6.69
C GLY D 311 28.03 16.33 6.49
N ASN D 312 28.69 16.76 7.57
CA ASN D 312 29.72 17.77 7.42
C ASN D 312 30.90 17.26 6.62
N PHE D 313 31.11 15.94 6.61
CA PHE D 313 32.10 15.33 5.74
C PHE D 313 31.56 15.07 4.34
N GLY D 314 30.27 15.31 4.12
CA GLY D 314 29.67 15.06 2.83
C GLY D 314 29.49 13.58 2.54
N ILE D 315 28.69 12.91 3.35
CA ILE D 315 28.41 11.49 3.15
C ILE D 315 26.91 11.27 3.35
N PRO D 316 26.18 10.84 2.32
CA PRO D 316 24.76 10.53 2.49
C PRO D 316 24.54 9.60 3.66
N ILE D 317 23.56 9.94 4.51
CA ILE D 317 23.32 9.19 5.73
C ILE D 317 23.12 7.72 5.44
N ALA D 318 22.41 7.42 4.34
CA ALA D 318 22.08 6.03 4.00
C ALA D 318 23.31 5.14 3.94
N LEU D 319 24.47 5.69 3.56
CA LEU D 319 25.68 4.87 3.49
C LEU D 319 26.05 4.25 4.82
N LEU D 320 25.58 4.81 5.92
CA LEU D 320 25.98 4.33 7.24
C LEU D 320 24.79 4.19 8.18
N TYR D 334 18.84 3.22 -2.58
CA TYR D 334 20.14 2.99 -1.95
C TYR D 334 21.27 3.28 -2.93
N ASP D 335 21.33 2.50 -4.01
CA ASP D 335 22.38 2.67 -5.00
C ASP D 335 22.41 4.08 -5.57
N GLU D 336 21.24 4.73 -5.68
CA GLU D 336 21.21 6.13 -6.07
C GLU D 336 22.05 6.97 -5.11
N SER D 337 21.97 6.66 -3.82
CA SER D 337 22.76 7.41 -2.84
C SER D 337 24.24 7.13 -2.98
N ARG D 338 24.61 5.91 -3.39
CA ARG D 338 26.02 5.65 -3.67
C ARG D 338 26.51 6.47 -4.86
N LYS D 339 25.71 6.51 -5.93
CA LYS D 339 26.04 7.36 -7.07
C LYS D 339 26.18 8.82 -6.64
N ALA D 340 25.30 9.26 -5.74
CA ALA D 340 25.36 10.64 -5.27
C ALA D 340 26.65 10.90 -4.50
N PHE D 341 26.97 10.02 -3.56
CA PHE D 341 28.22 10.17 -2.82
C PHE D 341 29.42 10.16 -3.75
N PHE D 342 29.33 9.45 -4.87
CA PHE D 342 30.47 9.42 -5.78
C PHE D 342 30.60 10.69 -6.59
N GLU D 343 29.53 11.12 -7.26
CA GLU D 343 29.63 12.26 -8.17
C GLU D 343 29.12 13.55 -7.55
N ASP D 344 29.13 13.66 -6.22
CA ASP D 344 28.78 14.90 -5.57
C ASP D 344 29.83 15.41 -4.59
N THR D 345 30.56 14.52 -3.92
CA THR D 345 31.53 14.96 -2.93
C THR D 345 32.90 14.35 -3.18
N ILE D 346 32.95 13.13 -3.69
CA ILE D 346 34.23 12.51 -4.00
C ILE D 346 34.80 13.06 -5.28
N GLU D 347 33.96 13.15 -6.32
CA GLU D 347 34.45 13.64 -7.60
C GLU D 347 34.82 15.11 -7.53
N PRO D 348 33.89 16.04 -7.23
CA PRO D 348 34.32 17.45 -7.13
C PRO D 348 34.75 17.90 -5.75
N GLY D 349 35.46 17.07 -4.97
CA GLY D 349 36.03 17.61 -3.77
C GLY D 349 37.38 17.03 -3.38
N TYR D 350 37.74 15.94 -4.02
CA TYR D 350 39.01 15.27 -3.82
C TYR D 350 39.68 14.93 -5.13
N LEU D 351 38.90 14.62 -6.16
CA LEU D 351 39.44 14.18 -7.43
C LEU D 351 39.88 15.37 -8.28
N THR D 352 38.97 16.32 -8.51
CA THR D 352 39.34 17.49 -9.29
C THR D 352 40.44 18.32 -8.66
N PRO D 353 40.45 18.61 -7.35
CA PRO D 353 41.56 19.42 -6.83
C PRO D 353 42.89 18.70 -6.94
N LEU D 354 42.92 17.39 -6.67
CA LEU D 354 44.17 16.65 -6.75
C LEU D 354 44.67 16.58 -8.17
N GLU D 355 43.80 16.26 -9.13
CA GLU D 355 44.26 16.13 -10.50
C GLU D 355 44.64 17.50 -11.09
N ASP D 356 43.94 18.56 -10.70
CA ASP D 356 44.32 19.88 -11.19
C ASP D 356 45.62 20.35 -10.55
N GLY D 357 45.85 20.02 -9.29
CA GLY D 357 47.11 20.36 -8.67
C GLY D 357 48.28 19.66 -9.32
N PHE D 358 48.15 18.36 -9.55
CA PHE D 358 49.21 17.64 -10.24
C PHE D 358 49.40 18.15 -11.66
N SER D 359 48.32 18.31 -12.42
CA SER D 359 48.44 18.77 -13.78
C SER D 359 49.04 20.17 -13.85
N MET D 360 48.82 20.98 -12.82
CA MET D 360 49.31 22.35 -12.89
C MET D 360 50.82 22.40 -12.94
N PHE D 361 51.49 21.72 -12.00
CA PHE D 361 52.94 21.58 -12.11
C PHE D 361 53.35 20.14 -11.82
N LEU D 362 53.16 19.28 -12.81
CA LEU D 362 53.93 18.05 -13.02
C LEU D 362 54.21 17.79 -14.48
N CYS D 363 53.54 18.46 -15.41
CA CYS D 363 53.73 18.25 -16.84
C CYS D 363 53.36 19.53 -17.58
N GLY D 364 53.85 19.64 -18.81
CA GLY D 364 53.56 20.81 -19.61
C GLY D 364 52.14 20.81 -20.13
N ALA D 365 51.79 21.90 -20.80
CA ALA D 365 50.47 22.02 -21.39
C ALA D 365 50.27 20.96 -22.47
N GLY D 366 49.01 20.75 -22.85
CA GLY D 366 48.65 19.71 -23.79
C GLY D 366 48.55 18.33 -23.19
N TYR D 367 49.23 18.07 -22.07
CA TYR D 367 49.15 16.79 -21.39
C TYR D 367 48.98 17.04 -19.89
N ARG D 368 48.25 16.15 -19.24
CA ARG D 368 47.95 16.35 -17.83
C ARG D 368 47.44 15.03 -17.26
N VAL D 369 47.44 14.94 -15.94
CA VAL D 369 47.04 13.70 -15.28
C VAL D 369 45.52 13.59 -15.29
N ILE D 370 45.04 12.41 -15.65
CA ILE D 370 43.61 12.12 -15.72
C ILE D 370 43.40 10.78 -15.03
N PHE D 371 42.20 10.57 -14.50
CA PHE D 371 41.82 9.29 -13.94
C PHE D 371 40.54 8.81 -14.61
N ASP D 372 40.47 7.51 -14.89
CA ASP D 372 39.39 6.93 -15.66
C ASP D 372 38.15 6.78 -14.78
N ARG D 373 37.08 7.49 -15.12
CA ARG D 373 35.85 7.38 -14.35
C ARG D 373 35.25 5.98 -14.46
N ASP D 374 35.41 5.31 -15.60
CA ASP D 374 34.88 3.96 -15.75
C ASP D 374 35.60 2.94 -14.89
N SER D 375 36.64 3.34 -14.16
CA SER D 375 37.21 2.46 -13.15
C SER D 375 36.44 2.49 -11.85
N ILE D 376 35.49 3.41 -11.70
CA ILE D 376 34.63 3.43 -10.52
C ILE D 376 33.52 2.42 -10.71
N PRO D 377 33.35 1.46 -9.80
CA PRO D 377 32.36 0.39 -10.03
C PRO D 377 30.92 0.88 -9.92
N ALA D 378 30.66 2.01 -9.27
CA ALA D 378 29.28 2.45 -9.09
C ALA D 378 28.71 3.14 -10.32
N LEU D 379 29.57 3.68 -11.19
CA LEU D 379 29.14 4.48 -12.32
C LEU D 379 29.00 3.68 -13.61
N ARG D 380 29.28 2.38 -13.58
CA ARG D 380 29.36 1.61 -14.82
C ARG D 380 28.01 1.51 -15.51
N LYS D 381 26.96 1.18 -14.77
CA LYS D 381 25.63 1.08 -15.35
C LYS D 381 25.18 2.39 -15.97
N SER D 382 25.41 3.49 -15.26
CA SER D 382 25.02 4.80 -15.78
C SER D 382 25.78 5.12 -17.06
N ARG D 383 27.10 4.88 -17.06
CA ARG D 383 27.87 5.14 -18.27
C ARG D 383 27.35 4.31 -19.44
N ALA D 384 27.02 3.05 -19.20
CA ALA D 384 26.55 2.19 -20.29
C ALA D 384 25.20 2.69 -20.83
N ASP D 385 24.28 3.04 -19.95
CA ASP D 385 22.98 3.52 -20.42
C ASP D 385 23.12 4.83 -21.18
N ILE D 386 23.96 5.75 -20.69
CA ILE D 386 24.19 7.00 -21.39
C ILE D 386 24.78 6.73 -22.77
N ALA D 387 25.75 5.82 -22.84
CA ALA D 387 26.39 5.50 -24.11
C ALA D 387 25.37 4.97 -25.12
N ALA D 388 24.50 4.06 -24.68
CA ALA D 388 23.48 3.52 -25.57
C ALA D 388 22.54 4.62 -26.06
N THR D 389 22.03 5.43 -25.12
CA THR D 389 21.11 6.49 -25.49
C THR D 389 21.73 7.44 -26.52
N TYR D 390 22.98 7.83 -26.29
CA TYR D 390 23.67 8.66 -27.28
C TYR D 390 23.83 7.92 -28.61
N ASP D 391 24.10 6.62 -28.55
CA ASP D 391 24.14 5.83 -29.78
C ASP D 391 22.86 6.00 -30.59
N LYS D 392 21.72 6.12 -29.92
CA LYS D 392 20.47 6.23 -30.67
C LYS D 392 20.34 7.53 -31.44
N VAL D 393 21.09 8.58 -31.07
CA VAL D 393 20.97 9.88 -31.74
C VAL D 393 21.70 9.85 -33.08
N THR D 394 21.26 10.71 -34.00
CA THR D 394 21.91 10.81 -35.31
C THR D 394 22.45 12.20 -35.64
N PHE D 395 21.85 13.27 -35.13
CA PHE D 395 22.28 14.60 -35.57
C PHE D 395 23.55 15.01 -34.84
N ILE D 396 24.51 14.11 -34.76
CA ILE D 396 25.74 14.32 -34.00
C ILE D 396 26.82 13.43 -34.61
N THR D 397 27.97 14.02 -34.94
CA THR D 397 29.04 13.23 -35.52
C THR D 397 29.60 12.26 -34.49
N GLU D 398 30.36 11.28 -34.98
CA GLU D 398 30.82 10.20 -34.11
C GLU D 398 31.82 10.70 -33.08
N GLU D 399 32.70 11.63 -33.46
CA GLU D 399 33.77 12.05 -32.55
C GLU D 399 33.20 12.74 -31.32
N GLU D 400 32.14 13.53 -31.48
CA GLU D 400 31.55 14.18 -30.32
C GLU D 400 30.70 13.20 -29.50
N LYS D 401 30.02 12.26 -30.14
CA LYS D 401 29.38 11.18 -29.41
C LYS D 401 30.38 10.44 -28.54
N ARG D 402 31.61 10.29 -29.03
CA ARG D 402 32.66 9.71 -28.20
C ARG D 402 33.03 10.65 -27.07
N GLU D 403 33.48 11.85 -27.41
CA GLU D 403 34.07 12.74 -26.41
C GLU D 403 33.10 13.16 -25.32
N VAL D 404 31.79 13.06 -25.58
CA VAL D 404 30.81 13.38 -24.53
C VAL D 404 30.74 12.27 -23.48
N THR D 405 31.37 11.13 -23.72
CA THR D 405 31.32 10.00 -22.80
C THR D 405 32.72 9.41 -22.62
N GLY D 406 33.71 10.27 -22.40
CA GLY D 406 35.08 9.76 -22.39
C GLY D 406 35.56 9.50 -23.80
N TRP D 407 36.34 8.42 -23.96
CA TRP D 407 36.71 7.90 -25.27
C TRP D 407 37.27 9.00 -26.17
N PRO D 408 38.51 9.44 -25.94
CA PRO D 408 38.99 10.67 -26.59
C PRO D 408 38.92 10.65 -28.11
N ALA D 409 39.58 9.68 -28.75
CA ALA D 409 39.60 9.62 -30.21
C ALA D 409 40.10 8.27 -30.69
N PRO E 16 28.70 56.22 -29.50
CA PRO E 16 28.52 55.28 -28.38
C PRO E 16 28.48 55.93 -27.00
N ALA E 17 29.43 55.59 -26.15
CA ALA E 17 29.31 55.81 -24.70
C ALA E 17 29.00 57.26 -24.36
N PRO E 18 27.92 57.54 -23.62
CA PRO E 18 27.51 58.94 -23.41
C PRO E 18 28.04 59.55 -22.14
N SER E 19 28.63 58.73 -21.26
CA SER E 19 29.31 59.13 -20.02
C SER E 19 28.39 59.74 -18.97
N ALA E 20 27.09 59.89 -19.23
CA ALA E 20 26.18 60.57 -18.32
C ALA E 20 25.04 59.62 -17.91
N ASN E 21 25.26 58.90 -16.81
CA ASN E 21 24.27 57.95 -16.29
C ASN E 21 23.42 58.61 -15.22
N PRO E 22 22.28 58.01 -14.88
CA PRO E 22 21.38 58.64 -13.89
C PRO E 22 21.70 58.27 -12.46
N ALA E 23 22.91 57.77 -12.20
CA ALA E 23 23.29 57.39 -10.85
C ALA E 23 24.02 58.51 -10.11
N LYS E 24 24.08 59.70 -10.70
CA LYS E 24 24.62 60.88 -10.03
C LYS E 24 23.75 61.36 -8.90
N ILE E 25 22.62 60.68 -8.64
CA ILE E 25 21.69 61.04 -7.60
C ILE E 25 22.30 60.90 -6.21
N PHE E 26 23.40 60.15 -6.10
CA PHE E 26 23.94 59.81 -4.78
C PHE E 26 25.29 60.45 -4.49
N ILE E 27 26.15 60.62 -5.50
CA ILE E 27 27.45 61.26 -5.30
C ILE E 27 27.30 62.73 -4.91
N ARG E 28 26.16 63.34 -5.24
CA ARG E 28 25.94 64.76 -4.98
C ARG E 28 26.10 65.10 -3.50
N ARG E 29 25.31 64.47 -2.64
CA ARG E 29 25.24 64.65 -1.19
C ARG E 29 25.11 63.33 -0.44
N PHE E 30 24.32 62.39 -0.98
CA PHE E 30 24.15 61.10 -0.33
C PHE E 30 25.49 60.39 -0.18
N PHE E 31 26.46 60.72 -1.03
CA PHE E 31 27.83 60.22 -0.90
C PHE E 31 28.80 61.39 -1.01
N SER E 32 30.10 61.05 -1.01
CA SER E 32 31.15 62.03 -1.21
C SER E 32 32.28 61.38 -2.00
N ALA E 33 32.85 62.14 -2.93
CA ALA E 33 33.85 61.59 -3.83
C ALA E 33 35.23 61.58 -3.18
N GLY E 34 36.13 60.78 -3.77
CA GLY E 34 37.49 60.67 -3.31
C GLY E 34 37.64 60.31 -1.84
N VAL E 35 37.06 59.18 -1.45
CA VAL E 35 37.17 58.73 -0.06
C VAL E 35 37.56 57.27 0.07
N ALA E 36 37.45 56.46 -0.99
CA ALA E 36 37.80 55.05 -0.96
C ALA E 36 37.00 54.30 0.12
N LYS E 37 35.67 54.36 -0.01
CA LYS E 37 34.79 53.67 0.91
C LYS E 37 34.91 52.16 0.73
N ASN E 38 34.89 51.43 1.85
CA ASN E 38 34.95 49.98 1.78
C ASN E 38 33.65 49.41 1.23
N VAL E 39 33.73 48.18 0.74
CA VAL E 39 32.61 47.60 0.00
C VAL E 39 31.61 46.85 0.87
N VAL E 40 32.01 46.42 2.06
CA VAL E 40 31.14 45.63 2.93
C VAL E 40 31.30 46.13 4.36
N SER E 41 30.18 46.22 5.07
CA SER E 41 30.21 46.61 6.47
C SER E 41 30.97 45.59 7.29
N TYR E 42 31.68 46.07 8.31
CA TYR E 42 32.46 45.18 9.16
C TYR E 42 31.60 44.11 9.81
N SER E 43 30.37 44.47 10.18
CA SER E 43 29.44 43.48 10.74
C SER E 43 29.23 42.33 9.78
N ASN E 44 29.08 42.63 8.49
CA ASN E 44 28.90 41.57 7.51
C ASN E 44 30.14 40.69 7.41
N VAL E 45 31.32 41.29 7.52
CA VAL E 45 32.56 40.50 7.48
C VAL E 45 32.63 39.55 8.66
N MET E 46 32.33 40.05 9.86
CA MET E 46 32.36 39.19 11.03
C MET E 46 31.30 38.10 10.94
N ALA E 47 30.13 38.43 10.39
CA ALA E 47 29.07 37.43 10.27
C ALA E 47 29.49 36.32 9.30
N ALA E 48 30.08 36.70 8.17
CA ALA E 48 30.57 35.70 7.24
C ALA E 48 31.72 34.90 7.84
N GLN E 49 32.49 35.52 8.74
CA GLN E 49 33.59 34.81 9.37
C GLN E 49 33.08 33.73 10.31
N ARG E 50 32.26 34.12 11.29
CA ARG E 50 31.77 33.14 12.24
C ARG E 50 30.75 32.19 11.62
N ALA E 51 30.17 32.54 10.47
CA ALA E 51 29.33 31.61 9.76
C ALA E 51 30.12 30.51 9.06
N MET E 52 31.45 30.65 8.98
CA MET E 52 32.28 29.60 8.41
C MET E 52 32.65 28.53 9.42
N GLU E 53 32.36 28.74 10.70
CA GLU E 53 32.58 27.74 11.72
C GLU E 53 31.29 27.03 12.13
N HIS E 54 30.15 27.67 11.92
CA HIS E 54 28.88 27.05 12.24
C HIS E 54 28.69 25.77 11.42
N PRO E 55 28.14 24.72 12.01
CA PRO E 55 28.02 23.45 11.27
C PRO E 55 27.21 23.56 9.98
N VAL E 56 25.96 23.99 10.11
CA VAL E 56 25.07 23.98 8.96
C VAL E 56 25.50 25.02 7.93
N ALA E 57 25.88 26.21 8.40
CA ALA E 57 26.25 27.27 7.47
C ALA E 57 27.49 26.89 6.67
N PHE E 58 28.50 26.31 7.34
CA PHE E 58 29.69 25.89 6.61
C PHE E 58 29.38 24.75 5.66
N ARG E 59 28.58 23.79 6.09
CA ARG E 59 28.19 22.70 5.20
C ARG E 59 27.57 23.25 3.92
N CYS E 60 26.60 24.16 4.06
CA CYS E 60 25.94 24.70 2.88
C CYS E 60 26.89 25.53 2.03
N LEU E 61 27.75 26.33 2.67
CA LEU E 61 28.65 27.19 1.92
C LEU E 61 29.63 26.37 1.09
N ASP E 62 30.28 25.38 1.70
CA ASP E 62 31.21 24.60 0.89
C ASP E 62 30.49 23.66 -0.05
N LYS E 63 29.22 23.33 0.21
CA LYS E 63 28.45 22.61 -0.80
C LYS E 63 28.30 23.45 -2.07
N LEU E 64 27.87 24.70 -1.91
CA LEU E 64 27.78 25.60 -3.06
C LEU E 64 29.13 25.74 -3.74
N GLY E 65 30.19 25.96 -2.95
CA GLY E 65 31.51 26.12 -3.53
C GLY E 65 31.97 24.91 -4.32
N LEU E 66 31.78 23.72 -3.76
CA LEU E 66 32.18 22.50 -4.45
C LEU E 66 31.39 22.32 -5.73
N THR E 67 30.07 22.50 -5.67
CA THR E 67 29.25 22.32 -6.86
C THR E 67 29.69 23.26 -7.97
N VAL E 68 29.91 24.54 -7.66
CA VAL E 68 30.33 25.48 -8.69
C VAL E 68 31.72 25.13 -9.19
N GLN E 69 32.62 24.76 -8.28
CA GLN E 69 34.01 24.48 -8.62
C GLN E 69 34.16 23.31 -9.58
N SER E 70 33.14 22.49 -9.76
CA SER E 70 33.26 21.30 -10.59
C SER E 70 33.06 21.56 -12.07
N VAL E 71 32.52 22.70 -12.44
CA VAL E 71 32.12 22.92 -13.83
C VAL E 71 33.33 23.34 -14.64
N LYS E 72 33.34 22.99 -15.92
CA LYS E 72 34.48 23.20 -16.78
C LYS E 72 34.28 24.43 -17.66
N TRP E 73 35.32 25.23 -17.81
CA TRP E 73 35.32 26.44 -18.61
C TRP E 73 35.77 26.18 -20.04
N ASP E 74 35.49 27.16 -20.90
CA ASP E 74 36.14 27.36 -22.19
C ASP E 74 35.59 28.64 -22.80
N VAL E 75 36.37 29.25 -23.66
CA VAL E 75 35.89 30.38 -24.46
C VAL E 75 35.33 29.83 -25.75
N GLY E 76 34.29 30.47 -26.27
CA GLY E 76 33.64 29.97 -27.46
C GLY E 76 32.81 31.04 -28.13
N LYS E 77 32.44 30.75 -29.37
CA LYS E 77 31.57 31.64 -30.12
C LYS E 77 30.24 31.82 -29.40
N ASP E 78 29.76 33.06 -29.35
CA ASP E 78 28.50 33.11 -28.63
C ASP E 78 27.33 32.86 -29.57
N PRO E 79 26.23 32.31 -29.05
CA PRO E 79 25.08 32.03 -29.93
C PRO E 79 24.46 33.27 -30.54
N GLN E 80 24.20 34.30 -29.73
CA GLN E 80 23.62 35.54 -30.25
C GLN E 80 24.72 36.42 -30.86
N ASN E 81 25.40 35.84 -31.86
CA ASN E 81 26.44 36.56 -32.59
C ASN E 81 25.79 37.28 -33.77
N THR E 82 25.16 38.40 -33.46
CA THR E 82 24.74 39.34 -34.50
C THR E 82 25.92 40.19 -34.97
N GLN E 83 26.95 40.31 -34.15
CA GLN E 83 28.11 41.16 -34.41
C GLN E 83 29.03 40.44 -35.39
N VAL E 84 28.75 40.62 -36.68
CA VAL E 84 29.59 40.01 -37.71
C VAL E 84 31.01 40.57 -37.65
N GLY E 85 31.17 41.79 -37.16
CA GLY E 85 32.48 42.32 -36.86
C GLY E 85 33.00 41.75 -35.57
N ASP E 86 33.41 40.48 -35.60
CA ASP E 86 33.72 39.74 -34.38
C ASP E 86 34.78 40.45 -33.54
N GLY E 87 34.52 40.53 -32.24
CA GLY E 87 35.37 41.20 -31.29
C GLY E 87 36.45 40.35 -30.67
N GLY E 88 36.66 39.12 -31.15
CA GLY E 88 37.81 38.35 -30.76
C GLY E 88 39.04 38.94 -31.42
N MET E 89 39.41 40.13 -30.95
CA MET E 89 40.25 41.09 -31.67
C MET E 89 41.42 40.47 -32.41
N SER E 90 42.08 39.48 -31.81
CA SER E 90 43.29 38.92 -32.40
C SER E 90 43.17 37.45 -32.78
N ALA E 91 42.33 36.69 -32.08
CA ALA E 91 42.26 35.23 -32.10
C ALA E 91 43.51 34.60 -31.49
N SER E 92 44.51 35.40 -31.13
CA SER E 92 45.59 34.99 -30.24
C SER E 92 45.35 35.42 -28.81
N GLN E 93 44.76 36.60 -28.62
CA GLN E 93 44.24 36.97 -27.31
C GLN E 93 43.23 35.94 -26.83
N ARG E 94 42.45 35.37 -27.74
CA ARG E 94 41.47 34.37 -27.34
C ARG E 94 42.14 33.09 -26.89
N LYS E 95 43.21 32.67 -27.59
CA LYS E 95 43.95 31.51 -27.14
C LYS E 95 44.59 31.77 -25.78
N ALA E 96 45.13 32.97 -25.58
CA ALA E 96 45.72 33.30 -24.29
C ALA E 96 44.67 33.29 -23.19
N LEU E 97 43.46 33.78 -23.50
CA LEU E 97 42.39 33.79 -22.51
C LEU E 97 41.95 32.38 -22.17
N GLN E 98 41.91 31.49 -23.17
CA GLN E 98 41.65 30.08 -22.89
C GLN E 98 42.71 29.53 -21.94
N GLN E 99 43.98 29.74 -22.29
CA GLN E 99 45.09 29.30 -21.43
C GLN E 99 44.90 29.77 -20.00
N ILE E 100 44.59 31.05 -19.83
CA ILE E 100 44.49 31.62 -18.49
C ILE E 100 43.26 31.10 -17.77
N LEU E 101 42.16 30.90 -18.49
CA LEU E 101 40.97 30.33 -17.88
C LEU E 101 41.21 28.92 -17.39
N GLN E 102 42.12 28.19 -18.02
CA GLN E 102 42.48 26.88 -17.49
C GLN E 102 43.62 26.95 -16.49
N ARG E 103 44.54 27.89 -16.65
CA ARG E 103 45.62 28.10 -15.69
C ARG E 103 45.77 29.59 -15.40
N PRO E 104 45.14 30.07 -14.35
CA PRO E 104 45.38 31.44 -13.90
C PRO E 104 46.75 31.57 -13.27
N ASN E 105 47.00 32.68 -12.58
CA ASN E 105 48.25 32.96 -11.87
C ASN E 105 48.84 31.70 -11.25
N PRO E 106 50.15 31.51 -11.34
CA PRO E 106 50.79 30.33 -10.75
C PRO E 106 50.40 30.12 -9.30
N THR E 107 50.52 28.88 -8.83
CA THR E 107 50.11 28.48 -7.48
C THR E 107 48.60 28.67 -7.25
N MET E 108 47.82 28.58 -8.32
CA MET E 108 46.36 28.54 -8.24
C MET E 108 45.80 28.12 -9.58
N SER E 109 44.85 27.18 -9.55
CA SER E 109 44.23 26.64 -10.75
C SER E 109 42.86 27.26 -10.96
N GLY E 110 42.30 27.03 -12.14
CA GLY E 110 41.01 27.60 -12.45
C GLY E 110 39.92 27.13 -11.52
N ALA E 111 39.99 25.87 -11.10
CA ALA E 111 38.98 25.32 -10.19
C ALA E 111 38.95 26.08 -8.88
N GLN E 112 40.12 26.36 -8.32
CA GLN E 112 40.15 27.11 -7.06
C GLN E 112 39.69 28.54 -7.26
N LEU E 113 39.94 29.12 -8.43
CA LEU E 113 39.39 30.43 -8.73
C LEU E 113 37.87 30.40 -8.69
N ARG E 114 37.27 29.41 -9.36
CA ARG E 114 35.82 29.28 -9.34
C ARG E 114 35.31 29.10 -7.92
N TYR E 115 36.00 28.28 -7.12
CA TYR E 115 35.54 28.02 -5.76
C TYR E 115 35.56 29.29 -4.93
N SER E 116 36.68 30.00 -4.94
CA SER E 116 36.78 31.23 -4.15
C SER E 116 35.77 32.27 -4.62
N ALA E 117 35.61 32.39 -5.95
CA ALA E 117 34.67 33.37 -6.48
C ALA E 117 33.25 33.08 -6.04
N ALA E 118 32.81 31.83 -6.19
CA ALA E 118 31.45 31.47 -5.80
C ALA E 118 31.26 31.63 -4.30
N LEU E 119 32.26 31.28 -3.51
CA LEU E 119 32.14 31.40 -2.06
C LEU E 119 31.98 32.86 -1.65
N SER E 120 32.85 33.74 -2.16
CA SER E 120 32.74 35.15 -1.81
C SER E 120 31.45 35.76 -2.35
N TRP E 121 30.96 35.26 -3.49
CA TRP E 121 29.68 35.72 -4.00
C TRP E 121 28.54 35.33 -3.07
N ALA E 122 28.62 34.14 -2.50
CA ALA E 122 27.56 33.70 -1.60
C ALA E 122 27.60 34.45 -0.27
N CYS E 123 28.80 34.75 0.22
CA CYS E 123 28.90 35.38 1.53
C CYS E 123 28.60 36.87 1.48
N PHE E 124 29.13 37.59 0.48
CA PHE E 124 29.00 39.04 0.44
C PHE E 124 28.20 39.56 -0.74
N GLY E 125 27.93 38.76 -1.75
CA GLY E 125 27.26 39.28 -2.92
C GLY E 125 28.15 40.11 -3.80
N ARG E 126 29.46 39.89 -3.77
CA ARG E 126 30.40 40.62 -4.58
C ARG E 126 31.44 39.66 -5.15
N MET E 127 32.03 40.05 -6.26
CA MET E 127 33.10 39.29 -6.90
C MET E 127 34.11 40.29 -7.46
N ALA E 128 35.38 40.14 -7.10
CA ALA E 128 36.41 41.07 -7.55
C ALA E 128 37.59 40.29 -8.09
N PHE E 129 38.31 40.91 -9.03
CA PHE E 129 39.41 40.23 -9.71
C PHE E 129 40.44 41.27 -10.13
N LYS E 130 41.55 40.79 -10.70
CA LYS E 130 42.61 41.65 -11.20
C LYS E 130 43.30 40.95 -12.36
N VAL E 131 43.54 41.69 -13.43
CA VAL E 131 44.12 41.14 -14.65
C VAL E 131 45.44 41.84 -14.95
N SER E 132 46.27 41.20 -15.75
CA SER E 132 47.62 41.69 -16.02
C SER E 132 47.92 41.63 -17.52
N VAL E 133 46.99 42.11 -18.35
CA VAL E 133 47.16 42.06 -19.80
C VAL E 133 48.50 42.69 -20.17
N MET E 134 49.28 41.97 -21.00
CA MET E 134 50.67 42.35 -21.23
C MET E 134 50.82 43.67 -21.97
N SER E 135 50.55 43.69 -23.28
CA SER E 135 50.55 44.96 -23.99
C SER E 135 49.52 45.01 -25.12
N ASP E 136 48.89 43.87 -25.42
CA ASP E 136 48.06 43.76 -26.62
C ASP E 136 46.80 42.98 -26.33
N GLY E 137 46.16 43.26 -25.20
CA GLY E 137 44.98 42.53 -24.81
C GLY E 137 45.22 41.09 -24.44
N SER E 138 46.47 40.64 -24.44
CA SER E 138 46.80 39.28 -24.05
C SER E 138 46.90 39.23 -22.53
N VAL E 139 45.88 38.66 -21.90
CA VAL E 139 45.86 38.60 -20.43
C VAL E 139 46.98 37.70 -19.95
N ASN E 140 47.70 38.15 -18.92
CA ASN E 140 48.83 37.37 -18.44
C ASN E 140 48.42 36.44 -17.30
N ALA E 141 47.63 36.93 -16.35
CA ALA E 141 47.18 36.14 -15.22
C ALA E 141 46.03 36.89 -14.54
N ILE E 142 45.26 36.16 -13.74
CA ILE E 142 44.11 36.72 -13.04
C ILE E 142 44.20 36.37 -11.57
N TRP E 143 43.96 37.35 -10.71
CA TRP E 143 43.99 37.16 -9.28
C TRP E 143 42.65 37.53 -8.66
N PRO E 144 42.12 36.72 -7.76
CA PRO E 144 40.94 37.13 -7.00
C PRO E 144 41.32 38.13 -5.91
N LEU E 145 40.34 38.95 -5.55
CA LEU E 145 40.53 40.02 -4.59
C LEU E 145 39.72 39.71 -3.33
N GLY E 146 40.35 39.84 -2.18
CA GLY E 146 39.64 39.64 -0.93
C GLY E 146 38.61 40.73 -0.69
N ILE E 147 37.34 40.38 -0.77
CA ILE E 147 36.28 41.37 -0.57
C ILE E 147 36.37 42.05 0.80
N PRO E 148 36.66 41.37 1.91
CA PRO E 148 36.65 42.07 3.20
C PRO E 148 37.48 43.35 3.24
N PHE E 149 38.72 43.31 2.76
CA PHE E 149 39.61 44.45 2.82
C PHE E 149 39.88 45.05 1.44
N LEU E 150 38.85 45.13 0.61
CA LEU E 150 38.93 45.82 -0.67
C LEU E 150 38.06 47.07 -0.62
N LYS E 151 38.67 48.23 -0.83
CA LYS E 151 37.98 49.50 -0.86
C LYS E 151 37.98 50.04 -2.28
N GLN E 152 36.98 50.84 -2.60
CA GLN E 152 36.83 51.40 -3.93
C GLN E 152 36.49 52.88 -3.83
N LYS E 153 36.86 53.62 -4.89
CA LYS E 153 36.67 55.05 -4.94
C LYS E 153 35.86 55.42 -6.17
N PHE E 154 34.94 56.35 -6.01
CA PHE E 154 33.98 56.72 -7.04
C PHE E 154 34.46 57.92 -7.85
N ASP E 155 33.81 58.11 -9.00
CA ASP E 155 34.06 59.26 -9.84
C ASP E 155 33.15 60.42 -9.41
N ARG E 156 33.07 61.45 -10.24
CA ARG E 156 32.12 62.53 -10.02
C ARG E 156 30.77 62.25 -10.63
N TYR E 157 30.70 61.49 -11.72
CA TYR E 157 29.41 61.29 -12.37
C TYR E 157 28.59 60.17 -11.72
N GLY E 158 28.99 58.91 -11.91
CA GLY E 158 28.20 57.84 -11.33
C GLY E 158 28.85 56.52 -10.99
N ASP E 159 30.17 56.40 -11.07
CA ASP E 159 30.75 55.06 -11.07
C ASP E 159 32.14 55.07 -10.44
N VAL E 160 32.72 53.89 -10.35
CA VAL E 160 34.03 53.71 -9.73
C VAL E 160 35.13 54.02 -10.74
N GLU E 161 36.26 54.46 -10.22
CA GLU E 161 37.47 54.63 -11.03
C GLU E 161 38.62 53.76 -10.57
N SER E 162 38.81 53.57 -9.27
CA SER E 162 39.98 52.87 -8.78
C SER E 162 39.59 52.06 -7.55
N PHE E 163 40.39 51.03 -7.28
CA PHE E 163 40.20 50.14 -6.14
C PHE E 163 41.43 50.21 -5.25
N GLN E 164 41.22 50.46 -3.97
CA GLN E 164 42.30 50.43 -2.99
C GLN E 164 42.23 49.10 -2.25
N TYR E 165 43.37 48.44 -2.11
CA TYR E 165 43.43 47.09 -1.57
C TYR E 165 44.45 47.08 -0.43
N GLY E 166 43.98 47.16 0.80
CA GLY E 166 44.85 47.25 1.95
C GLY E 166 44.81 48.62 2.60
N ASP E 167 45.27 48.66 3.85
CA ASP E 167 45.17 49.88 4.64
C ASP E 167 46.33 50.85 4.40
N GLU E 168 47.56 50.46 4.73
CA GLU E 168 48.53 51.55 4.83
C GLU E 168 49.84 51.34 4.09
N ALA E 169 50.51 50.20 4.25
CA ALA E 169 51.83 50.04 3.64
C ALA E 169 51.73 49.96 2.13
N GLY E 170 51.17 48.86 1.62
CA GLY E 170 50.92 48.73 0.20
C GLY E 170 49.60 49.38 -0.15
N LYS E 171 49.61 50.21 -1.19
CA LYS E 171 48.49 51.12 -1.48
C LYS E 171 48.18 51.18 -2.97
N GLU E 172 48.08 50.05 -3.65
CA GLU E 172 47.92 50.07 -5.10
C GLU E 172 46.47 50.42 -5.44
N THR E 173 46.29 51.56 -6.09
CA THR E 173 44.98 51.98 -6.59
C THR E 173 44.82 51.44 -8.00
N ILE E 174 44.43 50.17 -8.08
CA ILE E 174 44.24 49.55 -9.39
C ILE E 174 43.09 50.26 -10.12
N PRO E 175 43.26 50.67 -11.37
CA PRO E 175 42.17 51.33 -12.08
C PRO E 175 41.03 50.37 -12.39
N SER E 176 39.83 50.92 -12.49
CA SER E 176 38.68 50.14 -12.91
C SER E 176 38.72 49.92 -14.42
N PHE E 177 37.87 49.00 -14.89
CA PHE E 177 37.84 48.73 -16.33
C PHE E 177 37.32 49.93 -17.11
N THR E 178 36.49 50.76 -16.48
CA THR E 178 35.96 51.93 -17.18
C THR E 178 37.08 52.85 -17.65
N LYS E 179 37.92 53.29 -16.73
CA LYS E 179 39.05 54.15 -17.07
C LYS E 179 40.33 53.31 -17.00
N VAL E 180 40.94 53.09 -18.15
CA VAL E 180 42.21 52.41 -18.26
C VAL E 180 42.72 52.64 -19.67
N GLU E 181 44.03 52.59 -19.86
CA GLU E 181 44.59 52.84 -21.18
C GLU E 181 44.12 51.75 -22.13
N LYS E 182 43.21 52.10 -23.03
CA LYS E 182 42.62 51.13 -23.94
C LYS E 182 43.46 50.97 -25.18
N ASN E 183 43.30 49.82 -25.84
CA ASN E 183 43.87 49.62 -27.16
C ASN E 183 43.07 50.41 -28.19
N ASP E 184 43.62 50.53 -29.39
CA ASP E 184 42.91 51.23 -30.45
C ASP E 184 41.63 50.50 -30.84
N LYS E 185 41.51 49.22 -30.47
CA LYS E 185 40.26 48.50 -30.64
C LYS E 185 39.31 48.66 -29.46
N GLY E 186 39.82 48.85 -28.25
CA GLY E 186 38.97 48.97 -27.09
C GLY E 186 39.47 48.15 -25.90
N ARG E 187 40.30 47.15 -26.18
CA ARG E 187 40.84 46.33 -25.11
C ARG E 187 41.79 47.15 -24.25
N PRO E 188 41.89 46.86 -22.95
CA PRO E 188 42.81 47.59 -22.09
C PRO E 188 44.26 47.25 -22.39
N ILE E 189 45.16 48.04 -21.81
CA ILE E 189 46.59 47.82 -21.95
C ILE E 189 47.28 47.58 -20.61
N LYS E 190 46.74 48.08 -19.51
CA LYS E 190 47.34 47.91 -18.18
C LYS E 190 46.36 47.13 -17.29
N ASN E 191 46.77 46.94 -16.03
CA ASN E 191 45.98 46.16 -15.08
C ASN E 191 44.67 46.85 -14.76
N TYR E 192 43.72 46.08 -14.26
CA TYR E 192 42.42 46.61 -13.83
C TYR E 192 41.72 45.59 -12.94
N ALA E 193 40.50 45.95 -12.50
CA ALA E 193 39.73 45.13 -11.58
C ALA E 193 38.28 45.11 -12.03
N PHE E 194 37.47 44.22 -11.43
CA PHE E 194 36.11 43.99 -11.90
C PHE E 194 35.05 44.49 -10.93
N MET E 195 35.01 43.96 -9.71
CA MET E 195 33.94 44.21 -8.75
C MET E 195 32.57 43.92 -9.37
N ILE E 196 32.33 42.64 -9.66
CA ILE E 196 30.99 42.19 -10.05
C ILE E 196 30.07 42.29 -8.84
N VAL E 197 28.89 42.89 -9.03
CA VAL E 197 27.99 43.19 -7.94
C VAL E 197 26.61 42.61 -8.23
N LYS E 198 25.92 42.18 -7.15
CA LYS E 198 24.57 41.65 -7.18
C LYS E 198 23.57 42.76 -6.91
N PRO E 199 22.54 42.93 -7.74
CA PRO E 199 21.63 44.06 -7.58
C PRO E 199 20.75 43.90 -6.35
N SER E 200 20.08 45.00 -6.02
CA SER E 200 19.13 45.02 -4.91
C SER E 200 18.07 46.08 -5.21
N ILE E 201 17.25 46.38 -4.20
CA ILE E 201 16.17 47.34 -4.35
C ILE E 201 16.77 48.73 -4.49
N ASN E 202 15.94 49.71 -4.85
CA ASN E 202 16.31 51.12 -4.89
C ASN E 202 17.58 51.37 -5.71
N GLY E 203 17.85 50.49 -6.68
CA GLY E 203 18.96 50.65 -7.58
C GLY E 203 20.29 50.87 -6.87
N ALA E 204 20.86 52.07 -7.03
CA ALA E 204 22.12 52.45 -6.41
C ALA E 204 23.22 51.45 -6.75
N MET E 205 23.40 51.24 -8.06
CA MET E 205 24.12 50.10 -8.63
C MET E 205 25.35 49.68 -7.82
N ASN E 206 26.14 50.65 -7.33
CA ASN E 206 27.26 50.34 -6.48
C ASN E 206 27.14 50.95 -5.08
N PHE E 207 26.34 51.99 -4.92
CA PHE E 207 26.14 52.63 -3.63
C PHE E 207 25.13 51.90 -2.76
N ASP E 208 24.68 50.72 -3.21
CA ASP E 208 23.63 49.98 -2.55
C ASP E 208 24.19 49.03 -1.48
N VAL E 209 23.27 48.44 -0.72
CA VAL E 209 23.64 47.53 0.35
C VAL E 209 23.77 46.11 -0.22
N GLN E 210 24.68 45.33 0.36
CA GLN E 210 24.89 43.97 -0.10
C GLN E 210 23.58 43.19 -0.09
N ASN E 211 23.52 42.15 -0.92
CA ASN E 211 22.35 41.29 -1.04
C ASN E 211 22.84 39.86 -0.90
N THR E 212 22.90 39.37 0.33
CA THR E 212 23.47 38.09 0.64
C THR E 212 22.54 37.30 1.55
N PRO E 213 22.56 35.97 1.46
CA PRO E 213 21.73 35.16 2.37
C PRO E 213 22.02 35.41 3.84
N LEU E 214 23.25 35.79 4.19
CA LEU E 214 23.60 36.07 5.58
C LEU E 214 22.77 37.19 6.18
N GLN E 215 22.04 37.95 5.36
CA GLN E 215 21.21 39.02 5.89
C GLN E 215 20.08 38.46 6.74
N ALA E 216 19.50 37.33 6.32
CA ALA E 216 18.22 36.88 6.83
C ALA E 216 18.33 35.58 7.63
N ILE E 217 19.53 35.26 8.14
CA ILE E 217 19.67 34.02 8.90
C ILE E 217 20.34 34.29 10.24
N GLY E 218 20.39 35.57 10.66
CA GLY E 218 20.91 35.87 11.98
C GLY E 218 20.07 35.23 13.08
N VAL E 219 18.75 35.39 12.98
CA VAL E 219 17.85 34.80 13.97
C VAL E 219 18.01 33.29 14.05
N PRO E 220 17.92 32.52 12.96
CA PRO E 220 18.03 31.07 13.09
C PRO E 220 19.40 30.61 13.55
N VAL E 221 20.48 31.25 13.11
CA VAL E 221 21.80 30.79 13.55
C VAL E 221 22.00 31.08 15.03
N ALA E 222 21.49 32.22 15.52
CA ALA E 222 21.59 32.49 16.95
C ALA E 222 20.75 31.51 17.75
N LEU E 223 19.55 31.19 17.27
CA LEU E 223 18.72 30.23 17.98
C LEU E 223 19.37 28.85 18.01
N TYR E 224 19.95 28.44 16.88
CA TYR E 224 20.64 27.15 16.83
C TYR E 224 21.77 27.10 17.83
N ASP E 225 22.60 28.16 17.87
CA ASP E 225 23.70 28.16 18.81
C ASP E 225 23.22 28.14 20.25
N ALA E 226 22.14 28.85 20.55
CA ALA E 226 21.61 28.82 21.91
C ALA E 226 21.15 27.42 22.30
N LEU E 227 20.42 26.75 21.41
CA LEU E 227 19.96 25.39 21.72
C LEU E 227 21.12 24.43 21.91
N MET E 228 22.14 24.53 21.04
CA MET E 228 23.27 23.61 21.17
C MET E 228 24.08 23.89 22.43
N ALA E 229 24.19 25.16 22.85
CA ALA E 229 24.87 25.45 24.10
C ALA E 229 24.10 24.88 25.28
N ARG E 230 22.76 25.00 25.26
CA ARG E 230 21.97 24.35 26.30
C ARG E 230 22.23 22.86 26.32
N ALA E 231 22.28 22.22 25.15
CA ALA E 231 22.50 20.78 25.10
C ALA E 231 23.85 20.40 25.70
N ILE E 232 24.91 21.10 25.31
CA ILE E 232 26.23 20.80 25.85
C ILE E 232 26.24 20.96 27.37
N ASP E 233 25.72 22.09 27.85
CA ASP E 233 25.73 22.32 29.29
C ASP E 233 24.98 21.23 30.04
N SER E 234 23.82 20.82 29.52
CA SER E 234 23.04 19.81 30.22
C SER E 234 23.60 18.40 30.06
N ALA E 235 24.48 18.18 29.08
CA ALA E 235 25.04 16.85 28.89
C ALA E 235 25.92 16.46 30.05
N ASP E 236 26.83 17.34 30.45
CA ASP E 236 27.68 17.16 31.62
C ASP E 236 27.26 18.17 32.68
N GLY E 237 26.75 17.68 33.79
CA GLY E 237 26.15 18.53 34.79
C GLY E 237 24.90 17.91 35.37
N THR E 238 24.22 17.09 34.57
CA THR E 238 23.09 16.34 35.09
C THR E 238 23.57 15.02 35.65
N PRO E 239 23.37 14.74 36.93
CA PRO E 239 23.83 13.48 37.50
C PRO E 239 23.24 12.29 36.76
N ASN E 240 24.11 11.33 36.42
CA ASN E 240 23.71 10.19 35.60
C ASN E 240 23.45 8.96 36.45
N SER E 241 23.21 9.15 37.74
CA SER E 241 22.96 8.05 38.65
C SER E 241 21.47 7.74 38.77
N LYS E 242 21.17 6.49 39.05
CA LYS E 242 19.84 6.01 39.37
C LYS E 242 19.81 5.58 40.83
N TRP E 243 18.65 5.14 41.29
CA TRP E 243 18.49 4.56 42.61
C TRP E 243 18.93 5.53 43.71
N LEU E 244 18.19 6.61 43.84
CA LEU E 244 18.38 7.49 45.00
C LEU E 244 17.75 6.78 46.20
N VAL E 245 18.56 6.00 46.90
CA VAL E 245 18.11 5.19 48.03
C VAL E 245 18.41 5.93 49.32
N THR E 246 17.46 5.96 50.24
CA THR E 246 17.59 6.69 51.49
C THR E 246 17.13 5.83 52.66
N ALA E 247 17.96 5.76 53.69
CA ALA E 247 17.62 5.06 54.92
C ALA E 247 17.00 6.05 55.91
N SER E 248 16.80 5.62 57.15
CA SER E 248 16.16 6.44 58.17
C SER E 248 17.20 6.97 59.16
N ARG E 249 16.76 7.86 60.05
CA ARG E 249 17.63 8.44 61.06
C ARG E 249 17.70 7.56 62.30
N ASP E 250 17.38 6.29 62.16
CA ASP E 250 17.63 5.31 63.22
C ASP E 250 18.12 4.05 62.52
N LEU E 251 19.42 4.01 62.26
CA LEU E 251 19.97 2.82 61.63
C LEU E 251 21.40 2.51 62.09
N ASP E 252 21.89 3.11 63.16
CA ASP E 252 23.21 2.76 63.66
C ASP E 252 24.27 2.93 62.58
N ASP E 253 24.61 4.17 62.25
CA ASP E 253 25.42 4.44 61.07
C ASP E 253 26.73 3.66 61.21
N GLY E 254 26.83 2.58 60.45
CA GLY E 254 27.76 1.50 60.73
C GLY E 254 27.18 0.15 60.36
N GLN E 255 25.85 0.04 60.38
CA GLN E 255 25.17 -0.96 59.58
C GLN E 255 24.41 -0.35 58.41
N ALA E 256 24.24 0.97 58.42
CA ALA E 256 23.86 1.65 57.18
C ALA E 256 24.92 1.44 56.11
N LYS E 257 26.20 1.47 56.50
CA LYS E 257 27.26 1.17 55.55
C LYS E 257 27.16 -0.26 55.05
N GLU E 258 26.76 -1.18 55.92
CA GLU E 258 26.56 -2.57 55.50
C GLU E 258 25.43 -2.69 54.49
N VAL E 259 24.33 -1.97 54.72
CA VAL E 259 23.23 -1.96 53.76
C VAL E 259 23.69 -1.36 52.43
N LYS E 260 24.50 -0.29 52.48
CA LYS E 260 25.00 0.32 51.26
C LYS E 260 25.89 -0.65 50.49
N GLU E 261 26.76 -1.35 51.19
CA GLU E 261 27.62 -2.32 50.51
C GLU E 261 26.80 -3.46 49.92
N GLY E 262 25.75 -3.88 50.62
CA GLY E 262 24.88 -4.90 50.06
C GLY E 262 24.20 -4.44 48.78
N ILE E 263 23.68 -3.22 48.78
CA ILE E 263 23.04 -2.68 47.58
C ILE E 263 24.07 -2.53 46.46
N GLU E 264 25.27 -2.09 46.81
CA GLU E 264 26.26 -1.76 45.80
C GLU E 264 26.87 -3.01 45.18
N GLU E 265 27.12 -4.05 45.98
CA GLU E 265 27.84 -5.19 45.44
C GLU E 265 26.90 -6.12 44.68
N THR E 266 26.07 -5.54 43.81
CA THR E 266 25.32 -6.30 42.83
C THR E 266 25.57 -5.78 41.44
N LYS E 267 26.45 -4.80 41.29
CA LYS E 267 26.86 -4.34 39.98
C LYS E 267 27.40 -5.52 39.16
N PRO E 268 27.37 -5.43 37.84
CA PRO E 268 28.01 -6.48 37.03
C PRO E 268 29.46 -6.68 37.44
N GLY E 269 29.81 -7.90 37.83
CA GLY E 269 31.14 -8.17 38.32
C GLY E 269 31.27 -7.82 39.80
N GLY E 270 30.35 -8.34 40.61
CA GLY E 270 30.42 -8.20 42.04
C GLY E 270 30.29 -9.56 42.72
N ASP E 271 30.39 -9.53 44.05
CA ASP E 271 30.30 -10.77 44.81
C ASP E 271 28.98 -11.47 44.57
N ASN E 272 27.88 -10.85 44.98
CA ASN E 272 26.54 -11.34 44.69
C ASN E 272 25.92 -10.41 43.64
N GLY E 273 26.18 -10.73 42.37
CA GLY E 273 25.70 -9.93 41.27
C GLY E 273 24.45 -10.51 40.66
N GLY E 274 23.36 -9.76 40.73
CA GLY E 274 22.10 -10.16 40.16
C GLY E 274 21.13 -10.80 41.11
N GLU E 275 21.51 -11.03 42.35
CA GLU E 275 20.62 -11.66 43.31
C GLU E 275 19.84 -10.60 44.07
N ILE E 276 18.85 -11.05 44.84
CA ILE E 276 17.92 -10.14 45.52
C ILE E 276 18.64 -9.35 46.59
N ILE E 277 17.98 -8.32 47.11
CA ILE E 277 18.41 -7.61 48.31
C ILE E 277 17.44 -7.96 49.42
N PHE E 278 17.96 -8.48 50.52
CA PHE E 278 17.14 -8.76 51.69
C PHE E 278 17.52 -7.81 52.82
N ILE E 279 16.53 -7.07 53.31
CA ILE E 279 16.73 -6.13 54.40
C ILE E 279 15.84 -6.57 55.56
N ALA E 280 16.46 -6.95 56.67
CA ALA E 280 15.73 -7.36 57.85
C ALA E 280 15.46 -6.14 58.72
N GLY E 281 14.20 -5.72 58.78
CA GLY E 281 13.83 -4.57 59.57
C GLY E 281 14.34 -3.25 59.00
N THR E 282 13.83 -2.15 59.52
CA THR E 282 14.27 -0.81 59.12
C THR E 282 14.14 -0.60 57.61
N ASP E 283 12.88 -0.57 57.16
CA ASP E 283 12.57 -0.43 55.76
C ASP E 283 13.30 0.74 55.09
N VAL E 284 14.15 0.43 54.13
CA VAL E 284 14.80 1.44 53.31
C VAL E 284 13.91 1.67 52.10
N LYS E 285 14.05 2.85 51.49
CA LYS E 285 13.13 3.28 50.43
C LYS E 285 13.92 3.76 49.23
N VAL E 286 13.78 3.05 48.12
CA VAL E 286 14.47 3.39 46.88
C VAL E 286 13.47 4.01 45.91
N GLN E 287 13.93 5.01 45.18
CA GLN E 287 13.18 5.56 44.06
C GLN E 287 14.12 5.64 42.86
N GLU E 288 13.64 5.21 41.71
CA GLU E 288 14.46 5.17 40.51
C GLU E 288 14.28 6.46 39.73
N MET E 289 15.38 7.16 39.49
CA MET E 289 15.33 8.41 38.75
C MET E 289 15.13 8.14 37.28
N LYS E 290 14.32 8.98 36.63
CA LYS E 290 14.06 8.80 35.21
C LYS E 290 15.28 9.16 34.38
N ASN E 291 15.79 10.38 34.57
CA ASN E 291 16.91 10.91 33.78
C ASN E 291 16.65 10.75 32.29
N ASP E 292 15.60 11.43 31.83
CA ASP E 292 15.16 11.32 30.44
C ASP E 292 16.29 11.64 29.48
N LEU E 293 16.72 12.90 29.48
CA LEU E 293 17.93 13.33 28.78
C LEU E 293 17.89 12.99 27.29
N SER E 294 16.69 12.80 26.73
CA SER E 294 16.53 12.40 25.35
C SER E 294 16.03 13.54 24.47
N ASP E 295 15.98 14.76 25.00
CA ASP E 295 15.60 15.91 24.20
C ASP E 295 16.47 17.12 24.53
N ILE E 296 17.73 16.89 24.88
CA ILE E 296 18.57 17.98 25.34
C ILE E 296 18.81 18.98 24.22
N HIS E 297 18.90 18.52 22.98
CA HIS E 297 19.13 19.46 21.89
C HIS E 297 17.85 20.07 21.34
N SER E 298 16.68 19.65 21.84
CA SER E 298 15.40 20.15 21.34
C SER E 298 15.27 19.85 19.84
N LYS E 299 15.11 18.56 19.55
CA LYS E 299 15.15 18.10 18.17
C LYS E 299 14.18 18.85 17.27
N VAL E 300 12.99 19.15 17.77
CA VAL E 300 11.96 19.75 16.92
C VAL E 300 12.30 21.21 16.64
N PRO E 301 12.53 22.07 17.66
CA PRO E 301 12.93 23.44 17.32
C PRO E 301 14.43 23.57 17.08
N LEU E 302 15.01 22.61 16.39
CA LEU E 302 16.37 22.69 15.88
C LEU E 302 16.45 22.34 14.41
N ASP E 303 15.80 21.24 14.02
CA ASP E 303 15.71 20.91 12.61
C ASP E 303 15.02 22.02 11.84
N ASP E 304 14.12 22.76 12.48
CA ASP E 304 13.48 23.88 11.78
C ASP E 304 14.47 24.99 11.49
N GLN E 305 15.34 25.32 12.45
CA GLN E 305 16.36 26.33 12.19
C GLN E 305 17.33 25.84 11.12
N ALA E 306 17.65 24.55 11.14
CA ALA E 306 18.51 24.00 10.10
C ALA E 306 17.84 24.11 8.73
N ARG E 307 16.56 23.76 8.65
CA ARG E 307 15.84 23.88 7.39
C ARG E 307 15.80 25.31 6.92
N THR E 308 15.65 26.27 7.84
CA THR E 308 15.58 27.67 7.44
C THR E 308 16.92 28.15 6.90
N ILE E 309 18.01 27.93 7.64
CA ILE E 309 19.32 28.38 7.15
C ILE E 309 19.85 27.52 6.04
N ALA E 310 19.16 26.44 5.68
CA ALA E 310 19.52 25.73 4.47
C ALA E 310 18.73 26.25 3.27
N GLY E 311 17.42 26.43 3.43
CA GLY E 311 16.60 26.93 2.35
C GLY E 311 16.93 28.35 1.96
N ASN E 312 17.37 29.17 2.92
CA ASN E 312 17.77 30.53 2.58
C ASN E 312 18.99 30.54 1.68
N PHE E 313 19.81 29.50 1.73
CA PHE E 313 20.91 29.35 0.79
C PHE E 313 20.46 28.69 -0.51
N GLY E 314 19.21 28.25 -0.59
CA GLY E 314 18.71 27.60 -1.78
C GLY E 314 19.25 26.20 -1.95
N ILE E 315 18.94 25.32 -1.00
CA ILE E 315 19.37 23.94 -1.07
C ILE E 315 18.18 23.05 -0.68
N PRO E 316 17.70 22.21 -1.58
CA PRO E 316 16.61 21.28 -1.22
C PRO E 316 16.96 20.49 0.03
N ILE E 317 16.01 20.43 0.96
CA ILE E 317 16.25 19.80 2.25
C ILE E 317 16.77 18.39 2.09
N ALA E 318 16.23 17.66 1.10
CA ALA E 318 16.58 16.26 0.90
C ALA E 318 18.08 16.05 0.75
N LEU E 319 18.79 17.05 0.20
CA LEU E 319 20.23 16.91 0.04
C LEU E 319 20.96 16.69 1.35
N LEU E 320 20.37 17.08 2.47
CA LEU E 320 21.04 17.02 3.76
C LEU E 320 20.13 16.43 4.83
N TYR E 334 14.65 11.49 -5.03
CA TYR E 334 15.93 11.98 -4.56
C TYR E 334 16.70 12.66 -5.68
N ASP E 335 17.06 11.88 -6.70
CA ASP E 335 17.83 12.42 -7.82
C ASP E 335 17.12 13.59 -8.49
N GLU E 336 15.78 13.58 -8.49
CA GLU E 336 15.04 14.74 -8.97
C GLU E 336 15.42 15.98 -8.18
N SER E 337 15.61 15.83 -6.87
CA SER E 337 16.00 16.98 -6.05
C SER E 337 17.42 17.43 -6.35
N ARG E 338 18.31 16.50 -6.71
CA ARG E 338 19.65 16.91 -7.14
C ARG E 338 19.58 17.71 -8.44
N LYS E 339 18.78 17.23 -9.41
CA LYS E 339 18.58 18.01 -10.63
C LYS E 339 18.02 19.39 -10.32
N ALA E 340 17.10 19.47 -9.36
CA ALA E 340 16.51 20.75 -8.99
C ALA E 340 17.57 21.68 -8.40
N PHE E 341 18.35 21.18 -7.45
CA PHE E 341 19.41 21.99 -6.88
C PHE E 341 20.40 22.45 -7.94
N PHE E 342 20.58 21.66 -8.99
CA PHE E 342 21.52 22.06 -10.02
C PHE E 342 20.96 23.14 -10.93
N GLU E 343 19.78 22.92 -11.49
CA GLU E 343 19.24 23.85 -12.48
C GLU E 343 18.22 24.81 -11.89
N ASP E 344 18.26 25.05 -10.58
CA ASP E 344 17.40 26.06 -9.98
C ASP E 344 18.14 27.11 -9.17
N THR E 345 19.25 26.77 -8.54
CA THR E 345 19.95 27.73 -7.70
C THR E 345 21.43 27.83 -8.07
N ILE E 346 22.02 26.72 -8.50
CA ILE E 346 23.42 26.76 -8.92
C ILE E 346 23.55 27.36 -10.30
N GLU E 347 22.71 26.91 -11.23
CA GLU E 347 22.80 27.42 -12.59
C GLU E 347 22.42 28.89 -12.66
N PRO E 348 21.18 29.30 -12.32
CA PRO E 348 20.87 30.73 -12.37
C PRO E 348 21.13 31.49 -11.08
N GLY E 349 22.20 31.20 -10.34
CA GLY E 349 22.52 32.09 -9.25
C GLY E 349 24.01 32.27 -9.00
N TYR E 350 24.80 31.42 -9.60
CA TYR E 350 26.25 31.47 -9.51
C TYR E 350 26.91 31.33 -10.86
N LEU E 351 26.30 30.56 -11.76
CA LEU E 351 26.90 30.30 -13.06
C LEU E 351 26.64 31.44 -14.03
N THR E 352 25.37 31.81 -14.21
CA THR E 352 25.06 32.92 -15.12
C THR E 352 25.66 34.24 -14.68
N PRO E 353 25.63 34.64 -13.39
CA PRO E 353 26.25 35.93 -13.07
C PRO E 353 27.74 35.94 -13.29
N LEU E 354 28.41 34.85 -12.94
CA LEU E 354 29.86 34.79 -13.12
C LEU E 354 30.23 34.80 -14.59
N GLU E 355 29.56 33.99 -15.40
CA GLU E 355 29.92 33.94 -16.81
C GLU E 355 29.55 35.23 -17.53
N ASP E 356 28.44 35.88 -17.14
CA ASP E 356 28.10 37.15 -17.76
C ASP E 356 29.04 38.25 -17.31
N GLY E 357 29.50 38.23 -16.06
CA GLY E 357 30.48 39.20 -15.63
C GLY E 357 31.79 39.07 -16.36
N PHE E 358 32.30 37.83 -16.49
CA PHE E 358 33.52 37.63 -17.25
C PHE E 358 33.33 38.02 -18.71
N SER E 359 32.25 37.54 -19.34
CA SER E 359 32.03 37.84 -20.74
C SER E 359 31.88 39.33 -20.98
N MET E 360 31.36 40.06 -19.99
CA MET E 360 31.12 41.48 -20.20
C MET E 360 32.41 42.24 -20.44
N PHE E 361 33.39 42.08 -19.55
CA PHE E 361 34.71 42.64 -19.82
C PHE E 361 35.79 41.61 -19.48
N LEU E 362 35.97 40.66 -20.38
CA LEU E 362 37.21 39.93 -20.60
C LEU E 362 37.49 39.66 -22.06
N CYS E 363 36.51 39.82 -22.95
CA CYS E 363 36.68 39.56 -24.37
C CYS E 363 35.68 40.41 -25.14
N GLY E 364 35.96 40.59 -26.42
CA GLY E 364 35.08 41.37 -27.27
C GLY E 364 33.81 40.64 -27.61
N ALA E 365 32.92 41.34 -28.31
CA ALA E 365 31.67 40.75 -28.74
C ALA E 365 31.94 39.60 -29.71
N GLY E 366 30.91 38.78 -29.93
CA GLY E 366 31.04 37.59 -30.74
C GLY E 366 31.67 36.40 -30.04
N TYR E 367 32.46 36.64 -29.00
CA TYR E 367 33.06 35.56 -28.23
C TYR E 367 32.91 35.88 -26.74
N ARG E 368 32.75 34.83 -25.95
CA ARG E 368 32.50 35.02 -24.53
C ARG E 368 32.74 33.70 -23.82
N VAL E 369 32.87 33.78 -22.50
CA VAL E 369 33.17 32.58 -21.71
C VAL E 369 31.91 31.77 -21.53
N ILE E 370 32.03 30.46 -21.76
CA ILE E 370 30.93 29.51 -21.63
C ILE E 370 31.45 28.33 -20.83
N PHE E 371 30.54 27.65 -20.15
CA PHE E 371 30.87 26.40 -19.47
C PHE E 371 29.94 25.30 -19.94
N ASP E 372 30.50 24.11 -20.12
CA ASP E 372 29.78 22.99 -20.71
C ASP E 372 28.85 22.36 -19.68
N ARG E 373 27.54 22.44 -19.93
CA ARG E 373 26.58 21.84 -19.02
C ARG E 373 26.73 20.32 -18.96
N ASP E 374 27.12 19.70 -20.07
CA ASP E 374 27.29 18.25 -20.07
C ASP E 374 28.48 17.80 -19.23
N SER E 375 29.24 18.72 -18.66
CA SER E 375 30.24 18.36 -17.67
C SER E 375 29.65 18.16 -16.29
N ILE E 376 28.39 18.54 -16.09
CA ILE E 376 27.72 18.28 -14.81
C ILE E 376 27.22 16.84 -14.80
N PRO E 377 27.62 16.03 -13.81
CA PRO E 377 27.25 14.61 -13.85
C PRO E 377 25.77 14.36 -13.60
N ALA E 378 25.04 15.30 -13.01
CA ALA E 378 23.64 15.04 -12.68
C ALA E 378 22.72 15.23 -13.89
N LEU E 379 23.14 16.00 -14.88
CA LEU E 379 22.29 16.36 -16.01
C LEU E 379 22.46 15.45 -17.22
N ARG E 380 23.34 14.45 -17.13
CA ARG E 380 23.70 13.66 -18.31
C ARG E 380 22.53 12.86 -18.83
N LYS E 381 21.82 12.16 -17.95
CA LYS E 381 20.68 11.36 -18.36
C LYS E 381 19.60 12.23 -19.01
N SER E 382 19.31 13.37 -18.40
CA SER E 382 18.30 14.27 -18.96
C SER E 382 18.72 14.76 -20.34
N ARG E 383 19.98 15.18 -20.48
CA ARG E 383 20.44 15.63 -21.79
C ARG E 383 20.30 14.52 -22.83
N ALA E 384 20.65 13.29 -22.47
CA ALA E 384 20.57 12.20 -23.43
C ALA E 384 19.13 11.92 -23.84
N ASP E 385 18.21 11.90 -22.88
CA ASP E 385 16.81 11.64 -23.22
C ASP E 385 16.24 12.75 -24.09
N ILE E 386 16.56 14.00 -23.76
CA ILE E 386 16.10 15.13 -24.57
C ILE E 386 16.65 15.02 -25.98
N ALA E 387 17.93 14.67 -26.11
CA ALA E 387 18.54 14.56 -27.43
C ALA E 387 17.84 13.48 -28.26
N ALA E 388 17.56 12.33 -27.66
CA ALA E 388 16.87 11.27 -28.39
C ALA E 388 15.48 11.72 -28.83
N THR E 389 14.71 12.30 -27.90
CA THR E 389 13.37 12.73 -28.22
C THR E 389 13.37 13.73 -29.38
N TYR E 390 14.29 14.70 -29.33
CA TYR E 390 14.41 15.63 -30.45
C TYR E 390 14.82 14.92 -31.73
N ASP E 391 15.69 13.91 -31.62
CA ASP E 391 16.01 13.09 -32.79
C ASP E 391 14.77 12.54 -33.45
N LYS E 392 13.76 12.19 -32.65
CA LYS E 392 12.56 11.60 -33.25
C LYS E 392 11.76 12.59 -34.09
N VAL E 393 11.94 13.89 -33.89
CA VAL E 393 11.14 14.88 -34.62
C VAL E 393 11.71 15.05 -36.04
N THR E 394 10.83 15.48 -36.96
CA THR E 394 11.25 15.73 -38.34
C THR E 394 11.03 17.16 -38.82
N PHE E 395 10.01 17.87 -38.32
CA PHE E 395 9.72 19.17 -38.90
C PHE E 395 10.67 20.23 -38.35
N ILE E 396 11.96 19.91 -38.32
CA ILE E 396 12.97 20.77 -37.74
C ILE E 396 14.30 20.43 -38.41
N THR E 397 14.99 21.45 -38.91
CA THR E 397 16.27 21.21 -39.56
C THR E 397 17.31 20.76 -38.55
N GLU E 398 18.41 20.22 -39.06
CA GLU E 398 19.39 19.59 -38.18
C GLU E 398 20.10 20.62 -37.31
N GLU E 399 20.38 21.80 -37.85
CA GLU E 399 21.17 22.78 -37.11
C GLU E 399 20.43 23.26 -35.88
N GLU E 400 19.11 23.42 -35.95
CA GLU E 400 18.37 23.84 -34.78
C GLU E 400 18.17 22.69 -33.80
N LYS E 401 17.98 21.47 -34.29
CA LYS E 401 18.00 20.30 -33.41
C LYS E 401 19.30 20.25 -32.62
N ARG E 402 20.40 20.64 -33.25
CA ARG E 402 21.66 20.72 -32.52
C ARG E 402 21.61 21.86 -31.50
N GLU E 403 21.40 23.08 -31.97
CA GLU E 403 21.56 24.26 -31.12
C GLU E 403 20.58 24.28 -29.95
N VAL E 404 19.46 23.54 -30.04
CA VAL E 404 18.55 23.48 -28.90
C VAL E 404 19.08 22.60 -27.78
N THR E 405 20.17 21.88 -28.02
CA THR E 405 20.75 20.99 -27.03
C THR E 405 22.27 21.16 -26.98
N GLY E 406 22.73 22.40 -26.93
CA GLY E 406 24.16 22.61 -27.05
C GLY E 406 24.61 22.45 -28.49
N TRP E 407 25.80 21.86 -28.67
CA TRP E 407 26.28 21.43 -29.98
C TRP E 407 26.17 22.54 -31.01
N PRO E 408 27.04 23.55 -30.96
CA PRO E 408 26.83 24.78 -31.74
C PRO E 408 26.66 24.55 -33.24
N ALA E 409 27.66 23.94 -33.89
CA ALA E 409 27.61 23.74 -35.33
C ALA E 409 28.67 22.74 -35.78
N PRO F 16 -4.51 59.20 -36.46
CA PRO F 16 -4.13 58.43 -35.27
C PRO F 16 -4.39 59.14 -33.95
N ALA F 17 -3.33 59.39 -33.19
CA ALA F 17 -3.43 59.70 -31.76
C ALA F 17 -4.37 60.86 -31.47
N PRO F 18 -5.41 60.67 -30.64
CA PRO F 18 -6.43 61.71 -30.47
C PRO F 18 -6.17 62.65 -29.31
N SER F 19 -5.20 62.33 -28.46
CA SER F 19 -4.72 63.14 -27.35
C SER F 19 -5.73 63.35 -26.24
N ALA F 20 -6.96 62.83 -26.35
CA ALA F 20 -8.02 63.09 -25.38
C ALA F 20 -8.51 61.78 -24.77
N ASN F 21 -7.90 61.38 -23.66
CA ASN F 21 -8.24 60.15 -22.96
C ASN F 21 -9.24 60.44 -21.84
N PRO F 22 -9.92 59.41 -21.33
CA PRO F 22 -10.93 59.65 -20.29
C PRO F 22 -10.36 59.65 -18.88
N ALA F 23 -9.06 59.82 -18.74
CA ALA F 23 -8.44 59.83 -17.42
C ALA F 23 -8.30 61.23 -16.85
N LYS F 24 -8.87 62.23 -17.52
CA LYS F 24 -8.91 63.60 -17.01
C LYS F 24 -9.83 63.73 -15.81
N ILE F 25 -10.45 62.62 -15.37
CA ILE F 25 -11.37 62.62 -14.25
C ILE F 25 -10.66 62.95 -12.94
N PHE F 26 -9.35 62.84 -12.91
CA PHE F 26 -8.61 62.95 -11.65
C PHE F 26 -7.72 64.19 -11.56
N ILE F 27 -7.13 64.63 -12.68
CA ILE F 27 -6.29 65.83 -12.69
C ILE F 27 -7.12 67.09 -12.38
N ARG F 28 -8.43 67.04 -12.61
CA ARG F 28 -9.29 68.20 -12.42
C ARG F 28 -9.21 68.75 -11.00
N ARG F 29 -9.54 67.91 -10.01
CA ARG F 29 -9.56 68.20 -8.58
C ARG F 29 -9.00 67.08 -7.73
N PHE F 30 -9.27 65.82 -8.11
CA PHE F 30 -8.73 64.70 -7.36
C PHE F 30 -7.21 64.74 -7.32
N PHE F 31 -6.58 65.39 -8.29
CA PHE F 31 -5.15 65.62 -8.31
C PHE F 31 -4.88 67.09 -8.61
N SER F 32 -3.59 67.42 -8.74
CA SER F 32 -3.16 68.75 -9.13
C SER F 32 -1.92 68.63 -10.01
N ALA F 33 -1.84 69.45 -11.04
CA ALA F 33 -0.78 69.35 -12.02
C ALA F 33 0.48 70.08 -11.54
N GLY F 34 1.60 69.73 -12.18
CA GLY F 34 2.88 70.34 -11.88
C GLY F 34 3.28 70.28 -10.42
N VAL F 35 3.37 69.06 -9.88
CA VAL F 35 3.78 68.89 -8.49
C VAL F 35 4.84 67.82 -8.31
N ALA F 36 5.06 66.93 -9.29
CA ALA F 36 6.05 65.86 -9.20
C ALA F 36 5.80 64.96 -7.99
N LYS F 37 4.61 64.37 -7.97
CA LYS F 37 4.24 63.45 -6.90
C LYS F 37 5.06 62.17 -7.00
N ASN F 38 5.47 61.66 -5.84
CA ASN F 38 6.23 60.42 -5.81
C ASN F 38 5.34 59.23 -6.16
N VAL F 39 5.97 58.14 -6.58
CA VAL F 39 5.23 57.02 -7.14
C VAL F 39 4.79 55.99 -6.10
N VAL F 40 5.43 55.94 -4.94
CA VAL F 40 5.12 54.95 -3.92
C VAL F 40 5.12 55.62 -2.56
N SER F 41 4.15 55.25 -1.73
CA SER F 41 4.09 55.77 -0.37
C SER F 41 5.31 55.33 0.42
N TYR F 42 5.76 56.20 1.32
CA TYR F 42 6.94 55.91 2.12
C TYR F 42 6.75 54.64 2.94
N SER F 43 5.53 54.41 3.44
CA SER F 43 5.25 53.18 4.17
C SER F 43 5.56 51.96 3.32
N ASN F 44 5.19 52.00 2.04
CA ASN F 44 5.48 50.88 1.15
C ASN F 44 6.97 50.68 0.97
N VAL F 45 7.72 51.79 0.89
CA VAL F 45 9.17 51.69 0.76
C VAL F 45 9.79 51.03 1.98
N MET F 46 9.37 51.47 3.17
CA MET F 46 9.91 50.86 4.39
C MET F 46 9.50 49.40 4.50
N ALA F 47 8.28 49.06 4.08
CA ALA F 47 7.84 47.68 4.15
C ALA F 47 8.68 46.80 3.22
N ALA F 48 8.91 47.27 1.99
CA ALA F 48 9.77 46.53 1.08
C ALA F 48 11.20 46.45 1.60
N GLN F 49 11.63 47.46 2.35
CA GLN F 49 12.99 47.44 2.90
C GLN F 49 13.14 46.38 3.96
N ARG F 50 12.30 46.42 5.00
CA ARG F 50 12.41 45.45 6.07
C ARG F 50 11.95 44.06 5.65
N ALA F 51 11.20 43.97 4.55
CA ALA F 51 10.86 42.66 4.00
C ALA F 51 12.03 42.01 3.29
N MET F 52 13.11 42.75 3.05
CA MET F 52 14.31 42.17 2.45
C MET F 52 15.23 41.54 3.48
N GLU F 53 14.96 41.73 4.77
CA GLU F 53 15.71 41.07 5.82
C GLU F 53 14.97 39.89 6.43
N HIS F 54 13.64 39.88 6.31
CA HIS F 54 12.86 38.77 6.83
C HIS F 54 13.27 37.48 6.12
N PRO F 55 13.34 36.36 6.84
CA PRO F 55 13.80 35.11 6.21
C PRO F 55 12.95 34.68 5.03
N VAL F 56 11.66 34.47 5.27
CA VAL F 56 10.80 33.90 4.24
C VAL F 56 10.60 34.89 3.10
N ALA F 57 10.38 36.17 3.44
CA ALA F 57 10.12 37.15 2.40
C ALA F 57 11.33 37.32 1.49
N PHE F 58 12.53 37.37 2.06
CA PHE F 58 13.73 37.49 1.23
C PHE F 58 13.95 36.24 0.40
N ARG F 59 13.74 35.07 0.99
CA ARG F 59 13.88 33.83 0.23
C ARG F 59 12.97 33.85 -1.00
N CYS F 60 11.70 34.21 -0.80
CA CYS F 60 10.77 34.22 -1.93
C CYS F 60 11.14 35.31 -2.95
N LEU F 61 11.54 36.48 -2.47
CA LEU F 61 11.86 37.58 -3.38
C LEU F 61 13.04 37.23 -4.26
N ASP F 62 14.14 36.75 -3.67
CA ASP F 62 15.27 36.42 -4.53
C ASP F 62 15.03 35.15 -5.31
N LYS F 63 14.10 34.29 -4.88
CA LYS F 63 13.70 33.17 -5.74
C LYS F 63 13.08 33.68 -7.03
N LEU F 64 12.11 34.58 -6.91
CA LEU F 64 11.51 35.20 -8.10
C LEU F 64 12.56 35.88 -8.94
N GLY F 65 13.43 36.67 -8.30
CA GLY F 65 14.46 37.37 -9.04
C GLY F 65 15.39 36.44 -9.80
N LEU F 66 15.85 35.37 -9.15
CA LEU F 66 16.75 34.43 -9.79
C LEU F 66 16.06 33.74 -10.96
N THR F 67 14.82 33.29 -10.75
CA THR F 67 14.11 32.60 -11.82
C THR F 67 13.96 33.49 -13.03
N VAL F 68 13.55 34.74 -12.83
CA VAL F 68 13.37 35.64 -13.97
C VAL F 68 14.72 35.95 -14.61
N GLN F 69 15.75 36.16 -13.79
CA GLN F 69 17.07 36.54 -14.28
C GLN F 69 17.70 35.48 -15.17
N SER F 70 17.20 34.25 -15.17
CA SER F 70 17.83 33.18 -15.92
C SER F 70 17.42 33.15 -17.39
N VAL F 71 16.36 33.83 -17.77
CA VAL F 71 15.80 33.66 -19.11
C VAL F 71 16.60 34.52 -20.08
N LYS F 72 16.68 34.06 -21.33
CA LYS F 72 17.51 34.70 -22.34
C LYS F 72 16.67 35.56 -23.26
N TRP F 73 17.18 36.75 -23.59
CA TRP F 73 16.53 37.70 -24.46
C TRP F 73 16.95 37.52 -25.91
N ASP F 74 16.17 38.14 -26.80
CA ASP F 74 16.53 38.47 -28.17
C ASP F 74 15.38 39.25 -28.79
N VAL F 75 15.71 40.05 -29.78
CA VAL F 75 14.70 40.72 -30.59
C VAL F 75 14.38 39.81 -31.77
N GLY F 76 13.12 39.82 -32.19
CA GLY F 76 12.72 38.93 -33.27
C GLY F 76 11.42 39.39 -33.90
N LYS F 77 11.15 38.82 -35.07
CA LYS F 77 9.90 39.09 -35.77
C LYS F 77 8.71 38.70 -34.90
N ASP F 78 7.69 39.56 -34.88
CA ASP F 78 6.63 39.08 -34.02
C ASP F 78 5.66 38.19 -34.79
N PRO F 79 5.01 37.25 -34.11
CA PRO F 79 4.08 36.36 -34.82
C PRO F 79 2.88 37.07 -35.43
N GLN F 80 2.22 37.93 -34.67
CA GLN F 80 1.08 38.68 -35.20
C GLN F 80 1.55 39.90 -35.99
N ASN F 81 2.36 39.60 -37.03
CA ASN F 81 2.86 40.63 -37.92
C ASN F 81 1.86 40.81 -39.06
N THR F 82 0.78 41.53 -38.76
CA THR F 82 -0.10 42.02 -39.80
C THR F 82 0.47 43.26 -40.46
N GLN F 83 1.37 43.96 -39.79
CA GLN F 83 1.95 45.22 -40.24
C GLN F 83 3.03 44.92 -41.27
N VAL F 84 2.60 44.81 -42.53
CA VAL F 84 3.56 44.55 -43.60
C VAL F 84 4.53 45.71 -43.76
N GLY F 85 4.11 46.91 -43.37
CA GLY F 85 5.01 48.04 -43.27
C GLY F 85 5.84 47.94 -42.01
N ASP F 86 6.80 47.02 -42.00
CA ASP F 86 7.53 46.67 -40.79
C ASP F 86 8.15 47.90 -40.14
N GLY F 87 8.00 47.99 -38.82
CA GLY F 87 8.48 49.09 -38.02
C GLY F 87 9.88 48.94 -37.48
N GLY F 88 10.61 47.91 -37.90
CA GLY F 88 12.03 47.83 -37.60
C GLY F 88 12.75 48.85 -38.44
N MET F 89 12.54 50.13 -38.10
CA MET F 89 12.75 51.28 -38.98
C MET F 89 14.02 51.21 -39.81
N SER F 90 15.11 50.74 -39.24
CA SER F 90 16.40 50.76 -39.93
C SER F 90 16.97 49.37 -40.18
N ALA F 91 16.67 48.38 -39.34
CA ALA F 91 17.33 47.09 -39.25
C ALA F 91 18.75 47.20 -38.75
N SER F 92 19.26 48.41 -38.57
CA SER F 92 20.47 48.68 -37.80
C SER F 92 20.16 49.10 -36.38
N GLN F 93 19.08 49.88 -36.20
CA GLN F 93 18.55 50.11 -34.86
C GLN F 93 18.20 48.78 -34.19
N ARG F 94 17.73 47.80 -34.96
CA ARG F 94 17.39 46.51 -34.38
C ARG F 94 18.63 45.76 -33.93
N LYS F 95 19.71 45.83 -34.73
CA LYS F 95 20.96 45.24 -34.30
C LYS F 95 21.50 45.91 -33.04
N ALA F 96 21.39 47.24 -32.99
CA ALA F 96 21.83 47.96 -31.80
C ALA F 96 21.00 47.58 -30.59
N LEU F 97 19.69 47.41 -30.78
CA LEU F 97 18.83 47.02 -29.68
C LEU F 97 19.16 45.61 -29.19
N GLN F 98 19.48 44.70 -30.11
CA GLN F 98 19.97 43.39 -29.71
C GLN F 98 21.23 43.53 -28.86
N GLN F 99 22.21 44.27 -29.37
CA GLN F 99 23.44 44.52 -28.62
C GLN F 99 23.15 45.00 -27.22
N ILE F 100 22.27 46.00 -27.10
CA ILE F 100 22.01 46.60 -25.80
C ILE F 100 21.24 45.64 -24.90
N LEU F 101 20.33 44.85 -25.47
CA LEU F 101 19.61 43.87 -24.68
C LEU F 101 20.55 42.81 -24.13
N GLN F 102 21.64 42.54 -24.82
CA GLN F 102 22.64 41.63 -24.25
C GLN F 102 23.67 42.35 -23.39
N ARG F 103 23.99 43.59 -23.72
CA ARG F 103 24.91 44.40 -22.92
C ARG F 103 24.34 45.80 -22.75
N PRO F 104 23.63 46.04 -21.67
CA PRO F 104 23.20 47.41 -21.34
C PRO F 104 24.38 48.25 -20.90
N ASN F 105 24.10 49.41 -20.31
CA ASN F 105 25.10 50.33 -19.79
C ASN F 105 26.28 49.59 -19.15
N PRO F 106 27.51 50.04 -19.39
CA PRO F 106 28.68 49.38 -18.80
C PRO F 106 28.55 49.19 -17.30
N THR F 107 29.29 48.22 -16.77
CA THR F 107 29.22 47.83 -15.35
C THR F 107 27.84 47.31 -14.96
N MET F 108 27.12 46.72 -15.92
CA MET F 108 25.87 46.01 -15.66
C MET F 108 25.50 45.22 -16.89
N SER F 109 25.13 43.96 -16.69
CA SER F 109 24.77 43.05 -17.76
C SER F 109 23.26 42.91 -17.85
N GLY F 110 22.79 42.30 -18.93
CA GLY F 110 21.36 42.15 -19.13
C GLY F 110 20.71 41.32 -18.04
N ALA F 111 21.42 40.31 -17.54
CA ALA F 111 20.88 39.46 -16.49
C ALA F 111 20.57 40.26 -15.24
N GLN F 112 21.50 41.13 -14.84
CA GLN F 112 21.25 41.94 -13.65
C GLN F 112 20.14 42.94 -13.89
N LEU F 113 19.99 43.43 -15.11
CA LEU F 113 18.85 44.28 -15.44
C LEU F 113 17.55 43.53 -15.21
N ARG F 114 17.46 42.30 -15.73
CA ARG F 114 16.26 41.49 -15.53
C ARG F 114 16.01 41.26 -14.05
N TYR F 115 17.06 40.96 -13.29
CA TYR F 115 16.89 40.68 -11.87
C TYR F 115 16.34 41.89 -11.13
N SER F 116 16.98 43.05 -11.33
CA SER F 116 16.52 44.27 -10.64
C SER F 116 15.10 44.64 -11.06
N ALA F 117 14.80 44.50 -12.36
CA ALA F 117 13.47 44.85 -12.84
C ALA F 117 12.41 43.96 -12.21
N ALA F 118 12.63 42.65 -12.23
CA ALA F 118 11.65 41.73 -11.65
C ALA F 118 11.50 41.95 -10.15
N LEU F 119 12.62 42.22 -9.46
CA LEU F 119 12.55 42.44 -8.03
C LEU F 119 11.73 43.69 -7.70
N SER F 120 12.02 44.81 -8.36
CA SER F 120 11.26 46.02 -8.10
C SER F 120 9.81 45.87 -8.52
N TRP F 121 9.54 45.07 -9.56
CA TRP F 121 8.17 44.81 -9.94
C TRP F 121 7.43 44.03 -8.86
N ALA F 122 8.13 43.09 -8.22
CA ALA F 122 7.49 42.31 -7.17
C ALA F 122 7.24 43.14 -5.92
N CYS F 123 8.19 44.04 -5.59
CA CYS F 123 8.05 44.78 -4.35
C CYS F 123 7.06 45.94 -4.47
N PHE F 124 7.10 46.69 -5.57
CA PHE F 124 6.28 47.90 -5.68
C PHE F 124 5.24 47.83 -6.79
N GLY F 125 5.33 46.89 -7.71
CA GLY F 125 4.41 46.88 -8.82
C GLY F 125 4.71 47.92 -9.86
N ARG F 126 5.97 48.36 -9.96
CA ARG F 126 6.37 49.35 -10.94
C ARG F 126 7.70 48.94 -11.55
N MET F 127 7.95 49.42 -12.75
CA MET F 127 9.20 49.21 -13.47
C MET F 127 9.55 50.48 -14.21
N ALA F 128 10.75 51.01 -14.00
CA ALA F 128 11.17 52.25 -14.62
C ALA F 128 12.53 52.08 -15.25
N PHE F 129 12.80 52.85 -16.31
CA PHE F 129 14.03 52.71 -17.07
C PHE F 129 14.38 54.06 -17.69
N LYS F 130 15.55 54.09 -18.34
CA LYS F 130 16.02 55.28 -19.02
C LYS F 130 16.87 54.87 -20.21
N VAL F 131 16.65 55.52 -21.35
CA VAL F 131 17.34 55.16 -22.59
C VAL F 131 18.11 56.36 -23.09
N SER F 132 19.09 56.11 -23.94
CA SER F 132 20.01 57.15 -24.41
C SER F 132 20.19 57.06 -25.92
N VAL F 133 19.09 56.94 -26.66
CA VAL F 133 19.16 56.81 -28.12
C VAL F 133 19.99 57.95 -28.69
N MET F 134 20.95 57.60 -29.56
CA MET F 134 21.96 58.58 -29.98
C MET F 134 21.40 59.71 -30.82
N SER F 135 21.06 59.44 -32.09
CA SER F 135 20.39 60.46 -32.87
C SER F 135 19.39 59.88 -33.87
N ASP F 136 19.37 58.56 -34.02
CA ASP F 136 18.62 57.93 -35.09
C ASP F 136 17.92 56.67 -34.60
N GLY F 137 17.30 56.75 -33.43
CA GLY F 137 16.66 55.59 -32.85
C GLY F 137 17.60 54.50 -32.41
N SER F 138 18.91 54.70 -32.54
CA SER F 138 19.89 53.72 -32.10
C SER F 138 20.10 53.90 -30.60
N VAL F 139 19.53 53.00 -29.81
CA VAL F 139 19.65 53.11 -28.36
C VAL F 139 21.11 52.90 -27.96
N ASN F 140 21.59 53.76 -27.05
CA ASN F 140 22.99 53.68 -26.65
C ASN F 140 23.17 52.80 -25.41
N ALA F 141 22.31 52.97 -24.41
CA ALA F 141 22.39 52.21 -23.18
C ALA F 141 21.08 52.39 -22.42
N ILE F 142 20.82 51.48 -21.49
CA ILE F 142 19.58 51.50 -20.70
C ILE F 142 19.94 51.41 -19.23
N TRP F 143 19.32 52.26 -18.42
CA TRP F 143 19.54 52.26 -16.98
C TRP F 143 18.23 52.02 -16.24
N PRO F 144 18.24 51.17 -15.23
CA PRO F 144 17.07 51.05 -14.36
C PRO F 144 16.98 52.23 -13.40
N LEU F 145 15.76 52.52 -12.98
CA LEU F 145 15.47 53.65 -12.12
C LEU F 145 15.01 53.14 -10.76
N GLY F 146 15.59 53.69 -9.70
CA GLY F 146 15.15 53.32 -8.37
C GLY F 146 13.75 53.82 -8.07
N ILE F 147 12.80 52.89 -7.97
CA ILE F 147 11.42 53.27 -7.71
C ILE F 147 11.25 54.07 -6.42
N PRO F 148 11.92 53.74 -5.30
CA PRO F 148 11.67 54.50 -4.07
C PRO F 148 11.77 56.02 -4.22
N PHE F 149 12.83 56.52 -4.84
CA PHE F 149 13.06 57.95 -4.97
C PHE F 149 12.90 58.45 -6.41
N LEU F 150 11.90 57.91 -7.12
CA LEU F 150 11.54 58.40 -8.43
C LEU F 150 10.18 59.08 -8.37
N LYS F 151 10.14 60.36 -8.72
CA LYS F 151 8.91 61.13 -8.76
C LYS F 151 8.54 61.45 -10.20
N GLN F 152 7.26 61.62 -10.45
CA GLN F 152 6.78 61.88 -11.79
C GLN F 152 5.76 63.02 -11.75
N LYS F 153 5.65 63.71 -12.89
CA LYS F 153 4.78 64.87 -13.02
C LYS F 153 3.80 64.65 -14.17
N PHE F 154 2.56 65.05 -13.95
CA PHE F 154 1.47 64.79 -14.88
C PHE F 154 1.25 65.96 -15.82
N ASP F 155 0.50 65.69 -16.90
CA ASP F 155 0.10 66.71 -17.84
C ASP F 155 -1.22 67.34 -17.38
N ARG F 156 -1.85 68.10 -18.26
CA ARG F 156 -3.19 68.61 -18.00
C ARG F 156 -4.28 67.65 -18.43
N TYR F 157 -4.04 66.82 -19.45
CA TYR F 157 -5.12 65.96 -19.93
C TYR F 157 -5.24 64.67 -19.10
N GLY F 158 -4.29 63.75 -19.25
CA GLY F 158 -4.42 62.51 -18.52
C GLY F 158 -3.18 61.70 -18.16
N ASP F 159 -1.99 62.22 -18.40
CA ASP F 159 -0.82 61.34 -18.38
C ASP F 159 0.42 62.09 -17.92
N VAL F 160 1.51 61.33 -17.82
CA VAL F 160 2.78 61.87 -17.36
C VAL F 160 3.51 62.55 -18.50
N GLU F 161 4.33 63.54 -18.16
CA GLU F 161 5.24 64.17 -19.12
C GLU F 161 6.70 64.02 -18.75
N SER F 162 7.04 64.10 -17.46
CA SER F 162 8.44 64.09 -17.07
C SER F 162 8.59 63.35 -15.75
N PHE F 163 9.80 62.86 -15.51
CA PHE F 163 10.15 62.14 -14.30
C PHE F 163 11.26 62.88 -13.57
N GLN F 164 11.04 63.16 -12.29
CA GLN F 164 12.06 63.75 -11.45
C GLN F 164 12.70 62.65 -10.62
N TYR F 165 14.03 62.64 -10.58
CA TYR F 165 14.79 61.55 -9.96
C TYR F 165 15.76 62.17 -8.95
N GLY F 166 15.39 62.15 -7.68
CA GLY F 166 16.20 62.78 -6.65
C GLY F 166 15.54 64.02 -6.09
N ASP F 167 16.01 64.43 -4.91
CA ASP F 167 15.38 65.54 -4.20
C ASP F 167 15.90 66.91 -4.64
N GLU F 168 17.20 67.19 -4.44
CA GLU F 168 17.52 68.63 -4.53
C GLU F 168 18.71 68.98 -5.41
N ALA F 169 19.85 68.32 -5.26
CA ALA F 169 21.04 68.74 -6.01
C ALA F 169 20.88 68.44 -7.48
N GLY F 170 20.89 67.16 -7.85
CA GLY F 170 20.63 66.75 -9.21
C GLY F 170 19.14 66.66 -9.44
N LYS F 171 18.67 67.26 -10.53
CA LYS F 171 17.24 67.47 -10.74
C LYS F 171 16.82 67.22 -12.18
N GLU F 172 17.24 66.10 -12.77
CA GLU F 172 16.99 65.88 -14.19
C GLU F 172 15.54 65.45 -14.38
N THR F 173 14.77 66.28 -15.08
CA THR F 173 13.39 65.96 -15.45
C THR F 173 13.40 65.24 -16.78
N ILE F 174 13.68 63.94 -16.73
CA ILE F 174 13.71 63.17 -17.97
C ILE F 174 12.33 63.14 -18.59
N PRO F 175 12.18 63.43 -19.88
CA PRO F 175 10.86 63.41 -20.49
C PRO F 175 10.31 62.00 -20.61
N SER F 176 8.99 61.89 -20.60
CA SER F 176 8.33 60.61 -20.82
C SER F 176 8.37 60.26 -22.30
N PHE F 177 8.05 59.00 -22.61
CA PHE F 177 8.04 58.58 -24.01
C PHE F 177 6.96 59.28 -24.80
N THR F 178 5.88 59.70 -24.14
CA THR F 178 4.79 60.37 -24.85
C THR F 178 5.29 61.65 -25.51
N LYS F 179 5.87 62.55 -24.72
CA LYS F 179 6.41 63.80 -25.25
C LYS F 179 7.94 63.68 -25.28
N VAL F 180 8.48 63.64 -26.48
CA VAL F 180 9.92 63.63 -26.69
C VAL F 180 10.15 63.92 -28.17
N GLU F 181 11.30 64.49 -28.51
CA GLU F 181 11.57 64.82 -29.91
C GLU F 181 11.62 63.53 -30.72
N LYS F 182 10.59 63.29 -31.52
CA LYS F 182 10.48 62.05 -32.28
C LYS F 182 11.20 62.17 -33.61
N ASN F 183 11.58 61.02 -34.16
CA ASN F 183 12.07 60.97 -35.52
C ASN F 183 10.91 61.15 -36.50
N ASP F 184 11.25 61.38 -37.77
CA ASP F 184 10.21 61.53 -38.77
C ASP F 184 9.43 60.23 -38.96
N LYS F 185 9.97 59.10 -38.49
CA LYS F 185 9.22 57.85 -38.46
C LYS F 185 8.41 57.68 -37.19
N GLY F 186 8.85 58.23 -36.06
CA GLY F 186 8.14 58.06 -34.82
C GLY F 186 9.04 57.74 -33.65
N ARG F 187 10.24 57.22 -33.95
CA ARG F 187 11.20 56.89 -32.91
C ARG F 187 11.68 58.16 -32.23
N PRO F 188 11.99 58.11 -30.93
CA PRO F 188 12.51 59.29 -30.24
C PRO F 188 13.92 59.64 -30.68
N ILE F 189 14.35 60.83 -30.28
CA ILE F 189 15.70 61.31 -30.57
C ILE F 189 16.51 61.58 -29.31
N LYS F 190 15.89 61.89 -28.18
CA LYS F 190 16.58 62.17 -26.93
C LYS F 190 16.18 61.15 -25.88
N ASN F 191 16.71 61.33 -24.67
CA ASN F 191 16.48 60.37 -23.58
C ASN F 191 15.01 60.39 -23.15
N TYR F 192 14.60 59.31 -22.48
CA TYR F 192 13.25 59.22 -21.95
C TYR F 192 13.20 58.09 -20.91
N ALA F 193 12.00 57.88 -20.35
CA ALA F 193 11.79 56.90 -19.29
C ALA F 193 10.50 56.14 -19.57
N PHE F 194 10.27 55.05 -18.81
CA PHE F 194 9.16 54.14 -19.10
C PHE F 194 8.07 54.19 -18.04
N MET F 195 8.39 53.86 -16.80
CA MET F 195 7.39 53.67 -15.73
C MET F 195 6.30 52.70 -16.17
N ILE F 196 6.70 51.43 -16.33
CA ILE F 196 5.73 50.36 -16.52
C ILE F 196 4.96 50.14 -15.22
N VAL F 197 3.64 50.08 -15.31
CA VAL F 197 2.78 50.04 -14.14
C VAL F 197 1.84 48.84 -14.22
N LYS F 198 1.52 48.26 -13.05
CA LYS F 198 0.60 47.16 -12.88
C LYS F 198 -0.78 47.68 -12.56
N PRO F 199 -1.82 47.23 -13.27
CA PRO F 199 -3.16 47.80 -13.09
C PRO F 199 -3.76 47.39 -11.75
N SER F 200 -4.86 48.07 -11.41
CA SER F 200 -5.61 47.77 -10.20
C SER F 200 -7.07 48.14 -10.44
N ILE F 201 -7.84 48.13 -9.36
CA ILE F 201 -9.28 48.44 -9.45
C ILE F 201 -9.44 49.92 -9.75
N ASN F 202 -10.66 50.33 -10.07
CA ASN F 202 -11.03 51.74 -10.26
C ASN F 202 -10.11 52.45 -11.24
N GLY F 203 -9.52 51.70 -12.17
CA GLY F 203 -8.68 52.28 -13.20
C GLY F 203 -7.59 53.18 -12.68
N ALA F 204 -7.69 54.48 -12.99
CA ALA F 204 -6.73 55.48 -12.55
C ALA F 204 -5.31 55.10 -12.95
N MET F 205 -5.15 54.85 -14.25
CA MET F 205 -4.00 54.14 -14.83
C MET F 205 -2.68 54.45 -14.15
N ASN F 206 -2.43 55.72 -13.82
CA ASN F 206 -1.23 56.10 -13.09
C ASN F 206 -1.53 56.73 -11.74
N PHE F 207 -2.72 57.28 -11.55
CA PHE F 207 -3.11 57.89 -10.29
C PHE F 207 -3.57 56.87 -9.26
N ASP F 208 -3.43 55.58 -9.57
CA ASP F 208 -3.93 54.51 -8.74
C ASP F 208 -2.92 54.08 -7.68
N VAL F 209 -3.36 53.21 -6.78
CA VAL F 209 -2.52 52.71 -5.71
C VAL F 209 -1.76 51.48 -6.19
N GLN F 210 -0.55 51.29 -5.67
CA GLN F 210 0.27 50.16 -6.06
C GLN F 210 -0.49 48.86 -5.83
N ASN F 211 -0.10 47.83 -6.58
CA ASN F 211 -0.71 46.50 -6.50
C ASN F 211 0.43 45.51 -6.33
N THR F 212 0.80 45.26 -5.08
CA THR F 212 1.95 44.44 -4.75
C THR F 212 1.58 43.42 -3.69
N PRO F 213 2.24 42.26 -3.69
CA PRO F 213 1.98 41.27 -2.64
C PRO F 213 2.23 41.81 -1.24
N LEU F 214 3.14 42.76 -1.07
CA LEU F 214 3.40 43.33 0.25
C LEU F 214 2.18 43.98 0.87
N GLN F 215 1.11 44.20 0.10
CA GLN F 215 -0.09 44.79 0.65
C GLN F 215 -0.75 43.86 1.66
N ALA F 216 -0.73 42.57 1.40
CA ALA F 216 -1.58 41.61 2.09
C ALA F 216 -0.80 40.64 2.95
N ILE F 217 0.42 40.98 3.34
CA ILE F 217 1.22 40.07 4.15
C ILE F 217 1.76 40.78 5.38
N GLY F 218 1.22 41.95 5.70
CA GLY F 218 1.62 42.62 6.93
C GLY F 218 1.28 41.80 8.16
N VAL F 219 0.05 41.29 8.21
CA VAL F 219 -0.37 40.47 9.35
C VAL F 219 0.50 39.23 9.50
N PRO F 220 0.72 38.40 8.49
CA PRO F 220 1.53 37.20 8.70
C PRO F 220 2.98 37.50 9.03
N VAL F 221 3.58 38.52 8.42
CA VAL F 221 4.98 38.81 8.72
C VAL F 221 5.12 39.33 10.15
N ALA F 222 4.16 40.13 10.62
CA ALA F 222 4.22 40.59 12.00
C ALA F 222 4.02 39.42 12.96
N LEU F 223 3.09 38.52 12.65
CA LEU F 223 2.89 37.36 13.52
C LEU F 223 4.12 36.48 13.56
N TYR F 224 4.76 36.27 12.40
CA TYR F 224 5.97 35.47 12.35
C TYR F 224 7.06 36.09 13.22
N ASP F 225 7.26 37.40 13.08
CA ASP F 225 8.30 38.05 13.88
C ASP F 225 7.99 37.96 15.36
N ALA F 226 6.73 38.10 15.75
CA ALA F 226 6.37 37.97 17.16
C ALA F 226 6.69 36.59 17.69
N LEU F 227 6.31 35.55 16.95
CA LEU F 227 6.59 34.18 17.40
C LEU F 227 8.09 33.92 17.51
N MET F 228 8.87 34.39 16.53
CA MET F 228 10.30 34.15 16.58
C MET F 228 10.97 34.93 17.71
N ALA F 229 10.47 36.12 18.02
CA ALA F 229 11.01 36.86 19.16
C ALA F 229 10.70 36.13 20.46
N ARG F 230 9.49 35.60 20.60
CA ARG F 230 9.18 34.77 21.76
C ARG F 230 10.14 33.60 21.86
N ALA F 231 10.41 32.94 20.73
CA ALA F 231 11.29 31.78 20.75
C ALA F 231 12.70 32.16 21.21
N ILE F 232 13.25 33.23 20.65
CA ILE F 232 14.59 33.66 21.05
C ILE F 232 14.62 33.98 22.54
N ASP F 233 13.67 34.78 23.00
CA ASP F 233 13.66 35.15 24.41
C ASP F 233 13.59 33.93 25.32
N SER F 234 12.75 32.96 24.97
CA SER F 234 12.61 31.79 25.82
C SER F 234 13.77 30.82 25.69
N ALA F 235 14.57 30.92 24.63
CA ALA F 235 15.70 30.01 24.47
C ALA F 235 16.75 30.23 25.54
N ASP F 236 17.12 31.48 25.76
CA ASP F 236 18.03 31.86 26.83
C ASP F 236 17.26 32.67 27.86
N GLY F 237 17.13 32.12 29.06
CA GLY F 237 16.27 32.70 30.06
C GLY F 237 15.53 31.62 30.83
N THR F 238 15.28 30.49 30.18
CA THR F 238 14.70 29.36 30.87
C THR F 238 15.80 28.50 31.46
N PRO F 239 15.86 28.32 32.78
CA PRO F 239 16.91 27.50 33.37
C PRO F 239 16.92 26.10 32.78
N ASN F 240 18.12 25.64 32.41
CA ASN F 240 18.25 24.36 31.72
C ASN F 240 18.70 23.26 32.68
N SER F 241 18.48 23.46 33.97
CA SER F 241 18.88 22.50 34.98
C SER F 241 17.74 21.53 35.30
N LYS F 242 18.11 20.33 35.69
CA LYS F 242 17.20 19.32 36.20
C LYS F 242 17.49 19.11 37.68
N TRP F 243 16.72 18.22 38.30
CA TRP F 243 16.98 17.79 39.67
C TRP F 243 16.96 18.97 40.65
N LEU F 244 15.79 19.57 40.79
CA LEU F 244 15.62 20.56 41.86
C LEU F 244 15.51 19.78 43.16
N VAL F 245 16.64 19.57 43.82
CA VAL F 245 16.72 18.79 45.04
C VAL F 245 16.73 19.74 46.23
N THR F 246 15.94 19.40 47.26
CA THR F 246 15.78 20.25 48.43
C THR F 246 15.89 19.42 49.70
N ALA F 247 16.72 19.88 50.63
CA ALA F 247 16.85 19.25 51.93
C ALA F 247 15.91 19.94 52.92
N SER F 248 16.03 19.62 54.20
CA SER F 248 15.15 20.15 55.24
C SER F 248 15.87 21.21 56.06
N ARG F 249 15.12 21.87 56.93
CA ARG F 249 15.67 22.92 57.79
C ARG F 249 16.25 22.34 59.07
N ASP F 250 16.59 21.05 59.06
CA ASP F 250 17.35 20.45 60.14
C ASP F 250 18.34 19.50 59.47
N LEU F 251 19.47 20.06 59.06
CA LEU F 251 20.49 19.21 58.45
C LEU F 251 21.91 19.67 58.76
N ASP F 252 22.12 20.56 59.72
CA ASP F 252 23.49 20.95 60.08
C ASP F 252 24.24 21.47 58.86
N ASP F 253 23.91 22.67 58.41
CA ASP F 253 24.41 23.16 57.14
C ASP F 253 25.92 23.12 57.17
N GLY F 254 26.49 22.13 56.47
CA GLY F 254 27.84 21.68 56.71
C GLY F 254 27.97 20.18 56.50
N GLN F 255 26.86 19.45 56.69
CA GLN F 255 26.70 18.15 56.06
C GLN F 255 25.66 18.19 54.95
N ALA F 256 24.86 19.26 54.88
CA ALA F 256 24.12 19.52 53.66
C ALA F 256 25.06 19.72 52.48
N LYS F 257 26.19 20.40 52.72
CA LYS F 257 27.19 20.54 51.67
C LYS F 257 27.76 19.19 51.28
N GLU F 258 27.92 18.29 52.25
CA GLU F 258 28.40 16.94 51.95
C GLU F 258 27.40 16.19 51.09
N VAL F 259 26.11 16.31 51.40
CA VAL F 259 25.08 15.69 50.58
C VAL F 259 25.09 16.26 49.17
N LYS F 260 25.27 17.59 49.06
CA LYS F 260 25.33 18.22 47.75
C LYS F 260 26.51 17.70 46.94
N GLU F 261 27.67 17.59 47.58
CA GLU F 261 28.84 17.08 46.86
C GLU F 261 28.64 15.62 46.45
N GLY F 262 27.97 14.84 47.30
CA GLY F 262 27.67 13.47 46.92
C GLY F 262 26.77 13.40 45.71
N ILE F 263 25.72 14.21 45.69
CA ILE F 263 24.82 14.24 44.53
C ILE F 263 25.56 14.73 43.29
N GLU F 264 26.42 15.73 43.46
CA GLU F 264 27.05 16.37 42.32
C GLU F 264 28.14 15.50 41.72
N GLU F 265 28.91 14.81 42.55
CA GLU F 265 30.06 14.09 42.01
C GLU F 265 29.63 12.75 41.43
N THR F 266 28.58 12.75 40.63
CA THR F 266 28.22 11.61 39.81
C THR F 266 28.07 12.02 38.36
N LYS F 267 28.35 13.28 38.04
CA LYS F 267 28.40 13.72 36.66
C LYS F 267 29.38 12.86 35.87
N PRO F 268 29.22 12.76 34.56
CA PRO F 268 30.23 12.06 33.75
C PRO F 268 31.61 12.63 33.99
N GLY F 269 32.53 11.77 34.42
CA GLY F 269 33.86 12.23 34.77
C GLY F 269 33.92 12.77 36.18
N GLY F 270 33.43 11.97 37.13
CA GLY F 270 33.52 12.30 38.54
C GLY F 270 34.12 11.14 39.31
N ASP F 271 34.29 11.36 40.62
CA ASP F 271 34.88 10.32 41.47
C ASP F 271 34.04 9.05 41.43
N ASN F 272 32.81 9.12 41.93
CA ASN F 272 31.87 8.03 41.84
C ASN F 272 30.80 8.42 40.81
N GLY F 273 31.08 8.11 39.54
CA GLY F 273 30.21 8.46 38.45
C GLY F 273 29.36 7.28 38.04
N GLY F 274 28.04 7.42 38.19
CA GLY F 274 27.10 6.41 37.80
C GLY F 274 26.62 5.49 38.91
N GLU F 275 27.18 5.62 40.11
CA GLU F 275 26.77 4.76 41.20
C GLU F 275 25.63 5.39 41.98
N ILE F 276 25.04 4.63 42.89
CA ILE F 276 23.84 5.05 43.61
C ILE F 276 24.15 6.21 44.54
N ILE F 277 23.11 6.85 45.06
CA ILE F 277 23.24 7.82 46.15
C ILE F 277 22.64 7.18 47.38
N PHE F 278 23.43 7.11 48.45
CA PHE F 278 22.93 6.60 49.73
C PHE F 278 22.89 7.75 50.73
N ILE F 279 21.70 7.98 51.29
CA ILE F 279 21.49 9.02 52.29
C ILE F 279 21.02 8.35 53.57
N ALA F 280 21.82 8.45 54.62
CA ALA F 280 21.47 7.88 55.91
C ALA F 280 20.70 8.91 56.71
N GLY F 281 19.41 8.68 56.89
CA GLY F 281 18.59 9.61 57.64
C GLY F 281 18.35 10.92 56.93
N THR F 282 17.40 11.71 57.43
CA THR F 282 17.12 13.04 56.89
C THR F 282 16.79 12.98 55.40
N ASP F 283 15.65 12.35 55.11
CA ASP F 283 15.20 12.15 53.74
C ASP F 283 15.21 13.44 52.92
N VAL F 284 16.04 13.47 51.89
CA VAL F 284 16.05 14.55 50.92
C VAL F 284 15.08 14.21 49.81
N LYS F 285 14.57 15.23 49.12
CA LYS F 285 13.50 15.03 48.15
C LYS F 285 13.85 15.69 46.83
N VAL F 286 14.01 14.88 45.80
CA VAL F 286 14.34 15.34 44.46
C VAL F 286 13.11 15.30 43.58
N GLN F 287 12.96 16.31 42.73
CA GLN F 287 11.96 16.29 41.68
C GLN F 287 12.65 16.68 40.38
N GLU F 288 12.36 15.94 39.31
CA GLU F 288 13.01 16.15 38.04
C GLU F 288 12.17 17.09 37.20
N MET F 289 12.77 18.21 36.78
CA MET F 289 12.06 19.19 35.97
C MET F 289 11.91 18.67 34.55
N LYS F 290 10.75 18.95 33.95
CA LYS F 290 10.51 18.50 32.59
C LYS F 290 11.34 19.31 31.60
N ASN F 291 11.20 20.63 31.64
CA ASN F 291 11.86 21.53 30.69
C ASN F 291 11.60 21.09 29.26
N ASP F 292 10.33 21.14 28.88
CA ASP F 292 9.90 20.65 27.57
C ASP F 292 10.65 21.37 26.46
N LEU F 293 10.42 22.67 26.32
CA LEU F 293 11.21 23.54 25.45
C LEU F 293 11.23 23.04 24.00
N SER F 294 10.24 22.26 23.61
CA SER F 294 10.20 21.67 22.28
C SER F 294 9.15 22.31 21.39
N ASP F 295 8.55 23.41 21.85
CA ASP F 295 7.59 24.13 21.02
C ASP F 295 7.78 25.63 21.16
N ILE F 296 9.02 26.08 21.37
CA ILE F 296 9.26 27.49 21.65
C ILE F 296 8.90 28.36 20.45
N HIS F 297 9.11 27.85 19.24
CA HIS F 297 8.77 28.64 18.07
C HIS F 297 7.32 28.49 17.64
N SER F 298 6.54 27.63 18.30
CA SER F 298 5.15 27.40 17.93
C SER F 298 5.07 26.90 16.48
N LYS F 299 5.53 25.67 16.29
CA LYS F 299 5.70 25.13 14.95
C LYS F 299 4.42 25.21 14.13
N VAL F 300 3.28 24.96 14.75
CA VAL F 300 2.03 24.89 13.99
C VAL F 300 1.59 26.29 13.58
N PRO F 301 1.45 27.27 14.49
CA PRO F 301 1.11 28.62 14.01
C PRO F 301 2.32 29.41 13.59
N LEU F 302 3.25 28.77 12.90
CA LEU F 302 4.37 29.44 12.23
C LEU F 302 4.49 29.00 10.79
N ASP F 303 4.44 27.69 10.55
CA ASP F 303 4.42 27.19 9.19
C ASP F 303 3.22 27.73 8.43
N ASP F 304 2.13 28.03 9.13
CA ASP F 304 0.97 28.61 8.44
C ASP F 304 1.27 30.02 7.95
N GLN F 305 1.93 30.83 8.78
CA GLN F 305 2.31 32.16 8.33
C GLN F 305 3.32 32.08 7.19
N ALA F 306 4.23 31.11 7.26
CA ALA F 306 5.17 30.92 6.16
C ALA F 306 4.44 30.54 4.88
N ARG F 307 3.49 29.62 4.97
CA ARG F 307 2.71 29.23 3.80
C ARG F 307 1.94 30.40 3.24
N THR F 308 1.41 31.26 4.11
CA THR F 308 0.65 32.40 3.63
C THR F 308 1.53 33.40 2.90
N ILE F 309 2.64 33.81 3.51
CA ILE F 309 3.52 34.78 2.85
C ILE F 309 4.33 34.15 1.74
N ALA F 310 4.23 32.84 1.53
CA ALA F 310 4.79 32.25 0.34
C ALA F 310 3.77 32.18 -0.79
N GLY F 311 2.55 31.73 -0.48
CA GLY F 311 1.51 31.65 -1.49
C GLY F 311 1.09 33.01 -2.01
N ASN F 312 1.14 34.04 -1.17
CA ASN F 312 0.79 35.37 -1.64
C ASN F 312 1.79 35.86 -2.68
N PHE F 313 3.01 35.35 -2.66
CA PHE F 313 3.97 35.62 -3.71
C PHE F 313 3.81 34.69 -4.90
N GLY F 314 2.93 33.70 -4.80
CA GLY F 314 2.73 32.76 -5.88
C GLY F 314 3.87 31.78 -6.01
N ILE F 315 4.09 30.97 -4.98
CA ILE F 315 5.14 29.95 -5.00
C ILE F 315 4.57 28.67 -4.42
N PRO F 316 4.49 27.60 -5.19
CA PRO F 316 4.02 26.32 -4.64
C PRO F 316 4.79 25.95 -3.39
N ILE F 317 4.06 25.54 -2.35
CA ILE F 317 4.67 25.27 -1.06
C ILE F 317 5.81 24.27 -1.19
N ALA F 318 5.61 23.25 -2.05
CA ALA F 318 6.59 22.18 -2.20
C ALA F 318 7.98 22.70 -2.52
N LEU F 319 8.09 23.84 -3.21
CA LEU F 319 9.40 24.38 -3.54
C LEU F 319 10.22 24.70 -2.31
N LEU F 320 9.59 24.88 -1.16
CA LEU F 320 10.31 25.31 0.05
C LEU F 320 9.88 24.49 1.26
N TYR F 334 6.80 16.41 -7.52
CA TYR F 334 7.71 17.50 -7.24
C TYR F 334 7.98 18.33 -8.49
N ASP F 335 8.58 17.70 -9.49
CA ASP F 335 8.90 18.41 -10.73
C ASP F 335 7.67 19.01 -11.38
N GLU F 336 6.51 18.37 -11.23
CA GLU F 336 5.27 18.97 -11.69
C GLU F 336 5.05 20.33 -11.04
N SER F 337 5.39 20.43 -9.75
CA SER F 337 5.22 21.71 -9.06
C SER F 337 6.23 22.74 -9.55
N ARG F 338 7.42 22.31 -9.96
CA ARG F 338 8.35 23.26 -10.58
C ARG F 338 7.81 23.77 -11.90
N LYS F 339 7.29 22.87 -12.74
CA LYS F 339 6.64 23.30 -13.98
C LYS F 339 5.51 24.28 -13.69
N ALA F 340 4.73 24.01 -12.64
CA ALA F 340 3.62 24.90 -12.29
C ALA F 340 4.13 26.28 -11.90
N PHE F 341 5.12 26.33 -11.01
CA PHE F 341 5.71 27.61 -10.63
C PHE F 341 6.26 28.35 -11.83
N PHE F 342 6.73 27.64 -12.84
CA PHE F 342 7.28 28.31 -14.00
C PHE F 342 6.19 28.87 -14.91
N GLU F 343 5.23 28.05 -15.31
CA GLU F 343 4.24 28.49 -16.28
C GLU F 343 2.93 28.91 -15.64
N ASP F 344 2.94 29.30 -14.37
CA ASP F 344 1.74 29.83 -13.74
C ASP F 344 1.93 31.20 -13.10
N THR F 345 3.12 31.50 -12.57
CA THR F 345 3.32 32.77 -11.90
C THR F 345 4.53 33.52 -12.45
N ILE F 346 5.56 32.79 -12.88
CA ILE F 346 6.72 33.44 -13.46
C ILE F 346 6.44 33.86 -14.88
N GLU F 347 5.86 32.96 -15.67
CA GLU F 347 5.59 33.29 -17.07
C GLU F 347 4.53 34.37 -17.18
N PRO F 348 3.28 34.18 -16.72
CA PRO F 348 2.32 35.27 -16.83
C PRO F 348 2.28 36.21 -15.64
N GLY F 349 3.40 36.55 -15.02
CA GLY F 349 3.32 37.61 -14.04
C GLY F 349 4.54 38.50 -13.97
N TYR F 350 5.60 38.08 -14.61
CA TYR F 350 6.86 38.82 -14.69
C TYR F 350 7.39 38.85 -16.10
N LEU F 351 7.18 37.79 -16.87
CA LEU F 351 7.72 37.69 -18.21
C LEU F 351 6.87 38.45 -19.22
N THR F 352 5.58 38.15 -19.28
CA THR F 352 4.71 38.86 -20.21
C THR F 352 4.62 40.35 -19.93
N PRO F 353 4.48 40.83 -18.69
CA PRO F 353 4.41 42.29 -18.52
C PRO F 353 5.69 42.98 -18.92
N LEU F 354 6.84 42.39 -18.59
CA LEU F 354 8.12 43.00 -18.93
C LEU F 354 8.33 43.03 -20.43
N GLU F 355 8.07 41.90 -21.10
CA GLU F 355 8.31 41.86 -22.54
C GLU F 355 7.30 42.72 -23.30
N ASP F 356 6.06 42.81 -22.81
CA ASP F 356 5.10 43.68 -23.47
C ASP F 356 5.42 45.15 -23.22
N GLY F 357 5.91 45.48 -22.04
CA GLY F 357 6.33 46.85 -21.79
C GLY F 357 7.48 47.27 -22.67
N PHE F 358 8.51 46.42 -22.77
CA PHE F 358 9.62 46.74 -23.65
C PHE F 358 9.17 46.82 -25.11
N SER F 359 8.41 45.81 -25.57
CA SER F 359 7.97 45.81 -26.95
C SER F 359 7.09 47.00 -27.26
N MET F 360 6.36 47.52 -26.27
CA MET F 360 5.44 48.61 -26.55
C MET F 360 6.18 49.85 -26.99
N PHE F 361 7.18 50.29 -26.21
CA PHE F 361 8.03 51.37 -26.68
C PHE F 361 9.51 51.04 -26.40
N LEU F 362 10.05 50.18 -27.26
CA LEU F 362 11.47 50.12 -27.58
C LEU F 362 11.74 49.84 -29.04
N CYS F 363 10.74 49.41 -29.80
CA CYS F 363 10.91 49.10 -31.22
C CYS F 363 9.58 49.27 -31.92
N GLY F 364 9.64 49.41 -33.23
CA GLY F 364 8.43 49.58 -34.02
C GLY F 364 7.66 48.29 -34.16
N ALA F 365 6.49 48.40 -34.79
CA ALA F 365 5.66 47.23 -35.02
C ALA F 365 6.38 46.24 -35.94
N GLY F 366 5.87 45.02 -35.97
CA GLY F 366 6.49 43.95 -36.72
C GLY F 366 7.67 43.30 -36.02
N TYR F 367 8.33 44.00 -35.10
CA TYR F 367 9.43 43.44 -34.33
C TYR F 367 9.25 43.81 -32.86
N ARG F 368 9.68 42.92 -31.99
CA ARG F 368 9.47 43.13 -30.57
C ARG F 368 10.37 42.18 -29.80
N VAL F 369 10.56 42.46 -28.51
CA VAL F 369 11.45 41.67 -27.70
C VAL F 369 10.76 40.37 -27.31
N ILE F 370 11.49 39.27 -27.46
CA ILE F 370 11.00 37.93 -27.14
C ILE F 370 12.08 37.24 -26.32
N PHE F 371 11.68 36.29 -25.50
CA PHE F 371 12.62 35.45 -24.78
C PHE F 371 12.31 33.98 -25.06
N ASP F 372 13.36 33.19 -25.22
CA ASP F 372 13.24 31.80 -25.65
C ASP F 372 12.81 30.93 -24.47
N ARG F 373 11.62 30.35 -24.57
CA ARG F 373 11.13 29.48 -23.51
C ARG F 373 12.01 28.24 -23.37
N ASP F 374 12.57 27.74 -24.47
CA ASP F 374 13.42 26.56 -24.39
C ASP F 374 14.74 26.83 -23.67
N SER F 375 14.99 28.07 -23.26
CA SER F 375 16.12 28.35 -22.37
C SER F 375 15.79 28.05 -20.92
N ILE F 376 14.54 27.80 -20.59
CA ILE F 376 14.17 27.41 -19.24
C ILE F 376 14.44 25.92 -19.06
N PRO F 377 15.24 25.52 -18.08
CA PRO F 377 15.61 24.10 -17.98
C PRO F 377 14.47 23.21 -17.54
N ALA F 378 13.41 23.74 -16.93
CA ALA F 378 12.34 22.89 -16.42
C ALA F 378 11.36 22.47 -17.51
N LEU F 379 11.28 23.23 -18.60
CA LEU F 379 10.29 23.01 -19.64
C LEU F 379 10.79 22.15 -20.79
N ARG F 380 12.05 21.71 -20.74
CA ARG F 380 12.65 21.07 -21.91
C ARG F 380 11.99 19.74 -22.23
N LYS F 381 11.78 18.90 -21.22
CA LYS F 381 11.14 17.60 -21.44
C LYS F 381 9.74 17.77 -22.01
N SER F 382 8.97 18.71 -21.45
CA SER F 382 7.61 18.94 -21.94
C SER F 382 7.64 19.40 -23.39
N ARG F 383 8.51 20.35 -23.71
CA ARG F 383 8.61 20.81 -25.09
C ARG F 383 8.95 19.66 -26.03
N ALA F 384 9.88 18.79 -25.63
CA ALA F 384 10.27 17.68 -26.51
C ALA F 384 9.12 16.71 -26.72
N ASP F 385 8.41 16.37 -25.66
CA ASP F 385 7.29 15.44 -25.81
C ASP F 385 6.19 16.03 -26.67
N ILE F 386 5.88 17.31 -26.47
CA ILE F 386 4.87 17.98 -27.29
C ILE F 386 5.30 17.97 -28.75
N ALA F 387 6.58 18.27 -29.00
CA ALA F 387 7.07 18.30 -30.38
C ALA F 387 6.92 16.95 -31.05
N ALA F 388 7.29 15.88 -30.34
CA ALA F 388 7.14 14.54 -30.91
C ALA F 388 5.68 14.21 -31.21
N THR F 389 4.80 14.46 -30.23
CA THR F 389 3.39 14.16 -30.42
C THR F 389 2.83 14.89 -31.63
N TYR F 390 3.15 16.18 -31.76
CA TYR F 390 2.73 16.92 -32.95
C TYR F 390 3.34 16.34 -34.22
N ASP F 391 4.59 15.89 -34.15
CA ASP F 391 5.19 15.20 -35.29
C ASP F 391 4.33 14.04 -35.75
N LYS F 392 3.68 13.35 -34.82
CA LYS F 392 2.89 12.20 -35.23
C LYS F 392 1.64 12.57 -36.03
N VAL F 393 1.17 13.82 -35.94
CA VAL F 393 -0.05 14.22 -36.63
C VAL F 393 0.24 14.47 -38.12
N THR F 394 -0.78 14.32 -38.95
CA THR F 394 -0.64 14.58 -40.39
C THR F 394 -1.56 15.65 -40.93
N PHE F 395 -2.76 15.85 -40.36
CA PHE F 395 -3.69 16.78 -40.99
C PHE F 395 -3.33 18.22 -40.64
N ILE F 396 -2.06 18.55 -40.74
CA ILE F 396 -1.54 19.85 -40.34
C ILE F 396 -0.28 20.12 -41.15
N THR F 397 -0.21 21.27 -41.79
CA THR F 397 0.97 21.59 -42.57
C THR F 397 2.17 21.81 -41.66
N GLU F 398 3.35 21.81 -42.26
CA GLU F 398 4.58 21.84 -41.47
C GLU F 398 4.76 23.18 -40.76
N GLU F 399 4.39 24.27 -41.41
CA GLU F 399 4.65 25.59 -40.84
C GLU F 399 3.86 25.80 -39.56
N GLU F 400 2.63 25.30 -39.49
CA GLU F 400 1.87 25.45 -38.26
C GLU F 400 2.32 24.46 -37.19
N LYS F 401 2.72 23.25 -37.58
CA LYS F 401 3.37 22.35 -36.63
C LYS F 401 4.58 23.01 -36.00
N ARG F 402 5.31 23.81 -36.78
CA ARG F 402 6.41 24.57 -36.21
C ARG F 402 5.89 25.65 -35.27
N GLU F 403 5.07 26.57 -35.80
CA GLU F 403 4.70 27.76 -35.05
C GLU F 403 3.93 27.45 -33.78
N VAL F 404 3.30 26.27 -33.68
CA VAL F 404 2.63 25.91 -32.44
C VAL F 404 3.60 25.53 -31.34
N THR F 405 4.88 25.40 -31.66
CA THR F 405 5.89 25.00 -30.68
C THR F 405 7.14 25.88 -30.82
N GLY F 406 6.93 27.20 -30.92
CA GLY F 406 8.07 28.05 -31.22
C GLY F 406 8.44 27.95 -32.69
N TRP F 407 9.74 27.98 -32.97
CA TRP F 407 10.28 27.69 -34.30
C TRP F 407 9.57 28.48 -35.38
N PRO F 408 9.84 29.78 -35.50
CA PRO F 408 9.00 30.65 -36.34
C PRO F 408 8.86 30.20 -37.78
N ALA F 409 9.96 30.08 -38.51
CA ALA F 409 9.92 29.71 -39.92
C ALA F 409 11.30 29.28 -40.42
N PRO G 16 -35.38 45.14 -39.57
CA PRO G 16 -34.59 44.79 -38.38
C PRO G 16 -35.06 45.43 -37.08
N ALA G 17 -34.21 46.26 -36.48
CA ALA G 17 -34.34 46.64 -35.07
C ALA G 17 -35.71 47.23 -34.76
N PRO G 18 -36.45 46.67 -33.79
CA PRO G 18 -37.83 47.10 -33.57
C PRO G 18 -37.99 48.19 -32.52
N SER G 19 -36.92 48.47 -31.77
CA SER G 19 -36.81 49.54 -30.78
C SER G 19 -37.72 49.37 -29.57
N ALA G 20 -38.53 48.32 -29.50
CA ALA G 20 -39.52 48.15 -28.43
C ALA G 20 -39.27 46.84 -27.68
N ASN G 21 -38.46 46.92 -26.63
CA ASN G 21 -38.12 45.76 -25.81
C ASN G 21 -39.03 45.68 -24.60
N PRO G 22 -39.10 44.52 -23.95
CA PRO G 22 -40.01 44.37 -22.80
C PRO G 22 -39.42 44.80 -21.48
N ALA G 23 -38.35 45.58 -21.51
CA ALA G 23 -37.72 46.05 -20.27
C ALA G 23 -38.24 47.40 -19.82
N LYS G 24 -39.27 47.92 -20.49
CA LYS G 24 -39.94 49.15 -20.06
C LYS G 24 -40.72 48.96 -18.77
N ILE G 25 -40.69 47.76 -18.20
CA ILE G 25 -41.41 47.45 -16.98
C ILE G 25 -40.85 48.22 -15.78
N PHE G 26 -39.64 48.76 -15.90
CA PHE G 26 -38.97 49.36 -14.75
C PHE G 26 -38.80 50.87 -14.86
N ILE G 27 -38.58 51.40 -16.06
CA ILE G 27 -38.44 52.85 -16.25
C ILE G 27 -39.74 53.58 -15.93
N ARG G 28 -40.88 52.89 -16.00
CA ARG G 28 -42.18 53.51 -15.78
C ARG G 28 -42.27 54.19 -14.42
N ARG G 29 -42.07 53.43 -13.35
CA ARG G 29 -42.14 53.83 -11.95
C ARG G 29 -41.04 53.24 -11.10
N PHE G 30 -40.69 51.96 -11.36
CA PHE G 30 -39.61 51.33 -10.60
C PHE G 30 -38.31 52.09 -10.75
N PHE G 31 -38.15 52.84 -11.83
CA PHE G 31 -37.01 53.73 -12.03
C PHE G 31 -37.52 55.11 -12.47
N SER G 32 -36.56 55.99 -12.77
CA SER G 32 -36.86 57.30 -13.30
C SER G 32 -35.79 57.69 -14.31
N ALA G 33 -36.20 58.32 -15.40
CA ALA G 33 -35.30 58.63 -16.49
C ALA G 33 -34.52 59.91 -16.22
N GLY G 34 -33.42 60.07 -16.96
CA GLY G 34 -32.59 61.25 -16.86
C GLY G 34 -32.09 61.56 -15.46
N VAL G 35 -31.39 60.61 -14.85
CA VAL G 35 -30.85 60.81 -13.51
C VAL G 35 -29.39 60.41 -13.39
N ALA G 36 -28.84 59.62 -14.32
CA ALA G 36 -27.45 59.17 -14.29
C ALA G 36 -27.14 58.41 -13.00
N LYS G 37 -27.90 57.33 -12.79
CA LYS G 37 -27.68 56.48 -11.63
C LYS G 37 -26.35 55.75 -11.73
N ASN G 38 -25.66 55.63 -10.60
CA ASN G 38 -24.40 54.91 -10.58
C ASN G 38 -24.62 53.42 -10.74
N VAL G 39 -23.57 52.72 -11.15
CA VAL G 39 -23.71 51.32 -11.55
C VAL G 39 -23.52 50.33 -10.40
N VAL G 40 -22.85 50.74 -9.32
CA VAL G 40 -22.57 49.84 -8.21
C VAL G 40 -22.79 50.58 -6.90
N SER G 41 -23.40 49.89 -5.94
CA SER G 41 -23.61 50.48 -4.62
C SER G 41 -22.27 50.78 -3.96
N TYR G 42 -22.24 51.86 -3.18
CA TYR G 42 -21.00 52.26 -2.51
C TYR G 42 -20.49 51.16 -1.59
N SER G 43 -21.42 50.43 -0.93
CA SER G 43 -21.01 49.32 -0.09
C SER G 43 -20.20 48.30 -0.89
N ASN G 44 -20.64 48.01 -2.12
CA ASN G 44 -19.91 47.06 -2.95
C ASN G 44 -18.53 47.59 -3.30
N VAL G 45 -18.41 48.90 -3.54
CA VAL G 45 -17.11 49.48 -3.84
C VAL G 45 -16.17 49.34 -2.66
N MET G 46 -16.65 49.68 -1.46
CA MET G 46 -15.81 49.54 -0.27
C MET G 46 -15.44 48.09 -0.02
N ALA G 47 -16.36 47.16 -0.27
CA ALA G 47 -16.07 45.75 -0.05
C ALA G 47 -14.99 45.27 -1.02
N ALA G 48 -15.10 45.66 -2.29
CA ALA G 48 -14.05 45.31 -3.24
C ALA G 48 -12.73 45.98 -2.89
N GLN G 49 -12.79 47.17 -2.27
CA GLN G 49 -11.57 47.86 -1.89
C GLN G 49 -10.84 47.13 -0.79
N ARG G 50 -11.53 46.89 0.34
CA ARG G 50 -10.86 46.22 1.45
C ARG G 50 -10.63 44.74 1.18
N ALA G 51 -11.31 44.17 0.19
CA ALA G 51 -11.01 42.81 -0.22
C ALA G 51 -9.73 42.72 -1.02
N MET G 52 -9.17 43.85 -1.44
CA MET G 52 -7.89 43.84 -2.14
C MET G 52 -6.71 43.84 -1.19
N GLU G 53 -6.93 44.04 0.11
CA GLU G 53 -5.89 43.95 1.11
C GLU G 53 -5.91 42.64 1.87
N HIS G 54 -7.07 41.99 1.92
CA HIS G 54 -7.17 40.70 2.60
C HIS G 54 -6.24 39.70 1.94
N PRO G 55 -5.59 38.84 2.72
CA PRO G 55 -4.62 37.90 2.12
C PRO G 55 -5.23 36.97 1.08
N VAL G 56 -6.24 36.19 1.49
CA VAL G 56 -6.79 35.17 0.61
C VAL G 56 -7.52 35.81 -0.56
N ALA G 57 -8.31 36.85 -0.28
CA ALA G 57 -9.09 37.48 -1.35
C ALA G 57 -8.19 38.09 -2.40
N PHE G 58 -7.12 38.77 -1.98
CA PHE G 58 -6.20 39.35 -2.96
C PHE G 58 -5.47 38.27 -3.73
N ARG G 59 -5.03 37.22 -3.04
CA ARG G 59 -4.37 36.11 -3.73
C ARG G 59 -5.26 35.56 -4.84
N CYS G 60 -6.52 35.28 -4.51
CA CYS G 60 -7.42 34.72 -5.52
C CYS G 60 -7.69 35.72 -6.64
N LEU G 61 -7.88 36.99 -6.30
CA LEU G 61 -8.20 37.99 -7.31
C LEU G 61 -7.08 38.15 -8.30
N ASP G 62 -5.84 38.32 -7.81
CA ASP G 62 -4.76 38.47 -8.78
C ASP G 62 -4.40 37.16 -9.44
N LYS G 63 -4.76 36.02 -8.85
CA LYS G 63 -4.62 34.76 -9.58
C LYS G 63 -5.51 34.75 -10.81
N LEU G 64 -6.79 35.08 -10.64
CA LEU G 64 -7.69 35.19 -11.77
C LEU G 64 -7.17 36.20 -12.79
N GLY G 65 -6.75 37.37 -12.31
CA GLY G 65 -6.25 38.39 -13.22
C GLY G 65 -5.04 37.94 -14.02
N LEU G 66 -4.09 37.30 -13.35
CA LEU G 66 -2.89 36.83 -14.03
C LEU G 66 -3.24 35.77 -15.06
N THR G 67 -4.07 34.81 -14.68
CA THR G 67 -4.43 33.73 -15.60
C THR G 67 -5.10 34.30 -16.85
N VAL G 68 -6.05 35.21 -16.68
CA VAL G 68 -6.72 35.79 -17.85
C VAL G 68 -5.74 36.62 -18.67
N GLN G 69 -4.89 37.39 -18.00
CA GLN G 69 -3.96 38.29 -18.66
C GLN G 69 -2.95 37.58 -19.55
N SER G 70 -2.80 36.26 -19.41
CA SER G 70 -1.79 35.53 -20.15
C SER G 70 -2.22 35.15 -21.55
N VAL G 71 -3.51 35.18 -21.85
CA VAL G 71 -4.00 34.62 -23.09
C VAL G 71 -3.81 35.62 -24.21
N LYS G 72 -3.60 35.13 -25.43
CA LYS G 72 -3.25 35.96 -26.57
C LYS G 72 -4.48 36.20 -27.44
N TRP G 73 -4.63 37.44 -27.91
CA TRP G 73 -5.73 37.85 -28.76
C TRP G 73 -5.38 37.72 -30.24
N ASP G 74 -6.43 37.79 -31.06
CA ASP G 74 -6.36 38.09 -32.48
C ASP G 74 -7.79 38.15 -33.02
N VAL G 75 -7.97 38.90 -34.09
CA VAL G 75 -9.24 38.89 -34.81
C VAL G 75 -9.16 37.81 -35.88
N GLY G 76 -10.29 37.17 -36.15
CA GLY G 76 -10.29 36.08 -37.11
C GLY G 76 -11.68 35.79 -37.60
N LYS G 77 -11.73 35.01 -38.69
CA LYS G 77 -13.00 34.58 -39.26
C LYS G 77 -13.78 33.77 -38.23
N ASP G 78 -15.09 34.04 -38.15
CA ASP G 78 -15.72 33.21 -37.12
C ASP G 78 -16.18 31.89 -37.72
N PRO G 79 -16.24 30.84 -36.90
CA PRO G 79 -16.66 29.52 -37.43
C PRO G 79 -18.09 29.51 -37.94
N GLN G 80 -19.04 30.04 -37.17
CA GLN G 80 -20.44 30.08 -37.60
C GLN G 80 -20.67 31.28 -38.53
N ASN G 81 -19.91 31.28 -39.63
CA ASN G 81 -20.03 32.31 -40.65
C ASN G 81 -21.07 31.85 -41.67
N THR G 82 -22.34 32.00 -41.29
CA THR G 82 -23.42 31.89 -42.24
C THR G 82 -23.58 33.16 -43.06
N GLN G 83 -23.08 34.28 -42.54
CA GLN G 83 -23.22 35.61 -43.14
C GLN G 83 -22.22 35.73 -44.27
N VAL G 84 -22.62 35.28 -45.46
CA VAL G 84 -21.74 35.38 -46.62
C VAL G 84 -21.47 36.85 -46.97
N GLY G 85 -22.40 37.74 -46.62
CA GLY G 85 -22.16 39.16 -46.70
C GLY G 85 -21.30 39.61 -45.55
N ASP G 86 -20.01 39.28 -45.60
CA ASP G 86 -19.12 39.45 -44.45
C ASP G 86 -19.12 40.90 -43.96
N GLY G 87 -19.21 41.05 -42.64
CA GLY G 87 -19.27 42.35 -41.99
C GLY G 87 -17.93 42.94 -41.61
N GLY G 88 -16.83 42.35 -42.05
CA GLY G 88 -15.54 42.99 -41.91
C GLY G 88 -15.45 44.14 -42.90
N MET G 89 -16.24 45.18 -42.63
CA MET G 89 -16.68 46.18 -43.60
C MET G 89 -15.60 46.63 -44.57
N SER G 90 -14.37 46.81 -44.10
CA SER G 90 -13.32 47.35 -44.94
C SER G 90 -12.16 46.39 -45.17
N ALA G 91 -11.88 45.49 -44.23
CA ALA G 91 -10.68 44.67 -44.14
C ALA G 91 -9.45 45.52 -43.83
N SER G 92 -9.59 46.84 -43.78
CA SER G 92 -8.61 47.73 -43.18
C SER G 92 -8.98 48.12 -41.76
N GLN G 93 -10.29 48.30 -41.51
CA GLN G 93 -10.76 48.40 -40.14
C GLN G 93 -10.37 47.16 -39.35
N ARG G 94 -10.36 46.00 -39.99
CA ARG G 94 -9.99 44.77 -39.29
C ARG G 94 -8.51 44.78 -38.94
N LYS G 95 -7.66 45.26 -39.86
CA LYS G 95 -6.24 45.38 -39.54
C LYS G 95 -6.02 46.38 -38.41
N ALA G 96 -6.75 47.49 -38.43
CA ALA G 96 -6.64 48.47 -37.36
C ALA G 96 -7.10 47.88 -36.03
N LEU G 97 -8.15 47.08 -36.05
CA LEU G 97 -8.64 46.45 -34.83
C LEU G 97 -7.64 45.45 -34.29
N GLN G 98 -6.98 44.70 -35.19
CA GLN G 98 -5.89 43.84 -34.75
C GLN G 98 -4.79 44.65 -34.07
N GLN G 99 -4.34 45.72 -34.75
CA GLN G 99 -3.33 46.61 -34.17
C GLN G 99 -3.72 47.06 -32.78
N ILE G 100 -4.96 47.51 -32.62
CA ILE G 100 -5.39 48.07 -31.34
C ILE G 100 -5.52 46.97 -30.30
N LEU G 101 -5.97 45.78 -30.70
CA LEU G 101 -6.06 44.67 -29.76
C LEU G 101 -4.70 44.27 -29.26
N GLN G 102 -3.65 44.46 -30.05
CA GLN G 102 -2.31 44.21 -29.54
C GLN G 102 -1.70 45.43 -28.87
N ARG G 103 -2.04 46.63 -29.32
CA ARG G 103 -1.58 47.87 -28.69
C ARG G 103 -2.75 48.83 -28.55
N PRO G 104 -3.40 48.84 -27.41
CA PRO G 104 -4.42 49.86 -27.13
C PRO G 104 -3.77 51.20 -26.89
N ASN G 105 -4.54 52.15 -26.35
CA ASN G 105 -4.07 53.49 -26.01
C ASN G 105 -2.64 53.49 -25.48
N PRO G 106 -1.81 54.44 -25.89
CA PRO G 106 -0.43 54.48 -25.40
C PRO G 106 -0.35 54.44 -23.89
N THR G 107 0.82 54.00 -23.38
CA THR G 107 1.05 53.80 -21.95
C THR G 107 0.13 52.73 -21.36
N MET G 108 -0.29 51.77 -22.18
CA MET G 108 -1.00 50.58 -21.73
C MET G 108 -1.04 49.57 -22.85
N SER G 109 -0.72 48.32 -22.52
CA SER G 109 -0.68 47.23 -23.47
C SER G 109 -1.93 46.38 -23.37
N GLY G 110 -2.12 45.50 -24.35
CA GLY G 110 -3.31 44.66 -24.36
C GLY G 110 -3.38 43.76 -23.14
N ALA G 111 -2.24 43.28 -22.67
CA ALA G 111 -2.22 42.39 -21.51
C ALA G 111 -2.79 43.10 -20.28
N GLN G 112 -2.38 44.34 -20.06
CA GLN G 112 -2.90 45.06 -18.90
C GLN G 112 -4.38 45.38 -19.07
N LEU G 113 -4.83 45.60 -20.30
CA LEU G 113 -6.25 45.75 -20.54
C LEU G 113 -7.01 44.51 -20.12
N ARG G 114 -6.53 43.33 -20.54
CA ARG G 114 -7.16 42.08 -20.14
C ARG G 114 -7.16 41.93 -18.62
N TYR G 115 -6.05 42.26 -17.98
CA TYR G 115 -5.95 42.10 -16.53
C TYR G 115 -6.96 42.98 -15.82
N SER G 116 -6.99 44.28 -16.17
CA SER G 116 -7.93 45.19 -15.51
C SER G 116 -9.37 44.78 -15.78
N ALA G 117 -9.67 44.37 -17.02
CA ALA G 117 -11.03 43.99 -17.36
C ALA G 117 -11.48 42.78 -16.55
N ALA G 118 -10.65 41.73 -16.50
CA ALA G 118 -11.02 40.54 -15.75
C ALA G 118 -11.14 40.84 -14.27
N LEU G 119 -10.25 41.69 -13.74
CA LEU G 119 -10.31 42.02 -12.32
C LEU G 119 -11.61 42.74 -11.98
N SER G 120 -11.95 43.78 -12.75
CA SER G 120 -13.18 44.51 -12.48
C SER G 120 -14.40 43.63 -12.72
N TRP G 121 -14.32 42.69 -13.65
CA TRP G 121 -15.42 41.76 -13.85
C TRP G 121 -15.60 40.85 -12.64
N ALA G 122 -14.50 40.45 -12.02
CA ALA G 122 -14.59 39.58 -10.85
C ALA G 122 -15.11 40.34 -9.64
N CYS G 123 -14.71 41.61 -9.50
CA CYS G 123 -15.10 42.34 -8.30
C CYS G 123 -16.53 42.85 -8.37
N PHE G 124 -16.94 43.40 -9.51
CA PHE G 124 -18.25 44.05 -9.61
C PHE G 124 -19.21 43.37 -10.59
N GLY G 125 -18.73 42.48 -11.44
CA GLY G 125 -19.61 41.89 -12.43
C GLY G 125 -19.93 42.84 -13.57
N ARG G 126 -19.06 43.79 -13.85
CA ARG G 126 -19.26 44.74 -14.93
C ARG G 126 -17.94 44.94 -15.67
N MET G 127 -18.06 45.34 -16.92
CA MET G 127 -16.91 45.67 -17.77
C MET G 127 -17.29 46.86 -18.63
N ALA G 128 -16.48 47.91 -18.60
CA ALA G 128 -16.76 49.12 -19.35
C ALA G 128 -15.53 49.55 -20.12
N PHE G 129 -15.76 50.23 -21.26
CA PHE G 129 -14.68 50.61 -22.15
C PHE G 129 -15.06 51.88 -22.90
N LYS G 130 -14.12 52.38 -23.69
CA LYS G 130 -14.33 53.57 -24.50
C LYS G 130 -13.48 53.47 -25.74
N VAL G 131 -14.07 53.79 -26.90
CA VAL G 131 -13.38 53.66 -28.18
C VAL G 131 -13.35 55.03 -28.85
N SER G 132 -12.42 55.18 -29.80
CA SER G 132 -12.16 56.46 -30.44
C SER G 132 -12.07 56.30 -31.96
N VAL G 133 -13.02 55.58 -32.54
CA VAL G 133 -13.00 55.33 -33.98
C VAL G 133 -12.87 56.65 -34.73
N MET G 134 -11.93 56.70 -35.68
CA MET G 134 -11.56 57.98 -36.28
C MET G 134 -12.66 58.60 -37.13
N SER G 135 -12.92 58.06 -38.32
CA SER G 135 -14.06 58.53 -39.09
C SER G 135 -14.71 57.43 -39.92
N ASP G 136 -14.10 56.26 -39.97
CA ASP G 136 -14.53 55.22 -40.91
C ASP G 136 -14.49 53.85 -40.25
N GLY G 137 -14.97 53.76 -39.02
CA GLY G 137 -14.92 52.51 -38.29
C GLY G 137 -13.55 52.06 -37.90
N SER G 138 -12.52 52.85 -38.19
CA SER G 138 -11.15 52.52 -37.81
C SER G 138 -10.95 52.95 -36.36
N VAL G 139 -10.94 51.98 -35.45
CA VAL G 139 -10.80 52.31 -34.04
C VAL G 139 -9.40 52.87 -33.80
N ASN G 140 -9.33 53.95 -33.02
CA ASN G 140 -8.05 54.60 -32.78
C ASN G 140 -7.36 54.07 -31.52
N ALA G 141 -8.12 53.92 -30.43
CA ALA G 141 -7.59 53.43 -29.17
C ALA G 141 -8.77 53.06 -28.28
N ILE G 142 -8.49 52.25 -27.26
CA ILE G 142 -9.51 51.77 -26.34
C ILE G 142 -9.05 52.04 -24.91
N TRP G 143 -9.95 52.57 -24.09
CA TRP G 143 -9.65 52.85 -22.70
C TRP G 143 -10.61 52.11 -21.79
N PRO G 144 -10.13 51.48 -20.73
CA PRO G 144 -11.03 50.93 -19.72
C PRO G 144 -11.60 52.03 -18.84
N LEU G 145 -12.78 51.74 -18.29
CA LEU G 145 -13.51 52.69 -17.48
C LEU G 145 -13.57 52.19 -16.04
N GLY G 146 -13.26 53.06 -15.10
CA GLY G 146 -13.37 52.69 -13.71
C GLY G 146 -14.80 52.49 -13.28
N ILE G 147 -15.17 51.23 -13.00
CA ILE G 147 -16.55 50.95 -12.61
C ILE G 147 -16.98 51.72 -11.36
N PRO G 148 -16.16 51.88 -10.31
CA PRO G 148 -16.66 52.57 -9.11
C PRO G 148 -17.31 53.92 -9.37
N PHE G 149 -16.68 54.78 -10.15
CA PHE G 149 -17.19 56.12 -10.40
C PHE G 149 -17.67 56.30 -11.84
N LEU G 150 -18.33 55.29 -12.39
CA LEU G 150 -18.98 55.39 -13.68
C LEU G 150 -20.49 55.34 -13.50
N LYS G 151 -21.17 56.39 -13.93
CA LYS G 151 -22.62 56.47 -13.87
C LYS G 151 -23.20 56.39 -15.27
N GLN G 152 -24.42 55.91 -15.38
CA GLN G 152 -25.07 55.75 -16.67
C GLN G 152 -26.50 56.25 -16.58
N LYS G 153 -27.02 56.67 -17.74
CA LYS G 153 -28.35 57.25 -17.85
C LYS G 153 -29.17 56.46 -18.85
N PHE G 154 -30.44 56.24 -18.52
CA PHE G 154 -31.32 55.39 -19.29
C PHE G 154 -32.16 56.19 -20.27
N ASP G 155 -32.75 55.48 -21.23
CA ASP G 155 -33.68 56.06 -22.19
C ASP G 155 -35.09 56.03 -21.61
N ARG G 156 -36.08 56.29 -22.46
CA ARG G 156 -37.46 56.14 -22.08
C ARG G 156 -37.99 54.73 -22.31
N TYR G 157 -37.45 54.00 -23.28
CA TYR G 157 -37.99 52.67 -23.57
C TYR G 157 -37.43 51.59 -22.65
N GLY G 158 -36.16 51.23 -22.86
CA GLY G 158 -35.61 50.16 -22.03
C GLY G 158 -34.12 50.09 -21.77
N ASP G 159 -33.34 51.09 -22.18
CA ASP G 159 -31.89 50.88 -22.24
C ASP G 159 -31.14 52.17 -21.99
N VAL G 160 -29.82 52.05 -21.97
CA VAL G 160 -28.94 53.18 -21.70
C VAL G 160 -28.73 53.99 -22.97
N GLU G 161 -28.46 55.28 -22.80
CA GLU G 161 -28.05 56.14 -23.89
C GLU G 161 -26.67 56.76 -23.69
N SER G 162 -26.32 57.14 -22.47
CA SER G 162 -25.08 57.85 -22.24
C SER G 162 -24.49 57.42 -20.90
N PHE G 163 -23.18 57.61 -20.78
CA PHE G 163 -22.44 57.28 -19.57
C PHE G 163 -21.78 58.54 -19.03
N GLN G 164 -22.02 58.84 -17.77
CA GLN G 164 -21.35 59.94 -17.09
C GLN G 164 -20.20 59.39 -16.27
N TYR G 165 -19.03 60.01 -16.39
CA TYR G 165 -17.80 59.49 -15.79
C TYR G 165 -17.18 60.62 -14.95
N GLY G 166 -17.40 60.58 -13.65
CA GLY G 166 -16.93 61.62 -12.77
C GLY G 166 -18.07 62.47 -12.23
N ASP G 167 -17.77 63.19 -11.14
CA ASP G 167 -18.80 63.93 -10.43
C ASP G 167 -19.05 65.32 -11.02
N GLU G 168 -18.05 66.21 -11.00
CA GLU G 168 -18.47 67.60 -11.22
C GLU G 168 -17.67 68.37 -12.26
N ALA G 169 -16.34 68.36 -12.20
CA ALA G 169 -15.57 69.20 -13.12
C ALA G 169 -15.67 68.70 -14.54
N GLY G 170 -15.07 67.54 -14.81
CA GLY G 170 -15.20 66.90 -16.11
C GLY G 170 -16.46 66.08 -16.15
N LYS G 171 -17.24 66.26 -17.22
CA LYS G 171 -18.60 65.73 -17.27
C LYS G 171 -18.95 65.14 -18.63
N GLU G 172 -18.08 64.30 -19.18
CA GLU G 172 -18.30 63.82 -20.54
C GLU G 172 -19.37 62.73 -20.53
N THR G 173 -20.50 63.01 -21.18
CA THR G 173 -21.56 62.03 -21.36
C THR G 173 -21.30 61.26 -22.64
N ILE G 174 -20.43 60.26 -22.53
CA ILE G 174 -20.10 59.45 -23.71
C ILE G 174 -21.34 58.70 -24.16
N PRO G 175 -21.70 58.73 -25.44
CA PRO G 175 -22.90 58.00 -25.88
C PRO G 175 -22.68 56.50 -25.83
N SER G 176 -23.79 55.78 -25.66
CA SER G 176 -23.75 54.33 -25.72
C SER G 176 -23.65 53.87 -27.16
N PHE G 177 -23.35 52.58 -27.35
CA PHE G 177 -23.24 52.04 -28.70
C PHE G 177 -24.59 52.04 -29.40
N THR G 178 -25.69 51.97 -28.65
CA THR G 178 -27.01 51.96 -29.26
C THR G 178 -27.25 53.23 -30.06
N LYS G 179 -27.12 54.38 -29.41
CA LYS G 179 -27.30 55.66 -30.09
C LYS G 179 -25.92 56.29 -30.29
N VAL G 180 -25.51 56.37 -31.55
CA VAL G 180 -24.27 57.03 -31.93
C VAL G 180 -24.32 57.21 -33.44
N GLU G 181 -23.61 58.22 -33.95
CA GLU G 181 -23.64 58.46 -35.38
C GLU G 181 -23.03 57.28 -36.11
N LYS G 182 -23.87 56.48 -36.76
CA LYS G 182 -23.41 55.26 -37.42
C LYS G 182 -22.94 55.56 -38.83
N ASN G 183 -22.10 54.67 -39.34
CA ASN G 183 -21.74 54.70 -40.75
C ASN G 183 -22.90 54.19 -41.59
N ASP G 184 -22.81 54.39 -42.90
CA ASP G 184 -23.86 53.91 -43.78
C ASP G 184 -23.92 52.39 -43.78
N LYS G 185 -22.87 51.73 -43.31
CA LYS G 185 -22.92 50.28 -43.10
C LYS G 185 -23.45 49.89 -41.74
N GLY G 186 -23.26 50.72 -40.71
CA GLY G 186 -23.69 50.38 -39.38
C GLY G 186 -22.66 50.66 -38.32
N ARG G 187 -21.39 50.74 -38.72
CA ARG G 187 -20.33 51.04 -37.78
C ARG G 187 -20.47 52.46 -37.25
N PRO G 188 -20.08 52.71 -36.00
CA PRO G 188 -20.15 54.06 -35.45
C PRO G 188 -19.13 54.99 -36.09
N ILE G 189 -19.30 56.29 -35.82
CA ILE G 189 -18.39 57.30 -36.30
C ILE G 189 -17.72 58.08 -35.17
N LYS G 190 -18.33 58.18 -34.00
CA LYS G 190 -17.78 58.91 -32.87
C LYS G 190 -17.55 57.95 -31.71
N ASN G 191 -17.09 58.49 -30.58
CA ASN G 191 -16.75 57.68 -29.41
C ASN G 191 -17.99 57.05 -28.81
N TYR G 192 -17.78 55.99 -28.03
CA TYR G 192 -18.87 55.33 -27.33
C TYR G 192 -18.31 54.44 -26.22
N ALA G 193 -19.20 53.75 -25.51
CA ALA G 193 -18.82 52.92 -24.37
C ALA G 193 -19.60 51.61 -24.43
N PHE G 194 -19.22 50.64 -23.58
CA PHE G 194 -19.75 49.30 -23.67
C PHE G 194 -20.65 48.93 -22.50
N MET G 195 -20.13 48.94 -21.28
CA MET G 195 -20.82 48.43 -20.09
C MET G 195 -21.33 47.00 -20.32
N ILE G 196 -20.38 46.08 -20.45
CA ILE G 196 -20.72 44.66 -20.45
C ILE G 196 -21.19 44.26 -19.06
N VAL G 197 -22.32 43.55 -18.98
CA VAL G 197 -22.97 43.25 -17.72
C VAL G 197 -23.20 41.75 -17.61
N LYS G 198 -23.10 41.23 -16.36
CA LYS G 198 -23.35 39.84 -16.01
C LYS G 198 -24.80 39.68 -15.57
N PRO G 199 -25.53 38.71 -16.12
CA PRO G 199 -26.96 38.60 -15.81
C PRO G 199 -27.19 38.11 -14.38
N SER G 200 -28.44 38.21 -13.96
CA SER G 200 -28.87 37.73 -12.65
C SER G 200 -30.34 37.33 -12.74
N ILE G 201 -30.94 37.08 -11.58
CA ILE G 201 -32.33 36.65 -11.51
C ILE G 201 -33.22 37.83 -11.89
N ASN G 202 -34.51 37.57 -12.09
CA ASN G 202 -35.53 38.60 -12.32
C ASN G 202 -35.14 39.55 -13.46
N GLY G 203 -34.33 39.07 -14.40
CA GLY G 203 -33.96 39.85 -15.56
C GLY G 203 -33.41 41.22 -15.23
N ALA G 204 -34.15 42.26 -15.61
CA ALA G 204 -33.77 43.64 -15.36
C ALA G 204 -32.37 43.94 -15.90
N MET G 205 -32.21 43.65 -17.20
CA MET G 205 -30.91 43.50 -17.86
C MET G 205 -29.85 44.50 -17.37
N ASN G 206 -30.23 45.75 -17.16
CA ASN G 206 -29.32 46.73 -16.60
C ASN G 206 -29.78 47.31 -15.27
N PHE G 207 -31.08 47.23 -14.97
CA PHE G 207 -31.64 47.73 -13.73
C PHE G 207 -31.46 46.74 -12.58
N ASP G 208 -30.73 45.66 -12.82
CA ASP G 208 -30.59 44.57 -11.85
C ASP G 208 -29.41 44.80 -10.91
N VAL G 209 -29.32 43.95 -9.90
CA VAL G 209 -28.26 44.04 -8.91
C VAL G 209 -27.03 43.27 -9.39
N GLN G 210 -25.86 43.75 -9.01
CA GLN G 210 -24.62 43.10 -9.42
C GLN G 210 -24.63 41.64 -9.02
N ASN G 211 -23.83 40.84 -9.73
CA ASN G 211 -23.72 39.40 -9.49
C ASN G 211 -22.23 39.11 -9.39
N THR G 212 -21.69 39.20 -8.18
CA THR G 212 -20.28 39.08 -7.94
C THR G 212 -20.02 38.14 -6.78
N PRO G 213 -18.88 37.44 -6.77
CA PRO G 213 -18.55 36.58 -5.64
C PRO G 213 -18.49 37.32 -4.31
N LEU G 214 -18.16 38.62 -4.32
CA LEU G 214 -18.10 39.39 -3.08
C LEU G 214 -19.45 39.45 -2.37
N GLN G 215 -20.53 39.04 -3.02
CA GLN G 215 -21.84 39.04 -2.37
C GLN G 215 -21.88 38.04 -1.22
N ALA G 216 -21.24 36.89 -1.40
CA ALA G 216 -21.48 35.74 -0.55
C ALA G 216 -20.25 35.36 0.28
N ILE G 217 -19.33 36.29 0.49
CA ILE G 217 -18.14 35.97 1.26
C ILE G 217 -17.92 36.99 2.36
N GLY G 218 -18.94 37.79 2.67
CA GLY G 218 -18.83 38.71 3.79
C GLY G 218 -18.64 37.98 5.11
N VAL G 219 -19.46 36.95 5.34
CA VAL G 219 -19.35 36.17 6.57
C VAL G 219 -17.96 35.52 6.71
N PRO G 220 -17.45 34.78 5.73
CA PRO G 220 -16.14 34.15 5.93
C PRO G 220 -15.00 35.14 6.05
N VAL G 221 -15.03 36.25 5.31
CA VAL G 221 -13.92 37.20 5.42
C VAL G 221 -13.95 37.89 6.78
N ALA G 222 -15.13 38.19 7.31
CA ALA G 222 -15.21 38.77 8.64
C ALA G 222 -14.75 37.78 9.69
N LEU G 223 -15.13 36.50 9.56
CA LEU G 223 -14.69 35.50 10.52
C LEU G 223 -13.17 35.33 10.47
N TYR G 224 -12.61 35.31 9.27
CA TYR G 224 -11.16 35.19 9.12
C TYR G 224 -10.46 36.35 9.80
N ASP G 225 -10.93 37.58 9.56
CA ASP G 225 -10.29 38.73 10.18
C ASP G 225 -10.40 38.68 11.69
N ALA G 226 -11.54 38.24 12.22
CA ALA G 226 -11.69 38.13 13.66
C ALA G 226 -10.69 37.13 14.25
N LEU G 227 -10.57 35.96 13.63
CA LEU G 227 -9.63 34.96 14.13
C LEU G 227 -8.20 35.46 14.08
N MET G 228 -7.82 36.12 12.98
CA MET G 228 -6.44 36.60 12.88
C MET G 228 -6.17 37.73 13.87
N ALA G 229 -7.15 38.58 14.15
CA ALA G 229 -6.96 39.60 15.17
C ALA G 229 -6.78 38.97 16.54
N ARG G 230 -7.57 37.95 16.86
CA ARG G 230 -7.35 37.22 18.10
C ARG G 230 -5.94 36.67 18.16
N ALA G 231 -5.46 36.09 17.06
CA ALA G 231 -4.12 35.50 17.05
C ALA G 231 -3.06 36.56 17.31
N ILE G 232 -3.14 37.68 16.62
CA ILE G 232 -2.15 38.75 16.82
C ILE G 232 -2.16 39.21 18.27
N ASP G 233 -3.35 39.50 18.80
CA ASP G 233 -3.44 40.00 20.16
C ASP G 233 -2.84 39.00 21.15
N SER G 234 -3.13 37.72 20.98
CA SER G 234 -2.62 36.73 21.92
C SER G 234 -1.15 36.43 21.71
N ALA G 235 -0.58 36.77 20.56
CA ALA G 235 0.84 36.49 20.32
C ALA G 235 1.72 37.32 21.24
N ASP G 236 1.46 38.61 21.33
CA ASP G 236 2.15 39.50 22.26
C ASP G 236 1.16 39.96 23.32
N GLY G 237 1.39 39.56 24.55
CA GLY G 237 0.43 39.77 25.61
C GLY G 237 0.36 38.57 26.53
N THR G 238 0.65 37.39 25.99
CA THR G 238 0.75 36.21 26.83
C THR G 238 2.17 36.06 27.34
N PRO G 239 2.40 36.08 28.65
CA PRO G 239 3.76 35.94 29.16
C PRO G 239 4.40 34.66 28.67
N ASN G 240 5.64 34.78 28.19
CA ASN G 240 6.34 33.65 27.58
C ASN G 240 7.33 33.02 28.55
N SER G 241 7.14 33.24 29.84
CA SER G 241 8.02 32.70 30.86
C SER G 241 7.53 31.36 31.37
N LYS G 242 8.47 30.54 31.80
CA LYS G 242 8.20 29.29 32.49
C LYS G 242 8.67 29.40 33.93
N TRP G 243 8.47 28.33 34.70
CA TRP G 243 9.00 28.24 36.06
C TRP G 243 8.49 29.39 36.94
N LEU G 244 7.18 29.36 37.18
CA LEU G 244 6.63 30.27 38.19
C LEU G 244 7.01 29.69 39.55
N VAL G 245 8.14 30.13 40.08
CA VAL G 245 8.68 29.62 41.33
C VAL G 245 8.31 30.59 42.45
N THR G 246 7.86 30.05 43.58
CA THR G 246 7.40 30.85 44.70
C THR G 246 7.99 30.33 46.01
N ALA G 247 8.56 31.23 46.80
CA ALA G 247 9.07 30.90 48.11
C ALA G 247 7.98 31.16 49.16
N SER G 248 8.34 31.09 50.43
CA SER G 248 7.40 31.25 51.53
C SER G 248 7.56 32.62 52.18
N ARG G 249 6.65 32.94 53.09
CA ARG G 249 6.68 34.21 53.81
C ARG G 249 7.56 34.14 55.04
N ASP G 250 8.48 33.18 55.08
CA ASP G 250 9.51 33.15 56.10
C ASP G 250 10.79 32.71 55.38
N LEU G 251 11.47 33.68 54.80
CA LEU G 251 12.73 33.37 54.13
C LEU G 251 13.76 34.47 54.23
N ASP G 252 13.58 35.47 55.10
CA ASP G 252 14.61 36.49 55.27
C ASP G 252 14.92 37.16 53.94
N ASP G 253 14.02 38.01 53.45
CA ASP G 253 14.12 38.52 52.09
C ASP G 253 15.47 39.20 51.94
N GLY G 254 16.39 38.54 51.26
CA GLY G 254 17.81 38.82 51.36
C GLY G 254 18.63 37.54 51.24
N GLN G 255 18.03 36.40 51.60
CA GLN G 255 18.48 35.13 51.08
C GLN G 255 17.47 34.53 50.11
N ALA G 256 16.25 35.07 50.07
CA ALA G 256 15.39 34.80 48.93
C ALA G 256 16.03 35.29 47.64
N LYS G 257 16.69 36.45 47.69
CA LYS G 257 17.43 36.92 46.52
C LYS G 257 18.56 35.97 46.16
N GLU G 258 19.20 35.38 47.16
CA GLU G 258 20.24 34.40 46.90
C GLU G 258 19.68 33.16 46.22
N VAL G 259 18.52 32.69 46.67
CA VAL G 259 17.87 31.56 46.03
C VAL G 259 17.49 31.90 44.59
N LYS G 260 17.00 33.12 44.36
CA LYS G 260 16.66 33.54 43.02
C LYS G 260 17.87 33.57 42.10
N GLU G 261 18.99 34.10 42.61
CA GLU G 261 20.20 34.13 41.80
C GLU G 261 20.70 32.72 41.51
N GLY G 262 20.57 31.82 42.49
CA GLY G 262 20.94 30.44 42.24
C GLY G 262 20.10 29.80 41.15
N ILE G 263 18.79 30.01 41.20
CA ILE G 263 17.91 29.46 40.16
C ILE G 263 18.22 30.09 38.81
N GLU G 264 18.50 31.39 38.81
CA GLU G 264 18.66 32.13 37.56
C GLU G 264 19.98 31.82 36.89
N GLU G 265 21.05 31.68 37.67
CA GLU G 265 22.35 31.54 37.04
C GLU G 265 22.61 30.11 36.61
N THR G 266 21.62 29.50 35.95
CA THR G 266 21.80 28.24 35.25
C THR G 266 21.38 28.36 33.81
N LYS G 267 20.98 29.55 33.37
CA LYS G 267 20.70 29.79 31.97
C LYS G 267 21.93 29.43 31.12
N PRO G 268 21.74 29.11 29.85
CA PRO G 268 22.89 28.88 28.98
C PRO G 268 23.85 30.06 29.01
N GLY G 269 25.10 29.82 29.38
CA GLY G 269 26.06 30.88 29.54
C GLY G 269 25.94 31.55 30.90
N GLY G 270 25.97 30.74 31.95
CA GLY G 270 26.00 31.23 33.31
C GLY G 270 27.13 30.58 34.08
N ASP G 271 27.28 31.01 35.34
CA ASP G 271 28.34 30.50 36.18
C ASP G 271 28.23 28.98 36.33
N ASN G 272 27.17 28.52 36.97
CA ASN G 272 26.87 27.10 37.06
C ASN G 272 25.69 26.81 36.15
N GLY G 273 25.98 26.53 34.88
CA GLY G 273 24.96 26.29 33.88
C GLY G 273 24.77 24.80 33.65
N GLY G 274 23.57 24.32 33.96
CA GLY G 274 23.22 22.94 33.75
C GLY G 274 23.33 22.06 34.96
N GLU G 275 23.83 22.56 36.08
CA GLU G 275 23.98 21.74 37.27
C GLU G 275 22.73 21.85 38.13
N ILE G 276 22.66 21.01 39.15
CA ILE G 276 21.46 20.88 39.99
C ILE G 276 21.24 22.16 40.79
N ILE G 277 20.06 22.28 41.39
CA ILE G 277 19.77 23.31 42.38
C ILE G 277 19.65 22.62 43.73
N PHE G 278 20.44 23.05 44.69
CA PHE G 278 20.36 22.52 46.05
C PHE G 278 19.83 23.61 46.97
N ILE G 279 18.73 23.32 47.65
CA ILE G 279 18.11 24.24 48.59
C ILE G 279 18.13 23.58 49.96
N ALA G 280 18.85 24.18 50.91
CA ALA G 280 18.91 23.66 52.26
C ALA G 280 17.80 24.29 53.08
N GLY G 281 16.80 23.50 53.43
CA GLY G 281 15.69 24.00 54.21
C GLY G 281 14.79 24.94 53.44
N THR G 282 13.62 25.23 54.00
CA THR G 282 12.68 26.19 53.41
C THR G 282 12.32 25.81 51.97
N ASP G 283 11.61 24.69 51.86
CA ASP G 283 11.21 24.14 50.58
C ASP G 283 10.54 25.17 49.68
N VAL G 284 11.17 25.47 48.55
CA VAL G 284 10.59 26.31 47.53
C VAL G 284 9.82 25.41 46.56
N LYS G 285 8.84 25.97 45.87
CA LYS G 285 7.92 25.18 45.05
C LYS G 285 7.83 25.76 43.66
N VAL G 286 8.27 25.00 42.67
CA VAL G 286 8.25 25.42 41.28
C VAL G 286 7.12 24.69 40.56
N GLN G 287 6.45 25.41 39.66
CA GLN G 287 5.51 24.79 38.74
C GLN G 287 5.83 25.30 37.34
N GLU G 288 5.86 24.39 36.38
CA GLU G 288 6.23 24.74 35.02
C GLU G 288 4.97 25.06 34.23
N MET G 289 4.93 26.26 33.67
CA MET G 289 3.77 26.68 32.88
C MET G 289 3.78 26.00 31.53
N LYS G 290 2.60 25.61 31.06
CA LYS G 290 2.51 24.95 29.76
C LYS G 290 2.77 25.93 28.63
N ASN G 291 2.01 27.02 28.60
CA ASN G 291 2.08 28.01 27.52
C ASN G 291 1.96 27.34 26.16
N ASP G 292 0.80 26.73 25.93
CA ASP G 292 0.57 25.94 24.72
C ASP G 292 0.80 26.80 23.48
N LEU G 293 -0.05 27.81 23.28
CA LEU G 293 0.15 28.83 22.28
C LEU G 293 0.31 28.25 20.87
N SER G 294 -0.20 27.04 20.65
CA SER G 294 -0.05 26.35 19.38
C SER G 294 -1.35 26.31 18.58
N ASP G 295 -2.37 27.02 19.03
CA ASP G 295 -3.61 27.11 18.28
C ASP G 295 -4.17 28.53 18.29
N ILE G 296 -3.29 29.53 18.32
CA ILE G 296 -3.75 30.90 18.48
C ILE G 296 -4.57 31.34 17.27
N HIS G 297 -4.23 30.86 16.08
CA HIS G 297 -5.00 31.25 14.91
C HIS G 297 -6.21 30.38 14.67
N SER G 298 -6.43 29.34 15.48
CA SER G 298 -7.55 28.42 15.29
C SER G 298 -7.48 27.78 13.90
N LYS G 299 -6.49 26.90 13.74
CA LYS G 299 -6.17 26.35 12.43
C LYS G 299 -7.39 25.73 11.76
N VAL G 300 -8.22 25.03 12.53
CA VAL G 300 -9.33 24.30 11.93
C VAL G 300 -10.42 25.26 11.48
N PRO G 301 -10.96 26.15 12.34
CA PRO G 301 -11.94 27.10 11.82
C PRO G 301 -11.30 28.32 11.20
N LEU G 302 -10.23 28.12 10.44
CA LEU G 302 -9.64 29.16 9.60
C LEU G 302 -9.41 28.67 8.19
N ASP G 303 -8.85 27.47 8.05
CA ASP G 303 -8.72 26.86 6.73
C ASP G 303 -10.08 26.68 6.09
N ASP G 304 -11.13 26.50 6.89
CA ASP G 304 -12.46 26.37 6.31
C ASP G 304 -12.92 27.68 5.70
N GLN G 305 -12.68 28.80 6.38
CA GLN G 305 -13.03 30.09 5.80
C GLN G 305 -12.20 30.37 4.56
N ALA G 306 -10.92 29.97 4.58
CA ALA G 306 -10.10 30.12 3.39
C ALA G 306 -10.64 29.29 2.24
N ARG G 307 -11.02 28.03 2.51
CA ARG G 307 -11.59 27.19 1.47
C ARG G 307 -12.87 27.79 0.93
N THR G 308 -13.68 28.39 1.79
CA THR G 308 -14.95 28.95 1.33
C THR G 308 -14.71 30.16 0.43
N ILE G 309 -13.90 31.12 0.88
CA ILE G 309 -13.65 32.30 0.05
C ILE G 309 -12.72 32.02 -1.10
N ALA G 310 -12.18 30.80 -1.20
CA ALA G 310 -11.49 30.41 -2.42
C ALA G 310 -12.43 29.73 -3.41
N GLY G 311 -13.25 28.80 -2.92
CA GLY G 311 -14.18 28.12 -3.79
C GLY G 311 -15.26 29.03 -4.35
N ASN G 312 -15.65 30.05 -3.59
CA ASN G 312 -16.63 30.99 -4.11
C ASN G 312 -16.09 31.77 -5.29
N PHE G 313 -14.77 31.92 -5.38
CA PHE G 313 -14.14 32.49 -6.56
C PHE G 313 -13.92 31.46 -7.66
N GLY G 314 -14.20 30.19 -7.38
CA GLY G 314 -14.00 29.14 -8.36
C GLY G 314 -12.53 28.82 -8.56
N ILE G 315 -11.87 28.35 -7.51
CA ILE G 315 -10.47 27.96 -7.59
C ILE G 315 -10.30 26.63 -6.86
N PRO G 316 -9.90 25.56 -7.54
CA PRO G 316 -9.64 24.30 -6.86
C PRO G 316 -8.70 24.49 -5.69
N ILE G 317 -9.06 23.90 -4.54
CA ILE G 317 -8.30 24.11 -3.31
C ILE G 317 -6.84 23.76 -3.52
N ALA G 318 -6.58 22.68 -4.28
CA ALA G 318 -5.22 22.20 -4.47
C ALA G 318 -4.28 23.28 -4.98
N LEU G 319 -4.79 24.24 -5.76
CA LEU G 319 -3.94 25.30 -6.28
C LEU G 319 -3.29 26.12 -5.18
N LEU G 320 -3.85 26.12 -3.98
CA LEU G 320 -3.34 26.96 -2.90
C LEU G 320 -3.22 26.19 -1.59
N TYR G 334 -2.62 16.65 -9.38
CA TYR G 334 -2.33 18.08 -9.28
C TYR G 334 -2.59 18.77 -10.61
N ASP G 335 -1.83 18.40 -11.63
CA ASP G 335 -1.98 19.02 -12.93
C ASP G 335 -3.39 18.88 -13.48
N GLU G 336 -4.08 17.79 -13.14
CA GLU G 336 -5.49 17.66 -13.49
C GLU G 336 -6.29 18.83 -12.91
N SER G 337 -5.96 19.23 -11.68
CA SER G 337 -6.67 20.34 -11.07
C SER G 337 -6.34 21.66 -11.75
N ARG G 338 -5.12 21.81 -12.27
CA ARG G 338 -4.81 23.00 -13.05
C ARG G 338 -5.63 23.04 -14.33
N LYS G 339 -5.71 21.90 -15.04
CA LYS G 339 -6.57 21.82 -16.21
C LYS G 339 -8.01 22.17 -15.86
N ALA G 340 -8.48 21.70 -14.71
CA ALA G 340 -9.85 21.98 -14.29
C ALA G 340 -10.05 23.47 -14.05
N PHE G 341 -9.15 24.08 -13.30
CA PHE G 341 -9.24 25.52 -13.07
C PHE G 341 -9.21 26.30 -14.38
N PHE G 342 -8.52 25.77 -15.39
CA PHE G 342 -8.46 26.49 -16.66
C PHE G 342 -9.74 26.36 -17.46
N GLU G 343 -10.21 25.13 -17.68
CA GLU G 343 -11.36 24.93 -18.56
C GLU G 343 -12.66 24.74 -17.80
N ASP G 344 -12.75 25.23 -16.56
CA ASP G 344 -13.99 25.20 -15.83
C ASP G 344 -14.45 26.55 -15.31
N THR G 345 -13.53 27.45 -14.96
CA THR G 345 -13.92 28.73 -14.39
C THR G 345 -13.27 29.90 -15.14
N ILE G 346 -12.06 29.70 -15.63
CA ILE G 346 -11.40 30.76 -16.39
C ILE G 346 -11.94 30.83 -17.80
N GLU G 347 -12.07 29.66 -18.45
CA GLU G 347 -12.57 29.66 -19.82
C GLU G 347 -14.02 30.09 -19.88
N PRO G 348 -14.98 29.37 -19.26
CA PRO G 348 -16.37 29.86 -19.33
C PRO G 348 -16.78 30.79 -18.21
N GLY G 349 -15.92 31.70 -17.75
CA GLY G 349 -16.43 32.70 -16.84
C GLY G 349 -15.79 34.07 -16.98
N TYR G 350 -14.70 34.13 -17.71
CA TYR G 350 -13.98 35.36 -18.00
C TYR G 350 -13.64 35.48 -19.46
N LEU G 351 -13.37 34.36 -20.13
CA LEU G 351 -12.93 34.38 -21.51
C LEU G 351 -14.12 34.51 -22.46
N THR G 352 -15.11 33.63 -22.34
CA THR G 352 -16.27 33.72 -23.20
C THR G 352 -17.06 35.01 -23.02
N PRO G 353 -17.33 35.51 -21.80
CA PRO G 353 -18.08 36.77 -21.73
C PRO G 353 -17.33 37.93 -22.33
N LEU G 354 -16.02 38.01 -22.09
CA LEU G 354 -15.23 39.11 -22.63
C LEU G 354 -15.17 39.05 -24.14
N GLU G 355 -14.89 37.87 -24.70
CA GLU G 355 -14.77 37.78 -26.14
C GLU G 355 -16.12 37.97 -26.83
N ASP G 356 -17.21 37.50 -26.21
CA ASP G 356 -18.52 37.73 -26.81
C ASP G 356 -18.94 39.19 -26.69
N GLY G 357 -18.58 39.85 -25.61
CA GLY G 357 -18.87 41.27 -25.50
C GLY G 357 -18.13 42.08 -26.54
N PHE G 358 -16.84 41.83 -26.71
CA PHE G 358 -16.10 42.53 -27.74
C PHE G 358 -16.62 42.20 -29.13
N SER G 359 -16.83 40.92 -29.43
CA SER G 359 -17.31 40.55 -30.74
C SER G 359 -18.68 41.13 -31.03
N MET G 360 -19.49 41.34 -29.99
CA MET G 360 -20.85 41.81 -30.23
C MET G 360 -20.84 43.21 -30.84
N PHE G 361 -20.13 44.15 -30.22
CA PHE G 361 -19.94 45.45 -30.86
C PHE G 361 -18.48 45.89 -30.74
N LEU G 362 -17.64 45.31 -31.59
CA LEU G 362 -16.39 45.90 -32.07
C LEU G 362 -16.14 45.60 -33.53
N CYS G 363 -16.85 44.66 -34.14
CA CYS G 363 -16.65 44.30 -35.54
C CYS G 363 -17.96 43.74 -36.09
N GLY G 364 -18.07 43.74 -37.41
CA GLY G 364 -19.25 43.22 -38.05
C GLY G 364 -19.32 41.71 -38.01
N ALA G 365 -20.43 41.17 -38.50
CA ALA G 365 -20.60 39.73 -38.56
C ALA G 365 -19.56 39.10 -39.49
N GLY G 366 -19.40 37.79 -39.37
CA GLY G 366 -18.39 37.07 -40.11
C GLY G 366 -17.01 37.15 -39.52
N TYR G 367 -16.70 38.18 -38.73
CA TYR G 367 -15.42 38.31 -38.07
C TYR G 367 -15.65 38.72 -36.62
N ARG G 368 -14.78 38.25 -35.74
CA ARG G 368 -14.96 38.50 -34.33
C ARG G 368 -13.65 38.19 -33.61
N VAL G 369 -13.55 38.68 -32.38
CA VAL G 369 -12.31 38.51 -31.62
C VAL G 369 -12.25 37.09 -31.06
N ILE G 370 -11.10 36.45 -31.22
CA ILE G 370 -10.85 35.10 -30.76
C ILE G 370 -9.51 35.11 -30.04
N PHE G 371 -9.34 34.19 -29.10
CA PHE G 371 -8.06 33.99 -28.45
C PHE G 371 -7.64 32.54 -28.59
N ASP G 372 -6.35 32.32 -28.82
CA ASP G 372 -5.81 31.01 -29.14
C ASP G 372 -5.69 30.19 -27.86
N ARG G 373 -6.44 29.09 -27.78
CA ARG G 373 -6.36 28.22 -26.61
C ARG G 373 -4.98 27.58 -26.49
N ASP G 374 -4.33 27.28 -27.61
CA ASP G 374 -3.00 26.68 -27.56
C ASP G 374 -1.94 27.63 -27.03
N SER G 375 -2.29 28.88 -26.73
CA SER G 375 -1.39 29.75 -26.01
C SER G 375 -1.42 29.52 -24.51
N ILE G 376 -2.37 28.73 -24.02
CA ILE G 376 -2.40 28.37 -22.61
C ILE G 376 -1.43 27.23 -22.37
N PRO G 377 -0.46 27.38 -21.46
CA PRO G 377 0.56 26.33 -21.31
C PRO G 377 0.03 25.05 -20.68
N ALA G 378 -1.10 25.09 -19.98
CA ALA G 378 -1.58 23.90 -19.29
C ALA G 378 -2.31 22.94 -20.23
N LEU G 379 -2.83 23.43 -21.35
CA LEU G 379 -3.67 22.64 -22.24
C LEU G 379 -2.89 22.01 -23.39
N ARG G 380 -1.58 22.23 -23.46
CA ARG G 380 -0.83 21.82 -24.65
C ARG G 380 -0.78 20.30 -24.79
N LYS G 381 -0.48 19.59 -23.71
CA LYS G 381 -0.43 18.14 -23.76
C LYS G 381 -1.77 17.54 -24.17
N SER G 382 -2.85 18.06 -23.59
CA SER G 382 -4.17 17.55 -23.93
C SER G 382 -4.49 17.80 -25.40
N ARG G 383 -4.21 19.01 -25.88
CA ARG G 383 -4.46 19.29 -27.29
C ARG G 383 -3.66 18.34 -28.19
N ALA G 384 -2.41 18.08 -27.84
CA ALA G 384 -1.58 17.21 -28.68
C ALA G 384 -2.13 15.77 -28.69
N ASP G 385 -2.51 15.25 -27.53
CA ASP G 385 -3.03 13.90 -27.48
C ASP G 385 -4.35 13.79 -28.24
N ILE G 386 -5.23 14.78 -28.09
CA ILE G 386 -6.48 14.79 -28.83
C ILE G 386 -6.21 14.82 -30.33
N ALA G 387 -5.27 15.65 -30.75
CA ALA G 387 -4.95 15.76 -32.17
C ALA G 387 -4.47 14.42 -32.73
N ALA G 388 -3.59 13.75 -32.00
CA ALA G 388 -3.10 12.45 -32.45
C ALA G 388 -4.24 11.43 -32.55
N THR G 389 -5.04 11.34 -31.49
CA THR G 389 -6.14 10.39 -31.49
C THR G 389 -7.08 10.62 -32.67
N TYR G 390 -7.43 11.88 -32.93
CA TYR G 390 -8.25 12.18 -34.10
C TYR G 390 -7.52 11.81 -35.39
N ASP G 391 -6.21 12.03 -35.45
CA ASP G 391 -5.44 11.58 -36.60
C ASP G 391 -5.66 10.11 -36.87
N LYS G 392 -5.82 9.31 -35.83
CA LYS G 392 -5.98 7.87 -36.06
C LYS G 392 -7.30 7.51 -36.73
N VAL G 393 -8.31 8.38 -36.66
CA VAL G 393 -9.63 8.07 -37.24
C VAL G 393 -9.59 8.25 -38.76
N THR G 394 -10.48 7.53 -39.45
CA THR G 394 -10.58 7.65 -40.91
C THR G 394 -11.95 8.08 -41.41
N PHE G 395 -13.03 7.76 -40.71
CA PHE G 395 -14.35 8.04 -41.28
C PHE G 395 -14.71 9.51 -41.07
N ILE G 396 -13.78 10.39 -41.35
CA ILE G 396 -13.93 11.83 -41.11
C ILE G 396 -13.01 12.57 -42.08
N THR G 397 -13.57 13.53 -42.80
CA THR G 397 -12.75 14.28 -43.74
C THR G 397 -11.75 15.15 -42.99
N GLU G 398 -10.75 15.64 -43.73
CA GLU G 398 -9.64 16.34 -43.10
C GLU G 398 -10.09 17.68 -42.51
N GLU G 399 -11.00 18.39 -43.19
CA GLU G 399 -11.37 19.73 -42.74
C GLU G 399 -12.06 19.68 -41.39
N GLU G 400 -12.89 18.67 -41.14
CA GLU G 400 -13.54 18.57 -39.84
C GLU G 400 -12.58 18.06 -38.76
N LYS G 401 -11.67 17.15 -39.12
CA LYS G 401 -10.61 16.79 -38.19
C LYS G 401 -9.82 18.01 -37.76
N ARG G 402 -9.63 18.96 -38.67
CA ARG G 402 -9.00 20.23 -38.29
C ARG G 402 -9.91 21.02 -37.37
N GLU G 403 -11.11 21.36 -37.86
CA GLU G 403 -11.96 22.31 -37.15
C GLU G 403 -12.39 21.82 -35.78
N VAL G 404 -12.34 20.51 -35.53
CA VAL G 404 -12.68 20.01 -34.19
C VAL G 404 -11.56 20.28 -33.19
N THR G 405 -10.40 20.74 -33.65
CA THR G 405 -9.26 20.99 -32.78
C THR G 405 -8.62 22.33 -33.13
N GLY G 406 -9.44 23.37 -33.29
CA GLY G 406 -8.89 24.63 -33.79
C GLY G 406 -8.63 24.54 -35.28
N TRP G 407 -7.52 25.16 -35.72
CA TRP G 407 -7.02 25.00 -37.07
C TRP G 407 -8.10 25.23 -38.12
N PRO G 408 -8.50 26.48 -38.36
CA PRO G 408 -9.72 26.73 -39.14
C PRO G 408 -9.73 26.10 -40.52
N ALA G 409 -8.75 26.44 -41.37
CA ALA G 409 -8.71 25.92 -42.73
C ALA G 409 -7.35 26.16 -43.37
N PRO H 16 -55.63 17.80 -37.98
CA PRO H 16 -54.69 18.01 -36.87
C PRO H 16 -55.32 18.50 -35.58
N ALA H 17 -54.93 19.69 -35.14
CA ALA H 17 -55.13 20.12 -33.75
C ALA H 17 -56.59 20.02 -33.32
N PRO H 18 -56.90 19.30 -32.23
CA PRO H 18 -58.30 19.04 -31.88
C PRO H 18 -58.88 20.04 -30.89
N SER H 19 -58.03 20.88 -30.30
CA SER H 19 -58.39 21.98 -29.40
C SER H 19 -59.01 21.54 -28.08
N ALA H 20 -59.20 20.24 -27.84
CA ALA H 20 -59.91 19.75 -26.66
C ALA H 20 -58.99 18.82 -25.86
N ASN H 21 -58.24 19.40 -24.92
CA ASN H 21 -57.32 18.65 -24.07
C ASN H 21 -58.00 18.28 -22.76
N PRO H 22 -57.43 17.32 -22.02
CA PRO H 22 -58.08 16.88 -20.77
C PRO H 22 -57.68 17.69 -19.56
N ALA H 23 -57.13 18.89 -19.77
CA ALA H 23 -56.72 19.73 -18.65
C ALA H 23 -57.80 20.72 -18.24
N LYS H 24 -59.00 20.60 -18.81
CA LYS H 24 -60.15 21.40 -18.39
C LYS H 24 -60.64 21.02 -17.01
N ILE H 25 -59.99 20.05 -16.35
CA ILE H 25 -60.37 19.59 -15.04
C ILE H 25 -60.19 20.66 -13.97
N PHE H 26 -59.40 21.69 -14.28
CA PHE H 26 -59.02 22.67 -13.26
C PHE H 26 -59.61 24.05 -13.48
N ILE H 27 -59.77 24.48 -14.74
CA ILE H 27 -60.36 25.79 -15.04
C ILE H 27 -61.83 25.84 -14.62
N ARG H 28 -62.48 24.69 -14.50
CA ARG H 28 -63.90 24.64 -14.17
C ARG H 28 -64.22 25.35 -12.86
N ARG H 29 -63.60 24.90 -11.77
CA ARG H 29 -63.76 25.39 -10.40
C ARG H 29 -62.44 25.49 -9.65
N PHE H 30 -61.53 24.52 -9.87
CA PHE H 30 -60.23 24.56 -9.20
C PHE H 30 -59.48 25.84 -9.56
N PHE H 31 -59.79 26.44 -10.70
CA PHE H 31 -59.25 27.73 -11.10
C PHE H 31 -60.38 28.64 -11.56
N SER H 32 -60.00 29.83 -12.03
CA SER H 32 -60.94 30.77 -12.61
C SER H 32 -60.27 31.49 -13.77
N ALA H 33 -61.02 31.71 -14.84
CA ALA H 33 -60.45 32.29 -16.05
C ALA H 33 -60.38 33.81 -15.95
N GLY H 34 -59.56 34.39 -16.84
CA GLY H 34 -59.40 35.83 -16.92
C GLY H 34 -59.01 36.49 -15.61
N VAL H 35 -57.90 36.06 -15.03
CA VAL H 35 -57.42 36.66 -13.78
C VAL H 35 -55.95 37.02 -13.81
N ALA H 36 -55.16 36.49 -14.74
CA ALA H 36 -53.73 36.77 -14.85
C ALA H 36 -53.00 36.40 -13.55
N LYS H 37 -53.11 35.12 -13.18
CA LYS H 37 -52.43 34.63 -12.00
C LYS H 37 -50.92 34.61 -12.21
N ASN H 38 -50.19 34.97 -11.17
CA ASN H 38 -48.72 34.96 -11.25
C ASN H 38 -48.21 33.52 -11.28
N VAL H 39 -46.98 33.37 -11.77
CA VAL H 39 -46.46 32.04 -12.05
C VAL H 39 -45.73 31.40 -10.87
N VAL H 40 -45.26 32.20 -9.91
CA VAL H 40 -44.49 31.68 -8.78
C VAL H 40 -44.96 32.38 -7.51
N SER H 41 -45.08 31.60 -6.44
CA SER H 41 -45.45 32.16 -5.15
C SER H 41 -44.39 33.14 -4.67
N TYR H 42 -44.83 34.19 -3.98
CA TYR H 42 -43.90 35.21 -3.49
C TYR H 42 -42.86 34.60 -2.56
N SER H 43 -43.25 33.61 -1.76
CA SER H 43 -42.29 32.92 -0.89
C SER H 43 -41.16 32.32 -1.71
N ASN H 44 -41.48 31.72 -2.85
CA ASN H 44 -40.44 31.14 -3.70
C ASN H 44 -39.52 32.23 -4.25
N VAL H 45 -40.08 33.39 -4.59
CA VAL H 45 -39.25 34.49 -5.09
C VAL H 45 -38.28 34.96 -4.02
N MET H 46 -38.78 35.15 -2.79
CA MET H 46 -37.89 35.57 -1.71
C MET H 46 -36.84 34.52 -1.40
N ALA H 47 -37.22 33.24 -1.48
CA ALA H 47 -36.26 32.18 -1.21
C ALA H 47 -35.15 32.16 -2.26
N ALA H 48 -35.53 32.30 -3.53
CA ALA H 48 -34.53 32.38 -4.58
C ALA H 48 -33.68 33.64 -4.44
N GLN H 49 -34.26 34.71 -3.89
CA GLN H 49 -33.50 35.94 -3.71
C GLN H 49 -32.43 35.77 -2.66
N ARG H 50 -32.83 35.39 -1.44
CA ARG H 50 -31.85 35.25 -0.37
C ARG H 50 -30.95 34.04 -0.57
N ALA H 51 -31.33 33.09 -1.43
CA ALA H 51 -30.44 32.01 -1.78
C ALA H 51 -29.33 32.45 -2.73
N MET H 52 -29.42 33.65 -3.28
CA MET H 52 -28.36 34.17 -4.13
C MET H 52 -27.26 34.85 -3.33
N GLU H 53 -27.46 35.07 -2.03
CA GLU H 53 -26.43 35.61 -1.16
C GLU H 53 -25.76 34.54 -0.31
N HIS H 54 -26.44 33.43 -0.08
CA HIS H 54 -25.86 32.34 0.69
C HIS H 54 -24.61 31.82 0.00
N PRO H 55 -23.56 31.48 0.74
CA PRO H 55 -22.31 31.06 0.10
C PRO H 55 -22.47 29.83 -0.79
N VAL H 56 -22.94 28.73 -0.22
CA VAL H 56 -22.98 27.47 -0.95
C VAL H 56 -24.02 27.54 -2.06
N ALA H 57 -25.19 28.10 -1.77
CA ALA H 57 -26.24 28.14 -2.77
C ALA H 57 -25.84 28.99 -3.97
N PHE H 58 -25.21 30.14 -3.73
CA PHE H 58 -24.76 30.97 -4.84
C PHE H 58 -23.65 30.29 -5.61
N ARG H 59 -22.71 29.67 -4.91
CA ARG H 59 -21.65 28.93 -5.60
C ARG H 59 -22.24 27.90 -6.56
N CYS H 60 -23.17 27.09 -6.07
CA CYS H 60 -23.76 26.06 -6.92
C CYS H 60 -24.56 26.66 -8.06
N LEU H 61 -25.32 27.72 -7.79
CA LEU H 61 -26.16 28.31 -8.81
C LEU H 61 -25.33 28.88 -9.95
N ASP H 62 -24.31 29.67 -9.62
CA ASP H 62 -23.50 30.21 -10.72
C ASP H 62 -22.60 29.16 -11.33
N LYS H 63 -22.32 28.07 -10.62
CA LYS H 63 -21.63 26.94 -11.27
C LYS H 63 -22.50 26.37 -12.39
N LEU H 64 -23.76 26.08 -12.09
CA LEU H 64 -24.68 25.60 -13.11
C LEU H 64 -24.79 26.61 -14.25
N GLY H 65 -24.96 27.89 -13.90
CA GLY H 65 -25.08 28.91 -14.93
C GLY H 65 -23.87 28.99 -15.84
N LEU H 66 -22.67 28.98 -15.25
CA LEU H 66 -21.46 29.05 -16.04
C LEU H 66 -21.32 27.84 -16.94
N THR H 67 -21.54 26.65 -16.39
CA THR H 67 -21.41 25.44 -17.20
C THR H 67 -22.35 25.47 -18.39
N VAL H 68 -23.62 25.83 -18.18
CA VAL H 68 -24.56 25.88 -19.29
C VAL H 68 -24.17 26.97 -20.27
N GLN H 69 -23.75 28.12 -19.76
CA GLN H 69 -23.43 29.28 -20.59
C GLN H 69 -22.27 29.02 -21.54
N SER H 70 -21.49 27.98 -21.33
CA SER H 70 -20.31 27.73 -22.14
C SER H 70 -20.60 27.02 -23.45
N VAL H 71 -21.76 26.41 -23.59
CA VAL H 71 -22.01 25.54 -24.73
C VAL H 71 -22.41 26.38 -25.93
N LYS H 72 -22.07 25.90 -27.13
CA LYS H 72 -22.26 26.65 -28.35
C LYS H 72 -23.50 26.18 -29.09
N TRP H 73 -24.27 27.12 -29.61
CA TRP H 73 -25.49 26.86 -30.35
C TRP H 73 -25.24 26.74 -31.85
N ASP H 74 -26.24 26.21 -32.54
CA ASP H 74 -26.43 26.34 -33.98
C ASP H 74 -27.74 25.65 -34.34
N VAL H 75 -28.34 26.08 -35.43
CA VAL H 75 -29.49 25.38 -35.99
C VAL H 75 -28.98 24.36 -36.98
N GLY H 76 -29.67 23.22 -37.08
CA GLY H 76 -29.21 22.16 -37.95
C GLY H 76 -30.31 21.19 -38.26
N LYS H 77 -30.05 20.36 -39.28
CA LYS H 77 -30.99 19.31 -39.65
C LYS H 77 -31.20 18.36 -38.48
N ASP H 78 -32.46 17.97 -38.26
CA ASP H 78 -32.54 17.07 -37.12
C ASP H 78 -32.34 15.63 -37.56
N PRO H 79 -31.82 14.78 -36.67
CA PRO H 79 -31.59 13.38 -37.06
C PRO H 79 -32.86 12.62 -37.39
N GLN H 80 -33.89 12.72 -36.55
CA GLN H 80 -35.16 12.04 -36.81
C GLN H 80 -36.01 12.86 -37.79
N ASN H 81 -35.42 13.10 -38.97
CA ASN H 81 -36.11 13.82 -40.03
C ASN H 81 -36.87 12.80 -40.89
N THR H 82 -38.01 12.38 -40.37
CA THR H 82 -38.97 11.65 -41.17
C THR H 82 -39.79 12.59 -42.05
N GLN H 83 -39.86 13.86 -41.67
CA GLN H 83 -40.68 14.87 -42.34
C GLN H 83 -39.94 15.33 -43.59
N VAL H 84 -40.16 14.61 -44.69
CA VAL H 84 -39.53 14.98 -45.95
C VAL H 84 -40.03 16.34 -46.42
N GLY H 85 -41.24 16.71 -46.02
CA GLY H 85 -41.72 18.06 -46.23
C GLY H 85 -41.12 19.00 -45.22
N ASP H 86 -39.84 19.32 -45.40
CA ASP H 86 -39.07 20.03 -44.39
C ASP H 86 -39.73 21.35 -44.01
N GLY H 87 -39.80 21.59 -42.70
CA GLY H 87 -40.42 22.76 -42.13
C GLY H 87 -39.53 23.97 -41.96
N GLY H 88 -38.31 23.93 -42.48
CA GLY H 88 -37.48 25.13 -42.54
C GLY H 88 -38.04 26.04 -43.61
N MET H 89 -39.21 26.60 -43.32
CA MET H 89 -40.15 27.15 -44.29
C MET H 89 -39.51 27.94 -45.42
N SER H 90 -38.49 28.74 -45.11
CA SER H 90 -37.89 29.62 -46.11
C SER H 90 -36.43 29.31 -46.41
N ALA H 91 -35.69 28.76 -45.45
CA ALA H 91 -34.24 28.64 -45.45
C ALA H 91 -33.56 30.00 -45.34
N SER H 92 -34.32 31.09 -45.37
CA SER H 92 -33.86 32.41 -44.96
C SER H 92 -34.27 32.73 -43.53
N GLN H 93 -35.47 32.30 -43.14
CA GLN H 93 -35.83 32.32 -41.73
C GLN H 93 -34.83 31.52 -40.91
N ARG H 94 -34.31 30.43 -41.46
CA ARG H 94 -33.33 29.63 -40.73
C ARG H 94 -32.01 30.38 -40.57
N LYS H 95 -31.58 31.09 -41.61
CA LYS H 95 -30.39 31.91 -41.47
C LYS H 95 -30.60 33.01 -40.45
N ALA H 96 -31.78 33.64 -40.46
CA ALA H 96 -32.07 34.67 -39.47
C ALA H 96 -32.09 34.10 -38.07
N LEU H 97 -32.62 32.89 -37.90
CA LEU H 97 -32.65 32.26 -36.59
C LEU H 97 -31.25 31.92 -36.11
N GLN H 98 -30.38 31.48 -37.03
CA GLN H 98 -28.98 31.30 -36.67
C GLN H 98 -28.37 32.61 -36.18
N GLN H 99 -28.55 33.67 -36.98
CA GLN H 99 -28.05 35.00 -36.59
C GLN H 99 -28.51 35.37 -35.19
N ILE H 100 -29.80 35.19 -34.92
CA ILE H 100 -30.36 35.61 -33.64
C ILE H 100 -29.86 34.72 -32.51
N LEU H 101 -29.71 33.43 -32.77
CA LEU H 101 -29.18 32.53 -31.77
C LEU H 101 -27.75 32.88 -31.40
N GLN H 102 -27.00 33.47 -32.32
CA GLN H 102 -25.67 33.94 -31.97
C GLN H 102 -25.68 35.38 -31.46
N ARG H 103 -26.60 36.20 -31.95
CA ARG H 103 -26.76 37.57 -31.46
C ARG H 103 -28.23 37.87 -31.24
N PRO H 104 -28.71 37.70 -30.03
CA PRO H 104 -30.08 38.13 -29.70
C PRO H 104 -30.15 39.64 -29.63
N ASN H 105 -31.24 40.17 -29.07
CA ASN H 105 -31.46 41.60 -28.88
C ASN H 105 -30.18 42.34 -28.53
N PRO H 106 -29.95 43.52 -29.10
CA PRO H 106 -28.73 44.28 -28.78
C PRO H 106 -28.52 44.45 -27.29
N THR H 107 -27.27 44.68 -26.90
CA THR H 107 -26.86 44.79 -25.49
C THR H 107 -27.10 43.49 -24.73
N MET H 108 -27.05 42.36 -25.43
CA MET H 108 -27.06 41.03 -24.81
C MET H 108 -26.68 40.00 -25.85
N SER H 109 -25.77 39.10 -25.48
CA SER H 109 -25.27 38.06 -26.35
C SER H 109 -25.94 36.73 -26.04
N GLY H 110 -25.75 35.77 -26.93
CA GLY H 110 -26.37 34.47 -26.74
C GLY H 110 -25.92 33.79 -25.47
N ALA H 111 -24.65 33.97 -25.11
CA ALA H 111 -24.12 33.34 -23.89
C ALA H 111 -24.87 33.82 -22.66
N GLN H 112 -25.10 35.13 -22.57
CA GLN H 112 -25.82 35.65 -21.41
C GLN H 112 -27.27 35.20 -21.42
N LEU H 113 -27.87 35.02 -22.60
CA LEU H 113 -29.20 34.46 -22.68
C LEU H 113 -29.21 33.06 -22.08
N ARG H 114 -28.26 32.22 -22.48
CA ARG H 114 -28.18 30.87 -21.93
C ARG H 114 -27.99 30.92 -20.42
N TYR H 115 -27.14 31.82 -19.93
CA TYR H 115 -26.87 31.89 -18.50
C TYR H 115 -28.13 32.26 -17.73
N SER H 116 -28.80 33.33 -18.16
CA SER H 116 -30.01 33.76 -17.46
C SER H 116 -31.10 32.69 -17.53
N ALA H 117 -31.24 32.05 -18.69
CA ALA H 117 -32.26 31.02 -18.84
C ALA H 117 -32.01 29.85 -17.90
N ALA H 118 -30.78 29.34 -17.88
CA ALA H 118 -30.47 28.21 -17.02
C ALA H 118 -30.61 28.59 -15.55
N LEU H 119 -30.21 29.81 -15.19
CA LEU H 119 -30.32 30.23 -13.80
C LEU H 119 -31.77 30.29 -13.36
N SER H 120 -32.63 30.95 -14.15
CA SER H 120 -34.04 31.02 -13.78
C SER H 120 -34.69 29.65 -13.81
N TRP H 121 -34.23 28.76 -14.68
CA TRP H 121 -34.74 27.39 -14.68
C TRP H 121 -34.38 26.66 -13.40
N ALA H 122 -33.17 26.91 -12.90
CA ALA H 122 -32.76 26.24 -11.67
C ALA H 122 -33.49 26.80 -10.45
N CYS H 123 -33.74 28.10 -10.44
CA CYS H 123 -34.35 28.70 -9.26
C CYS H 123 -35.86 28.45 -9.19
N PHE H 124 -36.56 28.61 -10.32
CA PHE H 124 -38.02 28.53 -10.30
C PHE H 124 -38.58 27.37 -11.10
N GLY H 125 -37.81 26.72 -11.94
CA GLY H 125 -38.36 25.68 -12.78
C GLY H 125 -39.18 26.21 -13.93
N ARG H 126 -38.91 27.43 -14.38
CA ARG H 126 -39.62 28.02 -15.49
C ARG H 126 -38.63 28.74 -16.40
N MET H 127 -39.02 28.90 -17.65
CA MET H 127 -38.24 29.62 -18.64
C MET H 127 -39.20 30.39 -19.53
N ALA H 128 -39.01 31.69 -19.67
CA ALA H 128 -39.91 32.52 -20.47
C ALA H 128 -39.09 33.39 -21.41
N PHE H 129 -39.70 33.73 -22.55
CA PHE H 129 -39.01 34.48 -23.59
C PHE H 129 -40.01 35.31 -24.37
N LYS H 130 -39.50 36.11 -25.30
CA LYS H 130 -40.33 36.95 -26.15
C LYS H 130 -39.62 37.13 -27.49
N VAL H 131 -40.38 36.99 -28.58
CA VAL H 131 -39.82 37.05 -29.93
C VAL H 131 -40.48 38.18 -30.69
N SER H 132 -39.82 38.63 -31.74
CA SER H 132 -40.27 39.81 -32.50
C SER H 132 -40.22 39.53 -34.00
N VAL H 133 -40.75 38.38 -34.42
CA VAL H 133 -40.71 38.00 -35.83
C VAL H 133 -41.30 39.12 -36.68
N MET H 134 -40.57 39.52 -37.73
CA MET H 134 -40.91 40.73 -38.46
C MET H 134 -42.23 40.65 -39.20
N SER H 135 -42.28 39.91 -40.32
CA SER H 135 -43.56 39.69 -40.98
C SER H 135 -43.66 38.33 -41.65
N ASP H 136 -42.55 37.58 -41.69
CA ASP H 136 -42.49 36.37 -42.49
C ASP H 136 -41.74 35.27 -41.76
N GLY H 137 -42.03 35.11 -40.48
CA GLY H 137 -41.33 34.13 -39.68
C GLY H 137 -39.88 34.44 -39.42
N SER H 138 -39.38 35.58 -39.89
CA SER H 138 -38.01 35.98 -39.65
C SER H 138 -37.94 36.63 -38.27
N VAL H 139 -37.39 35.90 -37.31
CA VAL H 139 -37.31 36.42 -35.94
C VAL H 139 -36.36 37.61 -35.91
N ASN H 140 -36.77 38.67 -35.22
CA ASN H 140 -35.95 39.87 -35.19
C ASN H 140 -35.01 39.89 -33.98
N ALA H 141 -35.52 39.52 -32.80
CA ALA H 141 -34.73 39.50 -31.59
C ALA H 141 -35.51 38.71 -30.53
N ILE H 142 -34.79 38.26 -29.51
CA ILE H 142 -35.38 37.47 -28.43
C ILE H 142 -35.00 38.09 -27.10
N TRP H 143 -35.98 38.22 -26.21
CA TRP H 143 -35.77 38.77 -24.89
C TRP H 143 -36.18 37.76 -23.82
N PRO H 144 -35.37 37.58 -22.79
CA PRO H 144 -35.81 36.78 -21.65
C PRO H 144 -36.78 37.57 -20.77
N LEU H 145 -37.63 36.83 -20.07
CA LEU H 145 -38.68 37.40 -19.25
C LEU H 145 -38.38 37.10 -17.78
N GLY H 146 -38.46 38.12 -16.94
CA GLY H 146 -38.27 37.92 -15.53
C GLY H 146 -39.39 37.10 -14.91
N ILE H 147 -39.09 35.87 -14.51
CA ILE H 147 -40.11 34.99 -13.93
C ILE H 147 -40.77 35.61 -12.70
N PRO H 148 -40.06 36.27 -11.77
CA PRO H 148 -40.74 36.77 -10.57
C PRO H 148 -41.99 37.60 -10.84
N PHE H 149 -41.92 38.57 -11.75
CA PHE H 149 -43.03 39.46 -12.03
C PHE H 149 -43.65 39.21 -13.40
N LEU H 150 -43.76 37.96 -13.80
CA LEU H 150 -44.47 37.59 -15.01
C LEU H 150 -45.74 36.85 -14.64
N LYS H 151 -46.88 37.37 -15.06
CA LYS H 151 -48.18 36.77 -14.83
C LYS H 151 -48.75 36.27 -16.15
N GLN H 152 -49.58 35.24 -16.07
CA GLN H 152 -50.17 34.64 -17.25
C GLN H 152 -51.65 34.41 -17.04
N LYS H 153 -52.39 34.40 -18.15
CA LYS H 153 -53.84 34.24 -18.13
C LYS H 153 -54.25 33.05 -18.97
N PHE H 154 -55.21 32.30 -18.48
CA PHE H 154 -55.63 31.04 -19.07
C PHE H 154 -56.81 31.23 -20.00
N ASP H 155 -57.05 30.21 -20.83
CA ASP H 155 -58.20 30.17 -21.71
C ASP H 155 -59.39 29.53 -20.97
N ARG H 156 -60.43 29.19 -21.71
CA ARG H 156 -61.53 28.43 -21.15
C ARG H 156 -61.32 26.93 -21.22
N TYR H 157 -60.56 26.44 -22.20
CA TYR H 157 -60.42 24.99 -22.33
C TYR H 157 -59.33 24.43 -21.42
N GLY H 158 -58.06 24.68 -21.75
CA GLY H 158 -57.01 24.12 -20.92
C GLY H 158 -55.66 24.81 -20.84
N ASP H 159 -55.49 25.99 -21.41
CA ASP H 159 -54.13 26.49 -21.62
C ASP H 159 -54.09 28.00 -21.56
N VAL H 160 -52.89 28.53 -21.69
CA VAL H 160 -52.65 29.97 -21.60
C VAL H 160 -52.95 30.63 -22.94
N GLU H 161 -53.34 31.89 -22.88
CA GLU H 161 -53.47 32.72 -24.08
C GLU H 161 -52.56 33.92 -24.09
N SER H 162 -52.35 34.58 -22.94
CA SER H 162 -51.60 35.81 -22.92
C SER H 162 -50.78 35.88 -21.64
N PHE H 163 -49.72 36.68 -21.69
CA PHE H 163 -48.84 36.89 -20.55
C PHE H 163 -48.84 38.37 -20.18
N GLN H 164 -49.08 38.66 -18.92
CA GLN H 164 -49.00 40.02 -18.41
C GLN H 164 -47.66 40.18 -17.70
N TYR H 165 -46.95 41.27 -17.99
CA TYR H 165 -45.59 41.48 -17.52
C TYR H 165 -45.54 42.85 -16.84
N GLY H 166 -45.61 42.87 -15.52
CA GLY H 166 -45.65 44.10 -14.77
C GLY H 166 -47.02 44.36 -14.15
N ASP H 167 -47.03 45.25 -13.16
CA ASP H 167 -48.24 45.50 -12.38
C ASP H 167 -49.17 46.52 -13.04
N GLU H 168 -48.73 47.77 -13.19
CA GLU H 168 -49.79 48.75 -13.46
C GLU H 168 -49.55 49.68 -14.63
N ALA H 169 -48.38 50.32 -14.74
CA ALA H 169 -48.18 51.31 -15.79
C ALA H 169 -48.13 50.65 -17.15
N GLY H 170 -47.05 49.91 -17.42
CA GLY H 170 -46.95 49.14 -18.65
C GLY H 170 -47.66 47.81 -18.47
N LYS H 171 -48.50 47.47 -19.45
CA LYS H 171 -49.45 46.36 -19.30
C LYS H 171 -49.54 45.52 -20.57
N GLU H 172 -48.43 45.13 -21.17
CA GLU H 172 -48.48 44.45 -22.45
C GLU H 172 -48.88 42.99 -22.24
N THR H 173 -50.04 42.62 -22.77
CA THR H 173 -50.51 41.24 -22.75
C THR H 173 -49.99 40.54 -23.99
N ILE H 174 -48.74 40.10 -23.93
CA ILE H 174 -48.15 39.42 -25.08
C ILE H 174 -48.90 38.11 -25.32
N PRO H 175 -49.32 37.81 -26.55
CA PRO H 175 -50.03 36.57 -26.80
C PRO H 175 -49.12 35.36 -26.67
N SER H 176 -49.71 34.23 -26.32
CA SER H 176 -48.98 32.98 -26.28
C SER H 176 -48.77 32.44 -27.69
N PHE H 177 -47.89 31.45 -27.82
CA PHE H 177 -47.65 30.88 -29.14
C PHE H 177 -48.86 30.15 -29.68
N THR H 178 -49.72 29.65 -28.79
CA THR H 178 -50.92 28.94 -29.24
C THR H 178 -51.81 29.84 -30.09
N LYS H 179 -52.21 30.98 -29.54
CA LYS H 179 -53.03 31.93 -30.27
C LYS H 179 -52.15 33.11 -30.68
N VAL H 180 -51.92 33.24 -31.98
CA VAL H 180 -51.20 34.36 -32.56
C VAL H 180 -51.43 34.32 -34.06
N GLU H 181 -51.35 35.46 -34.72
CA GLU H 181 -51.60 35.50 -36.15
C GLU H 181 -50.54 34.67 -36.86
N LYS H 182 -50.93 33.51 -37.36
CA LYS H 182 -49.99 32.58 -37.98
C LYS H 182 -49.83 32.90 -39.45
N ASN H 183 -48.69 32.46 -40.00
CA ASN H 183 -48.49 32.49 -41.44
C ASN H 183 -49.32 31.40 -42.09
N ASP H 184 -49.44 31.48 -43.42
CA ASP H 184 -50.18 30.45 -44.13
C ASP H 184 -49.50 29.09 -44.02
N LYS H 185 -48.22 29.06 -43.64
CA LYS H 185 -47.54 27.82 -43.33
C LYS H 185 -47.72 27.37 -41.89
N GLY H 186 -47.88 28.30 -40.95
CA GLY H 186 -48.00 27.95 -39.55
C GLY H 186 -47.15 28.83 -38.64
N ARG H 187 -46.13 29.45 -39.20
CA ARG H 187 -45.27 30.33 -38.42
C ARG H 187 -46.05 31.55 -37.97
N PRO H 188 -45.73 32.12 -36.80
CA PRO H 188 -46.42 33.32 -36.34
C PRO H 188 -46.03 34.54 -37.15
N ILE H 189 -46.79 35.61 -36.95
CA ILE H 189 -46.52 36.88 -37.61
C ILE H 189 -46.23 38.01 -36.62
N LYS H 190 -46.74 37.94 -35.40
CA LYS H 190 -46.53 38.98 -34.39
C LYS H 190 -45.77 38.37 -33.20
N ASN H 191 -45.55 39.21 -32.18
CA ASN H 191 -44.78 38.80 -31.01
C ASN H 191 -45.52 37.73 -30.22
N TYR H 192 -44.76 37.00 -29.40
CA TYR H 192 -45.33 35.98 -28.53
C TYR H 192 -44.33 35.62 -27.44
N ALA H 193 -44.72 34.67 -26.58
CA ALA H 193 -43.91 34.26 -25.44
C ALA H 193 -43.95 32.74 -25.32
N PHE H 194 -43.08 32.19 -24.46
CA PHE H 194 -42.90 30.74 -24.40
C PHE H 194 -43.43 30.13 -23.10
N MET H 195 -42.88 30.53 -21.96
CA MET H 195 -43.15 29.90 -20.67
C MET H 195 -42.92 28.38 -20.74
N ILE H 196 -41.65 28.01 -20.92
CA ILE H 196 -41.25 26.61 -20.78
C ILE H 196 -41.36 26.21 -19.32
N VAL H 197 -42.01 25.06 -19.06
CA VAL H 197 -42.32 24.64 -17.70
C VAL H 197 -41.80 23.23 -17.47
N LYS H 198 -41.37 22.98 -16.21
CA LYS H 198 -40.89 21.69 -15.74
C LYS H 198 -42.03 20.90 -15.11
N PRO H 199 -42.24 19.65 -15.51
CA PRO H 199 -43.40 18.90 -15.02
C PRO H 199 -43.26 18.53 -13.55
N SER H 200 -44.37 18.08 -12.99
CA SER H 200 -44.41 17.61 -11.60
C SER H 200 -45.50 16.55 -11.49
N ILE H 201 -45.82 16.18 -10.25
CA ILE H 201 -46.82 15.15 -9.99
C ILE H 201 -48.19 15.71 -10.34
N ASN H 202 -49.20 14.84 -10.36
CA ASN H 202 -50.60 15.22 -10.54
C ASN H 202 -50.82 16.11 -11.77
N GLY H 203 -49.95 15.96 -12.77
CA GLY H 203 -50.08 16.68 -14.02
C GLY H 203 -50.24 18.18 -13.85
N ALA H 204 -51.42 18.69 -14.21
CA ALA H 204 -51.75 20.11 -14.10
C ALA H 204 -50.72 20.96 -14.82
N MET H 205 -50.52 20.63 -16.11
CA MET H 205 -49.37 21.05 -16.91
C MET H 205 -48.90 22.47 -16.61
N ASN H 206 -49.83 23.42 -16.45
CA ASN H 206 -49.47 24.77 -16.07
C ASN H 206 -50.06 25.20 -14.73
N PHE H 207 -51.12 24.56 -14.28
CA PHE H 207 -51.76 24.87 -13.01
C PHE H 207 -51.04 24.23 -11.83
N ASP H 208 -49.89 23.60 -12.08
CA ASP H 208 -49.18 22.84 -11.07
C ASP H 208 -48.20 23.72 -10.29
N VAL H 209 -47.63 23.13 -9.24
CA VAL H 209 -46.68 23.83 -8.40
C VAL H 209 -45.27 23.69 -8.97
N GLN H 210 -44.46 24.72 -8.77
CA GLN H 210 -43.10 24.69 -9.28
C GLN H 210 -42.36 23.46 -8.78
N ASN H 211 -41.33 23.06 -9.53
CA ASN H 211 -40.51 21.89 -9.21
C ASN H 211 -39.07 22.35 -9.26
N THR H 212 -38.56 22.84 -8.14
CA THR H 212 -37.25 23.44 -8.06
C THR H 212 -36.48 22.88 -6.88
N PRO H 213 -35.15 22.81 -6.97
CA PRO H 213 -34.36 22.35 -5.82
C PRO H 213 -34.58 23.18 -4.56
N LEU H 214 -34.91 24.46 -4.70
CA LEU H 214 -35.16 25.30 -3.53
C LEU H 214 -36.29 24.81 -2.67
N GLN H 215 -37.09 23.85 -3.16
CA GLN H 215 -38.18 23.32 -2.36
C GLN H 215 -37.65 22.55 -1.15
N ALA H 216 -36.54 21.83 -1.32
CA ALA H 216 -36.13 20.82 -0.37
C ALA H 216 -34.82 21.16 0.33
N ILE H 217 -34.45 22.45 0.36
CA ILE H 217 -33.20 22.82 1.00
C ILE H 217 -33.42 23.95 2.00
N GLY H 218 -34.69 24.20 2.37
CA GLY H 218 -34.95 25.18 3.41
C GLY H 218 -34.33 24.78 4.74
N VAL H 219 -34.54 23.53 5.14
CA VAL H 219 -33.96 23.04 6.39
C VAL H 219 -32.44 23.15 6.40
N PRO H 220 -31.70 22.64 5.42
CA PRO H 220 -30.24 22.74 5.51
C PRO H 220 -29.72 24.16 5.43
N VAL H 221 -30.34 25.03 4.62
CA VAL H 221 -29.83 26.40 4.53
C VAL H 221 -30.09 27.14 5.84
N ALA H 222 -31.23 26.89 6.48
CA ALA H 222 -31.48 27.53 7.77
C ALA H 222 -30.52 27.01 8.82
N LEU H 223 -30.24 25.70 8.83
CA LEU H 223 -29.30 25.15 9.79
C LEU H 223 -27.90 25.72 9.57
N TYR H 224 -27.49 25.83 8.31
CA TYR H 224 -26.18 26.40 8.00
C TYR H 224 -26.08 27.82 8.52
N ASP H 225 -27.10 28.64 8.25
CA ASP H 225 -27.06 30.02 8.71
C ASP H 225 -27.03 30.10 10.22
N ALA H 226 -27.77 29.23 10.91
CA ALA H 226 -27.75 29.23 12.37
C ALA H 226 -26.35 28.91 12.89
N LEU H 227 -25.71 27.87 12.34
CA LEU H 227 -24.38 27.52 12.79
C LEU H 227 -23.37 28.63 12.54
N MET H 228 -23.44 29.25 11.36
CA MET H 228 -22.49 30.32 11.06
C MET H 228 -22.72 31.55 11.93
N ALA H 229 -23.98 31.85 12.27
CA ALA H 229 -24.23 32.95 13.19
C ALA H 229 -23.67 32.66 14.57
N ARG H 230 -23.83 31.42 15.04
CA ARG H 230 -23.20 31.04 16.30
C ARG H 230 -21.69 31.24 16.23
N ALA H 231 -21.08 30.83 15.12
CA ALA H 231 -19.63 30.96 14.99
C ALA H 231 -19.20 32.41 15.05
N ILE H 232 -19.87 33.28 14.29
CA ILE H 232 -19.51 34.70 14.30
C ILE H 232 -19.64 35.27 15.71
N ASP H 233 -20.78 35.01 16.35
CA ASP H 233 -20.99 35.56 17.69
C ASP H 233 -19.92 35.10 18.66
N SER H 234 -19.56 33.82 18.61
CA SER H 234 -18.57 33.32 19.54
C SER H 234 -17.14 33.73 19.19
N ALA H 235 -16.90 34.16 17.95
CA ALA H 235 -15.56 34.57 17.57
C ALA H 235 -15.12 35.81 18.32
N ASP H 236 -15.96 36.83 18.34
CA ASP H 236 -15.74 38.04 19.12
C ASP H 236 -16.75 38.09 20.26
N GLY H 237 -16.26 38.00 21.48
CA GLY H 237 -17.11 37.85 22.63
C GLY H 237 -16.53 36.88 23.63
N THR H 238 -15.74 35.92 23.14
CA THR H 238 -15.02 35.03 24.04
C THR H 238 -13.68 35.64 24.38
N PRO H 239 -13.39 35.92 25.65
CA PRO H 239 -12.10 36.51 26.01
C PRO H 239 -10.95 35.65 25.53
N ASN H 240 -9.97 36.29 24.89
CA ASN H 240 -8.85 35.57 24.29
C ASN H 240 -7.62 35.60 25.17
N SER H 241 -7.80 35.86 26.45
CA SER H 241 -6.69 35.93 27.39
C SER H 241 -6.43 34.58 28.05
N LYS H 242 -5.19 34.36 28.42
CA LYS H 242 -4.75 33.23 29.22
C LYS H 242 -4.30 33.72 30.58
N TRP H 243 -3.90 32.79 31.44
CA TRP H 243 -3.30 33.12 32.72
C TRP H 243 -4.24 33.97 33.58
N LEU H 244 -5.34 33.37 33.98
CA LEU H 244 -6.19 34.01 34.99
C LEU H 244 -5.49 33.84 36.33
N VAL H 245 -4.67 34.82 36.68
CA VAL H 245 -3.86 34.79 37.89
C VAL H 245 -4.57 35.58 38.98
N THR H 246 -4.62 35.04 40.19
CA THR H 246 -5.33 35.65 41.30
C THR H 246 -4.47 35.63 42.56
N ALA H 247 -4.35 36.77 43.21
CA ALA H 247 -3.65 36.89 44.48
C ALA H 247 -4.64 36.71 45.63
N SER H 248 -4.20 36.97 46.85
CA SER H 248 -5.03 36.79 48.04
C SER H 248 -5.51 38.14 48.57
N ARG H 249 -6.39 38.09 49.56
CA ARG H 249 -6.93 39.30 50.18
C ARG H 249 -6.03 39.79 51.30
N ASP H 250 -4.77 39.40 51.29
CA ASP H 250 -3.78 39.98 52.19
C ASP H 250 -2.51 40.13 51.35
N LEU H 251 -2.42 41.24 50.63
CA LEU H 251 -1.23 41.47 49.84
C LEU H 251 -0.86 42.96 49.73
N ASP H 252 -1.43 43.83 50.55
CA ASP H 252 -1.03 45.23 50.52
C ASP H 252 -1.18 45.81 49.12
N ASP H 253 -2.41 46.06 48.69
CA ASP H 253 -2.67 46.38 47.30
C ASP H 253 -1.84 47.62 46.94
N GLY H 254 -0.77 47.40 46.19
CA GLY H 254 0.34 48.32 46.11
C GLY H 254 1.67 47.59 45.98
N GLN H 255 1.73 46.36 46.49
CA GLN H 255 2.70 45.40 46.00
C GLN H 255 2.04 44.29 45.20
N ALA H 256 0.71 44.17 45.27
CA ALA H 256 0.01 43.39 44.26
C ALA H 256 0.24 43.97 42.87
N LYS H 257 0.25 45.31 42.76
CA LYS H 257 0.58 45.93 41.49
C LYS H 257 2.00 45.59 41.06
N GLU H 258 2.92 45.50 42.01
CA GLU H 258 4.29 45.12 41.70
C GLU H 258 4.35 43.69 41.17
N VAL H 259 3.60 42.78 41.79
CA VAL H 259 3.54 41.41 41.31
C VAL H 259 2.94 41.36 39.90
N LYS H 260 1.90 42.17 39.66
CA LYS H 260 1.29 42.20 38.34
C LYS H 260 2.27 42.70 37.29
N GLU H 261 3.02 43.76 37.62
CA GLU H 261 4.01 44.26 36.67
C GLU H 261 5.11 43.24 36.42
N GLY H 262 5.50 42.51 37.46
CA GLY H 262 6.48 41.46 37.27
C GLY H 262 5.99 40.37 36.33
N ILE H 263 4.74 39.93 36.52
CA ILE H 263 4.16 38.91 35.64
C ILE H 263 4.04 39.46 34.22
N GLU H 264 3.64 40.72 34.10
CA GLU H 264 3.33 41.28 32.80
C GLU H 264 4.59 41.57 31.99
N GLU H 265 5.65 42.05 32.64
CA GLU H 265 6.80 42.48 31.87
C GLU H 265 7.69 41.29 31.51
N THR H 266 7.07 40.22 31.02
CA THR H 266 7.79 39.14 30.39
C THR H 266 7.26 38.87 29.00
N LYS H 267 6.31 39.66 28.53
CA LYS H 267 5.84 39.58 27.16
C LYS H 267 7.03 39.74 26.21
N PRO H 268 6.92 39.22 24.99
CA PRO H 268 7.98 39.47 24.00
C PRO H 268 8.24 40.97 23.84
N GLY H 269 9.47 41.39 24.07
CA GLY H 269 9.79 42.79 24.04
C GLY H 269 9.47 43.48 25.36
N GLY H 270 9.98 42.91 26.45
CA GLY H 270 9.85 43.50 27.76
C GLY H 270 11.21 43.58 28.43
N ASP H 271 11.21 44.17 29.63
CA ASP H 271 12.46 44.32 30.37
C ASP H 271 13.11 42.98 30.64
N ASN H 272 12.45 42.14 31.43
CA ASN H 272 12.90 40.76 31.65
C ASN H 272 11.94 39.84 30.91
N GLY H 273 12.24 39.59 29.63
CA GLY H 273 11.40 38.77 28.78
C GLY H 273 11.94 37.37 28.68
N GLY H 274 11.15 36.41 29.16
CA GLY H 274 11.50 35.01 29.09
C GLY H 274 12.12 34.44 30.34
N GLU H 275 12.39 35.25 31.35
CA GLU H 275 13.00 34.75 32.56
C GLU H 275 11.92 34.34 33.56
N ILE H 276 12.35 33.70 34.64
CA ILE H 276 11.42 33.12 35.62
C ILE H 276 10.66 34.21 36.35
N ILE H 277 9.63 33.83 37.08
CA ILE H 277 8.95 34.70 38.03
C ILE H 277 9.27 34.20 39.42
N PHE H 278 9.83 35.07 40.25
CA PHE H 278 10.10 34.73 41.64
C PHE H 278 9.18 35.54 42.55
N ILE H 279 8.42 34.83 43.37
CA ILE H 279 7.50 35.45 44.32
C ILE H 279 7.93 35.05 45.72
N ALA H 280 8.34 36.02 46.52
CA ALA H 280 8.75 35.76 47.89
C ALA H 280 7.53 35.88 48.79
N GLY H 281 7.07 34.75 49.31
CA GLY H 281 5.91 34.74 50.18
C GLY H 281 4.61 35.05 49.47
N THR H 282 3.50 34.81 50.14
CA THR H 282 2.17 35.12 49.61
C THR H 282 1.94 34.45 48.26
N ASP H 283 1.86 33.11 48.31
CA ASP H 283 1.68 32.31 47.12
C ASP H 283 0.53 32.78 46.23
N VAL H 284 0.85 33.20 45.03
CA VAL H 284 -0.14 33.54 44.02
C VAL H 284 -0.43 32.28 43.22
N LYS H 285 -1.61 32.22 42.62
CA LYS H 285 -2.09 30.99 41.97
C LYS H 285 -2.56 31.30 40.56
N VAL H 286 -1.87 30.73 39.58
CA VAL H 286 -2.20 30.92 38.18
C VAL H 286 -2.87 29.66 37.65
N GLN H 287 -3.87 29.85 36.79
CA GLN H 287 -4.45 28.77 36.04
C GLN H 287 -4.52 29.19 34.58
N GLU H 288 -4.13 28.30 33.68
CA GLU H 288 -4.07 28.63 32.27
C GLU H 288 -5.38 28.21 31.61
N MET H 289 -6.05 29.17 30.98
CA MET H 289 -7.31 28.89 30.32
C MET H 289 -7.07 28.16 29.02
N LYS H 290 -7.94 27.19 28.72
CA LYS H 290 -7.80 26.42 27.49
C LYS H 290 -8.13 27.26 26.27
N ASN H 291 -9.33 27.85 26.26
CA ASN H 291 -9.83 28.61 25.12
C ASN H 291 -9.70 27.82 23.83
N ASP H 292 -10.42 26.70 23.79
CA ASP H 292 -10.34 25.77 22.66
C ASP H 292 -10.64 26.47 21.35
N LEU H 293 -11.89 26.92 21.19
CA LEU H 293 -12.29 27.80 20.10
C LEU H 293 -11.97 27.19 18.72
N SER H 294 -11.83 25.87 18.65
CA SER H 294 -11.46 25.20 17.43
C SER H 294 -12.62 24.45 16.79
N ASP H 295 -13.84 24.64 17.31
CA ASP H 295 -15.01 24.03 16.71
C ASP H 295 -16.18 25.01 16.69
N ILE H 296 -15.90 26.30 16.55
CA ILE H 296 -16.96 27.30 16.67
C ILE H 296 -17.97 27.14 15.54
N HIS H 297 -17.53 26.75 14.35
CA HIS H 297 -18.47 26.59 13.26
C HIS H 297 -19.13 25.22 13.22
N SER H 298 -18.75 24.30 14.12
CA SER H 298 -19.29 22.94 14.13
C SER H 298 -19.02 22.26 12.79
N LYS H 299 -17.75 21.96 12.57
CA LYS H 299 -17.30 21.46 11.27
C LYS H 299 -18.10 20.26 10.80
N VAL H 300 -18.43 19.35 11.71
CA VAL H 300 -19.08 18.10 11.30
C VAL H 300 -20.53 18.38 10.92
N PRO H 301 -21.37 19.00 11.78
CA PRO H 301 -22.72 19.29 11.31
C PRO H 301 -22.81 20.59 10.54
N LEU H 302 -21.84 20.85 9.68
CA LEU H 302 -21.88 21.92 8.70
C LEU H 302 -21.55 21.44 7.31
N ASP H 303 -20.48 20.65 7.18
CA ASP H 303 -20.17 20.03 5.90
C ASP H 303 -21.31 19.14 5.45
N ASP H 304 -22.08 18.58 6.38
CA ASP H 304 -23.23 17.77 5.97
C ASP H 304 -24.31 18.61 5.33
N GLN H 305 -24.59 19.79 5.90
CA GLN H 305 -25.57 20.68 5.28
C GLN H 305 -25.07 21.17 3.93
N ALA H 306 -23.77 21.42 3.83
CA ALA H 306 -23.21 21.81 2.54
C ALA H 306 -23.35 20.69 1.52
N ARG H 307 -23.05 19.45 1.92
CA ARG H 307 -23.22 18.33 1.01
C ARG H 307 -24.66 18.17 0.59
N THR H 308 -25.60 18.41 1.50
CA THR H 308 -27.01 18.25 1.16
C THR H 308 -27.45 19.30 0.16
N ILE H 309 -27.18 20.58 0.44
CA ILE H 309 -27.60 21.63 -0.49
C ILE H 309 -26.73 21.69 -1.72
N ALA H 310 -25.69 20.87 -1.81
CA ALA H 310 -24.98 20.72 -3.06
C ALA H 310 -25.54 19.57 -3.88
N GLY H 311 -25.77 18.42 -3.24
CA GLY H 311 -26.31 17.27 -3.95
C GLY H 311 -27.72 17.49 -4.43
N ASN H 312 -28.51 18.28 -3.70
CA ASN H 312 -29.86 18.58 -4.16
C ASN H 312 -29.85 19.38 -5.45
N PHE H 313 -28.78 20.12 -5.71
CA PHE H 313 -28.60 20.79 -6.99
C PHE H 313 -27.98 19.86 -8.03
N GLY H 314 -27.58 18.66 -7.64
CA GLY H 314 -26.97 17.73 -8.56
C GLY H 314 -25.55 18.12 -8.92
N ILE H 315 -24.68 18.15 -7.93
CA ILE H 315 -23.27 18.47 -8.15
C ILE H 315 -22.42 17.48 -7.35
N PRO H 316 -21.61 16.66 -8.01
CA PRO H 316 -20.72 15.76 -7.27
C PRO H 316 -19.90 16.52 -6.24
N ILE H 317 -19.85 15.97 -5.02
CA ILE H 317 -19.21 16.65 -3.91
C ILE H 317 -17.77 17.02 -4.26
N ALA H 318 -17.08 16.12 -4.98
CA ALA H 318 -15.67 16.33 -5.30
C ALA H 318 -15.42 17.65 -5.99
N LEU H 319 -16.39 18.15 -6.76
CA LEU H 319 -16.21 19.42 -7.45
C LEU H 319 -15.95 20.57 -6.50
N LEU H 320 -16.34 20.45 -5.24
CA LEU H 320 -16.24 21.55 -4.29
C LEU H 320 -15.66 21.09 -2.96
N TYR H 334 -11.06 12.16 -10.10
CA TYR H 334 -11.50 13.54 -10.13
C TYR H 334 -12.16 13.87 -11.46
N ASP H 335 -11.39 13.80 -12.54
CA ASP H 335 -11.92 14.11 -13.86
C ASP H 335 -13.13 13.25 -14.22
N GLU H 336 -13.16 12.01 -13.73
CA GLU H 336 -14.35 11.18 -13.89
C GLU H 336 -15.57 11.88 -13.30
N SER H 337 -15.39 12.53 -12.15
CA SER H 337 -16.51 13.24 -11.53
C SER H 337 -16.91 14.47 -12.33
N ARG H 338 -15.96 15.12 -13.01
CA ARG H 338 -16.33 16.22 -13.90
C ARG H 338 -17.15 15.70 -15.08
N LYS H 339 -16.72 14.58 -15.68
CA LYS H 339 -17.52 13.97 -16.74
C LYS H 339 -18.91 13.63 -16.24
N ALA H 340 -19.01 13.13 -15.01
CA ALA H 340 -20.31 12.76 -14.45
C ALA H 340 -21.19 13.99 -14.29
N PHE H 341 -20.65 15.06 -13.70
CA PHE H 341 -21.42 16.28 -13.56
C PHE H 341 -21.85 16.82 -14.91
N PHE H 342 -21.08 16.57 -15.96
CA PHE H 342 -21.45 17.09 -17.27
C PHE H 342 -22.57 16.26 -17.90
N GLU H 343 -22.40 14.95 -17.99
CA GLU H 343 -23.36 14.12 -18.70
C GLU H 343 -24.35 13.43 -17.77
N ASP H 344 -24.57 13.95 -16.57
CA ASP H 344 -25.59 13.42 -15.70
C ASP H 344 -26.61 14.44 -15.21
N THR H 345 -26.22 15.70 -15.04
CA THR H 345 -27.14 16.70 -14.52
C THR H 345 -27.19 17.94 -15.41
N ILE H 346 -26.08 18.28 -16.04
CA ILE H 346 -26.08 19.43 -16.94
C ILE H 346 -26.69 19.05 -18.27
N GLU H 347 -26.28 17.91 -18.82
CA GLU H 347 -26.81 17.51 -20.12
C GLU H 347 -28.29 17.19 -20.04
N PRO H 348 -28.74 16.19 -19.26
CA PRO H 348 -30.17 15.93 -19.19
C PRO H 348 -30.91 16.68 -18.10
N GLY H 349 -30.57 17.93 -17.80
CA GLY H 349 -31.43 18.67 -16.91
C GLY H 349 -31.56 20.15 -17.22
N TYR H 350 -30.70 20.63 -18.08
CA TYR H 350 -30.69 22.01 -18.53
C TYR H 350 -30.55 22.11 -20.03
N LEU H 351 -29.82 21.19 -20.65
CA LEU H 351 -29.55 21.25 -22.07
C LEU H 351 -30.71 20.69 -22.88
N THR H 352 -31.14 19.46 -22.58
CA THR H 352 -32.26 18.88 -23.30
C THR H 352 -33.56 19.65 -23.11
N PRO H 353 -33.94 20.11 -21.90
CA PRO H 353 -35.20 20.85 -21.83
C PRO H 353 -35.17 22.16 -22.59
N LEU H 354 -34.05 22.87 -22.52
CA LEU H 354 -33.94 24.15 -23.22
C LEU H 354 -33.96 23.95 -24.72
N GLU H 355 -33.19 22.99 -25.23
CA GLU H 355 -33.14 22.80 -26.67
C GLU H 355 -34.46 22.23 -27.20
N ASP H 356 -35.14 21.38 -26.42
CA ASP H 356 -36.43 20.88 -26.87
C ASP H 356 -37.49 21.96 -26.81
N GLY H 357 -37.42 22.85 -25.82
CA GLY H 357 -38.36 23.96 -25.77
C GLY H 357 -38.19 24.89 -26.95
N PHE H 358 -36.95 25.27 -27.25
CA PHE H 358 -36.72 26.11 -28.41
C PHE H 358 -37.13 25.41 -29.70
N SER H 359 -36.70 24.16 -29.88
CA SER H 359 -37.03 23.45 -31.10
C SER H 359 -38.53 23.28 -31.26
N MET H 360 -39.26 23.19 -30.15
CA MET H 360 -40.69 22.93 -30.26
C MET H 360 -41.40 24.07 -30.96
N PHE H 361 -41.20 25.31 -30.49
CA PHE H 361 -41.72 26.46 -31.23
C PHE H 361 -40.65 27.55 -31.32
N LEU H 362 -39.70 27.34 -32.23
CA LEU H 362 -38.93 28.39 -32.89
C LEU H 362 -38.68 28.09 -34.35
N CYS H 363 -38.88 26.86 -34.81
CA CYS H 363 -38.65 26.48 -36.19
C CYS H 363 -39.53 25.30 -36.54
N GLY H 364 -39.72 25.09 -37.83
CA GLY H 364 -40.55 23.99 -38.29
C GLY H 364 -39.87 22.66 -38.14
N ALA H 365 -40.61 21.60 -38.46
CA ALA H 365 -40.06 20.26 -38.39
C ALA H 365 -38.92 20.11 -39.40
N GLY H 366 -38.14 19.04 -39.21
CA GLY H 366 -36.96 18.81 -40.02
C GLY H 366 -35.74 19.61 -39.60
N TYR H 367 -35.93 20.74 -38.93
CA TYR H 367 -34.83 21.55 -38.44
C TYR H 367 -35.13 21.96 -37.00
N ARG H 368 -34.07 22.08 -36.21
CA ARG H 368 -34.25 22.38 -34.80
C ARG H 368 -32.91 22.81 -34.22
N VAL H 369 -32.96 23.42 -33.05
CA VAL H 369 -31.75 23.95 -32.43
C VAL H 369 -30.97 22.82 -31.80
N ILE H 370 -29.67 22.80 -32.05
CA ILE H 370 -28.75 21.79 -31.53
C ILE H 370 -27.55 22.53 -30.98
N PHE H 371 -26.88 21.91 -30.01
CA PHE H 371 -25.62 22.42 -29.50
C PHE H 371 -24.56 21.34 -29.60
N ASP H 372 -23.34 21.75 -29.97
CA ASP H 372 -22.26 20.82 -30.26
C ASP H 372 -21.65 20.32 -28.95
N ARG H 373 -21.77 19.01 -28.70
CA ARG H 373 -21.20 18.43 -27.50
C ARG H 373 -19.68 18.54 -27.50
N ASP H 374 -19.06 18.47 -28.67
CA ASP H 374 -17.60 18.57 -28.74
C ASP H 374 -17.10 19.97 -28.40
N SER H 375 -17.98 20.92 -28.15
CA SER H 375 -17.57 22.20 -27.60
C SER H 375 -17.37 22.16 -26.10
N ILE H 376 -17.79 21.08 -25.45
CA ILE H 376 -17.54 20.92 -24.02
C ILE H 376 -16.12 20.41 -23.82
N PRO H 377 -15.28 21.11 -23.05
CA PRO H 377 -13.88 20.70 -22.95
C PRO H 377 -13.67 19.41 -22.17
N ALA H 378 -14.62 18.99 -21.35
CA ALA H 378 -14.41 17.80 -20.53
C ALA H 378 -14.65 16.50 -21.30
N LEU H 379 -15.42 16.56 -22.39
CA LEU H 379 -15.82 15.36 -23.12
C LEU H 379 -14.92 15.04 -24.30
N ARG H 380 -13.89 15.85 -24.55
CA ARG H 380 -13.12 15.72 -25.78
C ARG H 380 -12.36 14.41 -25.83
N LYS H 381 -11.67 14.06 -24.75
CA LYS H 381 -10.91 12.81 -24.70
C LYS H 381 -11.83 11.61 -24.91
N SER H 382 -12.98 11.60 -24.24
CA SER H 382 -13.91 10.49 -24.38
C SER H 382 -14.41 10.38 -25.81
N ARG H 383 -14.79 11.52 -26.41
CA ARG H 383 -15.24 11.48 -27.80
C ARG H 383 -14.15 10.92 -28.72
N ALA H 384 -12.91 11.33 -28.51
CA ALA H 384 -11.83 10.86 -29.38
C ALA H 384 -11.61 9.36 -29.22
N ASP H 385 -11.61 8.86 -27.99
CA ASP H 385 -11.40 7.43 -27.79
C ASP H 385 -12.54 6.62 -28.38
N ILE H 386 -13.78 7.09 -28.19
CA ILE H 386 -14.93 6.40 -28.77
C ILE H 386 -14.82 6.38 -30.29
N ALA H 387 -14.43 7.51 -30.88
CA ALA H 387 -14.32 7.59 -32.33
C ALA H 387 -13.28 6.59 -32.85
N ALA H 388 -12.13 6.51 -32.19
CA ALA H 388 -11.11 5.56 -32.61
C ALA H 388 -11.61 4.12 -32.50
N THR H 389 -12.20 3.78 -31.35
CA THR H 389 -12.68 2.42 -31.15
C THR H 389 -13.69 2.03 -32.22
N TYR H 390 -14.63 2.94 -32.52
CA TYR H 390 -15.58 2.67 -33.61
C TYR H 390 -14.87 2.55 -34.95
N ASP H 391 -13.83 3.36 -35.17
CA ASP H 391 -13.02 3.20 -36.37
C ASP H 391 -12.52 1.78 -36.52
N LYS H 392 -12.19 1.13 -35.42
CA LYS H 392 -11.65 -0.23 -35.53
C LYS H 392 -12.68 -1.25 -36.01
N VAL H 393 -13.98 -0.96 -35.88
CA VAL H 393 -15.00 -1.94 -36.27
C VAL H 393 -15.17 -1.93 -37.80
N THR H 394 -15.65 -3.07 -38.32
CA THR H 394 -15.90 -3.18 -39.76
C THR H 394 -17.34 -3.51 -40.13
N PHE H 395 -18.08 -4.24 -39.28
CA PHE H 395 -19.40 -4.68 -39.71
C PHE H 395 -20.42 -3.56 -39.56
N ILE H 396 -20.05 -2.36 -40.00
CA ILE H 396 -20.87 -1.17 -39.84
C ILE H 396 -20.50 -0.20 -40.96
N THR H 397 -21.50 0.29 -41.67
CA THR H 397 -21.22 1.23 -42.75
C THR H 397 -20.72 2.55 -42.19
N GLU H 398 -20.15 3.36 -43.08
CA GLU H 398 -19.48 4.58 -42.63
C GLU H 398 -20.47 5.60 -42.08
N GLU H 399 -21.65 5.70 -42.69
CA GLU H 399 -22.59 6.75 -42.29
C GLU H 399 -23.08 6.53 -40.87
N GLU H 400 -23.29 5.28 -40.45
CA GLU H 400 -23.71 5.05 -39.08
C GLU H 400 -22.55 5.18 -38.10
N LYS H 401 -21.34 4.78 -38.49
CA LYS H 401 -20.16 5.08 -37.69
C LYS H 401 -20.05 6.58 -37.44
N ARG H 402 -20.42 7.38 -38.42
CA ARG H 402 -20.45 8.83 -38.21
C ARG H 402 -21.57 9.20 -37.24
N GLU H 403 -22.81 8.87 -37.60
CA GLU H 403 -23.96 9.38 -36.87
C GLU H 403 -24.00 8.90 -35.42
N VAL H 404 -23.30 7.81 -35.09
CA VAL H 404 -23.26 7.38 -33.70
C VAL H 404 -22.34 8.26 -32.85
N THR H 405 -21.59 9.15 -33.48
CA THR H 405 -20.66 10.03 -32.77
C THR H 405 -20.78 11.46 -33.29
N GLY H 406 -22.01 11.95 -33.42
CA GLY H 406 -22.17 13.24 -34.06
C GLY H 406 -22.01 13.12 -35.56
N TRP H 407 -21.38 14.13 -36.17
CA TRP H 407 -20.96 14.08 -37.56
C TRP H 407 -22.09 13.63 -38.48
N PRO H 408 -23.07 14.50 -38.76
CA PRO H 408 -24.31 14.06 -39.41
C PRO H 408 -24.11 13.34 -40.73
N ALA H 409 -23.48 14.00 -41.70
CA ALA H 409 -23.30 13.41 -43.02
C ALA H 409 -22.27 14.19 -43.83
N PRO I 16 -59.85 -15.49 -32.13
CA PRO I 16 -59.05 -14.73 -31.16
C PRO I 16 -59.75 -14.45 -29.84
N ALA I 17 -59.96 -13.18 -29.53
CA ALA I 17 -60.24 -12.73 -28.16
C ALA I 17 -61.43 -13.46 -27.55
N PRO I 18 -61.26 -14.12 -26.39
CA PRO I 18 -62.34 -14.96 -25.85
C PRO I 18 -63.25 -14.26 -24.87
N SER I 19 -62.88 -13.05 -24.44
CA SER I 19 -63.66 -12.16 -23.58
C SER I 19 -63.89 -12.69 -22.18
N ALA I 20 -63.41 -13.88 -21.82
CA ALA I 20 -63.70 -14.50 -20.53
C ALA I 20 -62.39 -14.78 -19.79
N ASN I 21 -61.95 -13.82 -18.98
CA ASN I 21 -60.72 -13.92 -18.21
C ASN I 21 -61.03 -14.42 -16.80
N PRO I 22 -60.02 -14.91 -16.07
CA PRO I 22 -60.28 -15.44 -14.73
C PRO I 22 -60.24 -14.40 -13.63
N ALA I 23 -60.36 -13.13 -13.98
CA ALA I 23 -60.34 -12.06 -12.99
C ALA I 23 -61.72 -11.67 -12.51
N LYS I 24 -62.75 -12.41 -12.92
CA LYS I 24 -64.11 -12.21 -12.42
C LYS I 24 -64.25 -12.62 -10.97
N ILE I 25 -63.16 -13.07 -10.34
CA ILE I 25 -63.18 -13.50 -8.96
C ILE I 25 -63.46 -12.35 -8.00
N PHE I 26 -63.30 -11.12 -8.46
CA PHE I 26 -63.37 -9.97 -7.56
C PHE I 26 -64.58 -9.06 -7.81
N ILE I 27 -65.01 -8.91 -9.06
CA ILE I 27 -66.19 -8.10 -9.38
C ILE I 27 -67.47 -8.71 -8.79
N ARG I 28 -67.46 -10.01 -8.52
CA ARG I 28 -68.66 -10.69 -8.02
C ARG I 28 -69.18 -10.07 -6.73
N ARG I 29 -68.34 -10.03 -5.69
CA ARG I 29 -68.61 -9.52 -4.35
C ARG I 29 -67.46 -8.72 -3.77
N PHE I 30 -66.21 -9.16 -4.03
CA PHE I 30 -65.06 -8.42 -3.53
C PHE I 30 -65.05 -7.00 -4.06
N PHE I 31 -65.69 -6.75 -5.20
CA PHE I 31 -65.88 -5.42 -5.74
C PHE I 31 -67.34 -5.22 -6.12
N SER I 32 -67.62 -4.07 -6.72
CA SER I 32 -68.94 -3.75 -7.24
C SER I 32 -68.79 -2.94 -8.51
N ALA I 33 -69.63 -3.22 -9.50
CA ALA I 33 -69.51 -2.60 -10.80
C ALA I 33 -70.18 -1.23 -10.82
N GLY I 34 -69.81 -0.43 -11.83
CA GLY I 34 -70.37 0.88 -12.03
C GLY I 34 -70.27 1.79 -10.82
N VAL I 35 -69.05 2.03 -10.36
CA VAL I 35 -68.84 2.92 -9.22
C VAL I 35 -67.73 3.93 -9.45
N ALA I 36 -66.84 3.74 -10.43
CA ALA I 36 -65.74 4.65 -10.72
C ALA I 36 -64.83 4.83 -9.51
N LYS I 37 -64.28 3.71 -9.04
CA LYS I 37 -63.36 3.74 -7.92
C LYS I 37 -62.06 4.42 -8.31
N ASN I 38 -61.51 5.20 -7.39
CA ASN I 38 -60.25 5.88 -7.64
C ASN I 38 -59.10 4.87 -7.64
N VAL I 39 -58.00 5.27 -8.26
CA VAL I 39 -56.91 4.33 -8.51
C VAL I 39 -55.88 4.26 -7.39
N VAL I 40 -55.79 5.29 -6.55
CA VAL I 40 -54.80 5.34 -5.48
C VAL I 40 -55.44 5.87 -4.22
N SER I 41 -55.09 5.26 -3.09
CA SER I 41 -55.59 5.73 -1.80
C SER I 41 -55.11 7.14 -1.52
N TYR I 42 -55.96 7.92 -0.86
CA TYR I 42 -55.60 9.31 -0.55
C TYR I 42 -54.33 9.38 0.28
N SER I 43 -54.14 8.43 1.19
CA SER I 43 -52.90 8.39 1.98
C SER I 43 -51.68 8.32 1.07
N ASN I 44 -51.76 7.50 0.02
CA ASN I 44 -50.64 7.40 -0.91
C ASN I 44 -50.40 8.72 -1.63
N VAL I 45 -51.48 9.42 -1.98
CA VAL I 45 -51.33 10.71 -2.65
C VAL I 45 -50.63 11.71 -1.74
N MET I 46 -51.07 11.78 -0.48
CA MET I 46 -50.43 12.71 0.46
C MET I 46 -48.97 12.32 0.71
N ALA I 47 -48.68 11.02 0.77
CA ALA I 47 -47.31 10.59 0.99
C ALA I 47 -46.42 10.98 -0.18
N ALA I 48 -46.91 10.77 -1.41
CA ALA I 48 -46.14 11.20 -2.57
C ALA I 48 -46.01 12.71 -2.62
N GLN I 49 -46.99 13.43 -2.08
CA GLN I 49 -46.92 14.89 -2.08
C GLN I 49 -45.84 15.38 -1.15
N ARG I 50 -45.90 14.99 0.13
CA ARG I 50 -44.90 15.46 1.08
C ARG I 50 -43.54 14.82 0.86
N ALA I 51 -43.49 13.71 0.11
CA ALA I 51 -42.20 13.14 -0.26
C ALA I 51 -41.52 13.94 -1.36
N MET I 52 -42.23 14.89 -1.99
CA MET I 52 -41.61 15.76 -2.99
C MET I 52 -40.94 16.96 -2.37
N GLU I 53 -41.12 17.20 -1.07
CA GLU I 53 -40.42 18.27 -0.38
C GLU I 53 -39.26 17.75 0.46
N HIS I 54 -39.29 16.48 0.84
CA HIS I 54 -38.21 15.91 1.61
C HIS I 54 -36.91 15.98 0.81
N PRO I 55 -35.78 16.27 1.44
CA PRO I 55 -34.53 16.41 0.69
C PRO I 55 -34.14 15.17 -0.10
N VAL I 56 -33.96 14.06 0.61
CA VAL I 56 -33.45 12.85 -0.03
C VAL I 56 -34.46 12.28 -1.01
N ALA I 57 -35.74 12.26 -0.62
CA ALA I 57 -36.74 11.67 -1.48
C ALA I 57 -36.88 12.46 -2.78
N PHE I 58 -36.89 13.78 -2.69
CA PHE I 58 -36.98 14.59 -3.91
C PHE I 58 -35.74 14.44 -4.76
N ARG I 59 -34.56 14.43 -4.14
CA ARG I 59 -33.33 14.23 -4.90
C ARG I 59 -33.40 12.93 -5.70
N CYS I 60 -33.79 11.84 -5.05
CA CYS I 60 -33.87 10.55 -5.75
C CYS I 60 -34.95 10.56 -6.83
N LEU I 61 -36.10 11.15 -6.54
CA LEU I 61 -37.20 11.15 -7.50
C LEU I 61 -36.82 11.91 -8.76
N ASP I 62 -36.30 13.13 -8.61
CA ASP I 62 -35.94 13.85 -9.83
C ASP I 62 -34.69 13.28 -10.47
N LYS I 63 -33.85 12.55 -9.73
CA LYS I 63 -32.77 11.82 -10.38
C LYS I 63 -33.31 10.79 -11.35
N LEU I 64 -34.24 9.96 -10.87
CA LEU I 64 -34.90 8.99 -11.75
C LEU I 64 -35.56 9.68 -12.93
N GLY I 65 -36.31 10.75 -12.65
CA GLY I 65 -36.98 11.46 -13.72
C GLY I 65 -36.04 12.01 -14.77
N LEU I 66 -34.95 12.63 -14.33
CA LEU I 66 -33.98 13.19 -15.27
C LEU I 66 -33.33 12.10 -16.10
N THR I 67 -32.91 11.01 -15.45
CA THR I 67 -32.27 9.93 -16.18
C THR I 67 -33.18 9.37 -17.24
N VAL I 68 -34.44 9.11 -16.91
CA VAL I 68 -35.37 8.56 -17.90
C VAL I 68 -35.64 9.58 -18.99
N GLN I 69 -35.80 10.85 -18.61
CA GLN I 69 -36.14 11.91 -19.55
C GLN I 69 -35.08 12.13 -20.62
N SER I 70 -33.87 11.62 -20.43
CA SER I 70 -32.79 11.88 -21.36
C SER I 70 -32.79 10.96 -22.57
N VAL I 71 -33.50 9.86 -22.53
CA VAL I 71 -33.38 8.84 -23.57
C VAL I 71 -34.23 9.25 -24.77
N LYS I 72 -33.78 8.84 -25.96
CA LYS I 72 -34.40 9.27 -27.20
C LYS I 72 -35.31 8.17 -27.75
N TRP I 73 -36.47 8.58 -28.24
CA TRP I 73 -37.47 7.68 -28.81
C TRP I 73 -37.29 7.52 -30.31
N ASP I 74 -37.96 6.49 -30.85
CA ASP I 74 -38.29 6.34 -32.25
C ASP I 74 -39.12 5.07 -32.40
N VAL I 75 -39.93 5.04 -33.44
CA VAL I 75 -40.64 3.82 -33.81
C VAL I 75 -39.76 3.05 -34.79
N GLY I 76 -39.82 1.73 -34.72
CA GLY I 76 -38.96 0.92 -35.57
C GLY I 76 -39.48 -0.50 -35.67
N LYS I 77 -38.93 -1.20 -36.66
CA LYS I 77 -39.26 -2.61 -36.85
C LYS I 77 -38.90 -3.41 -35.60
N ASP I 78 -39.78 -4.32 -35.21
CA ASP I 78 -39.33 -5.00 -34.01
C ASP I 78 -38.49 -6.23 -34.37
N PRO I 79 -37.56 -6.60 -33.49
CA PRO I 79 -36.70 -7.76 -33.81
C PRO I 79 -37.46 -9.07 -33.94
N GLN I 80 -38.34 -9.37 -32.99
CA GLN I 80 -39.14 -10.60 -33.05
C GLN I 80 -40.35 -10.41 -33.96
N ASN I 81 -40.04 -10.06 -35.22
CA ASN I 81 -41.06 -9.88 -36.24
C ASN I 81 -41.29 -11.23 -36.93
N THR I 82 -42.04 -12.09 -36.24
CA THR I 82 -42.58 -13.27 -36.88
C THR I 82 -43.81 -12.95 -37.71
N GLN I 83 -44.47 -11.83 -37.42
CA GLN I 83 -45.72 -11.41 -38.05
C GLN I 83 -45.40 -10.81 -39.41
N VAL I 84 -45.31 -11.68 -40.42
CA VAL I 84 -45.04 -11.19 -41.77
C VAL I 84 -46.17 -10.31 -42.27
N GLY I 85 -47.38 -10.52 -41.75
CA GLY I 85 -48.47 -9.60 -41.99
C GLY I 85 -48.33 -8.37 -41.13
N ASP I 86 -47.38 -7.51 -41.48
CA ASP I 86 -46.98 -6.39 -40.62
C ASP I 86 -48.18 -5.52 -40.25
N GLY I 87 -48.25 -5.18 -38.96
CA GLY I 87 -49.32 -4.39 -38.40
C GLY I 87 -49.12 -2.90 -38.42
N GLY I 88 -48.07 -2.41 -39.09
CA GLY I 88 -47.94 -0.99 -39.33
C GLY I 88 -48.95 -0.59 -40.38
N MET I 89 -50.22 -0.62 -39.98
CA MET I 89 -51.38 -0.70 -40.87
C MET I 89 -51.29 0.17 -42.12
N SER I 90 -50.76 1.38 -41.99
CA SER I 90 -50.75 2.31 -43.11
C SER I 90 -49.35 2.70 -43.56
N ALA I 91 -48.36 2.69 -42.67
CA ALA I 91 -47.04 3.29 -42.83
C ALA I 91 -47.10 4.80 -42.90
N SER I 92 -48.29 5.39 -42.91
CA SER I 92 -48.51 6.80 -42.64
C SER I 92 -48.92 7.05 -41.20
N GLN I 93 -49.72 6.15 -40.64
CA GLN I 93 -49.95 6.16 -39.20
C GLN I 93 -48.62 6.04 -38.46
N ARG I 94 -47.68 5.28 -38.99
CA ARG I 94 -46.39 5.13 -38.33
C ARG I 94 -45.60 6.42 -38.38
N LYS I 95 -45.64 7.13 -39.51
CA LYS I 95 -44.99 8.43 -39.58
C LYS I 95 -45.64 9.41 -38.61
N ALA I 96 -46.97 9.39 -38.52
CA ALA I 96 -47.66 10.26 -37.58
C ALA I 96 -47.28 9.93 -36.14
N LEU I 97 -47.15 8.63 -35.84
CA LEU I 97 -46.78 8.23 -34.49
C LEU I 97 -45.36 8.66 -34.16
N GLN I 98 -44.45 8.58 -35.14
CA GLN I 98 -43.12 9.14 -34.95
C GLN I 98 -43.20 10.63 -34.63
N GLN I 99 -43.92 11.38 -35.47
CA GLN I 99 -44.11 12.81 -35.23
C GLN I 99 -44.58 13.07 -33.82
N ILE I 100 -45.60 12.34 -33.38
CA ILE I 100 -46.20 12.60 -32.07
C ILE I 100 -45.25 12.19 -30.95
N LEU I 101 -44.50 11.10 -31.14
CA LEU I 101 -43.53 10.69 -30.15
C LEU I 101 -42.44 11.72 -29.98
N GLN I 102 -42.13 12.48 -31.03
CA GLN I 102 -41.18 13.57 -30.87
C GLN I 102 -41.86 14.87 -30.46
N ARG I 103 -43.09 15.10 -30.88
CA ARG I 103 -43.85 16.27 -30.48
C ARG I 103 -45.28 15.86 -30.11
N PRO I 104 -45.52 15.61 -28.84
CA PRO I 104 -46.90 15.38 -28.37
C PRO I 104 -47.69 16.68 -28.40
N ASN I 105 -48.86 16.68 -27.75
CA ASN I 105 -49.73 17.83 -27.63
C ASN I 105 -48.94 19.13 -27.48
N PRO I 106 -49.37 20.20 -28.16
CA PRO I 106 -48.65 21.48 -28.04
C PRO I 106 -48.44 21.91 -26.60
N THR I 107 -47.43 22.76 -26.38
CA THR I 107 -47.03 23.21 -25.04
C THR I 107 -46.55 22.05 -24.17
N MET I 108 -46.00 21.01 -24.79
CA MET I 108 -45.33 19.92 -24.09
C MET I 108 -44.56 19.08 -25.10
N SER I 109 -43.32 18.77 -24.77
CA SER I 109 -42.43 18.01 -25.63
C SER I 109 -42.35 16.57 -25.15
N GLY I 110 -41.78 15.71 -25.99
CA GLY I 110 -41.68 14.30 -25.64
C GLY I 110 -40.85 14.08 -24.39
N ALA I 111 -39.81 14.88 -24.19
CA ALA I 111 -38.96 14.74 -23.02
C ALA I 111 -39.75 14.94 -21.74
N GLN I 112 -40.59 15.98 -21.71
CA GLN I 112 -41.39 16.22 -20.51
C GLN I 112 -42.43 15.14 -20.32
N LEU I 113 -42.95 14.56 -21.40
CA LEU I 113 -43.84 13.42 -21.28
C LEU I 113 -43.12 12.26 -20.59
N ARG I 114 -41.91 11.95 -21.04
CA ARG I 114 -41.14 10.88 -20.41
C ARG I 114 -40.89 11.18 -18.94
N TYR I 115 -40.55 12.43 -18.63
CA TYR I 115 -40.25 12.79 -17.24
C TYR I 115 -41.47 12.60 -16.36
N SER I 116 -42.61 13.16 -16.77
CA SER I 116 -43.82 13.04 -15.96
C SER I 116 -44.25 11.58 -15.82
N ALA I 117 -44.14 10.81 -16.92
CA ALA I 117 -44.55 9.42 -16.87
C ALA I 117 -43.69 8.63 -15.89
N ALA I 118 -42.37 8.77 -15.99
CA ALA I 118 -41.48 8.04 -15.09
C ALA I 118 -41.69 8.47 -13.65
N LEU I 119 -41.90 9.77 -13.42
CA LEU I 119 -42.11 10.25 -12.07
C LEU I 119 -43.37 9.66 -11.45
N SER I 120 -44.48 9.72 -12.18
CA SER I 120 -45.73 9.16 -11.65
C SER I 120 -45.63 7.65 -11.50
N TRP I 121 -44.85 6.99 -12.36
CA TRP I 121 -44.64 5.56 -12.22
C TRP I 121 -43.87 5.25 -10.94
N ALA I 122 -42.90 6.10 -10.60
CA ALA I 122 -42.13 5.86 -9.39
C ALA I 122 -42.95 6.13 -8.14
N CYS I 123 -43.81 7.16 -8.18
CA CYS I 123 -44.54 7.52 -6.97
C CYS I 123 -45.73 6.60 -6.72
N PHE I 124 -46.50 6.26 -7.75
CA PHE I 124 -47.73 5.50 -7.56
C PHE I 124 -47.72 4.13 -8.20
N GLY I 125 -46.78 3.84 -9.08
CA GLY I 125 -46.82 2.57 -9.78
C GLY I 125 -47.88 2.50 -10.85
N ARG I 126 -48.27 3.64 -11.42
CA ARG I 126 -49.26 3.70 -12.47
C ARG I 126 -48.81 4.69 -13.54
N MET I 127 -49.31 4.48 -14.74
CA MET I 127 -49.06 5.37 -15.87
C MET I 127 -50.34 5.47 -16.68
N ALA I 128 -50.81 6.68 -16.93
CA ALA I 128 -52.05 6.89 -17.67
C ALA I 128 -51.84 7.92 -18.76
N PHE I 129 -52.62 7.80 -19.84
CA PHE I 129 -52.45 8.65 -21.00
C PHE I 129 -53.79 8.80 -21.71
N LYS I 130 -53.79 9.64 -22.74
CA LYS I 130 -54.98 9.87 -23.55
C LYS I 130 -54.56 10.20 -24.96
N VAL I 131 -55.22 9.60 -25.95
CA VAL I 131 -54.86 9.77 -27.35
C VAL I 131 -56.05 10.34 -28.10
N SER I 132 -55.78 10.93 -29.26
CA SER I 132 -56.79 11.65 -30.03
C SER I 132 -56.72 11.26 -31.50
N VAL I 133 -56.64 9.95 -31.78
CA VAL I 133 -56.53 9.47 -33.16
C VAL I 133 -57.65 10.07 -34.00
N MET I 134 -57.28 10.63 -35.16
CA MET I 134 -58.22 11.46 -35.92
C MET I 134 -59.39 10.66 -36.49
N SER I 135 -59.16 9.86 -37.55
CA SER I 135 -60.22 8.98 -38.03
C SER I 135 -59.68 7.67 -38.59
N ASP I 136 -58.36 7.55 -38.71
CA ASP I 136 -57.77 6.43 -39.44
C ASP I 136 -56.53 5.91 -38.72
N GLY I 137 -56.61 5.78 -37.40
CA GLY I 137 -55.47 5.36 -36.63
C GLY I 137 -54.34 6.35 -36.57
N SER I 138 -54.50 7.53 -37.17
CA SER I 138 -53.48 8.57 -37.13
C SER I 138 -53.63 9.32 -35.82
N VAL I 139 -52.73 9.05 -34.88
CA VAL I 139 -52.82 9.71 -33.57
C VAL I 139 -52.56 11.20 -33.74
N ASN I 140 -53.38 12.01 -33.07
CA ASN I 140 -53.25 13.46 -33.22
C ASN I 140 -52.35 14.05 -32.14
N ALA I 141 -52.53 13.63 -30.89
CA ALA I 141 -51.75 14.13 -29.78
C ALA I 141 -51.97 13.20 -28.59
N ILE I 142 -51.05 13.27 -27.62
CA ILE I 142 -51.10 12.42 -26.44
C ILE I 142 -50.98 13.30 -25.20
N TRP I 143 -51.83 13.05 -24.21
CA TRP I 143 -51.81 13.79 -22.97
C TRP I 143 -51.60 12.84 -21.79
N PRO I 144 -50.73 13.19 -20.85
CA PRO I 144 -50.65 12.42 -19.61
C PRO I 144 -51.81 12.74 -18.69
N LEU I 145 -52.14 11.77 -17.84
CA LEU I 145 -53.27 11.86 -16.93
C LEU I 145 -52.75 11.92 -15.50
N GLY I 146 -53.27 12.87 -14.73
CA GLY I 146 -52.89 12.95 -13.33
C GLY I 146 -53.43 11.77 -12.54
N ILE I 147 -52.53 10.90 -12.10
CA ILE I 147 -52.96 9.72 -11.34
C ILE I 147 -53.74 10.07 -10.08
N PRO I 148 -53.39 11.09 -9.29
CA PRO I 148 -54.13 11.35 -8.05
C PRO I 148 -55.64 11.44 -8.23
N PHE I 149 -56.11 12.22 -9.20
CA PHE I 149 -57.53 12.43 -9.40
C PHE I 149 -58.06 11.76 -10.67
N LEU I 150 -57.57 10.56 -10.96
CA LEU I 150 -58.09 9.76 -12.05
C LEU I 150 -58.82 8.54 -11.48
N LYS I 151 -60.10 8.42 -11.80
CA LYS I 151 -60.92 7.30 -11.38
C LYS I 151 -61.26 6.43 -12.58
N GLN I 152 -61.49 5.16 -12.33
CA GLN I 152 -61.78 4.22 -13.40
C GLN I 152 -62.95 3.33 -12.99
N LYS I 153 -63.66 2.84 -14.00
CA LYS I 153 -64.86 2.02 -13.79
C LYS I 153 -64.68 0.68 -14.50
N PHE I 154 -65.12 -0.37 -13.84
CA PHE I 154 -64.91 -1.74 -14.30
C PHE I 154 -66.10 -2.25 -15.09
N ASP I 155 -65.88 -3.35 -15.81
CA ASP I 155 -66.93 -4.04 -16.54
C ASP I 155 -67.60 -5.07 -15.62
N ARG I 156 -68.39 -5.95 -16.21
CA ARG I 156 -68.94 -7.08 -15.47
C ARG I 156 -68.03 -8.29 -15.46
N TYR I 157 -67.20 -8.47 -16.49
CA TYR I 157 -66.38 -9.69 -16.54
C TYR I 157 -65.09 -9.54 -15.73
N GLY I 158 -64.13 -8.75 -16.22
CA GLY I 158 -62.89 -8.64 -15.50
C GLY I 158 -62.04 -7.39 -15.63
N ASP I 159 -62.51 -6.35 -16.29
CA ASP I 159 -61.59 -5.29 -16.70
C ASP I 159 -62.29 -3.95 -16.74
N VAL I 160 -61.50 -2.92 -17.05
CA VAL I 160 -61.99 -1.55 -17.09
C VAL I 160 -62.66 -1.28 -18.42
N GLU I 161 -63.62 -0.35 -18.41
CA GLU I 161 -64.22 0.16 -19.63
C GLU I 161 -64.02 1.65 -19.83
N SER I 162 -64.07 2.44 -18.76
CA SER I 162 -64.01 3.89 -18.91
C SER I 162 -63.24 4.49 -17.75
N PHE I 163 -62.71 5.69 -17.98
CA PHE I 163 -61.96 6.43 -16.98
C PHE I 163 -62.66 7.75 -16.71
N GLN I 164 -62.92 8.04 -15.45
CA GLN I 164 -63.46 9.32 -15.04
C GLN I 164 -62.32 10.18 -14.51
N TYR I 165 -62.27 11.43 -14.96
CA TYR I 165 -61.15 12.32 -14.67
C TYR I 165 -61.72 13.62 -14.09
N GLY I 166 -61.69 13.75 -12.77
CA GLY I 166 -62.28 14.90 -12.12
C GLY I 166 -63.54 14.55 -11.36
N ASP I 167 -63.92 15.44 -10.43
CA ASP I 167 -65.03 15.16 -9.53
C ASP I 167 -66.39 15.53 -10.14
N GLU I 168 -66.62 16.81 -10.43
CA GLU I 168 -68.05 17.14 -10.63
C GLU I 168 -68.37 17.92 -11.89
N ALA I 169 -67.67 19.02 -12.17
CA ALA I 169 -68.06 19.85 -13.31
C ALA I 169 -67.79 19.15 -14.62
N GLY I 170 -66.52 18.98 -14.96
CA GLY I 170 -66.14 18.22 -16.14
C GLY I 170 -66.10 16.74 -15.79
N LYS I 171 -66.74 15.92 -16.63
CA LYS I 171 -67.00 14.53 -16.30
C LYS I 171 -66.78 13.60 -17.48
N GLU I 172 -65.65 13.73 -18.19
CA GLU I 172 -65.46 12.95 -19.41
C GLU I 172 -65.09 11.52 -19.05
N THR I 173 -65.96 10.58 -19.41
CA THR I 173 -65.69 9.16 -19.24
C THR I 173 -64.99 8.64 -20.49
N ILE I 174 -63.68 8.87 -20.54
CA ILE I 174 -62.91 8.42 -21.71
C ILE I 174 -62.95 6.90 -21.77
N PRO I 175 -63.26 6.29 -22.91
CA PRO I 175 -63.29 4.84 -22.99
C PRO I 175 -61.91 4.24 -22.90
N SER I 176 -61.85 3.01 -22.40
CA SER I 176 -60.59 2.27 -22.37
C SER I 176 -60.26 1.74 -23.75
N PHE I 177 -59.02 1.28 -23.92
CA PHE I 177 -58.62 0.74 -25.22
C PHE I 177 -59.37 -0.53 -25.56
N THR I 178 -59.81 -1.27 -24.54
CA THR I 178 -60.54 -2.52 -24.79
C THR I 178 -61.81 -2.25 -25.59
N LYS I 179 -62.67 -1.39 -25.07
CA LYS I 179 -63.91 -1.04 -25.76
C LYS I 179 -63.74 0.36 -26.36
N VAL I 180 -63.70 0.42 -27.68
CA VAL I 180 -63.64 1.68 -28.41
C VAL I 180 -63.94 1.35 -29.86
N GLU I 181 -64.48 2.32 -30.60
CA GLU I 181 -64.82 2.07 -32.00
C GLU I 181 -63.55 1.77 -32.77
N LYS I 182 -63.35 0.51 -33.14
CA LYS I 182 -62.13 0.07 -33.80
C LYS I 182 -62.24 0.26 -35.30
N ASN I 183 -61.09 0.36 -35.95
CA ASN I 183 -61.04 0.31 -37.41
C ASN I 183 -61.27 -1.12 -37.88
N ASP I 184 -61.50 -1.26 -39.18
CA ASP I 184 -61.71 -2.60 -39.73
C ASP I 184 -60.44 -3.44 -39.61
N LYS I 185 -59.29 -2.81 -39.38
CA LYS I 185 -58.06 -3.54 -39.07
C LYS I 185 -57.91 -3.84 -37.60
N GLY I 186 -58.42 -2.99 -36.71
CA GLY I 186 -58.26 -3.19 -35.29
C GLY I 186 -57.88 -1.92 -34.55
N ARG I 187 -57.33 -0.95 -35.27
CA ARG I 187 -56.95 0.31 -34.65
C ARG I 187 -58.20 1.07 -34.20
N PRO I 188 -58.11 1.83 -33.11
CA PRO I 188 -59.27 2.61 -32.66
C PRO I 188 -59.58 3.77 -33.59
N ILE I 189 -60.74 4.36 -33.38
CA ILE I 189 -61.18 5.52 -34.15
C ILE I 189 -61.41 6.76 -33.28
N LYS I 190 -61.72 6.60 -32.00
CA LYS I 190 -61.96 7.72 -31.10
C LYS I 190 -60.94 7.70 -29.97
N ASN I 191 -61.08 8.65 -29.05
CA ASN I 191 -60.12 8.79 -27.95
C ASN I 191 -60.18 7.60 -27.00
N TYR I 192 -59.10 7.42 -26.23
CA TYR I 192 -59.05 6.36 -25.23
C TYR I 192 -57.91 6.66 -24.26
N ALA I 193 -57.73 5.75 -23.29
CA ALA I 193 -56.74 5.91 -22.23
C ALA I 193 -56.03 4.58 -22.01
N PHE I 194 -54.95 4.61 -21.22
CA PHE I 194 -54.07 3.44 -21.08
C PHE I 194 -54.14 2.81 -19.69
N MET I 195 -53.78 3.56 -18.65
CA MET I 195 -53.61 3.03 -17.30
C MET I 195 -52.68 1.81 -17.29
N ILE I 196 -51.41 2.08 -17.60
CA ILE I 196 -50.37 1.07 -17.42
C ILE I 196 -50.16 0.83 -15.93
N VAL I 197 -50.14 -0.44 -15.51
CA VAL I 197 -50.12 -0.80 -14.11
C VAL I 197 -48.95 -1.75 -13.84
N LYS I 198 -48.37 -1.63 -12.63
CA LYS I 198 -47.29 -2.46 -12.14
C LYS I 198 -47.86 -3.61 -11.33
N PRO I 199 -47.45 -4.85 -11.61
CA PRO I 199 -48.07 -6.00 -10.93
C PRO I 199 -47.66 -6.09 -9.47
N SER I 200 -48.37 -6.95 -8.75
CA SER I 200 -48.08 -7.21 -7.34
C SER I 200 -48.51 -8.64 -7.02
N ILE I 201 -48.50 -8.96 -5.73
CA ILE I 201 -48.86 -10.31 -5.28
C ILE I 201 -50.35 -10.51 -5.51
N ASN I 202 -50.81 -11.76 -5.35
CA ASN I 202 -52.23 -12.12 -5.38
C ASN I 202 -52.93 -11.60 -6.64
N GLY I 203 -52.17 -11.43 -7.72
CA GLY I 203 -52.74 -11.01 -8.99
C GLY I 203 -53.59 -9.77 -8.90
N ALA I 204 -54.89 -9.92 -9.15
CA ALA I 204 -55.86 -8.83 -9.10
C ALA I 204 -55.44 -7.68 -10.00
N MET I 205 -55.19 -8.02 -11.27
CA MET I 205 -54.46 -7.20 -12.23
C MET I 205 -54.71 -5.71 -12.09
N ASN I 206 -55.97 -5.31 -11.88
CA ASN I 206 -56.29 -3.91 -11.64
C ASN I 206 -56.92 -3.66 -10.27
N PHE I 207 -57.50 -4.68 -9.65
CA PHE I 207 -58.11 -4.55 -8.34
C PHE I 207 -57.09 -4.63 -7.22
N ASP I 208 -55.80 -4.67 -7.56
CA ASP I 208 -54.74 -4.86 -6.60
C ASP I 208 -54.25 -3.54 -6.00
N VAL I 209 -53.39 -3.65 -4.99
CA VAL I 209 -52.84 -2.49 -4.31
C VAL I 209 -51.59 -2.01 -5.04
N GLN I 210 -51.36 -0.71 -5.01
CA GLN I 210 -50.21 -0.14 -5.68
C GLN I 210 -48.93 -0.81 -5.18
N ASN I 211 -47.89 -0.75 -6.02
CA ASN I 211 -46.59 -1.34 -5.73
C ASN I 211 -45.56 -0.25 -5.99
N THR I 212 -45.27 0.54 -4.97
CA THR I 212 -44.41 1.70 -5.09
C THR I 212 -43.39 1.71 -3.97
N PRO I 213 -42.21 2.28 -4.21
CA PRO I 213 -41.21 2.39 -3.14
C PRO I 213 -41.72 3.16 -1.93
N LEU I 214 -42.64 4.11 -2.11
CA LEU I 214 -43.18 4.86 -0.98
C LEU I 214 -43.87 3.98 0.05
N GLN I 215 -44.13 2.71 -0.28
CA GLN I 215 -44.75 1.82 0.68
C GLN I 215 -43.83 1.55 1.87
N ALA I 216 -42.54 1.42 1.61
CA ALA I 216 -41.61 0.85 2.57
C ALA I 216 -40.60 1.86 3.08
N ILE I 217 -40.89 3.15 2.98
CA ILE I 217 -39.94 4.16 3.44
C ILE I 217 -40.61 5.14 4.38
N GLY I 218 -41.80 4.81 4.89
CA GLY I 218 -42.44 5.66 5.88
C GLY I 218 -41.61 5.76 7.15
N VAL I 219 -41.14 4.62 7.65
CA VAL I 219 -40.32 4.62 8.86
C VAL I 219 -39.05 5.44 8.68
N PRO I 220 -38.22 5.24 7.65
CA PRO I 220 -37.00 6.02 7.56
C PRO I 220 -37.24 7.50 7.32
N VAL I 221 -38.25 7.87 6.53
CA VAL I 221 -38.49 9.29 6.29
C VAL I 221 -38.97 9.97 7.57
N ALA I 222 -39.80 9.29 8.36
CA ALA I 222 -40.24 9.87 9.62
C ALA I 222 -39.07 10.00 10.59
N LEU I 223 -38.20 8.99 10.64
CA LEU I 223 -37.03 9.08 11.52
C LEU I 223 -36.11 10.21 11.10
N TYR I 224 -35.90 10.36 9.79
CA TYR I 224 -35.06 11.44 9.29
C TYR I 224 -35.63 12.79 9.69
N ASP I 225 -36.93 12.98 9.50
CA ASP I 225 -37.53 14.26 9.85
C ASP I 225 -37.44 14.52 11.35
N ALA I 226 -37.61 13.49 12.17
CA ALA I 226 -37.48 13.68 13.61
C ALA I 226 -36.07 14.13 13.99
N LEU I 227 -35.06 13.46 13.43
CA LEU I 227 -33.68 13.84 13.75
C LEU I 227 -33.37 15.26 13.29
N MET I 228 -33.82 15.63 12.09
CA MET I 228 -33.53 16.97 11.61
C MET I 228 -34.27 18.04 12.42
N ALA I 229 -35.48 17.74 12.89
CA ALA I 229 -36.17 18.69 13.75
C ALA I 229 -35.44 18.86 15.07
N ARG I 230 -34.94 17.76 15.65
CA ARG I 230 -34.11 17.88 16.84
C ARG I 230 -32.91 18.76 16.57
N ALA I 231 -32.25 18.57 15.43
CA ALA I 231 -31.07 19.35 15.12
C ALA I 231 -31.39 20.84 15.03
N ILE I 232 -32.45 21.18 14.30
CA ILE I 232 -32.83 22.59 14.17
C ILE I 232 -33.12 23.18 15.54
N ASP I 233 -33.95 22.50 16.33
CA ASP I 233 -34.30 23.03 17.64
C ASP I 233 -33.07 23.26 18.51
N SER I 234 -32.14 22.31 18.50
CA SER I 234 -30.96 22.45 19.34
C SER I 234 -29.95 23.45 18.79
N ALA I 235 -30.04 23.80 17.51
CA ALA I 235 -29.09 24.75 16.94
C ALA I 235 -29.26 26.13 17.54
N ASP I 236 -30.49 26.60 17.60
CA ASP I 236 -30.83 27.86 18.26
C ASP I 236 -31.65 27.56 19.51
N GLY I 237 -31.08 27.86 20.66
CA GLY I 237 -31.68 27.45 21.92
C GLY I 237 -30.62 27.01 22.91
N THR I 238 -29.51 26.49 22.39
CA THR I 238 -28.38 26.17 23.25
C THR I 238 -27.48 27.38 23.39
N PRO I 239 -27.28 27.91 24.59
CA PRO I 239 -26.41 29.08 24.75
C PRO I 239 -25.03 28.82 24.20
N ASN I 240 -24.53 29.78 23.41
CA ASN I 240 -23.25 29.60 22.72
C ASN I 240 -22.13 30.33 23.44
N SER I 241 -22.32 30.61 24.72
CA SER I 241 -21.32 31.32 25.51
C SER I 241 -20.40 30.33 26.22
N LYS I 242 -19.17 30.79 26.45
CA LYS I 242 -18.19 30.09 27.27
C LYS I 242 -17.94 30.90 28.53
N TRP I 243 -17.07 30.39 29.39
CA TRP I 243 -16.62 31.12 30.57
C TRP I 243 -17.78 31.51 31.48
N LEU I 244 -18.42 30.50 32.05
CA LEU I 244 -19.39 30.77 33.10
C LEU I 244 -18.61 31.12 34.36
N VAL I 245 -18.35 32.41 34.54
CA VAL I 245 -17.54 32.90 35.65
C VAL I 245 -18.47 33.39 36.75
N THR I 246 -18.15 33.02 38.00
CA THR I 246 -18.99 33.34 39.14
C THR I 246 -18.13 33.88 40.29
N ALA I 247 -18.55 35.02 40.84
CA ALA I 247 -17.90 35.59 42.00
C ALA I 247 -18.60 35.11 43.27
N SER I 248 -18.26 35.69 44.42
CA SER I 248 -18.80 35.28 45.70
C SER I 248 -19.83 36.28 46.20
N ARG I 249 -20.50 35.94 47.29
CA ARG I 249 -21.52 36.80 47.89
C ARG I 249 -20.90 37.80 48.85
N ASP I 250 -19.60 38.06 48.72
CA ASP I 250 -18.95 39.15 49.44
C ASP I 250 -17.99 39.78 48.45
N LEU I 251 -18.51 40.70 47.65
CA LEU I 251 -17.64 41.39 46.71
C LEU I 251 -18.05 42.83 46.46
N ASP I 252 -18.91 43.42 47.28
CA ASP I 252 -19.24 44.83 47.11
C ASP I 252 -19.76 45.10 45.70
N ASP I 253 -20.98 44.67 45.41
CA ASP I 253 -21.46 44.68 44.04
C ASP I 253 -21.37 46.10 43.50
N GLY I 254 -20.38 46.33 42.65
CA GLY I 254 -19.88 47.66 42.37
C GLY I 254 -18.38 47.64 42.13
N GLN I 255 -17.69 46.66 42.71
CA GLN I 255 -16.40 46.22 42.18
C GLN I 255 -16.50 44.85 41.53
N ALA I 256 -17.59 44.12 41.77
CA ALA I 256 -17.89 42.99 40.91
C ALA I 256 -18.08 43.44 39.47
N LYS I 257 -18.72 44.60 39.27
CA LYS I 257 -18.84 45.14 37.92
C LYS I 257 -17.47 45.48 37.35
N GLU I 258 -16.56 45.95 38.19
CA GLU I 258 -15.20 46.23 37.74
C GLU I 258 -14.49 44.96 37.31
N VAL I 259 -14.65 43.88 38.07
CA VAL I 259 -14.08 42.60 37.69
C VAL I 259 -14.67 42.11 36.38
N LYS I 260 -15.99 42.29 36.21
CA LYS I 260 -16.63 41.88 34.97
C LYS I 260 -16.10 42.65 33.78
N GLU I 261 -15.93 43.96 33.94
CA GLU I 261 -15.40 44.76 32.85
C GLU I 261 -13.95 44.37 32.54
N GLY I 262 -13.18 44.04 33.57
CA GLY I 262 -11.83 43.56 33.34
C GLY I 262 -11.80 42.28 32.54
N ILE I 263 -12.65 41.32 32.91
CA ILE I 263 -12.73 40.06 32.17
C ILE I 263 -13.21 40.31 30.74
N GLU I 264 -14.17 41.21 30.59
CA GLU I 264 -14.82 41.40 29.29
C GLU I 264 -13.92 42.15 28.33
N GLU I 265 -13.18 43.15 28.81
CA GLU I 265 -12.43 43.99 27.88
C GLU I 265 -11.12 43.32 27.50
N THR I 266 -11.17 42.05 27.15
CA THR I 266 -10.05 41.37 26.52
C THR I 266 -10.49 40.71 25.23
N LYS I 267 -11.74 40.90 24.83
CA LYS I 267 -12.21 40.45 23.53
C LYS I 267 -11.32 41.04 22.43
N PRO I 268 -11.24 40.40 21.27
CA PRO I 268 -10.53 41.01 20.15
C PRO I 268 -11.04 42.40 19.86
N GLY I 269 -10.15 43.38 19.91
CA GLY I 269 -10.55 44.76 19.75
C GLY I 269 -11.07 45.36 21.04
N GLY I 270 -10.28 45.23 22.10
CA GLY I 270 -10.58 45.84 23.37
C GLY I 270 -9.39 46.64 23.87
N ASP I 271 -9.58 47.29 25.02
CA ASP I 271 -8.52 48.11 25.59
C ASP I 271 -7.28 47.28 25.87
N ASN I 272 -7.38 46.32 26.79
CA ASN I 272 -6.32 45.37 27.05
C ASN I 272 -6.76 44.02 26.48
N GLY I 273 -6.46 43.80 25.21
CA GLY I 273 -6.85 42.59 24.52
C GLY I 273 -5.71 41.61 24.45
N GLY I 274 -5.90 40.45 25.08
CA GLY I 274 -4.92 39.39 25.06
C GLY I 274 -4.01 39.33 26.27
N GLU I 275 -4.10 40.29 27.18
CA GLU I 275 -3.23 40.29 28.34
C GLU I 275 -3.90 39.54 29.49
N ILE I 276 -3.14 39.30 30.55
CA ILE I 276 -3.59 38.47 31.67
C ILE I 276 -4.73 39.15 32.41
N ILE I 277 -5.39 38.40 33.29
CA ILE I 277 -6.34 38.96 34.25
C ILE I 277 -5.71 38.84 35.62
N PHE I 278 -5.59 39.96 36.32
CA PHE I 278 -5.08 39.95 37.68
C PHE I 278 -6.21 40.33 38.64
N ILE I 279 -6.47 39.45 39.59
CA ILE I 279 -7.51 39.65 40.60
C ILE I 279 -6.83 39.66 41.96
N ALA I 280 -6.89 40.80 42.65
CA ALA I 280 -6.31 40.94 43.97
C ALA I 280 -7.36 40.56 45.00
N GLY I 281 -7.18 39.42 45.65
CA GLY I 281 -8.11 38.96 46.65
C GLY I 281 -9.45 38.53 46.08
N THR I 282 -10.27 37.86 46.89
CA THR I 282 -11.60 37.45 46.50
C THR I 282 -11.58 36.59 45.24
N ASP I 283 -11.00 35.40 45.39
CA ASP I 283 -10.83 34.47 44.29
C ASP I 283 -12.14 34.22 43.52
N VAL I 284 -12.15 34.61 42.26
CA VAL I 284 -13.25 34.30 41.36
C VAL I 284 -12.95 32.98 40.68
N LYS I 285 -13.99 32.29 40.23
CA LYS I 285 -13.85 30.92 39.73
C LYS I 285 -14.51 30.79 38.37
N VAL I 286 -13.72 30.52 37.36
CA VAL I 286 -14.19 30.36 35.99
C VAL I 286 -14.20 28.88 35.63
N GLN I 287 -15.23 28.47 34.89
CA GLN I 287 -15.26 27.15 34.29
C GLN I 287 -15.64 27.32 32.82
N GLU I 288 -14.93 26.63 31.95
CA GLU I 288 -15.14 26.77 30.52
C GLU I 288 -16.12 25.71 30.05
N MET I 289 -17.22 26.15 29.44
CA MET I 289 -18.23 25.24 28.96
C MET I 289 -17.75 24.55 27.69
N LYS I 290 -18.07 23.26 27.57
CA LYS I 290 -17.65 22.51 26.38
C LYS I 290 -18.44 22.95 25.16
N ASN I 291 -19.77 22.88 25.25
CA ASN I 291 -20.66 23.18 24.13
C ASN I 291 -20.25 22.39 22.89
N ASP I 292 -20.35 21.07 23.01
CA ASP I 292 -19.89 20.17 21.95
C ASP I 292 -20.60 20.48 20.64
N LEU I 293 -21.91 20.26 20.60
CA LEU I 293 -22.77 20.71 19.51
C LEU I 293 -22.29 20.17 18.15
N SER I 294 -21.54 19.08 18.15
CA SER I 294 -20.97 18.53 16.94
C SER I 294 -21.67 17.24 16.50
N ASP I 295 -22.78 16.90 17.14
CA ASP I 295 -23.55 15.73 16.73
C ASP I 295 -25.04 16.02 16.79
N ILE I 296 -25.44 17.25 16.53
CA ILE I 296 -26.84 17.64 16.70
C ILE I 296 -27.73 16.89 15.72
N HIS I 297 -27.23 16.62 14.52
CA HIS I 297 -28.06 15.90 13.56
C HIS I 297 -27.96 14.39 13.70
N SER I 298 -27.13 13.87 14.60
CA SER I 298 -26.94 12.44 14.77
C SER I 298 -26.47 11.81 13.45
N LYS I 299 -25.22 12.13 13.11
CA LYS I 299 -24.69 11.77 11.80
C LYS I 299 -24.83 10.28 11.51
N VAL I 300 -24.61 9.44 12.51
CA VAL I 300 -24.60 7.99 12.27
C VAL I 300 -26.02 7.49 12.04
N PRO I 301 -26.99 7.72 12.95
CA PRO I 301 -28.35 7.28 12.63
C PRO I 301 -29.11 8.29 11.79
N LEU I 302 -28.45 8.87 10.80
CA LEU I 302 -29.09 9.68 9.77
C LEU I 302 -28.66 9.24 8.38
N ASP I 303 -27.37 9.06 8.18
CA ASP I 303 -26.88 8.51 6.92
C ASP I 303 -27.48 7.14 6.67
N ASP I 304 -27.80 6.40 7.72
CA ASP I 304 -28.43 5.09 7.51
C ASP I 304 -29.83 5.24 6.95
N GLN I 305 -30.62 6.19 7.47
CA GLN I 305 -31.94 6.43 6.91
C GLN I 305 -31.84 6.94 5.48
N ALA I 306 -30.83 7.77 5.20
CA ALA I 306 -30.63 8.23 3.83
C ALA I 306 -30.29 7.06 2.92
N ARG I 307 -29.40 6.18 3.36
CA ARG I 307 -29.06 5.01 2.56
C ARG I 307 -30.26 4.13 2.33
N THR I 308 -31.13 4.00 3.33
CA THR I 308 -32.31 3.15 3.17
C THR I 308 -33.28 3.74 2.16
N ILE I 309 -33.65 5.01 2.32
CA ILE I 309 -34.59 5.61 1.37
C ILE I 309 -33.95 5.94 0.04
N ALA I 310 -32.65 5.72 -0.11
CA ALA I 310 -32.05 5.78 -1.43
C ALA I 310 -32.04 4.40 -2.10
N GLY I 311 -31.63 3.37 -1.35
CA GLY I 311 -31.60 2.03 -1.91
C GLY I 311 -32.97 1.50 -2.23
N ASN I 312 -33.99 1.89 -1.47
CA ASN I 312 -35.34 1.44 -1.78
C ASN I 312 -35.82 2.00 -3.12
N PHE I 313 -35.26 3.12 -3.55
CA PHE I 313 -35.52 3.64 -4.88
C PHE I 313 -34.61 3.01 -5.93
N GLY I 314 -33.64 2.19 -5.51
CA GLY I 314 -32.73 1.57 -6.44
C GLY I 314 -31.71 2.55 -6.99
N ILE I 315 -30.89 3.11 -6.11
CA ILE I 315 -29.83 4.03 -6.52
C ILE I 315 -28.56 3.67 -5.77
N PRO I 316 -27.50 3.27 -6.46
CA PRO I 316 -26.24 2.99 -5.77
C PRO I 316 -25.82 4.16 -4.90
N ILE I 317 -25.41 3.85 -3.66
CA ILE I 317 -25.10 4.88 -2.69
C ILE I 317 -24.07 5.85 -3.23
N ALA I 318 -23.07 5.31 -3.96
CA ALA I 318 -21.97 6.13 -4.47
C ALA I 318 -22.45 7.32 -5.27
N LEU I 319 -23.59 7.20 -5.96
CA LEU I 319 -24.10 8.32 -6.74
C LEU I 319 -24.36 9.55 -5.91
N LEU I 320 -24.55 9.40 -4.61
CA LEU I 320 -24.94 10.53 -3.76
C LEU I 320 -24.11 10.54 -2.47
N TYR I 334 -16.28 4.13 -9.49
CA TYR I 334 -17.34 5.13 -9.56
C TYR I 334 -18.17 4.94 -10.82
N ASP I 335 -17.54 5.11 -11.98
CA ASP I 335 -18.25 4.97 -13.24
C ASP I 335 -18.90 3.61 -13.40
N GLU I 336 -18.30 2.57 -12.82
CA GLU I 336 -18.95 1.27 -12.79
C GLU I 336 -20.30 1.36 -12.10
N SER I 337 -20.39 2.14 -11.03
CA SER I 337 -21.65 2.30 -10.33
C SER I 337 -22.66 3.09 -11.16
N ARG I 338 -22.19 4.03 -11.98
CA ARG I 338 -23.12 4.70 -12.90
C ARG I 338 -23.66 3.72 -13.93
N LYS I 339 -22.80 2.89 -14.51
CA LYS I 339 -23.27 1.85 -15.42
C LYS I 339 -24.28 0.94 -14.73
N ALA I 340 -24.02 0.60 -13.47
CA ALA I 340 -24.94 -0.27 -12.73
C ALA I 340 -26.29 0.40 -12.55
N PHE I 341 -26.30 1.65 -12.10
CA PHE I 341 -27.56 2.38 -11.96
C PHE I 341 -28.29 2.48 -13.28
N PHE I 342 -27.57 2.51 -14.39
CA PHE I 342 -28.25 2.62 -15.68
C PHE I 342 -28.86 1.29 -16.11
N GLU I 343 -28.08 0.23 -16.13
CA GLU I 343 -28.57 -1.04 -16.66
C GLU I 343 -29.02 -2.01 -15.58
N ASP I 344 -29.39 -1.51 -14.40
CA ASP I 344 -29.95 -2.37 -13.38
C ASP I 344 -31.30 -1.90 -12.85
N THR I 345 -31.56 -0.59 -12.80
CA THR I 345 -32.81 -0.10 -12.25
C THR I 345 -33.52 0.84 -13.21
N ILE I 346 -32.77 1.60 -13.98
CA ILE I 346 -33.39 2.50 -14.95
C ILE I 346 -33.84 1.72 -16.17
N GLU I 347 -32.96 0.85 -16.69
CA GLU I 347 -33.32 0.11 -17.89
C GLU I 347 -34.45 -0.88 -17.60
N PRO I 348 -34.29 -1.88 -16.71
CA PRO I 348 -35.42 -2.77 -16.46
C PRO I 348 -36.34 -2.34 -15.33
N GLY I 349 -36.63 -1.05 -15.17
CA GLY I 349 -37.68 -0.72 -14.23
C GLY I 349 -38.53 0.47 -14.62
N TYR I 350 -38.08 1.20 -15.61
CA TYR I 350 -38.78 2.36 -16.15
C TYR I 350 -38.81 2.34 -17.65
N LEU I 351 -37.77 1.81 -18.29
CA LEU I 351 -37.67 1.82 -19.74
C LEU I 351 -38.47 0.69 -20.36
N THR I 352 -38.21 -0.55 -19.93
CA THR I 352 -38.97 -1.68 -20.47
C THR I 352 -40.46 -1.60 -20.18
N PRO I 353 -40.93 -1.25 -18.97
CA PRO I 353 -42.37 -1.20 -18.79
C PRO I 353 -43.03 -0.13 -19.64
N LEU I 354 -42.40 1.04 -19.75
CA LEU I 354 -42.98 2.12 -20.55
C LEU I 354 -43.02 1.76 -22.02
N GLU I 355 -41.91 1.23 -22.55
CA GLU I 355 -41.88 0.92 -23.97
C GLU I 355 -42.79 -0.27 -24.30
N ASP I 356 -42.91 -1.23 -23.39
CA ASP I 356 -43.82 -2.34 -23.65
C ASP I 356 -45.28 -1.90 -23.53
N GLY I 357 -45.57 -0.99 -22.61
CA GLY I 357 -46.93 -0.46 -22.53
C GLY I 357 -47.32 0.31 -23.78
N PHE I 358 -46.44 1.19 -24.25
CA PHE I 358 -46.73 1.90 -25.49
C PHE I 358 -46.84 0.95 -26.67
N SER I 359 -45.87 0.04 -26.82
CA SER I 359 -45.90 -0.89 -27.94
C SER I 359 -47.13 -1.78 -27.90
N MET I 360 -47.65 -2.06 -26.71
CA MET I 360 -48.78 -2.99 -26.63
C MET I 360 -50.00 -2.41 -27.31
N PHE I 361 -50.40 -1.18 -26.95
CA PHE I 361 -51.45 -0.52 -27.70
C PHE I 361 -51.07 0.94 -27.99
N LEU I 362 -50.20 1.09 -28.99
CA LEU I 362 -50.10 2.29 -29.81
C LEU I 362 -49.84 1.99 -31.27
N CYS I 363 -49.44 0.76 -31.61
CA CYS I 363 -49.15 0.38 -32.98
C CYS I 363 -49.38 -1.11 -33.14
N GLY I 364 -49.54 -1.53 -34.39
CA GLY I 364 -49.76 -2.93 -34.67
C GLY I 364 -48.50 -3.75 -34.51
N ALA I 365 -48.66 -5.07 -34.66
CA ALA I 365 -47.52 -5.97 -34.58
C ALA I 365 -46.52 -5.67 -35.70
N GLY I 366 -45.31 -6.21 -35.54
CA GLY I 366 -44.23 -5.94 -36.46
C GLY I 366 -43.54 -4.62 -36.25
N TYR I 367 -44.20 -3.64 -35.64
CA TYR I 367 -43.60 -2.36 -35.34
C TYR I 367 -43.95 -1.96 -33.91
N ARG I 368 -43.03 -1.27 -33.25
CA ARG I 368 -43.23 -0.94 -31.85
C ARG I 368 -42.24 0.15 -31.48
N VAL I 369 -42.49 0.81 -30.35
CA VAL I 369 -41.66 1.91 -29.92
C VAL I 369 -40.37 1.37 -29.31
N ILE I 370 -39.26 1.95 -29.72
CA ILE I 370 -37.93 1.57 -29.24
C ILE I 370 -37.19 2.84 -28.89
N PHE I 371 -36.24 2.74 -27.97
CA PHE I 371 -35.36 3.85 -27.65
C PHE I 371 -33.91 3.41 -27.80
N ASP I 372 -33.08 4.29 -28.34
CA ASP I 372 -31.71 3.97 -28.70
C ASP I 372 -30.84 3.97 -27.44
N ARG I 373 -30.30 2.80 -27.09
CA ARG I 373 -29.41 2.72 -25.93
C ARG I 373 -28.15 3.53 -26.12
N ASP I 374 -27.65 3.63 -27.35
CA ASP I 374 -26.44 4.41 -27.60
C ASP I 374 -26.66 5.90 -27.42
N SER I 375 -27.88 6.34 -27.13
CA SER I 375 -28.11 7.73 -26.73
C SER I 375 -27.80 7.95 -25.26
N ILE I 376 -27.59 6.89 -24.49
CA ILE I 376 -27.19 7.04 -23.09
C ILE I 376 -25.69 7.30 -23.03
N PRO I 377 -25.25 8.39 -22.42
CA PRO I 377 -23.82 8.72 -22.46
C PRO I 377 -22.96 7.79 -21.63
N ALA I 378 -23.51 7.06 -20.67
CA ALA I 378 -22.69 6.22 -19.80
C ALA I 378 -22.33 4.89 -20.45
N LEU I 379 -23.10 4.44 -21.43
CA LEU I 379 -22.93 3.13 -22.03
C LEU I 379 -22.07 3.13 -23.29
N ARG I 380 -21.59 4.31 -23.71
CA ARG I 380 -20.94 4.41 -25.02
C ARG I 380 -19.64 3.62 -25.07
N LYS I 381 -18.79 3.78 -24.06
CA LYS I 381 -17.53 3.05 -24.02
C LYS I 381 -17.75 1.54 -24.03
N SER I 382 -18.71 1.07 -23.23
CA SER I 382 -18.99 -0.36 -23.18
C SER I 382 -19.47 -0.86 -24.54
N ARG I 383 -20.39 -0.13 -25.16
CA ARG I 383 -20.87 -0.54 -26.48
C ARG I 383 -19.72 -0.61 -27.48
N ALA I 384 -18.82 0.37 -27.45
CA ALA I 384 -17.71 0.37 -28.41
C ALA I 384 -16.79 -0.81 -28.18
N ASP I 385 -16.45 -1.09 -26.93
CA ASP I 385 -15.56 -2.22 -26.66
C ASP I 385 -16.20 -3.54 -27.05
N ILE I 386 -17.49 -3.71 -26.74
CA ILE I 386 -18.20 -4.92 -27.13
C ILE I 386 -18.20 -5.06 -28.65
N ALA I 387 -18.46 -3.96 -29.36
CA ALA I 387 -18.50 -4.01 -30.82
C ALA I 387 -17.16 -4.45 -31.38
N ALA I 388 -16.07 -3.89 -30.86
CA ALA I 388 -14.74 -4.28 -31.34
C ALA I 388 -14.47 -5.76 -31.07
N THR I 389 -14.73 -6.21 -29.84
CA THR I 389 -14.48 -7.60 -29.49
C THR I 389 -15.25 -8.53 -30.41
N TYR I 390 -16.53 -8.24 -30.65
CA TYR I 390 -17.30 -9.04 -31.59
C TYR I 390 -16.72 -8.97 -33.00
N ASP I 391 -16.23 -7.80 -33.40
CA ASP I 391 -15.53 -7.70 -34.68
C ASP I 391 -14.41 -8.70 -34.79
N LYS I 392 -13.73 -8.99 -33.69
CA LYS I 392 -12.61 -9.92 -33.78
C LYS I 392 -13.04 -11.36 -34.06
N VAL I 393 -14.30 -11.72 -33.79
CA VAL I 393 -14.75 -13.09 -33.99
C VAL I 393 -15.01 -13.36 -35.48
N THR I 394 -14.91 -14.63 -35.87
CA THR I 394 -15.18 -15.02 -37.26
C THR I 394 -16.29 -16.03 -37.42
N PHE I 395 -16.52 -16.92 -36.45
CA PHE I 395 -17.50 -17.99 -36.68
C PHE I 395 -18.92 -17.47 -36.48
N ILE I 396 -19.21 -16.32 -37.05
CA ILE I 396 -20.48 -15.64 -36.87
C ILE I 396 -20.72 -14.75 -38.09
N THR I 397 -21.88 -14.89 -38.71
CA THR I 397 -22.17 -14.07 -39.87
C THR I 397 -22.33 -12.61 -39.47
N GLU I 398 -22.30 -11.74 -40.47
CA GLU I 398 -22.28 -10.30 -40.19
C GLU I 398 -23.60 -9.82 -39.60
N GLU I 399 -24.72 -10.38 -40.06
CA GLU I 399 -26.02 -9.86 -39.63
C GLU I 399 -26.24 -10.11 -38.15
N GLU I 400 -25.78 -11.24 -37.62
CA GLU I 400 -25.93 -11.50 -36.20
C GLU I 400 -24.92 -10.72 -35.37
N LYS I 401 -23.70 -10.53 -35.88
CA LYS I 401 -22.76 -9.62 -35.24
C LYS I 401 -23.37 -8.23 -35.11
N ARG I 402 -24.15 -7.81 -36.10
CA ARG I 402 -24.87 -6.55 -35.98
C ARG I 402 -25.95 -6.64 -34.91
N GLU I 403 -26.90 -7.57 -35.10
CA GLU I 403 -28.10 -7.59 -34.26
C GLU I 403 -27.80 -7.85 -32.80
N VAL I 404 -26.64 -8.43 -32.48
CA VAL I 404 -26.28 -8.62 -31.07
C VAL I 404 -25.85 -7.32 -30.41
N THR I 405 -25.68 -6.25 -31.18
CA THR I 405 -25.24 -4.97 -30.65
C THR I 405 -26.07 -3.84 -31.24
N GLY I 406 -27.40 -4.01 -31.26
CA GLY I 406 -28.22 -3.04 -31.96
C GLY I 406 -28.13 -3.24 -33.46
N TRP I 407 -28.12 -2.13 -34.21
CA TRP I 407 -27.82 -2.14 -35.63
C TRP I 407 -28.66 -3.17 -36.38
N PRO I 408 -29.95 -2.91 -36.59
CA PRO I 408 -30.86 -3.97 -37.05
C PRO I 408 -30.44 -4.66 -38.34
N ALA I 409 -30.29 -3.90 -39.43
CA ALA I 409 -29.94 -4.47 -40.72
C ALA I 409 -29.47 -3.40 -41.70
N PRO J 16 -46.90 -45.81 -23.58
CA PRO J 16 -46.50 -44.65 -22.77
C PRO J 16 -47.14 -44.59 -21.39
N ALA J 17 -47.93 -43.55 -21.15
CA ALA J 17 -48.29 -43.13 -19.79
C ALA J 17 -48.93 -44.26 -18.99
N PRO J 18 -48.38 -44.61 -17.82
CA PRO J 18 -48.86 -45.80 -17.10
C PRO J 18 -49.94 -45.51 -16.07
N SER J 19 -50.17 -44.23 -15.77
CA SER J 19 -51.22 -43.73 -14.89
C SER J 19 -51.06 -44.13 -13.42
N ALA J 20 -50.04 -44.90 -13.06
CA ALA J 20 -49.89 -45.42 -11.70
C ALA J 20 -48.56 -44.96 -11.10
N ASN J 21 -48.59 -43.81 -10.42
CA ASN J 21 -47.41 -43.24 -9.79
C ASN J 21 -47.34 -43.64 -8.33
N PRO J 22 -46.17 -43.50 -7.70
CA PRO J 22 -46.04 -43.93 -6.30
C PRO J 22 -46.43 -42.88 -5.29
N ALA J 23 -47.18 -41.87 -5.70
CA ALA J 23 -47.60 -40.81 -4.79
C ALA J 23 -48.97 -41.08 -4.18
N LYS J 24 -49.53 -42.26 -4.42
CA LYS J 24 -50.77 -42.67 -3.77
C LYS J 24 -50.60 -42.92 -2.29
N ILE J 25 -49.39 -42.73 -1.76
CA ILE J 25 -49.08 -42.96 -0.36
C ILE J 25 -49.82 -41.97 0.54
N PHE J 26 -50.31 -40.87 -0.02
CA PHE J 26 -50.87 -39.80 0.80
C PHE J 26 -52.38 -39.62 0.64
N ILE J 27 -52.91 -39.85 -0.56
CA ILE J 27 -54.36 -39.73 -0.79
C ILE J 27 -55.14 -40.80 0.00
N ARG J 28 -54.48 -41.90 0.35
CA ARG J 28 -55.15 -43.01 1.04
C ARG J 28 -55.81 -42.56 2.34
N ARG J 29 -55.03 -42.00 3.26
CA ARG J 29 -55.41 -41.54 4.58
C ARG J 29 -54.77 -40.22 4.96
N PHE J 30 -53.48 -40.04 4.59
CA PHE J 30 -52.80 -38.79 4.90
C PHE J 30 -53.52 -37.60 4.27
N PHE J 31 -54.28 -37.82 3.21
CA PHE J 31 -55.13 -36.81 2.60
C PHE J 31 -56.52 -37.39 2.39
N SER J 32 -57.38 -36.59 1.75
CA SER J 32 -58.72 -37.01 1.37
C SER J 32 -59.08 -36.38 0.04
N ALA J 33 -59.74 -37.14 -0.82
CA ALA J 33 -60.03 -36.69 -2.17
C ALA J 33 -61.29 -35.82 -2.20
N GLY J 34 -61.42 -35.07 -3.30
CA GLY J 34 -62.57 -34.21 -3.51
C GLY J 34 -62.84 -33.22 -2.39
N VAL J 35 -61.85 -32.39 -2.09
CA VAL J 35 -62.02 -31.38 -1.05
C VAL J 35 -61.57 -29.99 -1.48
N ALA J 36 -60.78 -29.86 -2.55
CA ALA J 36 -60.28 -28.57 -3.03
C ALA J 36 -59.49 -27.84 -1.95
N LYS J 37 -58.43 -28.50 -1.48
CA LYS J 37 -57.56 -27.90 -0.48
C LYS J 37 -56.78 -26.73 -1.07
N ASN J 38 -56.63 -25.68 -0.27
CA ASN J 38 -55.87 -24.53 -0.72
C ASN J 38 -54.38 -24.84 -0.79
N VAL J 39 -53.65 -24.05 -1.57
CA VAL J 39 -52.27 -24.38 -1.88
C VAL J 39 -51.26 -23.81 -0.88
N VAL J 40 -51.62 -22.78 -0.13
CA VAL J 40 -50.70 -22.13 0.80
C VAL J 40 -51.43 -21.83 2.09
N SER J 41 -50.75 -22.06 3.21
CA SER J 41 -51.32 -21.74 4.51
C SER J 41 -51.56 -20.25 4.63
N TYR J 42 -52.63 -19.89 5.34
CA TYR J 42 -52.97 -18.48 5.51
C TYR J 42 -51.85 -17.71 6.18
N SER J 43 -51.14 -18.35 7.12
CA SER J 43 -50.00 -17.70 7.75
C SER J 43 -48.97 -17.28 6.72
N ASN J 44 -48.71 -18.15 5.74
CA ASN J 44 -47.75 -17.82 4.69
C ASN J 44 -48.24 -16.65 3.86
N VAL J 45 -49.55 -16.58 3.59
CA VAL J 45 -50.09 -15.46 2.83
C VAL J 45 -49.90 -14.16 3.58
N MET J 46 -50.24 -14.15 4.87
CA MET J 46 -50.05 -12.94 5.66
C MET J 46 -48.59 -12.55 5.76
N ALA J 47 -47.69 -13.53 5.87
CA ALA J 47 -46.27 -13.24 5.96
C ALA J 47 -45.77 -12.61 4.66
N ALA J 48 -46.18 -13.16 3.52
CA ALA J 48 -45.81 -12.56 2.25
C ALA J 48 -46.44 -11.19 2.08
N GLN J 49 -47.61 -10.96 2.68
CA GLN J 49 -48.25 -9.66 2.58
C GLN J 49 -47.47 -8.60 3.34
N ARG J 50 -47.25 -8.83 4.64
CA ARG J 50 -46.54 -7.82 5.43
C ARG J 50 -45.06 -7.76 5.08
N ALA J 51 -44.52 -8.79 4.42
CA ALA J 51 -43.16 -8.71 3.93
C ALA J 51 -43.04 -7.82 2.70
N MET J 52 -44.15 -7.41 2.11
CA MET J 52 -44.11 -6.49 0.98
C MET J 52 -44.06 -5.03 1.43
N GLU J 53 -44.25 -4.76 2.72
CA GLU J 53 -44.11 -3.43 3.26
C GLU J 53 -42.78 -3.21 3.98
N HIS J 54 -42.17 -4.29 4.44
CA HIS J 54 -40.88 -4.18 5.12
C HIS J 54 -39.85 -3.60 4.16
N PRO J 55 -38.96 -2.74 4.64
CA PRO J 55 -38.00 -2.09 3.73
C PRO J 55 -37.11 -3.08 2.98
N VAL J 56 -36.36 -3.89 3.74
CA VAL J 56 -35.37 -4.77 3.12
C VAL J 56 -36.05 -5.86 2.31
N ALA J 57 -37.11 -6.45 2.86
CA ALA J 57 -37.78 -7.54 2.16
C ALA J 57 -38.37 -7.07 0.84
N PHE J 58 -39.01 -5.90 0.84
CA PHE J 58 -39.58 -5.39 -0.41
C PHE J 58 -38.49 -5.03 -1.39
N ARG J 59 -37.41 -4.41 -0.92
CA ARG J 59 -36.29 -4.09 -1.80
C ARG J 59 -35.79 -5.35 -2.50
N CYS J 60 -35.55 -6.41 -1.74
CA CYS J 60 -35.03 -7.64 -2.34
C CYS J 60 -36.05 -8.27 -3.28
N LEU J 61 -37.32 -8.27 -2.89
CA LEU J 61 -38.35 -8.91 -3.70
C LEU J 61 -38.48 -8.23 -5.05
N ASP J 62 -38.61 -6.89 -5.05
CA ASP J 62 -38.74 -6.24 -6.35
C ASP J 62 -37.42 -6.20 -7.10
N LYS J 63 -36.29 -6.36 -6.41
CA LYS J 63 -35.04 -6.55 -7.14
C LYS J 63 -35.07 -7.83 -7.96
N LEU J 64 -35.45 -8.94 -7.32
CA LEU J 64 -35.60 -10.19 -8.05
C LEU J 64 -36.61 -10.05 -9.18
N GLY J 65 -37.76 -9.44 -8.89
CA GLY J 65 -38.78 -9.27 -9.92
C GLY J 65 -38.29 -8.46 -11.11
N LEU J 66 -37.61 -7.35 -10.85
CA LEU J 66 -37.11 -6.51 -11.93
C LEU J 66 -36.08 -7.26 -12.75
N THR J 67 -35.14 -7.93 -12.08
CA THR J 67 -34.09 -8.64 -12.81
C THR J 67 -34.70 -9.70 -13.72
N VAL J 68 -35.64 -10.48 -13.22
CA VAL J 68 -36.25 -11.51 -14.05
C VAL J 68 -37.06 -10.89 -15.17
N GLN J 69 -37.79 -9.81 -14.86
CA GLN J 69 -38.68 -9.17 -15.82
C GLN J 69 -37.94 -8.58 -17.02
N SER J 70 -36.62 -8.44 -16.95
CA SER J 70 -35.86 -7.80 -18.02
C SER J 70 -35.52 -8.74 -19.15
N VAL J 71 -35.60 -10.04 -18.95
CA VAL J 71 -35.08 -10.99 -19.93
C VAL J 71 -36.09 -11.18 -21.04
N LYS J 72 -35.60 -11.46 -22.25
CA LYS J 72 -36.44 -11.52 -23.43
C LYS J 72 -36.74 -12.98 -23.79
N TRP J 73 -37.98 -13.24 -24.16
CA TRP J 73 -38.44 -14.56 -24.55
C TRP J 73 -38.33 -14.80 -26.05
N ASP J 74 -38.44 -16.07 -26.43
CA ASP J 74 -38.77 -16.53 -27.77
C ASP J 74 -38.88 -18.05 -27.73
N VAL J 75 -39.64 -18.58 -28.66
CA VAL J 75 -39.69 -20.02 -28.86
C VAL J 75 -38.63 -20.39 -29.88
N GLY J 76 -38.02 -21.56 -29.72
CA GLY J 76 -36.95 -21.96 -30.61
C GLY J 76 -36.71 -23.44 -30.56
N LYS J 77 -35.96 -23.93 -31.55
CA LYS J 77 -35.58 -25.32 -31.60
C LYS J 77 -34.78 -25.70 -30.36
N ASP J 78 -35.09 -26.87 -29.80
CA ASP J 78 -34.27 -27.11 -28.62
C ASP J 78 -32.98 -27.81 -29.00
N PRO J 79 -31.91 -27.60 -28.21
CA PRO J 79 -30.62 -28.24 -28.55
C PRO J 79 -30.66 -29.75 -28.50
N GLN J 80 -31.21 -30.32 -27.43
CA GLN J 80 -31.31 -31.78 -27.31
C GLN J 80 -32.53 -32.29 -28.09
N ASN J 81 -32.52 -32.00 -29.39
CA ASN J 81 -33.57 -32.45 -30.29
C ASN J 81 -33.16 -33.81 -30.85
N THR J 82 -33.35 -34.84 -30.03
CA THR J 82 -33.29 -36.20 -30.51
C THR J 82 -34.58 -36.61 -31.21
N GLN J 83 -35.67 -35.91 -30.91
CA GLN J 83 -37.00 -36.21 -31.42
C GLN J 83 -37.12 -35.70 -32.84
N VAL J 84 -36.70 -36.52 -33.80
CA VAL J 84 -36.79 -36.13 -35.20
C VAL J 84 -38.25 -35.96 -35.62
N GLY J 85 -39.16 -36.66 -34.95
CA GLY J 85 -40.58 -36.41 -35.11
C GLY J 85 -40.98 -35.17 -34.36
N ASP J 86 -40.61 -34.01 -34.89
CA ASP J 86 -40.73 -32.75 -34.16
C ASP J 86 -42.17 -32.51 -33.70
N GLY J 87 -42.31 -32.10 -32.44
CA GLY J 87 -43.59 -31.86 -31.81
C GLY J 87 -44.14 -30.47 -31.95
N GLY J 88 -43.51 -29.62 -32.77
CA GLY J 88 -44.11 -28.35 -33.12
C GLY J 88 -45.27 -28.60 -34.07
N MET J 89 -46.33 -29.19 -33.52
CA MET J 89 -47.36 -29.92 -34.26
C MET J 89 -47.79 -29.26 -35.56
N SER J 90 -47.92 -27.94 -35.58
CA SER J 90 -48.43 -27.25 -36.75
C SER J 90 -47.44 -26.30 -37.39
N ALA J 91 -46.51 -25.73 -36.63
CA ALA J 91 -45.65 -24.60 -36.99
C ALA J 91 -46.46 -23.32 -37.15
N SER J 92 -47.78 -23.38 -37.06
CA SER J 92 -48.63 -22.21 -36.86
C SER J 92 -49.01 -22.02 -35.41
N GLN J 93 -49.23 -23.13 -34.69
CA GLN J 93 -49.32 -23.06 -33.24
C GLN J 93 -48.06 -22.45 -32.65
N ARG J 94 -46.91 -22.72 -33.25
CA ARG J 94 -45.66 -22.16 -32.73
C ARG J 94 -45.61 -20.66 -32.96
N LYS J 95 -46.08 -20.20 -34.13
CA LYS J 95 -46.15 -18.76 -34.36
C LYS J 95 -47.12 -18.10 -33.39
N ALA J 96 -48.25 -18.74 -33.14
CA ALA J 96 -49.22 -18.20 -32.18
C ALA J 96 -48.62 -18.16 -30.78
N LEU J 97 -47.86 -19.18 -30.41
CA LEU J 97 -47.23 -19.20 -29.09
C LEU J 97 -46.18 -18.11 -28.97
N GLN J 98 -45.42 -17.85 -30.04
CA GLN J 98 -44.52 -16.71 -30.05
C GLN J 98 -45.28 -15.41 -29.82
N GLN J 99 -46.35 -15.21 -30.61
CA GLN J 99 -47.19 -14.02 -30.45
C GLN J 99 -47.63 -13.85 -29.02
N ILE J 100 -48.13 -14.92 -28.41
CA ILE J 100 -48.68 -14.83 -27.06
C ILE J 100 -47.57 -14.60 -26.04
N LEU J 101 -46.41 -15.22 -26.25
CA LEU J 101 -45.29 -15.00 -25.35
C LEU J 101 -44.83 -13.55 -25.38
N GLN J 102 -45.00 -12.87 -26.51
CA GLN J 102 -44.70 -11.44 -26.54
C GLN J 102 -45.88 -10.59 -26.14
N ARG J 103 -47.10 -11.03 -26.43
CA ARG J 103 -48.32 -10.32 -26.01
C ARG J 103 -49.31 -11.31 -25.45
N PRO J 104 -49.32 -11.50 -24.14
CA PRO J 104 -50.38 -12.30 -23.50
C PRO J 104 -51.69 -11.56 -23.52
N ASN J 105 -52.66 -12.04 -22.74
CA ASN J 105 -53.98 -11.43 -22.59
C ASN J 105 -53.92 -9.91 -22.63
N PRO J 106 -54.85 -9.25 -23.32
CA PRO J 106 -54.84 -7.79 -23.37
C PRO J 106 -54.76 -7.15 -22.00
N THR J 107 -54.28 -5.89 -21.96
CA THR J 107 -54.05 -5.16 -20.72
C THR J 107 -53.01 -5.84 -19.83
N MET J 108 -52.07 -6.56 -20.44
CA MET J 108 -50.90 -7.10 -19.76
C MET J 108 -49.90 -7.58 -20.78
N SER J 109 -48.65 -7.22 -20.60
CA SER J 109 -47.57 -7.57 -21.50
C SER J 109 -46.76 -8.73 -20.94
N GLY J 110 -45.89 -9.29 -21.78
CA GLY J 110 -45.10 -10.43 -21.35
C GLY J 110 -44.19 -10.08 -20.19
N ALA J 111 -43.66 -8.87 -20.18
CA ALA J 111 -42.75 -8.45 -19.11
C ALA J 111 -43.47 -8.50 -17.76
N GLN J 112 -44.68 -7.99 -17.70
CA GLN J 112 -45.41 -8.02 -16.43
C GLN J 112 -45.78 -9.44 -16.04
N LEU J 113 -46.03 -10.31 -17.02
CA LEU J 113 -46.24 -11.71 -16.71
C LEU J 113 -45.01 -12.30 -16.04
N ARG J 114 -43.83 -12.06 -16.61
CA ARG J 114 -42.60 -12.54 -16.01
C ARG J 114 -42.42 -11.99 -14.60
N TYR J 115 -42.71 -10.70 -14.41
CA TYR J 115 -42.52 -10.08 -13.10
C TYR J 115 -43.42 -10.73 -12.06
N SER J 116 -44.72 -10.84 -12.38
CA SER J 116 -45.66 -11.42 -11.42
C SER J 116 -45.30 -12.88 -11.13
N ALA J 117 -44.92 -13.63 -12.18
CA ALA J 117 -44.59 -15.04 -11.99
C ALA J 117 -43.38 -15.19 -11.07
N ALA J 118 -42.31 -14.45 -11.34
CA ALA J 118 -41.12 -14.56 -10.50
C ALA J 118 -41.40 -14.11 -9.08
N LEU J 119 -42.21 -13.06 -8.92
CA LEU J 119 -42.52 -12.58 -7.58
C LEU J 119 -43.28 -13.63 -6.78
N SER J 120 -44.35 -14.18 -7.37
CA SER J 120 -45.11 -15.21 -6.66
C SER J 120 -44.28 -16.46 -6.42
N TRP J 121 -43.35 -16.76 -7.33
CA TRP J 121 -42.46 -17.89 -7.11
C TRP J 121 -41.54 -17.64 -5.91
N ALA J 122 -41.09 -16.41 -5.75
CA ALA J 122 -40.21 -16.09 -4.63
C ALA J 122 -40.97 -16.09 -3.31
N CYS J 123 -42.22 -15.62 -3.32
CA CYS J 123 -42.94 -15.51 -2.06
C CYS J 123 -43.51 -16.86 -1.60
N PHE J 124 -44.09 -17.64 -2.51
CA PHE J 124 -44.78 -18.86 -2.12
C PHE J 124 -44.15 -20.14 -2.66
N GLY J 125 -43.26 -20.04 -3.63
CA GLY J 125 -42.71 -21.25 -4.23
C GLY J 125 -43.69 -21.93 -5.16
N ARG J 126 -44.62 -21.20 -5.75
CA ARG J 126 -45.58 -21.75 -6.67
C ARG J 126 -45.76 -20.79 -7.85
N MET J 127 -46.18 -21.35 -8.97
CA MET J 127 -46.48 -20.58 -10.18
C MET J 127 -47.69 -21.21 -10.84
N ALA J 128 -48.72 -20.41 -11.11
CA ALA J 128 -49.94 -20.90 -11.71
C ALA J 128 -50.34 -20.03 -12.88
N PHE J 129 -51.04 -20.64 -13.85
CA PHE J 129 -51.40 -19.95 -15.08
C PHE J 129 -52.69 -20.53 -15.63
N LYS J 130 -53.17 -19.93 -16.71
CA LYS J 130 -54.38 -20.39 -17.38
C LYS J 130 -54.28 -20.06 -18.86
N VAL J 131 -54.63 -21.03 -19.71
CA VAL J 131 -54.50 -20.87 -21.16
C VAL J 131 -55.87 -21.03 -21.79
N SER J 132 -56.00 -20.51 -23.01
CA SER J 132 -57.29 -20.47 -23.70
C SER J 132 -57.15 -20.95 -25.14
N VAL J 133 -56.46 -22.07 -25.34
CA VAL J 133 -56.23 -22.60 -26.68
C VAL J 133 -57.56 -22.71 -27.42
N MET J 134 -57.59 -22.18 -28.66
CA MET J 134 -58.87 -22.02 -29.35
C MET J 134 -59.54 -23.32 -29.73
N SER J 135 -59.03 -24.03 -30.74
CA SER J 135 -59.55 -25.36 -31.03
C SER J 135 -58.48 -26.31 -31.56
N ASP J 136 -57.29 -25.81 -31.84
CA ASP J 136 -56.28 -26.59 -32.55
C ASP J 136 -54.90 -26.36 -31.95
N GLY J 137 -54.81 -26.35 -30.63
CA GLY J 137 -53.55 -26.09 -29.98
C GLY J 137 -53.05 -24.68 -30.12
N SER J 138 -53.80 -23.81 -30.77
CA SER J 138 -53.42 -22.40 -30.93
C SER J 138 -53.82 -21.66 -29.66
N VAL J 139 -52.84 -21.36 -28.81
CA VAL J 139 -53.14 -20.68 -27.55
C VAL J 139 -53.65 -19.28 -27.85
N ASN J 140 -54.72 -18.89 -27.15
CA ASN J 140 -55.32 -17.59 -27.41
C ASN J 140 -54.75 -16.50 -26.49
N ALA J 141 -54.61 -16.81 -25.20
CA ALA J 141 -54.08 -15.87 -24.22
C ALA J 141 -53.74 -16.64 -22.96
N ILE J 142 -52.90 -16.04 -22.12
CA ILE J 142 -52.45 -16.66 -20.88
C ILE J 142 -52.67 -15.69 -19.73
N TRP J 143 -53.23 -16.20 -18.63
CA TRP J 143 -53.48 -15.40 -17.45
C TRP J 143 -52.76 -15.99 -16.25
N PRO J 144 -52.10 -15.16 -15.44
CA PRO J 144 -51.56 -15.65 -14.18
C PRO J 144 -52.66 -15.81 -13.14
N LEU J 145 -52.41 -16.71 -12.20
CA LEU J 145 -53.37 -17.06 -11.17
C LEU J 145 -52.85 -16.60 -9.81
N GLY J 146 -53.70 -15.93 -9.05
CA GLY J 146 -53.31 -15.53 -7.72
C GLY J 146 -53.16 -16.70 -6.79
N ILE J 147 -51.91 -16.99 -6.40
CA ILE J 147 -51.65 -18.13 -5.52
C ILE J 147 -52.43 -18.05 -4.20
N PRO J 148 -52.55 -16.90 -3.53
CA PRO J 148 -53.23 -16.88 -2.23
C PRO J 148 -54.61 -17.53 -2.23
N PHE J 149 -55.47 -17.21 -3.19
CA PHE J 149 -56.82 -17.72 -3.23
C PHE J 149 -57.04 -18.70 -4.39
N LEU J 150 -56.06 -19.55 -4.65
CA LEU J 150 -56.20 -20.62 -5.61
C LEU J 150 -56.20 -21.96 -4.88
N LYS J 151 -57.28 -22.71 -5.03
CA LYS J 151 -57.40 -24.03 -4.44
C LYS J 151 -57.37 -25.09 -5.53
N GLN J 152 -56.93 -26.29 -5.17
CA GLN J 152 -56.82 -27.38 -6.12
C GLN J 152 -57.36 -28.65 -5.52
N LYS J 153 -57.81 -29.55 -6.40
CA LYS J 153 -58.45 -30.80 -6.00
C LYS J 153 -57.70 -31.96 -6.63
N PHE J 154 -57.51 -33.02 -5.85
CA PHE J 154 -56.71 -34.16 -6.24
C PHE J 154 -57.55 -35.27 -6.84
N ASP J 155 -56.87 -36.20 -7.51
CA ASP J 155 -57.50 -37.39 -8.06
C ASP J 155 -57.51 -38.49 -7.00
N ARG J 156 -57.82 -39.71 -7.43
CA ARG J 156 -57.70 -40.86 -6.55
C ARG J 156 -56.32 -41.49 -6.58
N TYR J 157 -55.58 -41.37 -7.68
CA TYR J 157 -54.28 -42.04 -7.75
C TYR J 157 -53.17 -41.21 -7.11
N GLY J 158 -52.76 -40.12 -7.77
CA GLY J 158 -51.67 -39.34 -7.21
C GLY J 158 -51.54 -37.87 -7.52
N ASP J 159 -52.52 -37.26 -8.19
CA ASP J 159 -52.26 -35.95 -8.78
C ASP J 159 -53.52 -35.11 -8.82
N VAL J 160 -53.36 -33.88 -9.30
CA VAL J 160 -54.45 -32.92 -9.37
C VAL J 160 -55.28 -33.16 -10.63
N GLU J 161 -56.55 -32.81 -10.56
CA GLU J 161 -57.41 -32.80 -11.73
C GLU J 161 -57.98 -31.43 -12.05
N SER J 162 -58.33 -30.63 -11.05
CA SER J 162 -58.99 -29.37 -11.30
C SER J 162 -58.53 -28.34 -10.28
N PHE J 163 -58.67 -27.07 -10.65
CA PHE J 163 -58.30 -25.95 -9.80
C PHE J 163 -59.53 -25.10 -9.54
N GLN J 164 -59.81 -24.83 -8.28
CA GLN J 164 -60.88 -23.92 -7.90
C GLN J 164 -60.28 -22.56 -7.56
N TYR J 165 -60.86 -21.50 -8.10
CA TYR J 165 -60.29 -20.16 -8.01
C TYR J 165 -61.38 -19.23 -7.46
N GLY J 166 -61.34 -18.95 -6.16
CA GLY J 166 -62.35 -18.15 -5.52
C GLY J 166 -63.22 -18.98 -4.59
N ASP J 167 -63.91 -18.27 -3.69
CA ASP J 167 -64.68 -18.94 -2.65
C ASP J 167 -66.08 -19.34 -3.11
N GLU J 168 -66.94 -18.37 -3.45
CA GLU J 168 -68.34 -18.79 -3.50
C GLU J 168 -69.11 -18.41 -4.76
N ALA J 169 -69.05 -17.15 -5.20
CA ALA J 169 -69.88 -16.74 -6.34
C ALA J 169 -69.40 -17.38 -7.62
N GLY J 170 -68.22 -16.96 -8.10
CA GLY J 170 -67.61 -17.59 -9.26
C GLY J 170 -66.83 -18.80 -8.82
N LYS J 171 -67.06 -19.92 -9.53
CA LYS J 171 -66.59 -21.23 -9.07
C LYS J 171 -66.02 -22.06 -10.21
N GLU J 172 -65.16 -21.50 -11.05
CA GLU J 172 -64.70 -22.23 -12.23
C GLU J 172 -63.65 -23.25 -11.82
N THR J 173 -63.97 -24.53 -12.01
CA THR J 173 -63.03 -25.62 -11.78
C THR J 173 -62.28 -25.88 -13.06
N ILE J 174 -61.25 -25.07 -13.29
CA ILE J 174 -60.45 -25.23 -14.50
C ILE J 174 -59.75 -26.58 -14.46
N PRO J 175 -59.81 -27.39 -15.52
CA PRO J 175 -59.12 -28.68 -15.49
C PRO J 175 -57.62 -28.52 -15.52
N SER J 176 -56.93 -29.51 -14.95
CA SER J 176 -55.48 -29.55 -15.02
C SER J 176 -55.04 -30.01 -16.40
N PHE J 177 -53.74 -29.85 -16.68
CA PHE J 177 -53.22 -30.27 -17.98
C PHE J 177 -53.28 -31.78 -18.14
N THR J 178 -53.23 -32.53 -17.02
CA THR J 178 -53.27 -33.98 -17.11
C THR J 178 -54.57 -34.45 -17.76
N LYS J 179 -55.70 -34.05 -17.20
CA LYS J 179 -57.00 -34.42 -17.76
C LYS J 179 -57.58 -33.19 -18.46
N VAL J 180 -57.67 -33.27 -19.78
CA VAL J 180 -58.29 -32.23 -20.60
C VAL J 180 -58.50 -32.83 -21.98
N GLU J 181 -59.48 -32.33 -22.71
CA GLU J 181 -59.75 -32.87 -24.04
C GLU J 181 -58.55 -32.62 -24.94
N LYS J 182 -57.80 -33.67 -25.24
CA LYS J 182 -56.58 -33.54 -26.01
C LYS J 182 -56.87 -33.61 -27.50
N ASN J 183 -55.97 -33.05 -28.29
CA ASN J 183 -56.00 -33.24 -29.73
C ASN J 183 -55.55 -34.65 -30.08
N ASP J 184 -55.77 -35.04 -31.33
CA ASP J 184 -55.34 -36.36 -31.76
C ASP J 184 -53.82 -36.47 -31.74
N LYS J 185 -53.11 -35.35 -31.69
CA LYS J 185 -51.66 -35.37 -31.48
C LYS J 185 -51.27 -35.38 -30.01
N GLY J 186 -52.07 -34.78 -29.14
CA GLY J 186 -51.73 -34.71 -27.74
C GLY J 186 -51.96 -33.34 -27.13
N ARG J 187 -52.01 -32.31 -27.98
CA ARG J 187 -52.24 -30.97 -27.49
C ARG J 187 -53.67 -30.85 -26.95
N PRO J 188 -53.89 -30.01 -25.93
CA PRO J 188 -55.24 -29.83 -25.40
C PRO J 188 -56.14 -29.08 -26.37
N ILE J 189 -57.43 -29.09 -26.05
CA ILE J 189 -58.43 -28.39 -26.84
C ILE J 189 -59.16 -27.32 -26.03
N LYS J 190 -59.27 -27.45 -24.72
CA LYS J 190 -59.96 -26.49 -23.87
C LYS J 190 -58.97 -25.88 -22.88
N ASN J 191 -59.48 -25.02 -22.01
CA ASN J 191 -58.65 -24.30 -21.05
C ASN J 191 -58.05 -25.25 -20.02
N TYR J 192 -56.97 -24.80 -19.38
CA TYR J 192 -56.33 -25.58 -18.32
C TYR J 192 -55.42 -24.68 -17.51
N ALA J 193 -54.75 -25.27 -16.52
CA ALA J 193 -53.89 -24.53 -15.60
C ALA J 193 -52.60 -25.32 -15.37
N PHE J 194 -51.61 -24.69 -14.72
CA PHE J 194 -50.29 -25.27 -14.61
C PHE J 194 -49.94 -25.69 -13.19
N MET J 195 -49.91 -24.75 -12.25
CA MET J 195 -49.40 -24.97 -10.89
C MET J 195 -48.00 -25.58 -10.91
N ILE J 196 -47.04 -24.78 -11.39
CA ILE J 196 -45.64 -25.15 -11.26
C ILE J 196 -45.23 -25.08 -9.80
N VAL J 197 -44.56 -26.13 -9.31
CA VAL J 197 -44.26 -26.27 -7.89
C VAL J 197 -42.78 -26.50 -7.71
N LYS J 198 -42.24 -25.97 -6.59
CA LYS J 198 -40.85 -26.13 -6.17
C LYS J 198 -40.72 -27.31 -5.22
N PRO J 199 -39.79 -28.23 -5.46
CA PRO J 199 -39.72 -29.44 -4.64
C PRO J 199 -39.22 -29.14 -3.24
N SER J 200 -39.36 -30.15 -2.38
CA SER J 200 -38.88 -30.07 -1.00
C SER J 200 -38.53 -31.49 -0.54
N ILE J 201 -38.28 -31.62 0.76
CA ILE J 201 -37.90 -32.91 1.34
C ILE J 201 -39.12 -33.83 1.31
N ASN J 202 -38.90 -35.11 1.61
CA ASN J 202 -39.97 -36.10 1.77
C ASN J 202 -40.92 -36.12 0.57
N GLY J 203 -40.42 -35.74 -0.60
CA GLY J 203 -41.21 -35.81 -1.82
C GLY J 203 -42.55 -35.12 -1.72
N ALA J 204 -43.63 -35.90 -1.80
CA ALA J 204 -44.99 -35.41 -1.70
C ALA J 204 -45.24 -34.30 -2.72
N MET J 205 -44.96 -34.64 -3.99
CA MET J 205 -44.79 -33.69 -5.08
C MET J 205 -45.74 -32.49 -5.01
N ASN J 206 -47.01 -32.71 -4.68
CA ASN J 206 -47.95 -31.63 -4.50
C ASN J 206 -48.52 -31.54 -3.09
N PHE J 207 -48.48 -32.64 -2.33
CA PHE J 207 -48.98 -32.67 -0.97
C PHE J 207 -47.97 -32.12 0.03
N ASP J 208 -46.86 -31.57 -0.46
CA ASP J 208 -45.76 -31.12 0.38
C ASP J 208 -45.94 -29.67 0.82
N VAL J 209 -45.07 -29.25 1.72
CA VAL J 209 -45.11 -27.89 2.25
C VAL J 209 -44.30 -26.96 1.35
N GLN J 210 -44.74 -25.71 1.26
CA GLN J 210 -44.05 -24.74 0.42
C GLN J 210 -42.58 -24.65 0.80
N ASN J 211 -41.77 -24.21 -0.16
CA ASN J 211 -40.32 -24.07 0.02
C ASN J 211 -39.98 -22.66 -0.44
N THR J 212 -40.04 -21.71 0.48
CA THR J 212 -39.86 -20.31 0.18
C THR J 212 -38.90 -19.67 1.17
N PRO J 213 -38.16 -18.64 0.75
CA PRO J 213 -37.28 -17.95 1.68
C PRO J 213 -37.99 -17.37 2.89
N LEU J 214 -39.28 -17.02 2.76
CA LEU J 214 -40.03 -16.48 3.89
C LEU J 214 -40.12 -17.46 5.05
N GLN J 215 -39.76 -18.73 4.85
CA GLN J 215 -39.80 -19.69 5.94
C GLN J 215 -38.78 -19.34 7.02
N ALA J 216 -37.61 -18.86 6.61
CA ALA J 216 -36.46 -18.81 7.49
C ALA J 216 -36.02 -17.38 7.81
N ILE J 217 -36.92 -16.41 7.66
CA ILE J 217 -36.54 -15.03 7.93
C ILE J 217 -37.54 -14.38 8.88
N GLY J 218 -38.37 -15.19 9.54
CA GLY J 218 -39.27 -14.63 10.55
C GLY J 218 -38.51 -13.99 11.69
N VAL J 219 -37.51 -14.70 12.22
CA VAL J 219 -36.70 -14.17 13.31
C VAL J 219 -36.01 -12.86 12.92
N PRO J 220 -35.27 -12.78 11.82
CA PRO J 220 -34.59 -11.52 11.53
C PRO J 220 -35.54 -10.37 11.22
N VAL J 221 -36.66 -10.64 10.54
CA VAL J 221 -37.57 -9.53 10.24
C VAL J 221 -38.23 -9.02 11.51
N ALA J 222 -38.57 -9.92 12.44
CA ALA J 222 -39.13 -9.47 13.70
C ALA J 222 -38.11 -8.68 14.51
N LEU J 223 -36.85 -9.15 14.53
CA LEU J 223 -35.82 -8.41 15.25
C LEU J 223 -35.60 -7.03 14.65
N TYR J 224 -35.58 -6.96 13.32
CA TYR J 224 -35.42 -5.67 12.65
C TYR J 224 -36.54 -4.72 13.02
N ASP J 225 -37.78 -5.20 12.97
CA ASP J 225 -38.90 -4.33 13.31
C ASP J 225 -38.83 -3.88 14.76
N ALA J 226 -38.43 -4.76 15.67
CA ALA J 226 -38.30 -4.37 17.06
C ALA J 226 -37.26 -3.26 17.24
N LEU J 227 -36.10 -3.43 16.61
CA LEU J 227 -35.05 -2.41 16.73
C LEU J 227 -35.51 -1.07 16.15
N MET J 228 -36.17 -1.11 14.99
CA MET J 228 -36.60 0.15 14.39
C MET J 228 -37.71 0.81 15.21
N ALA J 229 -38.58 0.04 15.84
CA ALA J 229 -39.59 0.63 16.71
C ALA J 229 -38.93 1.29 17.92
N ARG J 230 -37.93 0.63 18.50
CA ARG J 230 -37.17 1.27 19.58
C ARG J 230 -36.58 2.58 19.11
N ALA J 231 -36.00 2.59 17.91
CA ALA J 231 -35.36 3.81 17.40
C ALA J 231 -36.38 4.94 17.25
N ILE J 232 -37.52 4.65 16.63
CA ILE J 232 -38.55 5.68 16.46
C ILE J 232 -38.99 6.22 17.81
N ASP J 233 -39.32 5.32 18.74
CA ASP J 233 -39.79 5.76 20.04
C ASP J 233 -38.76 6.65 20.74
N SER J 234 -37.50 6.27 20.68
CA SER J 234 -36.47 7.05 21.37
C SER J 234 -36.13 8.33 20.63
N ALA J 235 -36.46 8.45 19.34
CA ALA J 235 -36.14 9.66 18.60
C ALA J 235 -36.92 10.85 19.13
N ASP J 236 -38.22 10.69 19.31
CA ASP J 236 -39.07 11.71 19.92
C ASP J 236 -39.55 11.20 21.26
N GLY J 237 -39.12 11.86 22.32
CA GLY J 237 -39.35 11.37 23.67
C GLY J 237 -38.14 11.60 24.55
N THR J 238 -36.96 11.62 23.94
CA THR J 238 -35.76 11.98 24.68
C THR J 238 -35.56 13.49 24.62
N PRO J 239 -35.55 14.18 25.75
CA PRO J 239 -35.35 15.63 25.73
C PRO J 239 -34.06 16.00 25.03
N ASN J 240 -34.14 16.97 24.12
CA ASN J 240 -33.00 17.36 23.30
C ASN J 240 -32.32 18.61 23.83
N SER J 241 -32.54 18.92 25.10
CA SER J 241 -31.95 20.09 25.72
C SER J 241 -30.62 19.77 26.38
N LYS J 242 -29.76 20.77 26.42
CA LYS J 242 -28.51 20.73 27.16
C LYS J 242 -28.59 21.71 28.33
N TRP J 243 -27.51 21.77 29.11
CA TRP J 243 -27.38 22.76 30.18
C TRP J 243 -28.53 22.66 31.19
N LEU J 244 -28.55 21.53 31.90
CA LEU J 244 -29.46 21.43 33.04
C LEU J 244 -28.86 22.26 34.17
N VAL J 245 -29.24 23.52 34.23
CA VAL J 245 -28.70 24.47 35.20
C VAL J 245 -29.66 24.58 36.37
N THR J 246 -29.12 24.56 37.59
CA THR J 246 -29.92 24.57 38.80
C THR J 246 -29.36 25.59 39.80
N ALA J 247 -30.22 26.44 40.32
CA ALA J 247 -29.86 27.39 41.35
C ALA J 247 -30.14 26.78 42.73
N SER J 248 -30.04 27.58 43.78
CA SER J 248 -30.22 27.12 45.15
C SER J 248 -31.57 27.56 45.69
N ARG J 249 -31.91 27.06 46.88
CA ARG J 249 -33.17 27.41 47.53
C ARG J 249 -33.04 28.68 48.35
N ASP J 250 -32.05 29.51 48.04
CA ASP J 250 -31.97 30.85 48.61
C ASP J 250 -31.51 31.74 47.47
N LEU J 251 -32.46 32.21 46.68
CA LEU J 251 -32.11 33.11 45.59
C LEU J 251 -33.18 34.15 45.30
N ASP J 252 -34.17 34.34 46.17
CA ASP J 252 -35.15 35.39 45.95
C ASP J 252 -35.83 35.21 44.60
N ASP J 253 -36.72 34.23 44.48
CA ASP J 253 -37.24 33.83 43.18
C ASP J 253 -37.88 35.06 42.54
N GLY J 254 -37.20 35.63 41.57
CA GLY J 254 -37.42 37.00 41.13
C GLY J 254 -36.13 37.67 40.72
N GLN J 255 -35.00 37.21 41.28
CA GLN J 255 -33.72 37.38 40.63
C GLN J 255 -33.18 36.06 40.09
N ALA J 256 -33.76 34.93 40.51
CA ALA J 256 -33.54 33.70 39.77
C ALA J 256 -34.01 33.84 38.33
N LYS J 257 -35.15 34.51 38.14
CA LYS J 257 -35.61 34.78 36.78
C LYS J 257 -34.63 35.66 36.02
N GLU J 258 -34.00 36.60 36.71
CA GLU J 258 -32.99 37.44 36.08
C GLU J 258 -31.79 36.62 35.66
N VAL J 259 -31.35 35.70 36.51
CA VAL J 259 -30.25 34.81 36.15
C VAL J 259 -30.63 33.94 34.96
N LYS J 260 -31.87 33.45 34.93
CA LYS J 260 -32.32 32.64 33.81
C LYS J 260 -32.32 33.43 32.51
N GLU J 261 -32.80 34.67 32.57
CA GLU J 261 -32.80 35.50 31.36
C GLU J 261 -31.38 35.81 30.91
N GLY J 262 -30.47 36.01 31.86
CA GLY J 262 -29.08 36.22 31.50
C GLY J 262 -28.49 35.01 30.79
N ILE J 263 -28.74 33.82 31.33
CA ILE J 263 -28.24 32.60 30.69
C ILE J 263 -28.88 32.41 29.32
N GLU J 264 -30.17 32.71 29.22
CA GLU J 264 -30.91 32.43 28.00
C GLU J 264 -30.57 33.39 26.89
N GLU J 265 -30.38 34.67 27.21
CA GLU J 265 -30.21 35.64 26.15
C GLU J 265 -28.77 35.66 25.65
N THR J 266 -28.21 34.48 25.40
CA THR J 266 -26.96 34.34 24.68
C THR J 266 -27.11 33.42 23.50
N LYS J 267 -28.32 32.94 23.24
CA LYS J 267 -28.60 32.17 22.04
C LYS J 267 -28.20 32.98 20.81
N PRO J 268 -27.91 32.32 19.70
CA PRO J 268 -27.65 33.06 18.46
C PRO J 268 -28.80 34.00 18.13
N GLY J 269 -28.51 35.28 18.01
CA GLY J 269 -29.54 36.27 17.80
C GLY J 269 -30.19 36.69 19.11
N GLY J 270 -29.36 37.08 20.07
CA GLY J 270 -29.83 37.63 21.33
C GLY J 270 -29.13 38.94 21.62
N ASP J 271 -29.54 39.56 22.74
CA ASP J 271 -28.98 40.84 23.12
C ASP J 271 -27.46 40.74 23.31
N ASN J 272 -27.03 39.97 24.29
CA ASN J 272 -25.61 39.67 24.49
C ASN J 272 -25.38 38.23 24.07
N GLY J 273 -25.11 38.02 22.79
CA GLY J 273 -24.92 36.70 22.24
C GLY J 273 -23.45 36.38 22.10
N GLY J 274 -23.00 35.36 22.82
CA GLY J 274 -21.64 34.91 22.76
C GLY J 274 -20.73 35.42 23.85
N GLU J 275 -21.20 36.32 24.69
CA GLU J 275 -20.36 36.87 25.74
C GLU J 275 -20.49 36.04 27.00
N ILE J 276 -19.64 36.31 27.98
CA ILE J 276 -19.55 35.51 29.20
C ILE J 276 -20.82 35.64 30.03
N ILE J 277 -20.97 34.78 31.02
CA ILE J 277 -21.99 34.92 32.06
C ILE J 277 -21.28 35.28 33.34
N PHE J 278 -21.67 36.39 33.95
CA PHE J 278 -21.13 36.79 35.24
C PHE J 278 -22.23 36.68 36.30
N ILE J 279 -21.97 35.91 37.33
CA ILE J 279 -22.89 35.72 38.44
C ILE J 279 -22.21 36.21 39.71
N ALA J 280 -22.76 37.25 40.31
CA ALA J 280 -22.23 37.79 41.54
C ALA J 280 -22.89 37.09 42.72
N GLY J 281 -22.12 36.26 43.42
CA GLY J 281 -22.64 35.54 44.55
C GLY J 281 -23.63 34.46 44.17
N THR J 282 -23.96 33.58 45.13
CA THR J 282 -24.96 32.53 44.93
C THR J 282 -24.60 31.65 43.73
N ASP J 283 -23.50 30.91 43.89
CA ASP J 283 -22.99 30.04 42.84
C ASP J 283 -24.06 29.12 42.25
N VAL J 284 -24.36 29.30 40.98
CA VAL J 284 -25.23 28.41 40.24
C VAL J 284 -24.37 27.31 39.63
N LYS J 285 -24.97 26.17 39.35
CA LYS J 285 -24.23 24.98 38.93
C LYS J 285 -24.84 24.40 37.67
N VAL J 286 -24.08 24.42 36.59
CA VAL J 286 -24.52 23.90 35.30
C VAL J 286 -23.83 22.55 35.05
N GLN J 287 -24.58 21.63 34.47
CA GLN J 287 -24.02 20.39 33.96
C GLN J 287 -24.53 20.19 32.55
N GLU J 288 -23.64 19.83 31.64
CA GLU J 288 -23.99 19.67 30.24
C GLU J 288 -24.37 18.22 29.97
N MET J 289 -25.58 18.02 29.47
CA MET J 289 -26.05 16.68 29.17
C MET J 289 -25.39 16.16 27.90
N LYS J 290 -25.05 14.87 27.91
CA LYS J 290 -24.41 14.28 26.73
C LYS J 290 -25.40 14.14 25.59
N ASN J 291 -26.51 13.46 25.84
CA ASN J 291 -27.52 13.17 24.82
C ASN J 291 -26.86 12.53 23.60
N ASP J 292 -26.30 11.34 23.82
CA ASP J 292 -25.54 10.65 22.77
C ASP J 292 -26.41 10.44 21.54
N LEU J 293 -27.45 9.61 21.67
CA LEU J 293 -28.48 9.47 20.66
C LEU J 293 -27.91 9.07 19.29
N SER J 294 -26.72 8.47 19.28
CA SER J 294 -26.05 8.11 18.05
C SER J 294 -26.06 6.61 17.78
N ASP J 295 -26.81 5.85 18.58
CA ASP J 295 -26.95 4.43 18.34
C ASP J 295 -28.38 3.97 18.56
N ILE J 296 -29.35 4.83 18.27
CA ILE J 296 -30.74 4.52 18.58
C ILE J 296 -31.22 3.32 17.77
N HIS J 297 -30.74 3.18 16.53
CA HIS J 297 -31.18 2.05 15.73
C HIS J 297 -30.35 0.80 15.95
N SER J 298 -29.31 0.86 16.79
CA SER J 298 -28.43 -0.29 17.03
C SER J 298 -27.81 -0.76 15.71
N LYS J 299 -26.90 0.07 15.19
CA LYS J 299 -26.36 -0.14 13.86
C LYS J 299 -25.79 -1.55 13.69
N VAL J 300 -25.11 -2.06 14.71
CA VAL J 300 -24.42 -3.33 14.57
C VAL J 300 -25.43 -4.48 14.55
N PRO J 301 -26.32 -4.63 15.55
CA PRO J 301 -27.31 -5.69 15.43
C PRO J 301 -28.53 -5.29 14.62
N LEU J 302 -28.30 -4.58 13.52
CA LEU J 302 -29.33 -4.30 12.52
C LEU J 302 -28.85 -4.64 11.13
N ASP J 303 -27.64 -4.21 10.78
CA ASP J 303 -27.04 -4.60 9.51
C ASP J 303 -26.91 -6.10 9.42
N ASP J 304 -26.76 -6.79 10.56
CA ASP J 304 -26.69 -8.25 10.51
C ASP J 304 -28.02 -8.85 10.11
N GLN J 305 -29.12 -8.34 10.66
CA GLN J 305 -30.43 -8.83 10.25
C GLN J 305 -30.70 -8.50 8.78
N ALA J 306 -30.25 -7.33 8.33
CA ALA J 306 -30.39 -7.00 6.92
C ALA J 306 -29.60 -7.96 6.05
N ARG J 307 -28.35 -8.26 6.44
CA ARG J 307 -27.55 -9.20 5.69
C ARG J 307 -28.19 -10.57 5.66
N THR J 308 -28.81 -10.98 6.77
CA THR J 308 -29.42 -12.30 6.81
C THR J 308 -30.64 -12.37 5.89
N ILE J 309 -31.56 -11.42 6.01
CA ILE J 309 -32.74 -11.45 5.14
C ILE J 309 -32.45 -11.02 3.72
N ALA J 310 -31.21 -10.61 3.43
CA ALA J 310 -30.82 -10.43 2.05
C ALA J 310 -30.19 -11.70 1.48
N GLY J 311 -29.28 -12.31 2.23
CA GLY J 311 -28.64 -13.52 1.77
C GLY J 311 -29.60 -14.70 1.65
N ASN J 312 -30.62 -14.74 2.50
CA ASN J 312 -31.60 -15.81 2.38
C ASN J 312 -32.38 -15.71 1.08
N PHE J 313 -32.48 -14.51 0.51
CA PHE J 313 -33.04 -14.34 -0.81
C PHE J 313 -32.02 -14.59 -1.92
N GLY J 314 -30.76 -14.79 -1.56
CA GLY J 314 -29.72 -15.00 -2.54
C GLY J 314 -29.36 -13.73 -3.28
N ILE J 315 -28.85 -12.75 -2.55
CA ILE J 315 -28.41 -11.49 -3.14
C ILE J 315 -27.07 -11.11 -2.52
N PRO J 316 -26.00 -11.04 -3.31
CA PRO J 316 -24.71 -10.58 -2.77
C PRO J 316 -24.86 -9.27 -2.03
N ILE J 317 -24.26 -9.21 -0.83
CA ILE J 317 -24.42 -8.04 0.02
C ILE J 317 -24.02 -6.77 -0.70
N ALA J 318 -22.96 -6.85 -1.51
CA ALA J 318 -22.44 -5.68 -2.19
C ALA J 318 -23.48 -4.95 -3.02
N LEU J 319 -24.47 -5.68 -3.55
CA LEU J 319 -25.51 -5.04 -4.34
C LEU J 319 -26.29 -4.00 -3.57
N LEU J 320 -26.29 -4.08 -2.24
CA LEU J 320 -27.10 -3.17 -1.43
C LEU J 320 -26.31 -2.61 -0.26
N TYR J 334 -16.87 -5.28 -7.72
CA TYR J 334 -18.28 -4.93 -7.73
C TYR J 334 -19.00 -5.64 -8.87
N ASP J 335 -18.63 -5.32 -10.10
CA ASP J 335 -19.27 -5.93 -11.26
C ASP J 335 -19.19 -7.44 -11.24
N GLU J 336 -18.11 -8.00 -10.67
CA GLU J 336 -18.04 -9.44 -10.48
C GLU J 336 -19.22 -9.92 -9.64
N SER J 337 -19.59 -9.14 -8.62
CA SER J 337 -20.72 -9.54 -7.78
C SER J 337 -22.03 -9.43 -8.54
N ARG J 338 -22.15 -8.49 -9.47
CA ARG J 338 -23.34 -8.44 -10.31
C ARG J 338 -23.43 -9.68 -11.20
N LYS J 339 -22.30 -10.06 -11.82
CA LYS J 339 -22.27 -11.30 -12.60
C LYS J 339 -22.66 -12.49 -11.74
N ALA J 340 -22.19 -12.51 -10.49
CA ALA J 340 -22.51 -13.61 -9.59
C ALA J 340 -24.00 -13.66 -9.30
N PHE J 341 -24.58 -12.52 -8.93
CA PHE J 341 -26.01 -12.47 -8.69
C PHE J 341 -26.80 -12.90 -9.92
N PHE J 342 -26.27 -12.65 -11.11
CA PHE J 342 -27.00 -13.04 -12.30
C PHE J 342 -26.93 -14.52 -12.57
N GLU J 343 -25.72 -15.09 -12.61
CA GLU J 343 -25.58 -16.49 -13.00
C GLU J 343 -25.41 -17.42 -11.81
N ASP J 344 -25.90 -17.03 -10.63
CA ASP J 344 -25.90 -17.92 -9.49
C ASP J 344 -27.25 -18.10 -8.83
N THR J 345 -28.12 -17.08 -8.85
CA THR J 345 -29.40 -17.18 -8.18
C THR J 345 -30.55 -16.81 -9.11
N ILE J 346 -30.32 -15.87 -10.02
CA ILE J 346 -31.37 -15.51 -10.97
C ILE J 346 -31.47 -16.53 -12.07
N GLU J 347 -30.32 -16.94 -12.63
CA GLU J 347 -30.36 -17.91 -13.72
C GLU J 347 -30.84 -19.26 -13.24
N PRO J 348 -30.15 -19.95 -12.30
CA PRO J 348 -30.68 -21.25 -11.86
C PRO J 348 -31.61 -21.18 -10.66
N GLY J 349 -32.48 -20.17 -10.55
CA GLY J 349 -33.48 -20.27 -9.52
C GLY J 349 -34.83 -19.68 -9.88
N TYR J 350 -34.87 -18.94 -10.96
CA TYR J 350 -36.08 -18.33 -11.49
C TYR J 350 -36.21 -18.55 -12.98
N LEU J 351 -35.09 -18.59 -13.70
CA LEU J 351 -35.11 -18.69 -15.15
C LEU J 351 -35.30 -20.14 -15.59
N THR J 352 -34.45 -21.05 -15.11
CA THR J 352 -34.59 -22.45 -15.48
C THR J 352 -35.90 -23.06 -15.02
N PRO J 353 -36.40 -22.84 -13.78
CA PRO J 353 -37.68 -23.47 -13.44
C PRO J 353 -38.83 -22.94 -14.27
N LEU J 354 -38.86 -21.64 -14.54
CA LEU J 354 -39.94 -21.07 -15.33
C LEU J 354 -39.90 -21.57 -16.75
N GLU J 355 -38.72 -21.57 -17.38
CA GLU J 355 -38.65 -21.99 -18.77
C GLU J 355 -38.89 -23.50 -18.90
N ASP J 356 -38.45 -24.29 -17.92
CA ASP J 356 -38.73 -25.72 -17.99
C ASP J 356 -40.20 -26.01 -17.73
N GLY J 357 -40.84 -25.25 -16.85
CA GLY J 357 -42.26 -25.42 -16.64
C GLY J 357 -43.06 -25.10 -17.88
N PHE J 358 -42.77 -23.97 -18.51
CA PHE J 358 -43.46 -23.64 -19.75
C PHE J 358 -43.17 -24.65 -20.84
N SER J 359 -41.90 -25.00 -21.05
CA SER J 359 -41.56 -25.95 -22.09
C SER J 359 -42.20 -27.31 -21.85
N MET J 360 -42.42 -27.67 -20.58
CA MET J 360 -42.94 -28.99 -20.30
C MET J 360 -44.34 -29.16 -20.87
N PHE J 361 -45.25 -28.23 -20.56
CA PHE J 361 -46.55 -28.25 -21.22
C PHE J 361 -46.94 -26.83 -21.65
N LEU J 362 -46.35 -26.40 -22.75
CA LEU J 362 -46.90 -25.39 -23.66
C LEU J 362 -46.62 -25.71 -25.11
N CYS J 363 -45.71 -26.63 -25.42
CA CYS J 363 -45.37 -26.98 -26.79
C CYS J 363 -44.85 -28.41 -26.82
N GLY J 364 -44.87 -29.01 -28.00
CA GLY J 364 -44.40 -30.36 -28.16
C GLY J 364 -42.90 -30.46 -28.10
N ALA J 365 -42.41 -31.69 -28.14
CA ALA J 365 -40.98 -31.93 -28.13
C ALA J 365 -40.33 -31.33 -29.38
N GLY J 366 -39.00 -31.19 -29.33
CA GLY J 366 -38.26 -30.55 -30.40
C GLY J 366 -38.29 -29.04 -30.36
N TYR J 367 -39.30 -28.44 -29.74
CA TYR J 367 -39.37 -26.99 -29.60
C TYR J 367 -39.77 -26.66 -28.16
N ARG J 368 -39.26 -25.54 -27.68
CA ARG J 368 -39.49 -25.17 -26.29
C ARG J 368 -39.12 -23.70 -26.11
N VAL J 369 -39.59 -23.13 -25.01
CA VAL J 369 -39.36 -21.71 -24.76
C VAL J 369 -37.95 -21.51 -24.27
N ILE J 370 -37.27 -20.52 -24.84
CA ILE J 370 -35.90 -20.16 -24.51
C ILE J 370 -35.85 -18.65 -24.33
N PHE J 371 -34.91 -18.18 -23.53
CA PHE J 371 -34.66 -16.76 -23.40
C PHE J 371 -33.20 -16.47 -23.69
N ASP J 372 -32.94 -15.37 -24.38
CA ASP J 372 -31.62 -15.04 -24.88
C ASP J 372 -30.77 -14.48 -23.74
N ARG J 373 -29.70 -15.19 -23.38
CA ARG J 373 -28.81 -14.71 -22.33
C ARG J 373 -28.12 -13.41 -22.73
N ASP J 374 -27.82 -13.24 -24.01
CA ASP J 374 -27.17 -12.00 -24.46
C ASP J 374 -28.07 -10.79 -24.35
N SER J 375 -29.33 -10.96 -23.95
CA SER J 375 -30.17 -9.82 -23.61
C SER J 375 -29.91 -9.30 -22.21
N ILE J 376 -29.15 -10.03 -21.40
CA ILE J 376 -28.77 -9.55 -20.08
C ILE J 376 -27.59 -8.60 -20.22
N PRO J 377 -27.69 -7.36 -19.73
CA PRO J 377 -26.61 -6.39 -19.97
C PRO J 377 -25.34 -6.71 -19.19
N ALA J 378 -25.41 -7.49 -18.12
CA ALA J 378 -24.22 -7.73 -17.31
C ALA J 378 -23.30 -8.79 -17.90
N LEU J 379 -23.83 -9.66 -18.75
CA LEU J 379 -23.08 -10.80 -19.27
C LEU J 379 -22.43 -10.53 -20.63
N ARG J 380 -22.61 -9.33 -21.18
CA ARG J 380 -22.19 -9.09 -22.56
C ARG J 380 -20.68 -9.15 -22.71
N LYS J 381 -19.94 -8.50 -21.82
CA LYS J 381 -18.49 -8.53 -21.89
C LYS J 381 -17.95 -9.94 -21.77
N SER J 382 -18.49 -10.71 -20.83
CA SER J 382 -18.03 -12.09 -20.65
C SER J 382 -18.32 -12.91 -21.90
N ARG J 383 -19.52 -12.79 -22.46
CA ARG J 383 -19.83 -13.53 -23.68
C ARG J 383 -18.87 -13.15 -24.80
N ALA J 384 -18.56 -11.88 -24.95
CA ALA J 384 -17.67 -11.46 -26.03
C ALA J 384 -16.26 -12.02 -25.84
N ASP J 385 -15.74 -11.96 -24.62
CA ASP J 385 -14.40 -12.48 -24.38
C ASP J 385 -14.35 -13.99 -24.60
N ILE J 386 -15.37 -14.71 -24.13
CA ILE J 386 -15.42 -16.15 -24.35
C ILE J 386 -15.47 -16.45 -25.85
N ALA J 387 -16.27 -15.70 -26.59
CA ALA J 387 -16.39 -15.93 -28.03
C ALA J 387 -15.05 -15.74 -28.72
N ALA J 388 -14.33 -14.67 -28.37
CA ALA J 388 -13.02 -14.43 -28.98
C ALA J 388 -12.05 -15.57 -28.65
N THR J 389 -11.97 -15.93 -27.37
CA THR J 389 -11.05 -16.98 -26.96
C THR J 389 -11.32 -18.28 -27.71
N TYR J 390 -12.61 -18.65 -27.82
CA TYR J 390 -12.96 -19.84 -28.60
C TYR J 390 -12.58 -19.66 -30.07
N ASP J 391 -12.76 -18.45 -30.60
CA ASP J 391 -12.30 -18.18 -31.96
C ASP J 391 -10.84 -18.54 -32.14
N LYS J 392 -10.03 -18.33 -31.11
CA LYS J 392 -8.60 -18.62 -31.27
C LYS J 392 -8.29 -20.10 -31.40
N VAL J 393 -9.20 -20.98 -30.96
CA VAL J 393 -8.94 -22.43 -31.01
C VAL J 393 -9.14 -22.95 -32.44
N THR J 394 -8.47 -24.06 -32.75
CA THR J 394 -8.61 -24.69 -34.06
C THR J 394 -9.10 -26.13 -34.02
N PHE J 395 -8.80 -26.89 -32.97
CA PHE J 395 -9.14 -28.32 -33.01
C PHE J 395 -10.61 -28.52 -32.68
N ILE J 396 -11.47 -27.72 -33.29
CA ILE J 396 -12.90 -27.72 -33.00
C ILE J 396 -13.62 -27.20 -34.24
N THR J 397 -14.62 -27.95 -34.71
CA THR J 397 -15.35 -27.51 -35.88
C THR J 397 -16.17 -26.27 -35.56
N GLU J 398 -16.64 -25.60 -36.61
CA GLU J 398 -17.30 -24.31 -36.43
C GLU J 398 -18.64 -24.46 -35.72
N GLU J 399 -19.39 -25.52 -36.01
CA GLU J 399 -20.73 -25.65 -35.46
C GLU J 399 -20.69 -25.80 -33.94
N GLU J 400 -19.70 -26.51 -33.41
CA GLU J 400 -19.61 -26.63 -31.96
C GLU J 400 -19.04 -25.36 -31.32
N LYS J 401 -18.11 -24.69 -31.98
CA LYS J 401 -17.70 -23.37 -31.52
C LYS J 401 -18.88 -22.43 -31.41
N ARG J 402 -19.85 -22.56 -32.32
CA ARG J 402 -21.08 -21.79 -32.21
C ARG J 402 -21.89 -22.26 -31.01
N GLU J 403 -22.28 -23.54 -31.02
CA GLU J 403 -23.25 -24.03 -30.05
C GLU J 403 -22.76 -23.94 -28.61
N VAL J 404 -21.44 -23.85 -28.40
CA VAL J 404 -20.93 -23.69 -27.03
C VAL J 404 -21.15 -22.28 -26.52
N THR J 405 -21.58 -21.35 -27.38
CA THR J 405 -21.78 -19.96 -26.99
C THR J 405 -23.10 -19.45 -27.55
N GLY J 406 -24.17 -20.23 -27.39
CA GLY J 406 -25.41 -19.85 -28.06
C GLY J 406 -25.34 -20.17 -29.54
N TRP J 407 -25.92 -19.28 -30.36
CA TRP J 407 -25.76 -19.31 -31.80
C TRP J 407 -26.05 -20.71 -32.37
N PRO J 408 -27.31 -21.12 -32.45
CA PRO J 408 -27.62 -22.53 -32.72
C PRO J 408 -27.01 -23.07 -34.00
N ALA J 409 -27.33 -22.46 -35.15
CA ALA J 409 -26.83 -22.95 -36.43
C ALA J 409 -27.03 -21.91 -37.52
N PRO K 16 -20.25 -65.04 -14.63
CA PRO K 16 -20.40 -63.75 -13.95
C PRO K 16 -20.90 -63.84 -12.51
N ALA K 17 -22.07 -63.27 -12.25
CA ALA K 17 -22.49 -62.92 -10.88
C ALA K 17 -22.43 -64.12 -9.94
N PRO K 18 -21.70 -64.03 -8.82
CA PRO K 18 -21.49 -65.22 -7.97
C PRO K 18 -22.50 -65.35 -6.84
N SER K 19 -23.29 -64.30 -6.60
CA SER K 19 -24.39 -64.27 -5.64
C SER K 19 -23.95 -64.37 -4.18
N ALA K 20 -22.65 -64.51 -3.88
CA ALA K 20 -22.17 -64.74 -2.52
C ALA K 20 -21.20 -63.63 -2.12
N ASN K 21 -21.74 -62.56 -1.52
CA ASN K 21 -20.94 -61.42 -1.08
C ASN K 21 -20.58 -61.58 0.39
N PRO K 22 -19.59 -60.82 0.86
CA PRO K 22 -19.15 -60.97 2.26
C PRO K 22 -19.95 -60.12 3.24
N ALA K 23 -21.12 -59.64 2.85
CA ALA K 23 -21.93 -58.82 3.73
C ALA K 23 -22.94 -59.63 4.52
N LYS K 24 -22.88 -60.95 4.43
CA LYS K 24 -23.71 -61.84 5.25
C LYS K 24 -23.33 -61.80 6.71
N ILE K 25 -22.32 -60.99 7.08
CA ILE K 25 -21.85 -60.87 8.44
C ILE K 25 -22.91 -60.27 9.36
N PHE K 26 -23.91 -59.61 8.79
CA PHE K 26 -24.86 -58.84 9.60
C PHE K 26 -26.27 -59.43 9.61
N ILE K 27 -26.72 -60.02 8.50
CA ILE K 27 -28.05 -60.63 8.44
C ILE K 27 -28.15 -61.84 9.38
N ARG K 28 -27.02 -62.44 9.73
CA ARG K 28 -27.01 -63.64 10.56
C ARG K 28 -27.71 -63.42 11.90
N ARG K 29 -27.23 -62.46 12.68
CA ARG K 29 -27.70 -62.09 14.01
C ARG K 29 -27.75 -60.58 14.21
N PHE K 30 -26.75 -59.85 13.68
CA PHE K 30 -26.73 -58.40 13.82
C PHE K 30 -27.99 -57.78 13.20
N PHE K 31 -28.62 -58.47 12.26
CA PHE K 31 -29.90 -58.07 11.69
C PHE K 31 -30.85 -59.25 11.68
N SER K 32 -32.03 -59.03 11.10
CA SER K 32 -33.01 -60.09 10.92
C SER K 32 -33.73 -59.87 9.59
N ALA K 33 -33.99 -60.95 8.88
CA ALA K 33 -34.56 -60.85 7.55
C ALA K 33 -36.08 -60.69 7.61
N GLY K 34 -36.65 -60.23 6.48
CA GLY K 34 -38.08 -60.06 6.35
C GLY K 34 -38.71 -59.20 7.43
N VAL K 35 -38.23 -57.96 7.55
CA VAL K 35 -38.80 -57.04 8.53
C VAL K 35 -39.10 -55.67 7.96
N ALA K 36 -38.56 -55.30 6.80
CA ALA K 36 -38.80 -54.00 6.17
C ALA K 36 -38.38 -52.85 7.10
N LYS K 37 -37.10 -52.87 7.49
CA LYS K 37 -36.57 -51.82 8.33
C LYS K 37 -36.50 -50.50 7.57
N ASN K 38 -36.82 -49.42 8.27
CA ASN K 38 -36.76 -48.09 7.65
C ASN K 38 -35.31 -47.68 7.43
N VAL K 39 -35.12 -46.72 6.52
CA VAL K 39 -33.78 -46.39 6.07
C VAL K 39 -33.10 -45.30 6.89
N VAL K 40 -33.87 -44.48 7.61
CA VAL K 40 -33.32 -43.37 8.38
C VAL K 40 -34.00 -43.31 9.73
N SER K 41 -33.21 -43.05 10.77
CA SER K 41 -33.77 -42.89 12.11
C SER K 41 -34.70 -41.70 12.16
N TYR K 42 -35.76 -41.81 12.96
CA TYR K 42 -36.73 -40.72 13.08
C TYR K 42 -36.07 -39.44 13.55
N SER K 43 -35.09 -39.54 14.44
CA SER K 43 -34.35 -38.35 14.88
C SER K 43 -33.73 -37.63 13.71
N ASN K 44 -33.16 -38.38 12.76
CA ASN K 44 -32.56 -37.75 11.59
C ASN K 44 -33.62 -37.06 10.74
N VAL K 45 -34.80 -37.66 10.63
CA VAL K 45 -35.88 -37.03 9.87
C VAL K 45 -36.30 -35.72 10.50
N MET K 46 -36.49 -35.72 11.82
CA MET K 46 -36.87 -34.48 12.50
C MET K 46 -35.78 -33.43 12.39
N ALA K 47 -34.51 -33.86 12.46
CA ALA K 47 -33.41 -32.91 12.36
C ALA K 47 -33.37 -32.27 10.97
N ALA K 48 -33.55 -33.08 9.93
CA ALA K 48 -33.61 -32.54 8.58
C ALA K 48 -34.84 -31.65 8.40
N GLN K 49 -35.91 -31.95 9.12
CA GLN K 49 -37.12 -31.13 9.01
C GLN K 49 -36.90 -29.75 9.59
N ARG K 50 -36.50 -29.69 10.87
CA ARG K 50 -36.32 -28.39 11.50
C ARG K 50 -35.08 -27.67 10.98
N ALA K 51 -34.16 -28.38 10.32
CA ALA K 51 -33.05 -27.72 9.67
C ALA K 51 -33.47 -27.03 8.38
N MET K 52 -34.68 -27.27 7.89
CA MET K 52 -35.18 -26.58 6.72
C MET K 52 -35.80 -25.24 7.05
N GLU K 53 -36.01 -24.93 8.33
CA GLU K 53 -36.50 -23.64 8.76
C GLU K 53 -35.40 -22.74 9.30
N HIS K 54 -34.31 -23.33 9.76
CA HIS K 54 -33.19 -22.54 10.26
C HIS K 54 -32.65 -21.66 9.15
N PRO K 55 -32.26 -20.42 9.46
CA PRO K 55 -31.79 -19.51 8.40
C PRO K 55 -30.59 -20.04 7.63
N VAL K 56 -29.50 -20.30 8.33
CA VAL K 56 -28.25 -20.66 7.67
C VAL K 56 -28.37 -22.03 7.02
N ALA K 57 -28.97 -22.99 7.73
CA ALA K 57 -29.06 -24.34 7.19
C ALA K 57 -29.91 -24.37 5.93
N PHE K 58 -31.04 -23.66 5.92
CA PHE K 58 -31.86 -23.62 4.72
C PHE K 58 -31.15 -22.90 3.59
N ARG K 59 -30.49 -21.79 3.89
CA ARG K 59 -29.73 -21.09 2.85
C ARG K 59 -28.74 -22.03 2.18
N CYS K 60 -27.95 -22.75 2.99
CA CYS K 60 -26.95 -23.64 2.41
C CYS K 60 -27.59 -24.79 1.65
N LEU K 61 -28.68 -25.36 2.19
CA LEU K 61 -29.32 -26.50 1.55
C LEU K 61 -29.87 -26.12 0.18
N ASP K 62 -30.63 -25.02 0.11
CA ASP K 62 -31.15 -24.66 -1.21
C ASP K 62 -30.08 -24.09 -2.11
N LYS K 63 -28.96 -23.60 -1.56
CA LYS K 63 -27.83 -23.25 -2.42
C LYS K 63 -27.29 -24.49 -3.14
N LEU K 64 -27.05 -25.56 -2.39
CA LEU K 64 -26.61 -26.81 -3.00
C LEU K 64 -27.64 -27.30 -4.01
N GLY K 65 -28.92 -27.28 -3.63
CA GLY K 65 -29.96 -27.74 -4.54
C GLY K 65 -30.02 -26.94 -5.83
N LEU K 66 -29.96 -25.62 -5.73
CA LEU K 66 -30.00 -24.78 -6.91
C LEU K 66 -28.80 -25.03 -7.80
N THR K 67 -27.60 -25.08 -7.21
CA THR K 67 -26.40 -25.29 -8.01
C THR K 67 -26.48 -26.61 -8.76
N VAL K 68 -26.89 -27.69 -8.10
CA VAL K 68 -26.98 -28.97 -8.78
C VAL K 68 -28.07 -28.94 -9.84
N GLN K 69 -29.20 -28.32 -9.52
CA GLN K 69 -30.36 -28.29 -10.41
C GLN K 69 -30.09 -27.58 -11.72
N SER K 70 -29.01 -26.81 -11.81
CA SER K 70 -28.74 -26.03 -13.01
C SER K 70 -28.05 -26.81 -14.11
N VAL K 71 -27.48 -27.95 -13.81
CA VAL K 71 -26.64 -28.64 -14.78
C VAL K 71 -27.51 -29.42 -15.74
N LYS K 72 -27.03 -29.57 -16.98
CA LYS K 72 -27.81 -30.17 -18.05
C LYS K 72 -27.39 -31.62 -18.27
N TRP K 73 -28.37 -32.49 -18.47
CA TRP K 73 -28.16 -33.91 -18.71
C TRP K 73 -28.05 -34.23 -20.19
N ASP K 74 -27.56 -35.44 -20.47
CA ASP K 74 -27.72 -36.14 -21.73
C ASP K 74 -27.08 -37.52 -21.58
N VAL K 75 -27.55 -38.46 -22.37
CA VAL K 75 -26.90 -39.76 -22.46
C VAL K 75 -25.87 -39.69 -23.58
N GLY K 76 -24.77 -40.41 -23.41
CA GLY K 76 -23.70 -40.34 -24.39
C GLY K 76 -22.77 -41.52 -24.27
N LYS K 77 -21.95 -41.69 -25.31
CA LYS K 77 -20.94 -42.73 -25.31
C LYS K 77 -19.98 -42.54 -24.15
N ASP K 78 -19.63 -43.63 -23.48
CA ASP K 78 -18.72 -43.32 -22.39
C ASP K 78 -17.28 -43.35 -22.88
N PRO K 79 -16.40 -42.57 -22.24
CA PRO K 79 -14.99 -42.55 -22.69
C PRO K 79 -14.29 -43.88 -22.53
N GLN K 80 -14.41 -44.52 -21.37
CA GLN K 80 -13.77 -45.82 -21.14
C GLN K 80 -14.64 -46.94 -21.73
N ASN K 81 -14.87 -46.83 -23.04
CA ASN K 81 -15.63 -47.83 -23.77
C ASN K 81 -14.66 -48.89 -24.29
N THR K 82 -14.26 -49.77 -23.38
CA THR K 82 -13.57 -50.99 -23.77
C THR K 82 -14.56 -52.04 -24.28
N GLN K 83 -15.82 -51.92 -23.91
CA GLN K 83 -16.87 -52.89 -24.22
C GLN K 83 -17.33 -52.65 -25.66
N VAL K 84 -16.62 -53.28 -26.60
CA VAL K 84 -17.00 -53.15 -28.00
C VAL K 84 -18.38 -53.75 -28.25
N GLY K 85 -18.78 -54.71 -27.43
CA GLY K 85 -20.16 -55.18 -27.45
C GLY K 85 -21.06 -54.21 -26.73
N ASP K 86 -21.34 -53.08 -27.38
CA ASP K 86 -22.00 -51.96 -26.72
C ASP K 86 -23.34 -52.39 -26.11
N GLY K 87 -23.57 -51.95 -24.88
CA GLY K 87 -24.75 -52.28 -24.11
C GLY K 87 -25.92 -51.34 -24.29
N GLY K 88 -25.85 -50.40 -25.23
CA GLY K 88 -27.01 -49.62 -25.59
C GLY K 88 -27.96 -50.50 -26.37
N MET K 89 -28.56 -51.46 -25.66
CA MET K 89 -29.15 -52.67 -26.22
C MET K 89 -29.94 -52.45 -27.50
N SER K 90 -30.70 -51.37 -27.59
CA SER K 90 -31.57 -51.15 -28.74
C SER K 90 -31.22 -49.92 -29.56
N ALA K 91 -30.63 -48.90 -28.95
CA ALA K 91 -30.45 -47.55 -29.48
C ALA K 91 -31.79 -46.83 -29.64
N SER K 92 -32.91 -47.51 -29.38
CA SER K 92 -34.21 -46.87 -29.16
C SER K 92 -34.52 -46.72 -27.69
N GLN K 93 -34.12 -47.70 -26.88
CA GLN K 93 -34.13 -47.52 -25.43
C GLN K 93 -33.29 -46.31 -25.04
N ARG K 94 -32.19 -46.07 -25.75
CA ARG K 94 -31.35 -44.93 -25.44
C ARG K 94 -32.05 -43.61 -25.77
N LYS K 95 -32.76 -43.57 -26.90
CA LYS K 95 -33.53 -42.38 -27.22
C LYS K 95 -34.63 -42.16 -26.18
N ALA K 96 -35.29 -43.23 -25.75
CA ALA K 96 -36.32 -43.10 -24.73
C ALA K 96 -35.73 -42.62 -23.42
N LEU K 97 -34.53 -43.09 -23.07
CA LEU K 97 -33.89 -42.66 -21.84
C LEU K 97 -33.50 -41.20 -21.92
N GLN K 98 -33.04 -40.74 -23.09
CA GLN K 98 -32.81 -39.32 -23.28
C GLN K 98 -34.08 -38.53 -23.05
N GLN K 99 -35.16 -38.94 -23.72
CA GLN K 99 -36.47 -38.29 -23.54
C GLN K 99 -36.83 -38.18 -22.08
N ILE K 100 -36.70 -39.29 -21.34
CA ILE K 100 -37.13 -39.32 -19.95
C ILE K 100 -36.19 -38.47 -19.09
N LEU K 101 -34.90 -38.47 -19.39
CA LEU K 101 -33.97 -37.64 -18.65
C LEU K 101 -34.27 -36.17 -18.84
N GLN K 102 -34.84 -35.79 -19.98
CA GLN K 102 -35.27 -34.41 -20.14
C GLN K 102 -36.69 -34.17 -19.66
N ARG K 103 -37.56 -35.18 -19.77
CA ARG K 103 -38.92 -35.09 -19.26
C ARG K 103 -39.27 -36.37 -18.51
N PRO K 104 -39.10 -36.37 -17.21
CA PRO K 104 -39.57 -37.50 -16.39
C PRO K 104 -41.08 -37.49 -16.30
N ASN K 105 -41.64 -38.27 -15.38
CA ASN K 105 -43.07 -38.35 -15.12
C ASN K 105 -43.76 -37.01 -15.26
N PRO K 106 -44.94 -36.96 -15.88
CA PRO K 106 -45.65 -35.68 -16.03
C PRO K 106 -45.79 -34.93 -14.72
N THR K 107 -45.98 -33.61 -14.83
CA THR K 107 -46.05 -32.71 -13.67
C THR K 107 -44.75 -32.69 -12.87
N MET K 108 -43.63 -32.95 -13.54
CA MET K 108 -42.30 -32.78 -12.97
C MET K 108 -41.27 -32.85 -14.07
N SER K 109 -40.33 -31.91 -14.06
CA SER K 109 -39.28 -31.80 -15.07
C SER K 109 -37.98 -32.36 -14.53
N GLY K 110 -37.02 -32.54 -15.43
CA GLY K 110 -35.74 -33.10 -15.02
C GLY K 110 -35.03 -32.24 -14.01
N ALA K 111 -35.16 -30.91 -14.14
CA ALA K 111 -34.49 -30.00 -13.21
C ALA K 111 -34.98 -30.22 -11.79
N GLN K 112 -36.30 -30.35 -11.62
CA GLN K 112 -36.82 -30.58 -10.27
C GLN K 112 -36.43 -31.94 -9.75
N LEU K 113 -36.28 -32.93 -10.62
CA LEU K 113 -35.76 -34.22 -10.20
C LEU K 113 -34.36 -34.06 -9.64
N ARG K 114 -33.49 -33.36 -10.37
CA ARG K 114 -32.14 -33.13 -9.88
C ARG K 114 -32.15 -32.39 -8.55
N TYR K 115 -33.01 -31.38 -8.42
CA TYR K 115 -33.06 -30.61 -7.18
C TYR K 115 -33.46 -31.48 -6.00
N SER K 116 -34.56 -32.22 -6.15
CA SER K 116 -35.01 -33.07 -5.05
C SER K 116 -33.99 -34.14 -4.71
N ALA K 117 -33.36 -34.72 -5.74
CA ALA K 117 -32.37 -35.77 -5.50
C ALA K 117 -31.18 -35.23 -4.72
N ALA K 118 -30.63 -34.10 -5.17
CA ALA K 118 -29.48 -33.53 -4.48
C ALA K 118 -29.84 -33.11 -3.07
N LEU K 119 -31.04 -32.56 -2.88
CA LEU K 119 -31.45 -32.13 -1.55
C LEU K 119 -31.55 -33.31 -0.59
N SER K 120 -32.25 -34.37 -1.01
CA SER K 120 -32.36 -35.54 -0.14
C SER K 120 -31.01 -36.21 0.07
N TRP K 121 -30.12 -36.14 -0.91
CA TRP K 121 -28.77 -36.67 -0.73
C TRP K 121 -28.01 -35.88 0.33
N ALA K 122 -28.21 -34.57 0.35
CA ALA K 122 -27.51 -33.75 1.34
C ALA K 122 -28.07 -33.96 2.74
N CYS K 123 -29.39 -34.14 2.84
CA CYS K 123 -29.99 -34.24 4.17
C CYS K 123 -29.79 -35.63 4.79
N PHE K 124 -29.99 -36.69 4.01
CA PHE K 124 -29.96 -38.04 4.56
C PHE K 124 -28.84 -38.91 4.03
N GLY K 125 -28.16 -38.52 2.96
CA GLY K 125 -27.16 -39.38 2.38
C GLY K 125 -27.73 -40.55 1.62
N ARG K 126 -28.95 -40.42 1.10
CA ARG K 126 -29.58 -41.47 0.34
C ARG K 126 -30.29 -40.86 -0.87
N MET K 127 -30.47 -41.68 -1.90
CA MET K 127 -31.18 -41.30 -3.11
C MET K 127 -31.99 -42.49 -3.57
N ALA K 128 -33.29 -42.31 -3.77
CA ALA K 128 -34.16 -43.41 -4.18
C ALA K 128 -35.02 -42.97 -5.35
N PHE K 129 -35.40 -43.95 -6.18
CA PHE K 129 -36.13 -43.66 -7.41
C PHE K 129 -37.01 -44.85 -7.76
N LYS K 130 -37.81 -44.69 -8.81
CA LYS K 130 -38.68 -45.75 -9.30
C LYS K 130 -38.86 -45.58 -10.80
N VAL K 131 -38.76 -46.69 -11.53
CA VAL K 131 -38.82 -46.67 -12.99
C VAL K 131 -39.99 -47.52 -13.45
N SER K 132 -40.43 -47.28 -14.67
CA SER K 132 -41.63 -47.94 -15.21
C SER K 132 -41.38 -48.46 -16.62
N VAL K 133 -40.25 -49.14 -16.82
CA VAL K 133 -39.89 -49.65 -18.14
C VAL K 133 -41.05 -50.46 -18.71
N MET K 134 -41.43 -50.16 -19.96
CA MET K 134 -42.67 -50.70 -20.51
C MET K 134 -42.64 -52.21 -20.71
N SER K 135 -41.92 -52.70 -21.73
CA SER K 135 -41.76 -54.14 -21.87
C SER K 135 -40.40 -54.52 -22.45
N ASP K 136 -39.62 -53.54 -22.90
CA ASP K 136 -38.42 -53.82 -23.67
C ASP K 136 -37.29 -52.90 -23.27
N GLY K 137 -37.12 -52.70 -21.97
CA GLY K 137 -36.11 -51.79 -21.49
C GLY K 137 -36.36 -50.33 -21.79
N SER K 138 -37.49 -50.01 -22.40
CA SER K 138 -37.84 -48.63 -22.69
C SER K 138 -38.47 -48.03 -21.44
N VAL K 139 -37.70 -47.19 -20.74
CA VAL K 139 -38.20 -46.59 -19.51
C VAL K 139 -39.36 -45.66 -19.83
N ASN K 140 -40.42 -45.74 -19.03
CA ASN K 140 -41.59 -44.92 -19.31
C ASN K 140 -41.55 -43.60 -18.54
N ALA K 141 -41.19 -43.65 -17.25
CA ALA K 141 -41.11 -42.46 -16.42
C ALA K 141 -40.34 -42.83 -15.15
N ILE K 142 -39.86 -41.80 -14.46
CA ILE K 142 -39.07 -41.98 -13.25
C ILE K 142 -39.66 -41.11 -12.15
N TRP K 143 -39.81 -41.69 -10.96
CA TRP K 143 -40.33 -40.98 -9.81
C TRP K 143 -39.32 -41.00 -8.67
N PRO K 144 -39.10 -39.87 -8.01
CA PRO K 144 -38.30 -39.89 -6.78
C PRO K 144 -39.11 -40.43 -5.62
N LEU K 145 -38.39 -40.99 -4.65
CA LEU K 145 -38.98 -41.64 -3.49
C LEU K 145 -38.65 -40.83 -2.24
N GLY K 146 -39.65 -40.56 -1.43
CA GLY K 146 -39.42 -39.86 -0.19
C GLY K 146 -38.64 -40.71 0.80
N ILE K 147 -37.39 -40.32 1.05
CA ILE K 147 -36.54 -41.09 1.97
C ILE K 147 -37.17 -41.22 3.36
N PRO K 148 -37.79 -40.20 3.96
CA PRO K 148 -38.29 -40.36 5.33
C PRO K 148 -39.16 -41.59 5.54
N PHE K 149 -40.14 -41.82 4.67
CA PHE K 149 -41.08 -42.92 4.83
C PHE K 149 -40.87 -44.02 3.78
N LEU K 150 -39.63 -44.32 3.45
CA LEU K 150 -39.30 -45.44 2.59
C LEU K 150 -38.60 -46.51 3.41
N LYS K 151 -39.17 -47.70 3.44
CA LYS K 151 -38.61 -48.84 4.13
C LYS K 151 -38.15 -49.88 3.12
N GLN K 152 -37.15 -50.66 3.50
CA GLN K 152 -36.58 -51.66 2.61
C GLN K 152 -36.40 -52.97 3.36
N LYS K 153 -36.43 -54.07 2.60
CA LYS K 153 -36.32 -55.41 3.16
C LYS K 153 -35.16 -56.15 2.53
N PHE K 154 -34.43 -56.89 3.34
CA PHE K 154 -33.19 -57.54 2.94
C PHE K 154 -33.44 -58.98 2.52
N ASP K 155 -32.44 -59.54 1.84
CA ASP K 155 -32.45 -60.94 1.45
C ASP K 155 -31.84 -61.79 2.58
N ARG K 156 -31.55 -63.04 2.27
CA ARG K 156 -30.82 -63.88 3.20
C ARG K 156 -29.32 -63.77 3.05
N TYR K 157 -28.82 -63.45 1.86
CA TYR K 157 -27.36 -63.42 1.69
C TYR K 157 -26.75 -62.09 2.13
N GLY K 158 -26.97 -61.02 1.36
CA GLY K 158 -26.36 -59.76 1.73
C GLY K 158 -27.00 -58.45 1.30
N ASP K 159 -28.18 -58.47 0.72
CA ASP K 159 -28.63 -57.27 0.02
C ASP K 159 -30.15 -57.15 0.07
N VAL K 160 -30.64 -56.06 -0.50
CA VAL K 160 -32.07 -55.75 -0.51
C VAL K 160 -32.75 -56.50 -1.64
N GLU K 161 -34.03 -56.80 -1.44
CA GLU K 161 -34.88 -57.33 -2.51
C GLU K 161 -36.05 -56.44 -2.85
N SER K 162 -36.69 -55.80 -1.86
CA SER K 162 -37.89 -55.05 -2.12
C SER K 162 -37.91 -53.81 -1.23
N PHE K 163 -38.67 -52.82 -1.67
CA PHE K 163 -38.84 -51.57 -0.94
C PHE K 163 -40.31 -51.38 -0.60
N GLN K 164 -40.59 -51.13 0.67
CA GLN K 164 -41.94 -50.80 1.11
C GLN K 164 -42.04 -49.30 1.28
N TYR K 165 -43.10 -48.71 0.74
CA TYR K 165 -43.26 -47.26 0.68
C TYR K 165 -44.62 -46.91 1.29
N GLY K 166 -44.62 -46.49 2.55
CA GLY K 166 -45.85 -46.21 3.25
C GLY K 166 -46.14 -47.23 4.34
N ASP K 167 -47.02 -46.84 5.26
CA ASP K 167 -47.29 -47.67 6.43
C ASP K 167 -48.35 -48.73 6.17
N GLU K 168 -49.59 -48.34 5.87
CA GLU K 168 -50.61 -49.38 6.01
C GLU K 168 -51.55 -49.56 4.83
N ALA K 169 -52.15 -48.49 4.31
CA ALA K 169 -53.15 -48.66 3.26
C ALA K 169 -52.51 -49.14 1.97
N GLY K 170 -51.73 -48.27 1.32
CA GLY K 170 -50.98 -48.66 0.14
C GLY K 170 -49.68 -49.30 0.56
N LYS K 171 -49.37 -50.46 -0.03
CA LYS K 171 -48.30 -51.32 0.45
C LYS K 171 -47.48 -51.91 -0.68
N GLU K 172 -47.06 -51.11 -1.66
CA GLU K 172 -46.40 -51.66 -2.83
C GLU K 172 -44.95 -52.01 -2.48
N THR K 173 -44.63 -53.29 -2.55
CA THR K 173 -43.27 -53.77 -2.36
C THR K 173 -42.57 -53.78 -3.71
N ILE K 174 -42.09 -52.61 -4.11
CA ILE K 174 -41.41 -52.51 -5.40
C ILE K 174 -40.13 -53.35 -5.35
N PRO K 175 -39.86 -54.21 -6.33
CA PRO K 175 -38.64 -55.00 -6.30
C PRO K 175 -37.40 -54.15 -6.52
N SER K 176 -36.29 -54.62 -5.98
CA SER K 176 -35.01 -53.97 -6.21
C SER K 176 -34.50 -54.32 -7.60
N PHE K 177 -33.47 -53.59 -8.05
CA PHE K 177 -32.91 -53.87 -9.37
C PHE K 177 -32.24 -55.22 -9.41
N THR K 178 -31.75 -55.71 -8.27
CA THR K 178 -31.09 -57.01 -8.24
C THR K 178 -32.03 -58.12 -8.70
N LYS K 179 -33.18 -58.25 -8.05
CA LYS K 179 -34.17 -59.25 -8.42
C LYS K 179 -35.32 -58.54 -9.12
N VAL K 180 -35.46 -58.81 -10.42
CA VAL K 180 -36.55 -58.30 -11.21
C VAL K 180 -36.55 -59.08 -12.52
N GLU K 181 -37.70 -59.20 -13.16
CA GLU K 181 -37.77 -59.96 -14.40
C GLU K 181 -36.91 -59.27 -15.46
N LYS K 182 -35.77 -59.86 -15.77
CA LYS K 182 -34.83 -59.26 -16.70
C LYS K 182 -35.16 -59.64 -18.13
N ASN K 183 -34.69 -58.81 -19.06
CA ASN K 183 -34.74 -59.15 -20.47
C ASN K 183 -33.68 -60.20 -20.77
N ASP K 184 -33.78 -60.80 -21.96
CA ASP K 184 -32.79 -61.80 -22.35
C ASP K 184 -31.41 -61.17 -22.50
N LYS K 185 -31.33 -59.84 -22.62
CA LYS K 185 -30.06 -59.14 -22.59
C LYS K 185 -29.60 -58.79 -21.18
N GLY K 186 -30.52 -58.56 -20.25
CA GLY K 186 -30.16 -58.17 -18.91
C GLY K 186 -30.98 -57.00 -18.37
N ARG K 187 -31.58 -56.24 -19.28
CA ARG K 187 -32.42 -55.13 -18.86
C ARG K 187 -33.67 -55.64 -18.16
N PRO K 188 -34.20 -54.89 -17.18
CA PRO K 188 -35.42 -55.31 -16.50
C PRO K 188 -36.64 -55.21 -17.40
N ILE K 189 -37.73 -55.79 -16.93
CA ILE K 189 -39.00 -55.74 -17.64
C ILE K 189 -40.10 -55.06 -16.83
N LYS K 190 -40.03 -55.09 -15.50
CA LYS K 190 -41.04 -54.48 -14.65
C LYS K 190 -40.40 -53.35 -13.82
N ASN K 191 -41.21 -52.74 -12.96
CA ASN K 191 -40.76 -51.61 -12.15
C ASN K 191 -39.70 -52.04 -11.15
N TYR K 192 -38.94 -51.06 -10.67
CA TYR K 192 -37.92 -51.30 -9.65
C TYR K 192 -37.51 -49.98 -9.01
N ALA K 193 -36.56 -50.06 -8.07
CA ALA K 193 -36.11 -48.91 -7.31
C ALA K 193 -34.59 -48.95 -7.19
N PHE K 194 -33.99 -47.85 -6.71
CA PHE K 194 -32.54 -47.71 -6.72
C PHE K 194 -31.93 -47.74 -5.32
N MET K 195 -32.30 -46.79 -4.46
CA MET K 195 -31.65 -46.59 -3.16
C MET K 195 -30.13 -46.46 -3.31
N ILE K 196 -29.72 -45.36 -3.95
CA ILE K 196 -28.31 -45.00 -3.97
C ILE K 196 -27.88 -44.57 -2.58
N VAL K 197 -26.76 -45.11 -2.10
CA VAL K 197 -26.33 -44.92 -0.72
C VAL K 197 -24.90 -44.40 -0.70
N LYS K 198 -24.61 -43.55 0.31
CA LYS K 198 -23.30 -42.97 0.57
C LYS K 198 -22.54 -43.83 1.57
N PRO K 199 -21.30 -44.22 1.28
CA PRO K 199 -20.59 -45.14 2.16
C PRO K 199 -20.20 -44.48 3.48
N SER K 200 -19.77 -45.32 4.41
CA SER K 200 -19.29 -44.87 5.71
C SER K 200 -18.27 -45.87 6.22
N ILE K 201 -17.88 -45.72 7.49
CA ILE K 201 -16.89 -46.59 8.10
C ILE K 201 -17.50 -47.97 8.28
N ASN K 202 -16.66 -48.95 8.64
CA ASN K 202 -17.09 -50.30 8.99
C ASN K 202 -18.01 -50.93 7.93
N GLY K 203 -17.84 -50.49 6.68
CA GLY K 203 -18.58 -51.06 5.57
C GLY K 203 -20.08 -51.09 5.78
N ALA K 204 -20.64 -52.30 5.89
CA ALA K 204 -22.06 -52.51 6.11
C ALA K 204 -22.89 -51.78 5.06
N MET K 205 -22.58 -52.09 3.79
CA MET K 205 -22.97 -51.30 2.63
C MET K 205 -24.37 -50.70 2.73
N ASN K 206 -25.35 -51.47 3.22
CA ASN K 206 -26.68 -50.95 3.44
C ASN K 206 -27.11 -50.99 4.91
N PHE K 207 -26.50 -51.82 5.72
CA PHE K 207 -26.81 -51.93 7.13
C PHE K 207 -26.13 -50.86 7.96
N ASP K 208 -25.47 -49.90 7.31
CA ASP K 208 -24.67 -48.90 7.97
C ASP K 208 -25.50 -47.66 8.34
N VAL K 209 -24.87 -46.77 9.10
CA VAL K 209 -25.53 -45.55 9.54
C VAL K 209 -25.35 -44.46 8.48
N GLN K 210 -26.35 -43.59 8.37
CA GLN K 210 -26.28 -42.52 7.39
C GLN K 210 -25.02 -41.69 7.58
N ASN K 211 -24.59 -41.03 6.50
CA ASN K 211 -23.39 -40.20 6.49
C ASN K 211 -23.80 -38.86 5.90
N THR K 212 -24.26 -37.95 6.76
CA THR K 212 -24.81 -36.69 6.35
C THR K 212 -24.21 -35.56 7.16
N PRO K 213 -24.10 -34.36 6.59
CA PRO K 213 -23.59 -33.22 7.36
C PRO K 213 -24.41 -32.92 8.61
N LEU K 214 -25.71 -33.23 8.61
CA LEU K 214 -26.54 -33.00 9.78
C LEU K 214 -26.07 -33.75 11.01
N GLN K 215 -25.15 -34.71 10.85
CA GLN K 215 -24.64 -35.44 11.99
C GLN K 215 -23.84 -34.53 12.92
N ALA K 216 -23.08 -33.59 12.35
CA ALA K 216 -22.04 -32.90 13.07
C ALA K 216 -22.33 -31.41 13.24
N ILE K 217 -23.60 -31.01 13.13
CA ILE K 217 -23.93 -29.60 13.26
C ILE K 217 -25.04 -29.39 14.27
N GLY K 218 -25.33 -30.42 15.09
CA GLY K 218 -26.31 -30.24 16.15
C GLY K 218 -25.87 -29.19 17.16
N VAL K 219 -24.62 -29.27 17.60
CA VAL K 219 -24.09 -28.29 18.55
C VAL K 219 -24.15 -26.88 18.00
N PRO K 220 -23.63 -26.57 16.81
CA PRO K 220 -23.67 -25.18 16.35
C PRO K 220 -25.08 -24.68 16.08
N VAL K 221 -25.98 -25.52 15.56
CA VAL K 221 -27.33 -25.02 15.30
C VAL K 221 -28.06 -24.75 16.61
N ALA K 222 -27.84 -25.59 17.62
CA ALA K 222 -28.47 -25.32 18.91
C ALA K 222 -27.90 -24.05 19.54
N LEU K 223 -26.59 -23.84 19.44
CA LEU K 223 -25.99 -22.63 19.98
C LEU K 223 -26.51 -21.39 19.26
N TYR K 224 -26.63 -21.47 17.94
CA TYR K 224 -27.16 -20.35 17.17
C TYR K 224 -28.57 -20.01 17.61
N ASP K 225 -29.42 -21.03 17.74
CA ASP K 225 -30.79 -20.77 18.15
C ASP K 225 -30.85 -20.18 19.55
N ALA K 226 -30.00 -20.64 20.46
CA ALA K 226 -29.98 -20.08 21.80
C ALA K 226 -29.60 -18.60 21.78
N LEU K 227 -28.55 -18.26 21.03
CA LEU K 227 -28.14 -16.86 20.95
C LEU K 227 -29.22 -15.98 20.34
N MET K 228 -29.87 -16.46 19.27
CA MET K 228 -30.90 -15.65 18.64
C MET K 228 -32.13 -15.49 19.54
N ALA K 229 -32.46 -16.52 20.32
CA ALA K 229 -33.56 -16.38 21.27
C ALA K 229 -33.23 -15.35 22.34
N ARG K 230 -31.98 -15.38 22.84
CA ARG K 230 -31.57 -14.34 23.77
C ARG K 230 -31.72 -12.96 23.15
N ALA K 231 -31.31 -12.82 21.89
CA ALA K 231 -31.38 -11.52 21.23
C ALA K 231 -32.82 -11.04 21.13
N ILE K 232 -33.72 -11.91 20.67
CA ILE K 232 -35.13 -11.52 20.55
C ILE K 232 -35.68 -11.10 21.91
N ASP K 233 -35.46 -11.93 22.93
CA ASP K 233 -35.99 -11.61 24.25
C ASP K 233 -35.48 -10.27 24.75
N SER K 234 -34.19 -10.00 24.57
CA SER K 234 -33.64 -8.75 25.07
C SER K 234 -34.01 -7.55 24.21
N ALA K 235 -34.45 -7.77 22.97
CA ALA K 235 -34.82 -6.64 22.12
C ALA K 235 -36.03 -5.92 22.65
N ASP K 236 -37.08 -6.65 22.99
CA ASP K 236 -38.27 -6.11 23.63
C ASP K 236 -38.33 -6.62 25.06
N GLY K 237 -38.21 -5.72 26.02
CA GLY K 237 -38.07 -6.09 27.40
C GLY K 237 -37.07 -5.21 28.11
N THR K 238 -36.09 -4.70 27.37
CA THR K 238 -35.17 -3.73 27.93
C THR K 238 -35.73 -2.33 27.75
N PRO K 239 -35.98 -1.59 28.82
CA PRO K 239 -36.52 -0.24 28.68
C PRO K 239 -35.62 0.62 27.81
N ASN K 240 -36.24 1.32 26.85
CA ASN K 240 -35.49 2.11 25.87
C ASN K 240 -35.46 3.58 26.24
N SER K 241 -35.71 3.90 27.50
CA SER K 241 -35.73 5.28 27.95
C SER K 241 -34.36 5.71 28.47
N LYS K 242 -34.09 6.99 28.35
CA LYS K 242 -32.93 7.65 28.93
C LYS K 242 -33.39 8.59 30.03
N TRP K 243 -32.44 9.25 30.67
CA TRP K 243 -32.73 10.29 31.65
C TRP K 243 -33.60 9.77 32.80
N LEU K 244 -33.03 8.87 33.57
CA LEU K 244 -33.68 8.48 34.82
C LEU K 244 -33.47 9.63 35.81
N VAL K 245 -34.42 10.55 35.84
CA VAL K 245 -34.34 11.75 36.66
C VAL K 245 -35.15 11.52 37.93
N THR K 246 -34.58 11.91 39.07
CA THR K 246 -35.19 11.68 40.37
C THR K 246 -35.12 12.95 41.22
N ALA K 247 -36.26 13.34 41.78
CA ALA K 247 -36.33 14.46 42.70
C ALA K 247 -36.17 13.96 44.14
N SER K 248 -36.40 14.83 45.11
CA SER K 248 -36.23 14.50 46.52
C SER K 248 -37.59 14.30 47.19
N ARG K 249 -37.55 13.84 48.44
CA ARG K 249 -38.77 13.62 49.22
C ARG K 249 -39.21 14.89 49.93
N ASP K 250 -38.78 16.04 49.45
CA ASP K 250 -39.31 17.32 49.91
C ASP K 250 -39.43 18.19 48.66
N LEU K 251 -40.55 18.04 47.96
CA LEU K 251 -40.76 18.86 46.78
C LEU K 251 -42.22 19.23 46.55
N ASP K 252 -43.11 19.03 47.52
CA ASP K 252 -44.49 19.44 47.35
C ASP K 252 -45.10 18.81 46.10
N ASP K 253 -45.39 17.51 46.16
CA ASP K 253 -45.75 16.77 44.97
C ASP K 253 -46.96 17.45 44.33
N GLY K 254 -46.71 18.16 43.24
CA GLY K 254 -47.60 19.19 42.75
C GLY K 254 -46.83 20.35 42.13
N GLN K 255 -45.59 20.55 42.58
CA GLN K 255 -44.60 21.23 41.77
C GLN K 255 -43.52 20.29 41.26
N ALA K 256 -43.45 19.07 41.82
CA ALA K 256 -42.71 18.02 41.15
C ALA K 256 -43.30 17.74 39.77
N LYS K 257 -44.63 17.77 39.67
CA LYS K 257 -45.27 17.62 38.36
C LYS K 257 -44.89 18.76 37.44
N GLU K 258 -44.75 19.96 37.98
CA GLU K 258 -44.33 21.11 37.18
C GLU K 258 -42.91 20.91 36.67
N VAL K 259 -42.01 20.42 37.52
CA VAL K 259 -40.65 20.13 37.09
C VAL K 259 -40.65 19.05 36.01
N LYS K 260 -41.49 18.03 36.17
CA LYS K 260 -41.56 16.97 35.17
C LYS K 260 -42.05 17.51 33.83
N GLU K 261 -43.07 18.37 33.86
CA GLU K 261 -43.55 18.95 32.61
C GLU K 261 -42.50 19.84 31.97
N GLY K 262 -41.74 20.56 32.79
CA GLY K 262 -40.65 21.37 32.25
C GLY K 262 -39.60 20.52 31.56
N ILE K 263 -39.20 19.42 32.20
CA ILE K 263 -38.22 18.52 31.59
C ILE K 263 -38.79 17.89 30.32
N GLU K 264 -40.06 17.52 30.36
CA GLU K 264 -40.65 16.77 29.27
C GLU K 264 -40.91 17.65 28.05
N GLU K 265 -41.35 18.90 28.26
CA GLU K 265 -41.75 19.70 27.12
C GLU K 265 -40.54 20.34 26.46
N THR K 266 -39.50 19.55 26.22
CA THR K 266 -38.40 19.94 25.37
C THR K 266 -38.17 18.92 24.28
N LYS K 267 -39.00 17.90 24.20
CA LYS K 267 -38.95 16.96 23.10
C LYS K 267 -39.08 17.71 21.77
N PRO K 268 -38.59 17.14 20.68
CA PRO K 268 -38.82 17.76 19.37
C PRO K 268 -40.31 18.00 19.13
N GLY K 269 -40.68 19.25 18.89
CA GLY K 269 -42.08 19.58 18.74
C GLY K 269 -42.75 19.80 20.08
N GLY K 270 -42.15 20.65 20.91
CA GLY K 270 -42.73 21.04 22.17
C GLY K 270 -42.75 22.56 22.29
N ASP K 271 -43.32 23.03 23.41
CA ASP K 271 -43.42 24.46 23.63
C ASP K 271 -42.04 25.12 23.64
N ASN K 272 -41.22 24.77 24.61
CA ASN K 272 -39.83 25.21 24.65
C ASN K 272 -38.96 24.01 24.31
N GLY K 273 -38.71 23.81 23.02
CA GLY K 273 -37.93 22.69 22.54
C GLY K 273 -36.51 23.09 22.25
N GLY K 274 -35.58 22.50 22.98
CA GLY K 274 -34.17 22.75 22.79
C GLY K 274 -33.55 23.77 23.72
N GLU K 275 -34.35 24.42 24.56
CA GLU K 275 -33.80 25.42 25.46
C GLU K 275 -33.42 24.77 26.78
N ILE K 276 -32.74 25.55 27.63
CA ILE K 276 -32.18 25.02 28.88
C ILE K 276 -33.29 24.64 29.84
N ILE K 277 -32.93 23.93 30.90
CA ILE K 277 -33.82 23.68 32.04
C ILE K 277 -33.28 24.48 33.21
N PHE K 278 -34.12 25.34 33.78
CA PHE K 278 -33.75 26.09 34.96
C PHE K 278 -34.58 25.61 36.15
N ILE K 279 -33.88 25.17 37.20
CA ILE K 279 -34.52 24.69 38.41
C ILE K 279 -34.08 25.60 39.55
N ALA K 280 -35.02 26.31 40.15
CA ALA K 280 -34.73 27.19 41.27
C ALA K 280 -34.88 26.40 42.56
N GLY K 281 -33.76 26.12 43.21
CA GLY K 281 -33.77 25.37 44.45
C GLY K 281 -34.14 23.91 44.27
N THR K 282 -33.92 23.12 45.31
CA THR K 282 -34.29 21.70 45.30
C THR K 282 -33.65 20.96 44.13
N ASP K 283 -32.32 20.85 44.21
CA ASP K 283 -31.54 20.22 43.17
C ASP K 283 -32.06 18.84 42.78
N VAL K 284 -32.49 18.70 41.54
CA VAL K 284 -32.87 17.42 40.97
C VAL K 284 -31.63 16.81 40.34
N LYS K 285 -31.62 15.49 40.21
CA LYS K 285 -30.42 14.77 39.78
C LYS K 285 -30.77 13.82 38.65
N VAL K 286 -30.19 14.07 37.49
CA VAL K 286 -30.40 13.26 36.30
C VAL K 286 -29.18 12.39 36.06
N GLN K 287 -29.42 11.15 35.64
CA GLN K 287 -28.37 10.29 35.15
C GLN K 287 -28.82 9.70 33.82
N GLU K 288 -27.93 9.70 32.84
CA GLU K 288 -28.27 9.24 31.51
C GLU K 288 -27.91 7.77 31.38
N MET K 289 -28.91 6.95 31.05
CA MET K 289 -28.68 5.52 30.90
C MET K 289 -27.95 5.24 29.60
N LYS K 290 -27.02 4.28 29.65
CA LYS K 290 -26.26 3.93 28.45
C LYS K 290 -27.14 3.20 27.44
N ASN K 291 -27.76 2.11 27.88
CA ASN K 291 -28.57 1.24 27.00
C ASN K 291 -27.78 0.86 25.75
N ASP K 292 -26.69 0.13 25.98
CA ASP K 292 -25.77 -0.24 24.91
C ASP K 292 -26.50 -0.98 23.80
N LEU K 293 -26.99 -2.18 24.12
CA LEU K 293 -27.90 -2.92 23.25
C LEU K 293 -27.31 -3.16 21.85
N SER K 294 -25.98 -3.11 21.74
CA SER K 294 -25.31 -3.24 20.46
C SER K 294 -24.61 -4.58 20.30
N ASP K 295 -24.84 -5.51 21.23
CA ASP K 295 -24.28 -6.85 21.11
C ASP K 295 -25.30 -7.90 21.53
N ILE K 296 -26.58 -7.65 21.29
CA ILE K 296 -27.61 -8.55 21.80
C ILE K 296 -27.51 -9.91 21.12
N HIS K 297 -27.11 -9.95 19.86
CA HIS K 297 -27.01 -11.25 19.19
C HIS K 297 -25.66 -11.92 19.40
N SER K 298 -24.72 -11.26 20.09
CA SER K 298 -23.38 -11.82 20.30
C SER K 298 -22.70 -12.09 18.95
N LYS K 299 -22.36 -11.00 18.28
CA LYS K 299 -21.87 -11.08 16.91
C LYS K 299 -20.71 -12.04 16.76
N VAL K 300 -19.79 -12.05 17.73
CA VAL K 300 -18.57 -12.85 17.59
C VAL K 300 -18.90 -14.32 17.77
N PRO K 301 -19.54 -14.76 18.88
CA PRO K 301 -19.89 -16.18 18.95
C PRO K 301 -21.20 -16.50 18.26
N LEU K 302 -21.43 -15.91 17.11
CA LEU K 302 -22.53 -16.27 16.22
C LEU K 302 -22.05 -16.50 14.80
N ASP K 303 -21.23 -15.58 14.29
CA ASP K 303 -20.62 -15.79 12.98
C ASP K 303 -19.78 -17.05 12.98
N ASP K 304 -19.22 -17.44 14.13
CA ASP K 304 -18.46 -18.68 14.17
C ASP K 304 -19.35 -19.89 13.98
N GLN K 305 -20.53 -19.90 14.62
CA GLN K 305 -21.46 -21.01 14.41
C GLN K 305 -21.95 -21.02 12.97
N ALA K 306 -22.16 -19.84 12.39
CA ALA K 306 -22.55 -19.79 10.98
C ALA K 306 -21.46 -20.35 10.09
N ARG K 307 -20.20 -19.96 10.35
CA ARG K 307 -19.09 -20.49 9.57
C ARG K 307 -19.00 -21.99 9.71
N THR K 308 -19.25 -22.52 10.91
CA THR K 308 -19.14 -23.96 11.11
C THR K 308 -20.22 -24.70 10.35
N ILE K 309 -21.49 -24.30 10.51
CA ILE K 309 -22.57 -24.99 9.80
C ILE K 309 -22.61 -24.65 8.33
N ALA K 310 -21.76 -23.73 7.87
CA ALA K 310 -21.61 -23.55 6.44
C ALA K 310 -20.48 -24.42 5.88
N GLY K 311 -19.33 -24.43 6.56
CA GLY K 311 -18.22 -25.24 6.11
C GLY K 311 -18.49 -26.72 6.19
N ASN K 312 -19.30 -27.15 7.16
CA ASN K 312 -19.64 -28.56 7.23
C ASN K 312 -20.47 -29.00 6.02
N PHE K 313 -21.17 -28.08 5.39
CA PHE K 313 -21.85 -28.36 4.14
C PHE K 313 -20.92 -28.21 2.94
N GLY K 314 -19.70 -27.74 3.15
CA GLY K 314 -18.76 -27.54 2.07
C GLY K 314 -19.11 -26.35 1.21
N ILE K 315 -19.09 -25.16 1.81
CA ILE K 315 -19.37 -23.93 1.08
C ILE K 315 -18.34 -22.88 1.50
N PRO K 316 -17.51 -22.41 0.59
CA PRO K 316 -16.56 -21.33 0.94
C PRO K 316 -17.28 -20.17 1.60
N ILE K 317 -16.71 -19.69 2.71
CA ILE K 317 -17.35 -18.66 3.51
C ILE K 317 -17.68 -17.44 2.65
N ALA K 318 -16.77 -17.10 1.73
CA ALA K 318 -16.93 -15.90 0.91
C ALA K 318 -18.26 -15.87 0.17
N LEU K 319 -18.79 -17.04 -0.19
CA LEU K 319 -20.07 -17.08 -0.89
C LEU K 319 -21.20 -16.44 -0.10
N LEU K 320 -21.07 -16.35 1.21
CA LEU K 320 -22.15 -15.86 2.06
C LEU K 320 -21.65 -14.85 3.08
N TYR K 334 -12.68 -13.55 -5.26
CA TYR K 334 -14.08 -13.92 -5.13
C TYR K 334 -14.44 -15.02 -6.12
N ASP K 335 -14.36 -14.70 -7.41
CA ASP K 335 -14.71 -15.67 -8.44
C ASP K 335 -13.90 -16.96 -8.32
N GLU K 336 -12.65 -16.86 -7.86
CA GLU K 336 -11.87 -18.05 -7.57
C GLU K 336 -12.60 -18.93 -6.57
N SER K 337 -13.23 -18.32 -5.57
CA SER K 337 -13.96 -19.10 -4.58
C SER K 337 -15.22 -19.73 -5.17
N ARG K 338 -15.85 -19.07 -6.15
CA ARG K 338 -16.96 -19.70 -6.84
C ARG K 338 -16.50 -20.92 -7.63
N LYS K 339 -15.38 -20.79 -8.35
CA LYS K 339 -14.80 -21.94 -9.04
C LYS K 339 -14.50 -23.06 -8.06
N ALA K 340 -13.99 -22.71 -6.88
CA ALA K 340 -13.66 -23.73 -5.88
C ALA K 340 -14.92 -24.45 -5.40
N PHE K 341 -15.95 -23.68 -5.05
CA PHE K 341 -17.20 -24.30 -4.64
C PHE K 341 -17.78 -25.18 -5.73
N PHE K 342 -17.51 -24.86 -6.99
CA PHE K 342 -18.06 -25.67 -8.06
C PHE K 342 -17.28 -26.97 -8.23
N GLU K 343 -15.97 -26.89 -8.38
CA GLU K 343 -15.18 -28.09 -8.69
C GLU K 343 -14.51 -28.68 -7.47
N ASP K 344 -15.03 -28.43 -6.27
CA ASP K 344 -14.51 -29.07 -5.07
C ASP K 344 -15.56 -29.80 -4.25
N THR K 345 -16.80 -29.32 -4.23
CA THR K 345 -17.83 -29.95 -3.41
C THR K 345 -19.08 -30.28 -4.21
N ILE K 346 -19.40 -29.47 -5.21
CA ILE K 346 -20.56 -29.76 -6.04
C ILE K 346 -20.22 -30.83 -7.05
N GLU K 347 -19.07 -30.70 -7.72
CA GLU K 347 -18.71 -31.69 -8.73
C GLU K 347 -18.44 -33.05 -8.10
N PRO K 348 -17.44 -33.21 -7.21
CA PRO K 348 -17.23 -34.52 -6.62
C PRO K 348 -17.99 -34.77 -5.33
N GLY K 349 -19.22 -34.31 -5.18
CA GLY K 349 -19.99 -34.75 -4.03
C GLY K 349 -21.46 -34.92 -4.27
N TYR K 350 -21.93 -34.42 -5.38
CA TYR K 350 -23.31 -34.53 -5.80
C TYR K 350 -23.44 -34.96 -7.25
N LEU K 351 -22.50 -34.54 -8.10
CA LEU K 351 -22.57 -34.82 -9.52
C LEU K 351 -22.07 -36.21 -9.84
N THR K 352 -20.84 -36.54 -9.40
CA THR K 352 -20.31 -37.87 -9.65
C THR K 352 -21.13 -38.98 -9.00
N PRO K 353 -21.58 -38.87 -7.74
CA PRO K 353 -22.36 -39.99 -7.20
C PRO K 353 -23.67 -40.18 -7.92
N LEU K 354 -24.35 -39.09 -8.27
CA LEU K 354 -25.63 -39.20 -8.96
C LEU K 354 -25.46 -39.79 -10.34
N GLU K 355 -24.47 -39.29 -11.10
CA GLU K 355 -24.31 -39.79 -12.46
C GLU K 355 -23.80 -41.23 -12.46
N ASP K 356 -22.95 -41.61 -11.49
CA ASP K 356 -22.50 -42.99 -11.43
C ASP K 356 -23.62 -43.91 -10.97
N GLY K 357 -24.50 -43.45 -10.08
CA GLY K 357 -25.63 -44.26 -9.69
C GLY K 357 -26.57 -44.51 -10.84
N PHE K 358 -26.91 -43.44 -11.58
CA PHE K 358 -27.77 -43.63 -12.74
C PHE K 358 -27.10 -44.52 -13.79
N SER K 359 -25.84 -44.23 -14.12
CA SER K 359 -25.15 -45.02 -15.13
C SER K 359 -25.04 -46.47 -14.72
N MET K 360 -24.96 -46.74 -13.42
CA MET K 360 -24.75 -48.12 -12.99
C MET K 360 -25.92 -49.00 -13.37
N PHE K 361 -27.14 -48.59 -13.01
CA PHE K 361 -28.32 -49.31 -13.51
C PHE K 361 -29.38 -48.31 -13.99
N LEU K 362 -29.16 -47.77 -15.18
CA LEU K 362 -30.18 -47.26 -16.08
C LEU K 362 -29.90 -47.58 -17.53
N CYS K 363 -28.68 -47.98 -17.88
CA CYS K 363 -28.30 -48.29 -19.25
C CYS K 363 -27.17 -49.29 -19.25
N GLY K 364 -26.98 -49.95 -20.38
CA GLY K 364 -25.93 -50.93 -20.50
C GLY K 364 -24.57 -50.29 -20.62
N ALA K 365 -23.54 -51.13 -20.63
CA ALA K 365 -22.17 -50.65 -20.78
C ALA K 365 -22.00 -49.97 -22.14
N GLY K 366 -20.90 -49.22 -22.25
CA GLY K 366 -20.65 -48.43 -23.44
C GLY K 366 -21.40 -47.12 -23.51
N TYR K 367 -22.53 -47.00 -22.81
CA TYR K 367 -23.29 -45.76 -22.76
C TYR K 367 -23.69 -45.49 -21.31
N ARG K 368 -23.76 -44.22 -20.97
CA ARG K 368 -24.04 -43.85 -19.59
C ARG K 368 -24.42 -42.37 -19.56
N VAL K 369 -25.02 -41.97 -18.45
CA VAL K 369 -25.51 -40.60 -18.32
C VAL K 369 -24.33 -39.68 -18.02
N ILE K 370 -24.27 -38.57 -18.74
CA ILE K 370 -23.22 -37.56 -18.60
C ILE K 370 -23.91 -36.21 -18.53
N PHE K 371 -23.25 -35.26 -17.88
CA PHE K 371 -23.72 -33.87 -17.87
C PHE K 371 -22.60 -32.96 -18.36
N ASP K 372 -22.98 -31.96 -19.15
CA ASP K 372 -22.01 -31.09 -19.83
C ASP K 372 -21.47 -30.07 -18.84
N ARG K 373 -20.16 -30.14 -18.56
CA ARG K 373 -19.55 -29.18 -17.66
C ARG K 373 -19.60 -27.76 -18.22
N ASP K 374 -19.53 -27.62 -19.54
CA ASP K 374 -19.59 -26.29 -20.14
C ASP K 374 -20.96 -25.65 -20.02
N SER K 375 -21.94 -26.34 -19.45
CA SER K 375 -23.20 -25.72 -19.09
C SER K 375 -23.12 -24.97 -17.78
N ILE K 376 -22.04 -25.16 -17.01
CA ILE K 376 -21.85 -24.40 -15.78
C ILE K 376 -21.30 -23.03 -16.12
N PRO K 377 -21.95 -21.94 -15.72
CA PRO K 377 -21.49 -20.61 -16.15
C PRO K 377 -20.19 -20.18 -15.51
N ALA K 378 -19.79 -20.78 -14.39
CA ALA K 378 -18.58 -20.32 -13.71
C ALA K 378 -17.31 -20.87 -14.34
N LEU K 379 -17.41 -21.99 -15.06
CA LEU K 379 -16.23 -22.68 -15.59
C LEU K 379 -15.90 -22.30 -17.02
N ARG K 380 -16.68 -21.40 -17.63
CA ARG K 380 -16.53 -21.15 -19.06
C ARG K 380 -15.19 -20.50 -19.39
N LYS K 381 -14.81 -19.48 -18.64
CA LYS K 381 -13.54 -18.81 -18.88
C LYS K 381 -12.37 -19.78 -18.74
N SER K 382 -12.39 -20.59 -17.69
CA SER K 382 -11.32 -21.55 -17.47
C SER K 382 -11.25 -22.56 -18.62
N ARG K 383 -12.40 -23.08 -19.04
CA ARG K 383 -12.39 -24.02 -20.15
C ARG K 383 -11.82 -23.37 -21.41
N ALA K 384 -12.18 -22.12 -21.68
CA ALA K 384 -11.69 -21.46 -22.89
C ALA K 384 -10.18 -21.25 -22.83
N ASP K 385 -9.67 -20.82 -21.68
CA ASP K 385 -8.22 -20.60 -21.57
C ASP K 385 -7.46 -21.91 -21.70
N ILE K 386 -7.97 -22.97 -21.06
CA ILE K 386 -7.33 -24.28 -21.18
C ILE K 386 -7.33 -24.74 -22.63
N ALA K 387 -8.46 -24.56 -23.32
CA ALA K 387 -8.55 -24.99 -24.71
C ALA K 387 -7.52 -24.25 -25.58
N ALA K 388 -7.40 -22.94 -25.39
CA ALA K 388 -6.42 -22.18 -26.16
C ALA K 388 -4.99 -22.66 -25.88
N THR K 389 -4.65 -22.80 -24.59
CA THR K 389 -3.31 -23.22 -24.23
C THR K 389 -2.97 -24.57 -24.85
N TYR K 390 -3.92 -25.52 -24.78
CA TYR K 390 -3.70 -26.81 -25.43
C TYR K 390 -3.57 -26.65 -26.94
N ASP K 391 -4.35 -25.74 -27.53
CA ASP K 391 -4.18 -25.44 -28.95
C ASP K 391 -2.74 -25.09 -29.28
N LYS K 392 -2.07 -24.39 -28.37
CA LYS K 392 -0.69 -23.98 -28.68
C LYS K 392 0.28 -25.16 -28.74
N VAL K 393 -0.05 -26.30 -28.14
CA VAL K 393 0.89 -27.43 -28.12
C VAL K 393 0.86 -28.15 -29.48
N THR K 394 1.96 -28.84 -29.79
CA THR K 394 2.05 -29.60 -31.03
C THR K 394 2.32 -31.09 -30.84
N PHE K 395 3.04 -31.49 -29.78
CA PHE K 395 3.43 -32.89 -29.69
C PHE K 395 2.27 -33.74 -29.17
N ILE K 396 1.09 -33.52 -29.72
CA ILE K 396 -0.13 -34.17 -29.26
C ILE K 396 -1.10 -34.20 -30.44
N THR K 397 -1.64 -35.38 -30.73
CA THR K 397 -2.58 -35.49 -31.83
C THR K 397 -3.88 -34.77 -31.50
N GLU K 398 -4.68 -34.53 -32.53
CA GLU K 398 -5.87 -33.70 -32.37
C GLU K 398 -6.91 -34.38 -31.49
N GLU K 399 -7.07 -35.70 -31.61
CA GLU K 399 -8.14 -36.38 -30.89
C GLU K 399 -7.92 -36.32 -29.39
N GLU K 400 -6.67 -36.40 -28.93
CA GLU K 400 -6.43 -36.30 -27.50
C GLU K 400 -6.51 -34.85 -27.02
N LYS K 401 -6.07 -33.89 -27.83
CA LYS K 401 -6.32 -32.49 -27.52
C LYS K 401 -7.80 -32.23 -27.32
N ARG K 402 -8.65 -32.92 -28.11
CA ARG K 402 -10.08 -32.81 -27.89
C ARG K 402 -10.48 -33.47 -26.58
N GLU K 403 -10.20 -34.77 -26.45
CA GLU K 403 -10.73 -35.55 -25.34
C GLU K 403 -10.24 -35.07 -23.99
N VAL K 404 -9.12 -34.34 -23.94
CA VAL K 404 -8.66 -33.80 -22.66
C VAL K 404 -9.50 -32.60 -22.22
N THR K 405 -10.38 -32.10 -23.08
CA THR K 405 -11.21 -30.94 -22.76
C THR K 405 -12.65 -31.19 -23.20
N GLY K 406 -13.18 -32.36 -22.86
CA GLY K 406 -14.50 -32.71 -23.39
C GLY K 406 -14.38 -33.11 -24.85
N TRP K 407 -15.39 -32.72 -25.65
CA TRP K 407 -15.33 -32.85 -27.10
C TRP K 407 -14.95 -34.26 -27.53
N PRO K 408 -15.85 -35.23 -27.43
CA PRO K 408 -15.46 -36.64 -27.57
C PRO K 408 -14.75 -36.97 -28.87
N ALA K 409 -15.41 -36.73 -30.01
CA ALA K 409 -14.83 -37.07 -31.30
C ALA K 409 -15.59 -36.38 -32.44
N PRO L 16 12.96 -68.03 -7.66
CA PRO L 16 12.24 -66.89 -7.06
C PRO L 16 11.96 -67.04 -5.57
N ALA L 17 10.69 -67.08 -5.21
CA ALA L 17 10.26 -66.81 -3.83
C ALA L 17 10.95 -67.72 -2.82
N PRO L 18 11.63 -67.16 -1.80
CA PRO L 18 12.45 -67.99 -0.91
C PRO L 18 11.72 -68.45 0.34
N SER L 19 10.54 -67.90 0.60
CA SER L 19 9.63 -68.27 1.69
C SER L 19 10.17 -67.99 3.08
N ALA L 20 11.39 -67.45 3.23
CA ALA L 20 12.01 -67.26 4.54
C ALA L 20 12.35 -65.78 4.74
N ASN L 21 11.42 -65.04 5.33
CA ASN L 21 11.57 -63.62 5.59
C ASN L 21 12.08 -63.40 7.02
N PRO L 22 12.61 -62.21 7.31
CA PRO L 22 13.15 -61.97 8.66
C PRO L 22 12.13 -61.49 9.66
N ALA L 23 10.85 -61.69 9.38
CA ALA L 23 9.80 -61.26 10.30
C ALA L 23 9.37 -62.35 11.26
N LYS L 24 10.07 -63.49 11.25
CA LYS L 24 9.83 -64.56 12.22
C LYS L 24 10.25 -64.17 13.62
N ILE L 25 10.75 -62.94 13.81
CA ILE L 25 11.21 -62.45 15.09
C ILE L 25 10.06 -62.32 16.09
N PHE L 26 8.83 -62.30 15.60
CA PHE L 26 7.69 -61.99 16.46
C PHE L 26 6.74 -63.17 16.68
N ILE L 27 6.55 -64.03 15.68
CA ILE L 27 5.69 -65.21 15.82
C ILE L 27 6.27 -66.19 16.85
N ARG L 28 7.57 -66.14 17.10
CA ARG L 28 8.22 -67.09 18.00
C ARG L 28 7.60 -67.07 19.39
N ARG L 29 7.61 -65.91 20.05
CA ARG L 29 7.11 -65.64 21.39
C ARG L 29 6.36 -64.33 21.50
N PHE L 30 6.83 -63.28 20.80
CA PHE L 30 6.15 -62.00 20.84
C PHE L 30 4.71 -62.13 20.34
N PHE L 31 4.43 -63.14 19.53
CA PHE L 31 3.08 -63.46 19.09
C PHE L 31 2.83 -64.96 19.28
N SER L 32 1.66 -65.40 18.83
CA SER L 32 1.29 -66.80 18.84
C SER L 32 0.46 -67.11 17.60
N ALA L 33 0.70 -68.26 16.99
CA ALA L 33 0.06 -68.61 15.73
C ALA L 33 -1.32 -69.19 15.97
N GLY L 34 -2.12 -69.19 14.89
CA GLY L 34 -3.46 -69.74 14.92
C GLY L 34 -4.35 -69.16 16.01
N VAL L 35 -4.54 -67.84 15.99
CA VAL L 35 -5.40 -67.19 16.97
C VAL L 35 -6.38 -66.21 16.35
N ALA L 36 -6.17 -65.76 15.10
CA ALA L 36 -7.05 -64.82 14.42
C ALA L 36 -7.18 -63.51 15.22
N LYS L 37 -6.04 -62.87 15.44
CA LYS L 37 -6.02 -61.60 16.15
C LYS L 37 -6.66 -60.51 15.30
N ASN L 38 -7.41 -59.63 15.95
CA ASN L 38 -8.04 -58.53 15.25
C ASN L 38 -7.00 -57.50 14.83
N VAL L 39 -7.37 -56.69 13.84
CA VAL L 39 -6.39 -55.81 13.20
C VAL L 39 -6.27 -54.44 13.87
N VAL L 40 -7.28 -54.01 14.61
CA VAL L 40 -7.28 -52.69 15.23
C VAL L 40 -7.82 -52.80 16.65
N SER L 41 -7.18 -52.08 17.57
CA SER L 41 -7.65 -52.05 18.95
C SER L 41 -9.03 -51.44 19.03
N TYR L 42 -9.84 -51.96 19.96
CA TYR L 42 -11.21 -51.46 20.12
C TYR L 42 -11.23 -49.97 20.42
N SER L 43 -10.25 -49.49 21.19
CA SER L 43 -10.16 -48.05 21.46
C SER L 43 -10.06 -47.26 20.17
N ASN L 44 -9.26 -47.75 19.22
CA ASN L 44 -9.14 -47.06 17.94
C ASN L 44 -10.45 -47.05 17.18
N VAL L 45 -11.20 -48.16 17.26
CA VAL L 45 -12.50 -48.22 16.59
C VAL L 45 -13.46 -47.20 17.17
N MET L 46 -13.53 -47.14 18.51
CA MET L 46 -14.42 -46.16 19.14
C MET L 46 -13.98 -44.73 18.83
N ALA L 47 -12.66 -44.49 18.77
CA ALA L 47 -12.18 -43.15 18.48
C ALA L 47 -12.56 -42.74 17.06
N ALA L 48 -12.38 -43.66 16.10
CA ALA L 48 -12.80 -43.36 14.74
C ALA L 48 -14.31 -43.20 14.64
N GLN L 49 -15.06 -43.89 15.51
CA GLN L 49 -16.51 -43.77 15.49
C GLN L 49 -16.95 -42.39 15.95
N ARG L 50 -16.55 -41.99 17.16
CA ARG L 50 -16.97 -40.70 17.67
C ARG L 50 -16.28 -39.54 16.96
N ALA L 51 -15.18 -39.81 16.25
CA ALA L 51 -14.58 -38.78 15.42
C ALA L 51 -15.37 -38.52 14.15
N MET L 52 -16.35 -39.38 13.83
CA MET L 52 -17.21 -39.14 12.67
C MET L 52 -18.38 -38.24 12.99
N GLU L 53 -18.61 -37.93 14.27
CA GLU L 53 -19.64 -36.98 14.66
C GLU L 53 -19.07 -35.61 15.00
N HIS L 54 -17.80 -35.54 15.37
CA HIS L 54 -17.18 -34.27 15.68
C HIS L 54 -17.21 -33.37 14.45
N PRO L 55 -17.46 -32.07 14.62
CA PRO L 55 -17.57 -31.18 13.46
C PRO L 55 -16.33 -31.15 12.58
N VAL L 56 -15.20 -30.77 13.17
CA VAL L 56 -13.99 -30.58 12.39
C VAL L 56 -13.47 -31.90 11.85
N ALA L 57 -13.48 -32.94 12.69
CA ALA L 57 -12.93 -34.22 12.26
C ALA L 57 -13.75 -34.79 11.11
N PHE L 58 -15.07 -34.72 11.19
CA PHE L 58 -15.90 -35.22 10.10
C PHE L 58 -15.72 -34.39 8.84
N ARG L 59 -15.66 -33.07 8.98
CA ARG L 59 -15.43 -32.22 7.82
C ARG L 59 -14.14 -32.63 7.10
N CYS L 60 -13.05 -32.79 7.85
CA CYS L 60 -11.78 -33.17 7.23
C CYS L 60 -11.85 -34.57 6.62
N LEU L 61 -12.47 -35.51 7.32
CA LEU L 61 -12.52 -36.89 6.84
C LEU L 61 -13.28 -36.97 5.53
N ASP L 62 -14.48 -36.39 5.48
CA ASP L 62 -15.21 -36.49 4.21
C ASP L 62 -14.61 -35.58 3.15
N LYS L 63 -13.84 -34.56 3.53
CA LYS L 63 -13.08 -33.82 2.52
C LYS L 63 -12.08 -34.72 1.82
N LEU L 64 -11.28 -35.44 2.61
CA LEU L 64 -10.35 -36.41 2.04
C LEU L 64 -11.08 -37.43 1.19
N GLY L 65 -12.17 -37.99 1.72
CA GLY L 65 -12.91 -38.98 0.98
C GLY L 65 -13.45 -38.47 -0.34
N LEU L 66 -14.02 -37.28 -0.34
CA LEU L 66 -14.56 -36.70 -1.57
C LEU L 66 -13.46 -36.45 -2.58
N THR L 67 -12.35 -35.86 -2.13
CA THR L 67 -11.25 -35.57 -3.05
C THR L 67 -10.75 -36.84 -3.70
N VAL L 68 -10.52 -37.89 -2.92
CA VAL L 68 -10.02 -39.14 -3.50
C VAL L 68 -11.07 -39.76 -4.41
N GLN L 69 -12.34 -39.72 -4.00
CA GLN L 69 -13.42 -40.34 -4.75
C GLN L 69 -13.62 -39.75 -6.13
N SER L 70 -13.07 -38.57 -6.40
CA SER L 70 -13.31 -37.90 -7.67
C SER L 70 -12.40 -38.38 -8.79
N VAL L 71 -11.33 -39.07 -8.49
CA VAL L 71 -10.32 -39.38 -9.50
C VAL L 71 -10.77 -40.59 -10.30
N LYS L 72 -10.37 -40.64 -11.57
CA LYS L 72 -10.84 -41.66 -12.50
C LYS L 72 -9.78 -42.75 -12.67
N TRP L 73 -10.23 -43.99 -12.69
CA TRP L 73 -9.38 -45.16 -12.86
C TRP L 73 -9.23 -45.56 -14.32
N ASP L 74 -8.24 -46.41 -14.57
CA ASP L 74 -8.12 -47.25 -15.75
C ASP L 74 -6.88 -48.13 -15.58
N VAL L 75 -6.89 -49.26 -16.25
CA VAL L 75 -5.70 -50.10 -16.33
C VAL L 75 -4.92 -49.68 -17.56
N GLY L 76 -3.60 -49.75 -17.48
CA GLY L 76 -2.78 -49.31 -18.59
C GLY L 76 -1.38 -49.87 -18.49
N LYS L 77 -0.67 -49.76 -19.62
CA LYS L 77 0.72 -50.18 -19.67
C LYS L 77 1.56 -49.42 -18.65
N ASP L 78 2.44 -50.12 -17.95
CA ASP L 78 3.15 -49.29 -17.01
C ASP L 78 4.40 -48.69 -17.66
N PRO L 79 4.83 -47.51 -17.19
CA PRO L 79 6.00 -46.87 -17.81
C PRO L 79 7.29 -47.68 -17.64
N GLN L 80 7.57 -48.16 -16.43
CA GLN L 80 8.77 -48.96 -16.19
C GLN L 80 8.53 -50.42 -16.59
N ASN L 81 8.17 -50.59 -17.87
CA ASN L 81 7.94 -51.90 -18.44
C ASN L 81 9.27 -52.42 -19.00
N THR L 82 10.12 -52.90 -18.08
CA THR L 82 11.27 -53.68 -18.48
C THR L 82 10.89 -55.12 -18.79
N GLN L 83 9.76 -55.58 -18.27
CA GLN L 83 9.29 -56.95 -18.40
C GLN L 83 8.67 -57.14 -19.78
N VAL L 84 9.53 -57.47 -20.75
CA VAL L 84 9.03 -57.69 -22.11
C VAL L 84 8.11 -58.90 -22.15
N GLY L 85 8.28 -59.84 -21.22
CA GLY L 85 7.32 -60.90 -21.03
C GLY L 85 6.11 -60.40 -20.29
N ASP L 86 5.27 -59.62 -20.97
CA ASP L 86 4.19 -58.89 -20.31
C ASP L 86 3.28 -59.83 -19.52
N GLY L 87 2.95 -59.41 -18.30
CA GLY L 87 2.14 -60.17 -17.38
C GLY L 87 0.65 -59.93 -17.47
N GLY L 88 0.19 -59.19 -18.48
CA GLY L 88 -1.23 -59.10 -18.75
C GLY L 88 -1.69 -60.41 -19.35
N MET L 89 -1.69 -61.45 -18.51
CA MET L 89 -1.65 -62.86 -18.91
C MET L 89 -2.54 -63.20 -20.10
N SER L 90 -3.73 -62.62 -20.17
CA SER L 90 -4.68 -62.99 -21.22
C SER L 90 -5.02 -61.84 -22.15
N ALA L 91 -4.98 -60.60 -21.69
CA ALA L 91 -5.52 -59.41 -22.33
C ALA L 91 -7.04 -59.43 -22.37
N SER L 92 -7.66 -60.52 -21.94
CA SER L 92 -9.09 -60.57 -21.61
C SER L 92 -9.32 -60.40 -20.12
N GLN L 93 -8.44 -60.97 -19.30
CA GLN L 93 -8.43 -60.65 -17.88
C GLN L 93 -8.26 -59.15 -17.68
N ARG L 94 -7.48 -58.50 -18.53
CA ARG L 94 -7.27 -57.07 -18.39
C ARG L 94 -8.54 -56.30 -18.73
N LYS L 95 -9.26 -56.73 -19.77
CA LYS L 95 -10.54 -56.11 -20.06
C LYS L 95 -11.53 -56.31 -18.93
N ALA L 96 -11.55 -57.51 -18.35
CA ALA L 96 -12.43 -57.78 -17.22
C ALA L 96 -12.06 -56.91 -16.02
N LEU L 97 -10.76 -56.72 -15.79
CA LEU L 97 -10.33 -55.89 -14.68
C LEU L 97 -10.71 -54.43 -14.90
N GLN L 98 -10.61 -53.96 -16.15
CA GLN L 98 -11.12 -52.63 -16.46
C GLN L 98 -12.60 -52.53 -16.13
N GLN L 99 -13.39 -53.48 -16.64
CA GLN L 99 -14.82 -53.51 -16.35
C GLN L 99 -15.08 -53.42 -14.86
N ILE L 100 -14.38 -54.23 -14.08
CA ILE L 100 -14.64 -54.29 -12.64
C ILE L 100 -14.18 -53.01 -11.96
N LEU L 101 -13.07 -52.43 -12.41
CA LEU L 101 -12.61 -51.18 -11.85
C LEU L 101 -13.60 -50.06 -12.10
N GLN L 102 -14.37 -50.13 -13.18
CA GLN L 102 -15.43 -49.15 -13.38
C GLN L 102 -16.74 -49.58 -12.75
N ARG L 103 -17.02 -50.88 -12.69
CA ARG L 103 -18.21 -51.39 -12.03
C ARG L 103 -17.84 -52.59 -11.16
N PRO L 104 -17.58 -52.35 -9.89
CA PRO L 104 -17.39 -53.47 -8.94
C PRO L 104 -18.71 -54.16 -8.67
N ASN L 105 -18.74 -55.01 -7.64
CA ASN L 105 -19.92 -55.73 -7.20
C ASN L 105 -21.19 -54.89 -7.35
N PRO L 106 -22.29 -55.50 -7.83
CA PRO L 106 -23.54 -54.74 -7.98
C PRO L 106 -23.94 -54.00 -6.72
N THR L 107 -24.75 -52.95 -6.89
CA THR L 107 -25.16 -52.06 -5.80
C THR L 107 -23.98 -51.34 -5.16
N MET L 108 -22.93 -51.10 -5.94
CA MET L 108 -21.81 -50.25 -5.55
C MET L 108 -20.96 -49.95 -6.76
N SER L 109 -20.60 -48.69 -6.93
CA SER L 109 -19.82 -48.21 -8.05
C SER L 109 -18.37 -48.01 -7.64
N GLY L 110 -17.51 -47.82 -8.63
CA GLY L 110 -16.09 -47.65 -8.34
C GLY L 110 -15.82 -46.43 -7.49
N ALA L 111 -16.58 -45.36 -7.69
CA ALA L 111 -16.39 -44.14 -6.91
C ALA L 111 -16.61 -44.39 -5.43
N GLN L 112 -17.67 -45.12 -5.10
CA GLN L 112 -17.92 -45.41 -3.69
C GLN L 112 -16.88 -46.35 -3.12
N LEU L 113 -16.33 -47.24 -3.94
CA LEU L 113 -15.22 -48.07 -3.49
C LEU L 113 -14.03 -47.20 -3.12
N ARG L 114 -13.68 -46.25 -3.99
CA ARG L 114 -12.58 -45.34 -3.69
C ARG L 114 -12.85 -44.55 -2.42
N TYR L 115 -14.08 -44.08 -2.25
CA TYR L 115 -14.41 -43.27 -1.07
C TYR L 115 -14.25 -44.08 0.20
N SER L 116 -14.86 -45.27 0.24
CA SER L 116 -14.76 -46.10 1.44
C SER L 116 -13.31 -46.50 1.72
N ALA L 117 -12.56 -46.84 0.67
CA ALA L 117 -11.18 -47.25 0.86
C ALA L 117 -10.35 -46.11 1.45
N ALA L 118 -10.44 -44.92 0.87
CA ALA L 118 -9.68 -43.79 1.37
C ALA L 118 -10.09 -43.43 2.79
N LEU L 119 -11.39 -43.50 3.08
CA LEU L 119 -11.86 -43.17 4.42
C LEU L 119 -11.30 -44.13 5.46
N SER L 120 -11.41 -45.43 5.19
CA SER L 120 -10.89 -46.41 6.15
C SER L 120 -9.37 -46.32 6.24
N TRP L 121 -8.70 -45.95 5.15
CA TRP L 121 -7.26 -45.75 5.21
C TRP L 121 -6.90 -44.57 6.12
N ALA L 122 -7.72 -43.52 6.07
CA ALA L 122 -7.43 -42.36 6.91
C ALA L 122 -7.72 -42.65 8.38
N CYS L 123 -8.77 -43.42 8.65
CA CYS L 123 -9.14 -43.64 10.05
C CYS L 123 -8.26 -44.69 10.72
N PHE L 124 -7.96 -45.80 10.05
CA PHE L 124 -7.24 -46.89 10.69
C PHE L 124 -5.87 -47.17 10.08
N GLY L 125 -5.56 -46.64 8.91
CA GLY L 125 -4.31 -46.99 8.28
C GLY L 125 -4.30 -48.36 7.67
N ARG L 126 -5.45 -48.89 7.30
CA ARG L 126 -5.56 -50.20 6.69
C ARG L 126 -6.55 -50.14 5.53
N MET L 127 -6.38 -51.06 4.60
CA MET L 127 -7.28 -51.21 3.46
C MET L 127 -7.43 -52.70 3.18
N ALA L 128 -8.66 -53.18 3.12
CA ALA L 128 -8.92 -54.60 2.90
C ALA L 128 -9.96 -54.76 1.81
N PHE L 129 -9.88 -55.89 1.10
CA PHE L 129 -10.75 -56.13 -0.05
C PHE L 129 -10.95 -57.64 -0.20
N LYS L 130 -11.81 -57.99 -1.17
CA LYS L 130 -12.10 -59.39 -1.47
C LYS L 130 -12.43 -59.50 -2.95
N VAL L 131 -11.86 -60.51 -3.61
CA VAL L 131 -12.04 -60.69 -5.05
C VAL L 131 -12.66 -62.05 -5.30
N SER L 132 -13.26 -62.20 -6.48
CA SER L 132 -14.02 -63.40 -6.82
C SER L 132 -13.65 -63.89 -8.22
N VAL L 133 -12.35 -63.97 -8.50
CA VAL L 133 -11.88 -64.40 -9.82
C VAL L 133 -12.54 -65.73 -10.19
N MET L 134 -13.10 -65.80 -11.40
CA MET L 134 -13.97 -66.92 -11.76
C MET L 134 -13.22 -68.24 -11.86
N SER L 135 -12.43 -68.45 -12.92
CA SER L 135 -11.59 -69.64 -12.98
C SER L 135 -10.27 -69.40 -13.70
N ASP L 136 -10.11 -68.22 -14.31
CA ASP L 136 -8.98 -67.99 -15.20
C ASP L 136 -8.41 -66.59 -14.99
N GLY L 137 -8.26 -66.19 -13.74
CA GLY L 137 -7.79 -64.85 -13.45
C GLY L 137 -8.74 -63.74 -13.81
N SER L 138 -9.93 -64.07 -14.31
CA SER L 138 -10.93 -63.07 -14.65
C SER L 138 -11.67 -62.69 -13.37
N VAL L 139 -11.36 -61.53 -12.83
CA VAL L 139 -12.00 -61.10 -11.58
C VAL L 139 -13.48 -60.86 -11.83
N ASN L 140 -14.31 -61.35 -10.91
CA ASN L 140 -15.76 -61.23 -11.09
C ASN L 140 -16.30 -59.97 -10.42
N ALA L 141 -15.87 -59.69 -9.19
CA ALA L 141 -16.32 -58.53 -8.45
C ALA L 141 -15.39 -58.33 -7.26
N ILE L 142 -15.41 -57.12 -6.71
CA ILE L 142 -14.55 -56.76 -5.59
C ILE L 142 -15.40 -56.15 -4.49
N TRP L 143 -15.16 -56.59 -3.25
CA TRP L 143 -15.88 -56.08 -2.10
C TRP L 143 -14.91 -55.49 -1.09
N PRO L 144 -15.22 -54.32 -0.54
CA PRO L 144 -14.43 -53.81 0.58
C PRO L 144 -14.77 -54.54 1.87
N LEU L 145 -13.80 -54.56 2.78
CA LEU L 145 -13.92 -55.27 4.04
C LEU L 145 -13.94 -54.26 5.18
N GLY L 146 -14.90 -54.41 6.09
CA GLY L 146 -14.94 -53.55 7.24
C GLY L 146 -13.77 -53.80 8.18
N ILE L 147 -12.86 -52.83 8.26
CA ILE L 147 -11.69 -52.99 9.11
C ILE L 147 -12.05 -53.24 10.58
N PRO L 148 -13.04 -52.58 11.18
CA PRO L 148 -13.31 -52.80 12.60
C PRO L 148 -13.46 -54.26 13.00
N PHE L 149 -14.26 -55.03 12.28
CA PHE L 149 -14.53 -56.42 12.62
C PHE L 149 -13.90 -57.40 11.63
N LEU L 150 -12.68 -57.10 11.18
CA LEU L 150 -11.91 -58.02 10.36
C LEU L 150 -10.72 -58.53 11.15
N LYS L 151 -10.64 -59.83 11.34
CA LYS L 151 -9.54 -60.48 12.03
C LYS L 151 -8.71 -61.28 11.04
N GLN L 152 -7.43 -61.44 11.35
CA GLN L 152 -6.53 -62.15 10.47
C GLN L 152 -5.67 -63.11 11.29
N LYS L 153 -5.21 -64.17 10.61
CA LYS L 153 -4.44 -65.23 11.24
C LYS L 153 -3.10 -65.38 10.52
N PHE L 154 -2.05 -65.58 11.29
CA PHE L 154 -0.69 -65.60 10.79
C PHE L 154 -0.23 -67.02 10.50
N ASP L 155 0.87 -67.12 9.74
CA ASP L 155 1.51 -68.40 9.45
C ASP L 155 2.53 -68.71 10.55
N ARG L 156 3.37 -69.70 10.30
CA ARG L 156 4.49 -69.98 11.19
C ARG L 156 5.73 -69.17 10.85
N TYR L 157 5.93 -68.79 9.59
CA TYR L 157 7.17 -68.09 9.24
C TYR L 157 7.08 -66.59 9.52
N GLY L 158 6.32 -65.86 8.71
CA GLY L 158 6.26 -64.43 8.92
C GLY L 158 5.04 -63.64 8.48
N ASP L 159 3.97 -64.29 8.05
CA ASP L 159 2.94 -63.55 7.33
C ASP L 159 1.57 -64.16 7.55
N VAL L 160 0.57 -63.50 6.97
CA VAL L 160 -0.82 -63.92 7.12
C VAL L 160 -1.13 -65.03 6.12
N GLU L 161 -2.09 -65.88 6.50
CA GLU L 161 -2.64 -66.87 5.58
C GLU L 161 -4.13 -66.70 5.33
N SER L 162 -4.91 -66.33 6.34
CA SER L 162 -6.35 -66.27 6.17
C SER L 162 -6.90 -65.10 6.97
N PHE L 163 -8.09 -64.65 6.56
CA PHE L 163 -8.79 -63.56 7.22
C PHE L 163 -10.13 -64.05 7.72
N GLN L 164 -10.41 -63.82 8.99
CA GLN L 164 -11.70 -64.13 9.57
C GLN L 164 -12.51 -62.84 9.65
N TYR L 165 -13.77 -62.91 9.21
CA TYR L 165 -14.62 -61.73 9.06
C TYR L 165 -15.92 -61.99 9.81
N GLY L 166 -16.03 -61.48 11.03
CA GLY L 166 -17.19 -61.74 11.85
C GLY L 166 -16.87 -62.64 13.03
N ASP L 167 -17.76 -62.61 14.02
CA ASP L 167 -17.51 -63.32 15.27
C ASP L 167 -17.93 -64.80 15.22
N GLU L 168 -19.23 -65.07 15.03
CA GLU L 168 -19.60 -66.46 15.37
C GLU L 168 -20.42 -67.20 14.33
N ALA L 169 -21.49 -66.61 13.81
CA ALA L 169 -22.36 -67.36 12.90
C ALA L 169 -21.67 -67.62 11.58
N GLY L 170 -21.45 -66.57 10.79
CA GLY L 170 -20.70 -66.68 9.55
C GLY L 170 -19.21 -66.57 9.86
N LYS L 171 -18.44 -67.51 9.31
CA LYS L 171 -17.05 -67.68 9.72
C LYS L 171 -16.12 -67.95 8.54
N GLU L 172 -16.22 -67.16 7.47
CA GLU L 172 -15.47 -67.46 6.26
C GLU L 172 -14.01 -67.04 6.46
N THR L 173 -13.11 -68.01 6.44
CA THR L 173 -11.67 -67.75 6.50
C THR L 173 -11.16 -67.58 5.08
N ILE L 174 -11.34 -66.38 4.54
CA ILE L 174 -10.89 -66.12 3.18
C ILE L 174 -9.36 -66.23 3.13
N PRO L 175 -8.79 -66.97 2.18
CA PRO L 175 -7.33 -67.08 2.12
C PRO L 175 -6.69 -65.78 1.69
N SER L 176 -5.45 -65.59 2.13
CA SER L 176 -4.67 -64.44 1.70
C SER L 176 -4.15 -64.67 0.29
N PHE L 177 -3.65 -63.59 -0.33
CA PHE L 177 -3.12 -63.72 -1.69
C PHE L 177 -1.87 -64.58 -1.72
N THR L 178 -1.13 -64.65 -0.61
CA THR L 178 0.08 -65.46 -0.58
C THR L 178 -0.24 -66.92 -0.85
N LYS L 179 -1.12 -67.51 -0.05
CA LYS L 179 -1.53 -68.90 -0.23
C LYS L 179 -2.93 -68.91 -0.84
N VAL L 180 -3.00 -69.36 -2.08
CA VAL L 180 -4.27 -69.53 -2.78
C VAL L 180 -3.98 -70.36 -4.02
N GLU L 181 -4.97 -71.09 -4.51
CA GLU L 181 -4.75 -71.94 -5.68
C GLU L 181 -4.42 -71.05 -6.87
N LYS L 182 -3.16 -71.05 -7.28
CA LYS L 182 -2.69 -70.18 -8.36
C LYS L 182 -2.90 -70.84 -9.71
N ASN L 183 -2.97 -70.00 -10.74
CA ASN L 183 -2.94 -70.49 -12.11
C ASN L 183 -1.53 -70.94 -12.46
N ASP L 184 -1.41 -71.64 -13.59
CA ASP L 184 -0.09 -72.09 -14.02
C ASP L 184 0.79 -70.90 -14.38
N LYS L 185 0.21 -69.72 -14.59
CA LYS L 185 0.98 -68.50 -14.76
C LYS L 185 1.31 -67.82 -13.45
N GLY L 186 0.45 -67.94 -12.44
CA GLY L 186 0.68 -67.26 -11.18
C GLY L 186 -0.56 -66.58 -10.63
N ARG L 187 -1.52 -66.31 -11.50
CA ARG L 187 -2.77 -65.69 -11.06
C ARG L 187 -3.56 -66.65 -10.18
N PRO L 188 -4.30 -66.14 -9.20
CA PRO L 188 -5.11 -67.01 -8.35
C PRO L 188 -6.29 -67.60 -9.11
N ILE L 189 -6.92 -68.58 -8.47
CA ILE L 189 -8.11 -69.23 -9.02
C ILE L 189 -9.34 -69.07 -8.13
N LYS L 190 -9.18 -68.90 -6.83
CA LYS L 190 -10.29 -68.74 -5.90
C LYS L 190 -10.21 -67.37 -5.23
N ASN L 191 -11.15 -67.13 -4.32
CA ASN L 191 -11.25 -65.83 -3.65
C ASN L 191 -10.05 -65.57 -2.76
N TYR L 192 -9.82 -64.30 -2.44
CA TYR L 192 -8.75 -63.92 -1.53
C TYR L 192 -8.99 -62.49 -1.05
N ALA L 193 -8.06 -61.99 -0.22
CA ALA L 193 -8.17 -60.68 0.40
C ALA L 193 -6.81 -59.98 0.34
N PHE L 194 -6.79 -58.69 0.67
CA PHE L 194 -5.59 -57.87 0.48
C PHE L 194 -4.95 -57.44 1.79
N MET L 195 -5.67 -56.69 2.62
CA MET L 195 -5.11 -56.05 3.82
C MET L 195 -3.86 -55.24 3.48
N ILE L 196 -4.09 -54.15 2.72
CA ILE L 196 -3.04 -53.16 2.50
C ILE L 196 -2.78 -52.43 3.81
N VAL L 197 -1.50 -52.30 4.18
CA VAL L 197 -1.11 -51.77 5.48
C VAL L 197 -0.12 -50.63 5.30
N LYS L 198 -0.21 -49.63 6.20
CA LYS L 198 0.67 -48.47 6.26
C LYS L 198 1.82 -48.74 7.22
N PRO L 199 3.06 -48.52 6.81
CA PRO L 199 4.20 -48.89 7.66
C PRO L 199 4.32 -47.97 8.87
N SER L 200 5.17 -48.39 9.80
CA SER L 200 5.46 -47.61 11.00
C SER L 200 6.88 -47.94 11.45
N ILE L 201 7.21 -47.47 12.65
CA ILE L 201 8.56 -47.69 13.20
C ILE L 201 8.71 -49.15 13.54
N ASN L 202 9.93 -49.57 13.86
CA ASN L 202 10.25 -50.92 14.36
C ASN L 202 9.68 -52.02 13.45
N GLY L 203 9.52 -51.71 12.16
CA GLY L 203 9.07 -52.68 11.19
C GLY L 203 7.80 -53.40 11.59
N ALA L 204 7.90 -54.70 11.84
CA ALA L 204 6.79 -55.54 12.25
C ALA L 204 5.63 -55.44 11.26
N MET L 205 5.96 -55.70 9.99
CA MET L 205 5.15 -55.34 8.83
C MET L 205 3.66 -55.47 9.05
N ASN L 206 3.22 -56.54 9.71
CA ASN L 206 1.81 -56.70 10.06
C ASN L 206 1.57 -56.77 11.56
N PHE L 207 2.57 -57.11 12.35
CA PHE L 207 2.44 -57.19 13.79
C PHE L 207 2.58 -55.83 14.46
N ASP L 208 2.65 -54.76 13.67
CA ASP L 208 2.89 -53.43 14.16
C ASP L 208 1.60 -52.70 14.54
N VAL L 209 1.76 -51.54 15.16
CA VAL L 209 0.62 -50.73 15.59
C VAL L 209 0.19 -49.82 14.45
N GLN L 210 -1.12 -49.55 14.39
CA GLN L 210 -1.66 -48.71 13.34
C GLN L 210 -0.94 -47.36 13.33
N ASN L 211 -0.97 -46.71 12.16
CA ASN L 211 -0.33 -45.41 11.95
C ASN L 211 -1.39 -44.51 11.33
N THR L 212 -2.16 -43.84 12.17
CA THR L 212 -3.29 -43.04 11.74
C THR L 212 -3.25 -41.68 12.40
N PRO L 213 -3.78 -40.65 11.74
CA PRO L 213 -3.84 -39.33 12.37
C PRO L 213 -4.60 -39.31 13.68
N LEU L 214 -5.59 -40.21 13.86
CA LEU L 214 -6.34 -40.26 15.10
C LEU L 214 -5.47 -40.54 16.31
N GLN L 215 -4.22 -40.96 16.11
CA GLN L 215 -3.34 -41.21 17.23
C GLN L 215 -3.01 -39.93 17.99
N ALA L 216 -2.85 -38.83 17.27
CA ALA L 216 -2.23 -37.63 17.82
C ALA L 216 -3.20 -36.47 17.92
N ILE L 217 -4.50 -36.73 17.94
CA ILE L 217 -5.47 -35.63 18.01
C ILE L 217 -6.46 -35.87 19.13
N GLY L 218 -6.16 -36.80 20.04
CA GLY L 218 -7.01 -36.99 21.20
C GLY L 218 -7.07 -35.76 22.07
N VAL L 219 -5.91 -35.18 22.37
CA VAL L 219 -5.86 -33.97 23.18
C VAL L 219 -6.65 -32.82 22.55
N PRO L 220 -6.43 -32.44 21.29
CA PRO L 220 -7.17 -31.31 20.74
C PRO L 220 -8.66 -31.58 20.61
N VAL L 221 -9.07 -32.79 20.26
CA VAL L 221 -10.51 -33.04 20.13
C VAL L 221 -11.18 -33.00 21.49
N ALA L 222 -10.51 -33.50 22.53
CA ALA L 222 -11.09 -33.42 23.87
C ALA L 222 -11.17 -31.96 24.33
N LEU L 223 -10.13 -31.18 24.06
CA LEU L 223 -10.16 -29.76 24.44
C LEU L 223 -11.27 -29.02 23.71
N TYR L 224 -11.43 -29.30 22.42
CA TYR L 224 -12.49 -28.67 21.64
C TYR L 224 -13.86 -29.00 22.22
N ASP L 225 -14.09 -30.27 22.53
CA ASP L 225 -15.39 -30.65 23.08
C ASP L 225 -15.63 -30.01 24.43
N ALA L 226 -14.59 -29.89 25.26
CA ALA L 226 -14.75 -29.23 26.55
C ALA L 226 -15.14 -27.77 26.38
N LEU L 227 -14.45 -27.06 25.49
CA LEU L 227 -14.77 -25.65 25.27
C LEU L 227 -16.19 -25.47 24.73
N MET L 228 -16.60 -26.33 23.79
CA MET L 228 -17.93 -26.19 23.24
C MET L 228 -19.01 -26.54 24.26
N ALA L 229 -18.75 -27.49 25.15
CA ALA L 229 -19.71 -27.78 26.20
C ALA L 229 -19.83 -26.61 27.16
N ARG L 230 -18.71 -25.98 27.51
CA ARG L 230 -18.78 -24.75 28.31
C ARG L 230 -19.63 -23.71 27.61
N ALA L 231 -19.43 -23.53 26.31
CA ALA L 231 -20.17 -22.51 25.58
C ALA L 231 -21.67 -22.79 25.62
N ILE L 232 -22.06 -24.03 25.33
CA ILE L 232 -23.48 -24.38 25.36
C ILE L 232 -24.07 -24.12 26.74
N ASP L 233 -23.40 -24.62 27.78
CA ASP L 233 -23.92 -24.44 29.13
C ASP L 233 -24.10 -22.97 29.47
N SER L 234 -23.12 -22.14 29.12
CA SER L 234 -23.21 -20.74 29.47
C SER L 234 -24.18 -19.96 28.58
N ALA L 235 -24.55 -20.51 27.42
CA ALA L 235 -25.48 -19.80 26.54
C ALA L 235 -26.85 -19.68 27.17
N ASP L 236 -27.37 -20.79 27.68
CA ASP L 236 -28.63 -20.81 28.42
C ASP L 236 -28.33 -21.12 29.88
N GLY L 237 -28.60 -20.16 30.75
CA GLY L 237 -28.19 -20.26 32.13
C GLY L 237 -27.70 -18.92 32.65
N THR L 238 -27.15 -18.10 31.76
CA THR L 238 -26.77 -16.75 32.15
C THR L 238 -27.96 -15.82 31.94
N PRO L 239 -28.46 -15.17 32.98
CA PRO L 239 -29.60 -14.26 32.81
C PRO L 239 -29.30 -13.19 31.78
N ASN L 240 -30.25 -12.99 30.86
CA ASN L 240 -30.04 -12.06 29.75
C ASN L 240 -30.72 -10.72 30.01
N SER L 241 -30.99 -10.42 31.26
CA SER L 241 -31.65 -9.17 31.63
C SER L 241 -30.62 -8.09 31.95
N LYS L 242 -31.03 -6.85 31.71
CA LYS L 242 -30.29 -5.66 32.10
C LYS L 242 -31.07 -4.93 33.18
N TRP L 243 -30.51 -3.83 33.66
CA TRP L 243 -31.21 -2.94 34.58
C TRP L 243 -31.63 -3.66 35.86
N LEU L 244 -30.63 -4.09 36.63
CA LEU L 244 -30.92 -4.59 37.97
C LEU L 244 -31.23 -3.38 38.84
N VAL L 245 -32.50 -3.02 38.92
CA VAL L 245 -32.95 -1.85 39.65
C VAL L 245 -33.45 -2.29 41.02
N THR L 246 -33.06 -1.54 42.05
CA THR L 246 -33.39 -1.88 43.43
C THR L 246 -33.89 -0.65 44.18
N ALA L 247 -35.02 -0.78 44.85
CA ALA L 247 -35.56 0.27 45.68
C ALA L 247 -35.09 0.07 47.12
N SER L 248 -35.63 0.84 48.06
CA SER L 248 -35.22 0.79 49.45
C SER L 248 -36.26 0.06 50.29
N ARG L 249 -35.92 -0.17 51.56
CA ARG L 249 -36.81 -0.86 52.49
C ARG L 249 -37.77 0.11 53.16
N ASP L 250 -37.98 1.27 52.55
CA ASP L 250 -39.04 2.18 52.99
C ASP L 250 -39.65 2.74 51.71
N LEU L 251 -40.60 1.99 51.16
CA LEU L 251 -41.27 2.47 49.96
C LEU L 251 -42.74 2.06 49.89
N ASP L 252 -43.33 1.58 50.97
CA ASP L 252 -44.77 1.26 50.93
C ASP L 252 -45.07 0.27 49.82
N ASP L 253 -44.69 -0.99 50.00
CA ASP L 253 -44.73 -1.94 48.90
C ASP L 253 -46.16 -2.00 48.37
N GLY L 254 -46.36 -1.39 47.21
CA GLY L 254 -47.68 -0.98 46.77
C GLY L 254 -47.61 0.32 45.99
N GLN L 255 -46.60 1.14 46.27
CA GLN L 255 -46.13 2.12 45.30
C GLN L 255 -44.77 1.74 44.73
N ALA L 256 -44.07 0.79 45.36
CA ALA L 256 -42.97 0.15 44.67
C ALA L 256 -43.44 -0.54 43.40
N LYS L 257 -44.63 -1.17 43.46
CA LYS L 257 -45.20 -1.76 42.25
C LYS L 257 -45.49 -0.69 41.21
N GLU L 258 -45.92 0.49 41.65
CA GLU L 258 -46.16 1.59 40.73
C GLU L 258 -44.88 2.04 40.07
N VAL L 259 -43.79 2.14 40.84
CA VAL L 259 -42.49 2.48 40.27
C VAL L 259 -42.05 1.43 39.27
N LYS L 260 -42.27 0.14 39.60
CA LYS L 260 -41.90 -0.92 38.69
C LYS L 260 -42.68 -0.84 37.38
N GLU L 261 -43.98 -0.58 37.47
CA GLU L 261 -44.77 -0.45 36.26
C GLU L 261 -44.34 0.76 35.44
N GLY L 262 -43.96 1.85 36.11
CA GLY L 262 -43.45 2.99 35.39
C GLY L 262 -42.17 2.68 34.64
N ILE L 263 -41.24 1.99 35.30
CA ILE L 263 -39.99 1.60 34.64
C ILE L 263 -40.28 0.63 33.49
N GLU L 264 -41.21 -0.29 33.70
CA GLU L 264 -41.44 -1.36 32.74
C GLU L 264 -42.18 -0.86 31.51
N GLU L 265 -43.15 0.04 31.69
CA GLU L 265 -43.97 0.43 30.55
C GLU L 265 -43.27 1.48 29.71
N THR L 266 -42.00 1.26 29.40
CA THR L 266 -41.29 2.04 28.40
C THR L 266 -40.67 1.13 27.36
N LYS L 267 -40.90 -0.18 27.45
CA LYS L 267 -40.49 -1.11 26.42
C LYS L 267 -41.07 -0.67 25.07
N PRO L 268 -40.44 -1.05 23.97
CA PRO L 268 -41.04 -0.78 22.66
C PRO L 268 -42.46 -1.31 22.58
N GLY L 269 -43.41 -0.43 22.30
CA GLY L 269 -44.80 -0.81 22.30
C GLY L 269 -45.40 -0.80 23.69
N GLY L 270 -45.22 0.33 24.38
CA GLY L 270 -45.83 0.54 25.68
C GLY L 270 -46.58 1.86 25.70
N ASP L 271 -47.22 2.14 26.84
CA ASP L 271 -47.99 3.36 26.97
C ASP L 271 -47.11 4.59 26.77
N ASN L 272 -46.16 4.79 27.66
CA ASN L 272 -45.16 5.84 27.51
C ASN L 272 -43.83 5.17 27.15
N GLY L 273 -43.61 4.97 25.85
CA GLY L 273 -42.44 4.31 25.36
C GLY L 273 -41.41 5.30 24.87
N GLY L 274 -40.26 5.32 25.52
CA GLY L 274 -39.17 6.18 25.14
C GLY L 274 -39.05 7.47 25.92
N GLU L 275 -40.01 7.76 26.80
CA GLU L 275 -39.95 9.00 27.56
C GLU L 275 -39.21 8.78 28.87
N ILE L 276 -38.93 9.86 29.58
CA ILE L 276 -38.10 9.83 30.78
C ILE L 276 -38.81 9.07 31.90
N ILE L 277 -38.07 8.76 32.95
CA ILE L 277 -38.64 8.25 34.20
C ILE L 277 -38.48 9.34 35.24
N PHE L 278 -39.58 9.76 35.85
CA PHE L 278 -39.54 10.73 36.92
C PHE L 278 -39.94 10.05 38.23
N ILE L 279 -39.06 10.13 39.21
CA ILE L 279 -39.28 9.55 40.53
C ILE L 279 -39.25 10.68 41.55
N ALA L 280 -40.38 10.92 42.20
CA ALA L 280 -40.48 11.95 43.21
C ALA L 280 -40.12 11.35 44.57
N GLY L 281 -38.96 11.72 45.10
CA GLY L 281 -38.53 11.20 46.37
C GLY L 281 -38.15 9.73 46.34
N THR L 282 -37.49 9.25 47.40
CA THR L 282 -37.13 7.85 47.53
C THR L 282 -36.29 7.37 46.34
N ASP L 283 -35.08 7.92 46.27
CA ASP L 283 -34.16 7.63 45.18
C ASP L 283 -33.97 6.13 44.95
N VAL L 284 -34.37 5.67 43.78
CA VAL L 284 -34.12 4.30 43.36
C VAL L 284 -32.80 4.28 42.62
N LYS L 285 -32.15 3.12 42.58
CA LYS L 285 -30.79 3.01 42.07
C LYS L 285 -30.70 1.89 41.05
N VAL L 286 -30.42 2.24 39.81
CA VAL L 286 -30.29 1.29 38.72
C VAL L 286 -28.82 1.09 38.39
N GLN L 287 -28.45 -0.15 38.08
CA GLN L 287 -27.15 -0.44 37.53
C GLN L 287 -27.35 -1.34 36.31
N GLU L 288 -26.65 -1.03 35.23
CA GLU L 288 -26.81 -1.75 33.98
C GLU L 288 -25.81 -2.87 33.92
N MET L 289 -26.29 -4.10 33.76
CA MET L 289 -25.42 -5.25 33.68
C MET L 289 -24.73 -5.30 32.32
N LYS L 290 -23.46 -5.69 32.32
CA LYS L 290 -22.71 -5.77 31.07
C LYS L 290 -23.19 -6.94 30.23
N ASN L 291 -23.17 -8.14 30.80
CA ASN L 291 -23.51 -9.37 30.09
C ASN L 291 -22.73 -9.48 28.79
N ASP L 292 -21.41 -9.57 28.94
CA ASP L 292 -20.51 -9.58 27.78
C ASP L 292 -20.87 -10.71 26.83
N LEU L 293 -20.69 -11.95 27.28
CA LEU L 293 -21.19 -13.13 26.58
C LEU L 293 -20.65 -13.21 25.14
N SER L 294 -19.53 -12.56 24.86
CA SER L 294 -18.98 -12.50 23.52
C SER L 294 -17.73 -13.36 23.38
N ASP L 295 -17.41 -14.17 24.39
CA ASP L 295 -16.28 -15.07 24.29
C ASP L 295 -16.61 -16.42 24.90
N ILE L 296 -17.87 -16.85 24.80
CA ILE L 296 -18.30 -18.06 25.48
C ILE L 296 -17.59 -19.29 24.90
N HIS L 297 -17.32 -19.28 23.60
CA HIS L 297 -16.65 -20.43 23.01
C HIS L 297 -15.13 -20.34 23.10
N SER L 298 -14.57 -19.25 23.63
CA SER L 298 -13.13 -19.07 23.72
C SER L 298 -12.51 -19.14 22.32
N LYS L 299 -12.78 -18.10 21.54
CA LYS L 299 -12.43 -18.11 20.12
C LYS L 299 -10.95 -18.40 19.90
N VAL L 300 -10.09 -17.86 20.75
CA VAL L 300 -8.65 -17.99 20.52
C VAL L 300 -8.20 -19.42 20.84
N PRO L 301 -8.45 -19.97 22.05
CA PRO L 301 -8.06 -21.36 22.25
C PRO L 301 -9.10 -22.35 21.75
N LEU L 302 -9.67 -22.07 20.59
CA LEU L 302 -10.52 -23.02 19.87
C LEU L 302 -10.09 -23.15 18.42
N ASP L 303 -9.86 -22.03 17.76
CA ASP L 303 -9.32 -22.07 16.40
C ASP L 303 -7.98 -22.76 16.39
N ASP L 304 -7.23 -22.71 17.48
CA ASP L 304 -5.95 -23.42 17.52
C ASP L 304 -6.15 -24.92 17.52
N GLN L 305 -7.12 -25.42 18.29
CA GLN L 305 -7.41 -26.84 18.27
C GLN L 305 -7.94 -27.26 16.90
N ALA L 306 -8.74 -26.40 16.27
CA ALA L 306 -9.21 -26.70 14.92
C ALA L 306 -8.05 -26.77 13.95
N ARG L 307 -7.13 -25.82 14.03
CA ARG L 307 -5.95 -25.83 13.15
C ARG L 307 -5.12 -27.07 13.39
N THR L 308 -5.01 -27.51 14.64
CA THR L 308 -4.20 -28.69 14.92
C THR L 308 -4.84 -29.95 14.35
N ILE L 309 -6.12 -30.18 14.64
CA ILE L 309 -6.77 -31.39 14.11
C ILE L 309 -7.09 -31.27 12.63
N ALA L 310 -6.83 -30.13 12.01
CA ALA L 310 -6.89 -30.06 10.56
C ALA L 310 -5.52 -30.35 9.94
N GLY L 311 -4.46 -29.73 10.47
CA GLY L 311 -3.14 -29.97 9.94
C GLY L 311 -2.65 -31.37 10.15
N ASN L 312 -3.07 -32.02 11.24
CA ASN L 312 -2.67 -33.41 11.45
C ASN L 312 -3.27 -34.32 10.39
N PHE L 313 -4.37 -33.93 9.78
CA PHE L 313 -4.92 -34.64 8.64
C PHE L 313 -4.27 -34.21 7.33
N GLY L 314 -3.42 -33.18 7.36
CA GLY L 314 -2.78 -32.70 6.16
C GLY L 314 -3.72 -31.92 5.27
N ILE L 315 -4.25 -30.81 5.78
CA ILE L 315 -5.14 -29.95 5.01
C ILE L 315 -4.73 -28.51 5.24
N PRO L 316 -4.30 -27.79 4.20
CA PRO L 316 -3.96 -26.38 4.37
C PRO L 316 -5.11 -25.62 5.02
N ILE L 317 -4.77 -24.80 6.03
CA ILE L 317 -5.78 -24.11 6.82
C ILE L 317 -6.71 -23.32 5.93
N ALA L 318 -6.15 -22.68 4.88
CA ALA L 318 -6.94 -21.82 4.01
C ALA L 318 -8.16 -22.52 3.44
N LEU L 319 -8.09 -23.83 3.22
CA LEU L 319 -9.23 -24.55 2.68
C LEU L 319 -10.46 -24.45 3.56
N LEU L 320 -10.30 -24.15 4.83
CA LEU L 320 -11.43 -24.14 5.77
C LEU L 320 -11.39 -22.90 6.66
N TYR L 334 -4.82 -18.47 -2.77
CA TYR L 334 -5.85 -19.44 -2.45
C TYR L 334 -5.72 -20.69 -3.31
N ASP L 335 -5.88 -20.52 -4.62
CA ASP L 335 -5.79 -21.66 -5.53
C ASP L 335 -4.45 -22.37 -5.43
N GLU L 336 -3.38 -21.64 -5.12
CA GLU L 336 -2.10 -22.27 -4.85
C GLU L 336 -2.23 -23.28 -3.71
N SER L 337 -3.00 -22.93 -2.68
CA SER L 337 -3.19 -23.84 -1.56
C SER L 337 -4.03 -25.05 -1.96
N ARG L 338 -4.97 -24.89 -2.90
CA ARG L 338 -5.67 -26.06 -3.40
C ARG L 338 -4.74 -26.99 -4.16
N LYS L 339 -3.88 -26.43 -5.02
CA LYS L 339 -2.87 -27.24 -5.69
C LYS L 339 -1.98 -27.95 -4.68
N ALA L 340 -1.62 -27.26 -3.60
CA ALA L 340 -0.77 -27.87 -2.58
C ALA L 340 -1.49 -29.04 -1.91
N PHE L 341 -2.73 -28.83 -1.48
CA PHE L 341 -3.50 -29.92 -0.88
C PHE L 341 -3.64 -31.09 -1.84
N PHE L 342 -3.66 -30.82 -3.14
CA PHE L 342 -3.81 -31.93 -4.08
C PHE L 342 -2.51 -32.71 -4.26
N GLU L 343 -1.42 -32.02 -4.57
CA GLU L 343 -0.18 -32.72 -4.89
C GLU L 343 0.78 -32.78 -3.71
N ASP L 344 0.30 -32.66 -2.48
CA ASP L 344 1.15 -32.84 -1.32
C ASP L 344 0.64 -33.88 -0.33
N THR L 345 -0.67 -34.05 -0.19
CA THR L 345 -1.20 -34.99 0.79
C THR L 345 -2.18 -35.97 0.17
N ILE L 346 -2.93 -35.54 -0.83
CA ILE L 346 -3.86 -36.43 -1.51
C ILE L 346 -3.12 -37.33 -2.47
N GLU L 347 -2.23 -36.75 -3.28
CA GLU L 347 -1.51 -37.55 -4.26
C GLU L 347 -0.55 -38.52 -3.58
N PRO L 348 0.46 -38.08 -2.81
CA PRO L 348 1.32 -39.07 -2.16
C PRO L 348 0.87 -39.49 -0.77
N GLY L 349 -0.42 -39.66 -0.50
CA GLY L 349 -0.78 -40.27 0.75
C GLY L 349 -2.00 -41.16 0.71
N TYR L 350 -2.73 -41.07 -0.37
CA TYR L 350 -3.92 -41.88 -0.62
C TYR L 350 -3.92 -42.47 -2.00
N LEU L 351 -3.37 -41.76 -2.98
CA LEU L 351 -3.39 -42.20 -4.36
C LEU L 351 -2.30 -43.22 -4.64
N THR L 352 -1.05 -42.87 -4.34
CA THR L 352 0.04 -43.81 -4.56
C THR L 352 -0.08 -45.09 -3.74
N PRO L 353 -0.43 -45.06 -2.44
CA PRO L 353 -0.53 -46.33 -1.74
C PRO L 353 -1.63 -47.22 -2.28
N LEU L 354 -2.77 -46.63 -2.62
CA LEU L 354 -3.89 -47.43 -3.14
C LEU L 354 -3.55 -48.02 -4.50
N GLU L 355 -2.99 -47.20 -5.40
CA GLU L 355 -2.70 -47.71 -6.73
C GLU L 355 -1.56 -48.73 -6.70
N ASP L 356 -0.57 -48.54 -5.81
CA ASP L 356 0.50 -49.52 -5.71
C ASP L 356 0.01 -50.81 -5.06
N GLY L 357 -0.91 -50.72 -4.10
CA GLY L 357 -1.48 -51.92 -3.53
C GLY L 357 -2.27 -52.71 -4.54
N PHE L 358 -3.13 -52.04 -5.30
CA PHE L 358 -3.87 -52.74 -6.34
C PHE L 358 -2.94 -53.32 -7.40
N SER L 359 -2.00 -52.51 -7.90
CA SER L 359 -1.09 -52.98 -8.93
C SER L 359 -0.24 -54.14 -8.44
N MET L 360 0.04 -54.20 -7.14
CA MET L 360 0.93 -55.25 -6.64
C MET L 360 0.30 -56.62 -6.82
N PHE L 361 -0.93 -56.80 -6.35
CA PHE L 361 -1.64 -58.04 -6.65
C PHE L 361 -3.09 -57.73 -7.06
N LEU L 362 -3.23 -57.29 -8.31
CA LEU L 362 -4.44 -57.46 -9.11
C LEU L 362 -4.15 -57.76 -10.56
N CYS L 363 -2.91 -57.57 -11.02
CA CYS L 363 -2.55 -57.82 -12.41
C CYS L 363 -1.07 -58.15 -12.47
N GLY L 364 -0.67 -58.78 -13.57
CA GLY L 364 0.72 -59.13 -13.75
C GLY L 364 1.59 -57.94 -14.07
N ALA L 365 2.89 -58.19 -14.16
CA ALA L 365 3.83 -57.14 -14.50
C ALA L 365 3.56 -56.61 -15.91
N GLY L 366 4.13 -55.45 -16.21
CA GLY L 366 3.89 -54.78 -17.47
C GLY L 366 2.60 -54.01 -17.53
N TYR L 367 1.60 -54.36 -16.71
CA TYR L 367 0.35 -53.64 -16.65
C TYR L 367 -0.04 -53.43 -15.19
N ARG L 368 -0.69 -52.31 -14.93
CA ARG L 368 -1.01 -51.96 -13.56
C ARG L 368 -2.05 -50.86 -13.57
N VAL L 369 -2.71 -50.65 -12.43
CA VAL L 369 -3.77 -49.68 -12.34
C VAL L 369 -3.17 -48.28 -12.25
N ILE L 370 -3.72 -47.37 -13.04
CA ILE L 370 -3.29 -45.98 -13.09
C ILE L 370 -4.54 -45.11 -13.04
N PHE L 371 -4.39 -43.90 -12.54
CA PHE L 371 -5.46 -42.92 -12.56
C PHE L 371 -4.97 -41.65 -13.24
N ASP L 372 -5.83 -41.05 -14.05
CA ASP L 372 -5.47 -39.91 -14.89
C ASP L 372 -5.42 -38.64 -14.05
N ARG L 373 -4.23 -38.05 -13.93
CA ARG L 373 -4.10 -36.80 -13.17
C ARG L 373 -4.88 -35.67 -13.82
N ASP L 374 -4.98 -35.66 -15.15
CA ASP L 374 -5.72 -34.60 -15.82
C ASP L 374 -7.21 -34.68 -15.58
N SER L 375 -7.69 -35.69 -14.85
CA SER L 375 -9.07 -35.70 -14.39
C SER L 375 -9.26 -34.86 -13.14
N ILE L 376 -8.19 -34.43 -12.50
CA ILE L 376 -8.30 -33.53 -11.35
C ILE L 376 -8.51 -32.10 -11.86
N PRO L 377 -9.58 -31.43 -11.45
CA PRO L 377 -9.86 -30.10 -12.02
C PRO L 377 -8.89 -29.03 -11.57
N ALA L 378 -8.16 -29.22 -10.47
CA ALA L 378 -7.28 -28.17 -9.97
C ALA L 378 -5.96 -28.12 -10.71
N LEU L 379 -5.55 -29.22 -11.34
CA LEU L 379 -4.23 -29.33 -11.96
C LEU L 379 -4.23 -29.00 -13.44
N ARG L 380 -5.39 -28.66 -14.01
CA ARG L 380 -5.49 -28.54 -15.47
C ARG L 380 -4.65 -27.38 -16.00
N LYS L 381 -4.77 -26.21 -15.37
CA LYS L 381 -4.00 -25.05 -15.81
C LYS L 381 -2.50 -25.32 -15.73
N SER L 382 -2.05 -25.93 -14.64
CA SER L 382 -0.63 -26.22 -14.49
C SER L 382 -0.17 -27.19 -15.57
N ARG L 383 -0.94 -28.25 -15.80
CA ARG L 383 -0.57 -29.20 -16.85
C ARG L 383 -0.47 -28.51 -18.20
N ALA L 384 -1.42 -27.62 -18.51
CA ALA L 384 -1.39 -26.95 -19.81
C ALA L 384 -0.18 -26.05 -19.95
N ASP L 385 0.14 -25.28 -18.91
CA ASP L 385 1.30 -24.40 -18.99
C ASP L 385 2.58 -25.19 -19.11
N ILE L 386 2.72 -26.28 -18.35
CA ILE L 386 3.89 -27.13 -18.45
C ILE L 386 4.01 -27.70 -19.86
N ALA L 387 2.89 -28.15 -20.42
CA ALA L 387 2.92 -28.73 -21.76
C ALA L 387 3.40 -27.72 -22.79
N ALA L 388 2.88 -26.49 -22.71
CA ALA L 388 3.31 -25.45 -23.64
C ALA L 388 4.80 -25.16 -23.50
N THR L 389 5.26 -24.96 -22.26
CA THR L 389 6.66 -24.65 -22.03
C THR L 389 7.56 -25.74 -22.60
N TYR L 390 7.22 -27.00 -22.35
CA TYR L 390 7.98 -28.09 -22.94
C TYR L 390 7.91 -28.07 -24.46
N ASP L 391 6.75 -27.72 -25.01
CA ASP L 391 6.65 -27.55 -26.45
C ASP L 391 7.69 -26.59 -26.98
N LYS L 392 8.02 -25.56 -26.21
CA LYS L 392 8.98 -24.59 -26.70
C LYS L 392 10.41 -25.14 -26.81
N VAL L 393 10.72 -26.23 -26.09
CA VAL L 393 12.08 -26.77 -26.11
C VAL L 393 12.31 -27.57 -27.40
N THR L 394 13.58 -27.67 -27.80
CA THR L 394 13.94 -28.45 -28.99
C THR L 394 14.91 -29.58 -28.73
N PHE L 395 15.81 -29.47 -27.74
CA PHE L 395 16.84 -30.50 -27.60
C PHE L 395 16.28 -31.72 -26.89
N ILE L 396 15.10 -32.17 -27.30
CA ILE L 396 14.39 -33.25 -26.66
C ILE L 396 13.47 -33.89 -27.71
N THR L 397 13.56 -35.20 -27.85
CA THR L 397 12.72 -35.87 -28.83
C THR L 397 11.25 -35.82 -28.39
N GLU L 398 10.37 -36.13 -29.33
CA GLU L 398 8.94 -35.96 -29.08
C GLU L 398 8.43 -36.94 -28.03
N GLU L 399 8.93 -38.18 -28.05
CA GLU L 399 8.39 -39.19 -27.16
C GLU L 399 8.65 -38.86 -25.71
N GLU L 400 9.80 -38.28 -25.39
CA GLU L 400 10.07 -37.91 -24.02
C GLU L 400 9.34 -36.63 -23.62
N LYS L 401 9.18 -35.68 -24.55
CA LYS L 401 8.31 -34.54 -24.30
C LYS L 401 6.91 -35.00 -23.95
N ARG L 402 6.45 -36.08 -24.58
CA ARG L 402 5.17 -36.66 -24.20
C ARG L 402 5.24 -37.26 -22.81
N GLU L 403 6.13 -38.25 -22.63
CA GLU L 403 6.12 -39.05 -21.41
C GLU L 403 6.41 -38.24 -20.16
N VAL L 404 7.04 -37.07 -20.29
CA VAL L 404 7.26 -36.22 -19.12
C VAL L 404 5.98 -35.54 -18.67
N THR L 405 4.91 -35.62 -19.45
CA THR L 405 3.65 -34.96 -19.11
C THR L 405 2.48 -35.92 -19.35
N GLY L 406 2.61 -37.16 -18.87
CA GLY L 406 1.60 -38.15 -19.22
C GLY L 406 1.78 -38.62 -20.65
N TRP L 407 0.67 -38.85 -21.35
CA TRP L 407 0.66 -39.10 -22.78
C TRP L 407 1.65 -40.19 -23.16
N PRO L 408 1.35 -41.46 -22.88
CA PRO L 408 2.37 -42.52 -22.97
C PRO L 408 3.05 -42.63 -24.33
N ALA L 409 2.28 -42.86 -25.39
CA ALA L 409 2.85 -43.04 -26.72
C ALA L 409 1.78 -42.93 -27.80
#